data_9E2Z
#
_entry.id   9E2Z
#
_cell.length_a   1.00
_cell.length_b   1.00
_cell.length_c   1.00
_cell.angle_alpha   90.00
_cell.angle_beta   90.00
_cell.angle_gamma   90.00
#
_symmetry.space_group_name_H-M   'P 1'
#
loop_
_entity.id
_entity.type
_entity.pdbx_description
1 polymer 'DNA replication licensing factor MCM2'
2 polymer 'Isoform 2 of DNA replication licensing factor MCM3'
3 polymer 'DNA replication licensing factor MCM4'
4 polymer 'DNA replication licensing factor MCM5'
5 polymer 'DNA replication licensing factor MCM6'
6 polymer 'DNA replication licensing factor MCM7'
7 polymer 'DNA replication complex GINS protein PSF1'
8 polymer 'DNA replication complex GINS protein PSF2'
9 polymer 'DNA replication complex GINS protein PSF3'
10 polymer 'DNA replication complex GINS protein SLD5'
11 polymer 'Cell division control protein 45 homolog'
12 polymer 'Leading strand DNA template'
13 polymer 'Lagging strand DNA template'
14 non-polymer "ADENOSINE-5'-DIPHOSPHATE"
15 non-polymer 'MAGNESIUM ION'
16 non-polymer "ADENOSINE-5'-TRIPHOSPHATE"
17 non-polymer 'ZINC ION'
18 non-polymer 'POTASSIUM ION'
19 water water
#
loop_
_entity_poly.entity_id
_entity_poly.type
_entity_poly.pdbx_seq_one_letter_code
_entity_poly.pdbx_strand_id
1 'polypeptide(L)'
;MAESSESFTMASSPAQRRRGNDPLTSSPGRSSRRTDALTSSPGRDLPPFEDESEGLLGTEGPLEEEEDGEELIGDGMERD
YRAIPELDAYEAEGLALDDEDVEELTASQREAAERAMRQRDREAGRGLGRMRRGLLYDSDEEDEERPARKRRQVERATED
GEEDEEMIESIENLEDLKGHSVREWVSMAGPRLEIHHRFKNFLRTHVDSHGHNVFKERISDMCKENRESLVVNYEDLAAR
EHVLAYFLPEAPAELLQIFDEAALEVVLAMYPKYDRITNHIHVRISHLPLVEELRSLRQLHLNQLIRTSGVVTSCTGVLP
QLSMVKYNCNKCNFVLGPFCQSQNQEVKPGSCPECQSAGPFEVNMEETIYQNYQRIRIQESPGKVAAGRLPRSKDAILLA
DLVDSCKPGDEIELTGIYHNNYDGSLNTANGFPVFATVILANHVAKKDNKVAVGELTDEDVKMITSLSKDQQIGEKIFAS
IAPSIYGHEDIKRGLALALFGGEPKNPGGKHKVRGDINVLLCGDPGTAKSQFLKYIEKVSSRAIFTTGQGASAVGLTAYV
QRHPVSREWTLEAGALVLADRGVCLIDEFDKMNDQDRTSIHEAMEQQSISISKAGIVTSLQARCTVIAAANPIGGRYDPS
LTFSENVDLTEPIISRFDILCVVRDTVDPVQDEMLARFVVGSHVRHHPSNKEEEGLANGSAAEPAMPNTYGVEPLPQEVL
KKYIIYAKERVHPKLNQMDQDKVAKMYSDLRKESMATGSIPITVRHIESMIRMAEAHARIHLRDYVIEDDVNMAIRVMLE
SFIDTQKFSVMRSMRKTFARYLSFRRDNNELLLFILKQLVAEQVTYQRNRFGAQQDTIEVPEKDLVDKARQINIHNLSAF
YDSELFRMNKFSHDLKRKMILQQF
;
2
2 'polypeptide(L)'
;MLPRSPPLPRGNLWWREEFGSFRAGVESSWEPPRDFGGGSSLAAGMAGTVVLDDVELREAQRDYLDFLDDEEDQGIYQSK
VRELISDNQYRLIVNVNDLRRKNEKRANRLLNNAFEELVAFQRALKDFVASIDATYAKQYEEFYVGLEGSFGSKHVSPRT
LTSCFLSCVVCVEGIVTKCSLVRPKVVRSVHYCPATKKTIERRYSDLTTLVAFPSSSVYPTKDEENNPLETEYGLSVYKD
HQTITIQEMPEKAPAGQLPRSVDVILDDDLVDKAKPGDRVQVVGTYRCLPGKKGGYTSGTFRTVLIACNVKQMSKDAQPS
FSAEDIAKIKKFSKTRSKDIFDQLAKSLAPSIHGHDYVKKAILCLLLGGVERDLENGSHIRGDINILLIGDPSVAKSQLL
RYVLCTAPRAIPTTGRGSSGVGLTAAVTTDQETGERRLEAGAMVLADRGVVCIDEFDKMSDMDRTAIHEVMEQGRVTIAK
AGIHARLNARCSVLAAANPVYGRYDQYKTPMENIGLQDSLLSRFDLLFIMLDQMDPEQDREISDHVLRMHRYRAPGEQDG
DAMPLGSAVDILATDDPNFSQEDQQDTQIYEKHDNLLHGTKKKKEKMVSAAFMKKYIHVAKIIKPVLTQESATYIAEEYS
RLRSQDSMSSDTARTSPVTARTLETLIRLATAHAKARMSKTVDLQDAEEAVELVQYAYFKKVLEKEKKRKKRSEDESETE
DEEEKSQEDQEQKRKRRKTRQPDAKDGDSYDPYDFSDTEEEMPQVHTPKTADSQETKESQKVELSESRLKAFKVALLDVF
REAHAQSIGMNRLTESINRDSEEPFSSVEIQAALSKMQDDNQVMVSEGIIFLI
;
3
3 'polypeptide(L)'
;MHHHHHHHHENLYFQGSSATMSSPASTPSRRGSRRGRATPAQTPRSEDARSSPSQRRRGEDSTSTGELQPMPTSPGVDLQ
SPAAQDVLFSSPPQMHSSAIPLDFDVSSPLTYGTPSSRVEGTPRSGVRGTPVRQRPDLGSAQKGLQVDLQSDGAAAEDIV
ASEQSLGQKLVIWGTDVNVAACKENFQRFLQRFIDPLAKEEENVGIDITEPLYMQRLGEINVIGEPFLNVNCEHIKSFDK
NLYRQLISYPQEVIPTFDMAVNEIFFDRYPDSILEHQIQVRPFNALKTKNMRNLNPEDIDQLITISGMVIRTSQLIPEMQ
EAFFQCQVCAHTTRVEMDRGRIAEPSVCGRCHTTHSMALIHNRSLFSDKQMIKLQESPEDMPAGQTPHTVILFAHNDLVD
KVQPGDRVNVTGIYRAVPIRVNPRVSNVKSVYKTHIDVIHYRKTDAKRLHGLDEEAEQKLFSEKRVELLKELSRKPDIYE
RLASALAPSIYEHEDIKKGILLQLFGGTRKDFSHTGRGKFRAEINILLCGDPGTSKSQLLQYVYNLVPRGQYTSGKGSSA
VGLTAYVMKDPETRQLVLQTGALVLSDNGICCIDEFDKMNESTRSVLHEVMEQQTLSIAKAGIICQLNARTSVLAAANPI
ESQWNPKKTTIENIQLPHTLLSRFDLIFLLLDPQDEAYDRRLAHHLVALYYQSEEQAEEELLDMAVLKDYIAYAHSTIMP
RLSEEASQALIEAYVDMRKIGSSRGMVSAYPRQLESLIRLAEAHAKVRLSNKVEAIDVEEAKRLHREALKQSATDPRTGI
VDISILTTGMSATSRKRKEELAEALKKLILSKGKTPALKYQQLFEDIRGQSDIAITKDMFEEALRALADDDFLTVTGKTV
RLL
;
4
4 'polypeptide(L)'
;MSGFDDPGIFYSDSFGGDAQADEGQARKSQLQRRFKEFLRQYRVGTDRTGFTFKYRDELKRHYNLGEYWIEVEMEDLASF
DEDLADYLYKQPAEHLQLLEEAAKEVADEVTRPRPSGEEVLQDIQVMLKSDASPSSIRSLKSDMMSHLVKIPGIIIAASA
VRAKATRISIQCRSCRNTLTNIAMRPGLEGYALPRKCNTDQAGRPKCPLDPYFIMPDKCKCVDFQTLKLQELPDAVPHGE
MPRHMQLYCDRYLCDKVVPGNRVTIMGIYSIKKFGLTTSRGRDRVGVGIRSSYIRVLGIQVDTDGSGRSFAGAVSPQEEE
EFRRLAALPNVYEVISKSIAPSIFGGTDMKKAIACLLFGGSRKRLPDGLTRRGDINLLMLGDPGTAKSQLLKFVEKCSPI
GVYTSGKGSSAAGLTASVMRDPSSRNFIMEGGAMVLADGGVVCIDEFDKMREDDRVAIHEAMEQQTISIAKAGITTTLNS
RCSVLAAANSVFGRWDETKGEDNIDFMPTILSRFDMIFIVKDEHNEERDVMLAKHVITLHVSALTQTQAVEGEIDLAKLK
KFIAYCRVKCGPRLSAEAAEKLKNRYIIMRSGARQHERDSDRRSSIPITVRQLEAIVRIAEALSKMKLQPFATEADVEEA
LRLFQVSTLDAALSGTLSGVEGFTSQEDQEMLSRIEKQLKRRFAIGSQVSEHSIIKDFTKQKYPEHAIHKVLQLMLRRGE
IQHRMQRKVLYRLK
;
5
5 'polypeptide(L)'
;MDLAAAAEPGAGSQHLEVRDEVAEKCQKLFLDFLEEFQSSDGEIKYLQLAEELIRPERNTLVVSFVDLEQFNQQLSTTIQ
EEFYRVYPYLCRALKTFVKDRKEIPLAKDFYVAFQDLPTRHKIRELTSSRIGLLTRISGQVVRTHPVHPELVSGTFLCLD
CQTVIRDVEQQFKYTQPNICRNPVCANRRRFLLDTNKSRFVDFQKVRIQETQAELPRGSIPRSLEVILRAEAVESAQAGD
KCDFTGTLIVVPDVSKLSTPGARAETNSRVSGVDGYETEGIRGLRALGVRDLSYRLVFLACCVAPTNPRFGGKELRDEEQ
TAESIKNQMTVKEWEKVFEMSQDKNLYHNLCTSLFPTIHGNDEVKRGVLLMLFGGVPKTTGEGTSLRGDINVCIVGDPST
AKSQFLKHVEEFSPRAVYTSGKASSAAGLTAAVVRDEESHEFVIEAGALMLADNGVCCIDEFDKMDVRDQVAIHEAMEQQ
TISITKAGVKATLNARTSILAAANPISGHYDRSKSLKQNINLSAPIMSRFDLFFILVDECNEVTDYAIARRIVDLHSRIE
ESIDRVYSLDDIRRYLLFARQFKPKISKESEDFIVEQYKHLRQRDGSGVTKSSWRITVRQLESMIRLSEAMARMHCCDEV
QPKHVKEAFRLLNKSIIRVETPDVNLDQEEEIQMEVDEGAGGINGHADSPAPVNGINGYNEDINQESAPKASLRLGFSEY
CRISNLIVLHLRKVEEEEDESALKRSELVNWYLKEIESEIDSEEELINKKRIIEKVIHRLTHYDHVLIELTQAGLKGSTE
GSESYEEDPYLVVNPNYLLED
;
6
6 'polypeptide(L)'
;MALKDYALEKEKVKKFLQEFYQDDELGKKQFKYGNQLVRLAHREQVALYVDLDDVAEDDPELVDSICENARRYAKLFADA
VQELLPQYKEREVVNKDVLDVYIEHRLMMEQRSRDPGMVRSPQNQYPAELMRRFELYFQGPSSNKPRVIREVRADSVGKL
VTVRGIVTRVSEVKPKMVVATYTCDQCGAETYQPIQSPTFMPLIMCPSQECQTNRSGGRLYLQTRGSRFIKFQEMKMQEH
SDQVPVGNIPRSITVLVEGENTRIAQPGDHVSVTGIFLPILRTGFRQVVQGLLSETYLEAHRIVKMNKSEDDESGAGELT
REELRQIAEEDFYEKLAASIAPEIYGHEDVKKALLLLLVGGVDQSPRGMKIRGNINICLMGDPGVAKSQLLSYIDRLAPR
SQYTTGRGSSGVGLTAAVLRDSVSGELTLEGGALVLADQGVCCIDEFDKMAEADRTAIHEVMEQQTISIAKAGILTTLNA
RCSILAAANPAYGRYNPRRSLEQNIQLPAALLSRFDLLWLIQDRPDRDNDLRLAQHITYVHQHSRQPPSQFEPLDMKLMR
RYIAMCREKQPMVPESLADYITAAYVEMRREAWASKDATYTSARTLLAILRLSTALARLRMVDVVEKEDVNEAIRLMEMS
KDSLLGDKGQTARTQRPADVIFATVRELVSGGRSVRFSEAEQRCVSRGFTPAQFQAALDEYEELNVWQVNASRTRITFV
;
7
7 'polypeptide(L)'
;MFCEKAMELIRELHRAPEGQLPAFNEDGLRQVLEEMKALYEQNQSDVNEAKSGGRSDLIPTIKFRHCSLLRNRRCTVAYL
YDRLLRIRALRWEYGSVLPNALRFHMAAEEMEWFNNYKRSLATYMRSLGGDEGLDITQDMKPPKSLYIEVRCLKDYGEFE
VDDGTSVLLKKNSQHFLPRWKCEQLIRQGVLEHILS
;
A
8 'polypeptide(L)'
;MDAAEVEFLAEKELVTIIPNFSLDKIYLIGGDLGPFNPGLPVEVPLWLAINLKQRQKCRLLPPEWMDVEKLEKMRDHERK
EETFTPMPSPYYMELTKLLLNHASDNIPKADEIRTLVKDMWDTRIAKLRVSADSFVRQQEAHAKLDNLTLMEINTSGTFL
TQALNHMYKLRTNLQPLESTQSQDFENLYFQGSAWSHPQFEKGGGSGGGSGGSAWSHPQFEK
;
B
9 'polypeptide(L)'
;MSEAYFRVESGALGPEENFLSLDDILMSHEKLPVRTETAMPRLGAFFLERSAGAETDNAVPQGSKLELPLWLAKGLFDNK
RRILSVELPKIYQEGWRTVFSADPNVVDLHKMGPHFYGFGSQLLHFDSPENADISQSLLQTFIGRFRRIMDSSQNAYNED
TSALVARLDEMERGLFQTGQKGLNDFQCWEKGQASQITASNLVQNYKKRKFTDMED
;
C
10 'polypeptide(L)'
;MTEEVDFLGQDSDGGSEEVVLTPAELIERLEQAWMNEKFAPELLESKPEIVECVMEQLEHMEENLRRAKREDLKVSIHQM
EMERIRYVLSSYLRCRLMKIEKFFPHVLEKEKTRPEGEPSSLSPEELAFAREFMANTESYLKNVALKHMPPNLQKVDLFR
AVPKPDLDSYVFLRVRERQENILVEPDTDEQRDYVIDLEKGSQHLIRYKTIAPLVASGAVQLI
;
D
11 'polypeptide(L)'
;MFVSDFRKEFYEVVQSQRVLLFVASDVDALCACKILQALFQCDHVQYTLVPVSGWQELETAFLEHKEQFHYFILINCGAN
VDLLDILQPDEDTIFFVCDTHRPVNVVNVYNDTQIKLLIKQDDDLEVPAYEDIFRDEEEDEEHSGNDSDGSEPSEKRTRL
EEEIVEQTMRRRQRREWEARRRDILFDYEQYEYHGTSSAMVMFELAWMLSKDLNDMLWWAIVGLTDQWVQDKITQMKYVT
DVGVLQRHVSRHNHRNEDEENTLSVDCTRISFEYDLRLVLYQHWSLHDSLCNTSYTAARFKLWSVHGQKRLQEFLADMGL
PLKQVKQKFQAMDISLKENLREMIEESANKFGMKDMRVQTFSIHFGFKHKFLASDVVFATMSLMESPEKDGSGTDHFIQA
LDSLSRSNLDKLYHGLELAKKQLRATQQTIASCLCTNLVISQGPFLYCSLMEGTPDVMLFSRPASLSLLSKHLLKSFVCS
TKNRRCKLLPLVMAAPLSMEHGTVTVVGIPPETDSSDRKNFFGRAFEKAAESTSSRMLHNHFDLSVIELKAEDRSKFLDA
LISLLS
;
E
12 'polydeoxyribonucleotide'
;(DG)(DT)(DG)(DA)(DT)(DA)(DT)(DC)(DT)(DG)(DC)(DT)(DT)(DT)(DG)(DG)(DG)(DT)(DG)(DG)
(DG)(DT)(DG)(DG)(DG)(DT)(DG)(DG)(DG)(DT)(DT)(DG)(DA)(DG)(DG)(DC)(DA)(DA)(DT)(DA)
;
F
13 'polydeoxyribonucleotide' (DA)(DA)(DG)(DC)(DA)(DG)(DA)(DT)(DA)(DT)(DC)(DA)(DC) G
#
loop_
_chem_comp.id
_chem_comp.type
_chem_comp.name
_chem_comp.formula
ADP non-polymer ADENOSINE-5'-DIPHOSPHATE 'C10 H15 N5 O10 P2'
ATP non-polymer ADENOSINE-5'-TRIPHOSPHATE 'C10 H16 N5 O13 P3'
DA DNA linking 2'-DEOXYADENOSINE-5'-MONOPHOSPHATE 'C10 H14 N5 O6 P'
DC DNA linking 2'-DEOXYCYTIDINE-5'-MONOPHOSPHATE 'C9 H14 N3 O7 P'
DG DNA linking 2'-DEOXYGUANOSINE-5'-MONOPHOSPHATE 'C10 H14 N5 O7 P'
DT DNA linking THYMIDINE-5'-MONOPHOSPHATE 'C10 H15 N2 O8 P'
K non-polymer 'POTASSIUM ION' 'K 1'
MG non-polymer 'MAGNESIUM ION' 'Mg 2'
ZN non-polymer 'ZINC ION' 'Zn 2'
#
# COMPACT_ATOMS: atom_id res chain seq x y z
N ASN A 173 14.65 22.08 -61.22
CA ASN A 173 15.47 22.11 -60.03
C ASN A 173 14.60 22.00 -58.78
N LEU A 174 15.07 21.21 -57.80
CA LEU A 174 14.29 21.02 -56.58
C LEU A 174 14.24 22.28 -55.74
N GLU A 175 15.33 23.05 -55.72
CA GLU A 175 15.38 24.22 -54.85
C GLU A 175 14.36 25.27 -55.26
N ASP A 176 14.13 25.42 -56.57
CA ASP A 176 13.30 26.50 -57.08
C ASP A 176 11.83 26.15 -56.88
N LEU A 177 11.13 27.00 -56.12
CA LEU A 177 9.71 26.81 -55.81
C LEU A 177 8.89 27.75 -56.69
N LYS A 178 7.94 27.20 -57.43
CA LYS A 178 7.12 27.99 -58.35
C LYS A 178 5.92 28.54 -57.58
N GLY A 179 6.22 29.45 -56.66
CA GLY A 179 5.16 30.10 -55.91
C GLY A 179 4.36 29.16 -55.04
N HIS A 180 5.02 28.23 -54.36
CA HIS A 180 4.40 27.39 -53.36
C HIS A 180 5.21 27.49 -52.07
N SER A 181 4.58 27.07 -50.97
CA SER A 181 5.34 26.85 -49.75
C SER A 181 6.13 25.56 -49.88
N VAL A 182 7.04 25.33 -48.93
CA VAL A 182 7.82 24.10 -48.94
C VAL A 182 6.91 22.90 -48.75
N ARG A 183 5.93 23.01 -47.85
CA ARG A 183 4.98 21.92 -47.65
C ARG A 183 4.26 21.57 -48.96
N GLU A 184 3.75 22.59 -49.66
CA GLU A 184 3.10 22.35 -50.93
C GLU A 184 4.06 21.73 -51.93
N TRP A 185 5.29 22.25 -51.99
CA TRP A 185 6.26 21.73 -52.94
C TRP A 185 6.50 20.24 -52.74
N VAL A 186 6.78 19.85 -51.50
CA VAL A 186 7.07 18.44 -51.25
C VAL A 186 5.82 17.59 -51.27
N SER A 187 4.63 18.19 -51.28
CA SER A 187 3.41 17.39 -51.35
C SER A 187 3.15 16.85 -52.77
N MET A 188 3.63 17.54 -53.81
CA MET A 188 3.32 17.08 -55.16
C MET A 188 4.31 16.01 -55.61
N ALA A 189 3.92 15.28 -56.67
CA ALA A 189 4.54 14.00 -56.98
C ALA A 189 5.98 14.15 -57.47
N GLY A 190 6.24 15.13 -58.33
CA GLY A 190 7.54 15.26 -58.94
C GLY A 190 8.65 15.45 -57.92
N PRO A 191 8.55 16.54 -57.15
CA PRO A 191 9.54 16.76 -56.08
C PRO A 191 9.56 15.63 -55.06
N ARG A 192 8.42 15.00 -54.79
CA ARG A 192 8.40 13.88 -53.86
C ARG A 192 9.28 12.74 -54.37
N LEU A 193 9.14 12.38 -55.64
CA LEU A 193 9.97 11.32 -56.20
C LEU A 193 11.44 11.73 -56.21
N GLU A 194 11.72 12.99 -56.55
CA GLU A 194 13.11 13.44 -56.55
C GLU A 194 13.72 13.31 -55.15
N ILE A 195 12.96 13.72 -54.12
CA ILE A 195 13.45 13.64 -52.76
C ILE A 195 13.68 12.18 -52.36
N HIS A 196 12.73 11.30 -52.70
CA HIS A 196 12.89 9.89 -52.39
C HIS A 196 14.17 9.33 -52.99
N HIS A 197 14.40 9.61 -54.28
CA HIS A 197 15.60 9.10 -54.93
C HIS A 197 16.86 9.68 -54.31
N ARG A 198 16.85 10.97 -54.01
CA ARG A 198 18.04 11.60 -53.42
C ARG A 198 18.36 11.00 -52.06
N PHE A 199 17.34 10.79 -51.23
CA PHE A 199 17.60 10.22 -49.91
C PHE A 199 18.08 8.78 -50.02
N LYS A 200 17.51 7.99 -50.93
CA LYS A 200 18.00 6.63 -51.11
C LYS A 200 19.46 6.63 -51.55
N ASN A 201 19.82 7.51 -52.48
CA ASN A 201 21.21 7.60 -52.91
C ASN A 201 22.12 7.99 -51.76
N PHE A 202 21.67 8.93 -50.93
CA PHE A 202 22.45 9.34 -49.76
C PHE A 202 22.69 8.15 -48.83
N LEU A 203 21.65 7.38 -48.56
CA LEU A 203 21.81 6.20 -47.70
C LEU A 203 22.80 5.22 -48.30
N ARG A 204 22.75 5.03 -49.63
CA ARG A 204 23.58 4.02 -50.25
C ARG A 204 25.05 4.43 -50.40
N THR A 205 25.33 5.72 -50.58
CA THR A 205 26.66 6.14 -51.03
C THR A 205 27.46 6.94 -50.00
N HIS A 206 26.84 7.39 -48.90
CA HIS A 206 27.55 8.27 -47.99
C HIS A 206 28.69 7.53 -47.29
N VAL A 207 29.88 8.15 -47.28
CA VAL A 207 31.07 7.57 -46.66
C VAL A 207 31.66 8.58 -45.69
N ASP A 208 32.43 8.09 -44.75
CA ASP A 208 33.04 8.92 -43.72
C ASP A 208 34.42 9.40 -44.18
N SER A 209 35.20 9.95 -43.24
CA SER A 209 36.51 10.48 -43.59
C SER A 209 37.42 9.38 -44.11
N HIS A 210 37.40 8.21 -43.48
CA HIS A 210 38.23 7.10 -43.94
C HIS A 210 37.72 6.51 -45.25
N GLY A 211 36.42 6.64 -45.52
CA GLY A 211 35.82 6.10 -46.72
C GLY A 211 34.93 4.90 -46.48
N HIS A 212 34.55 4.62 -45.23
CA HIS A 212 33.68 3.48 -44.95
C HIS A 212 32.22 3.84 -45.16
N ASN A 213 31.47 2.89 -45.72
CA ASN A 213 30.03 3.05 -45.91
C ASN A 213 29.35 3.10 -44.55
N VAL A 214 28.94 4.31 -44.14
CA VAL A 214 28.40 4.50 -42.80
C VAL A 214 27.10 3.72 -42.61
N PHE A 215 26.16 3.90 -43.54
CA PHE A 215 24.83 3.35 -43.33
C PHE A 215 24.76 1.85 -43.56
N LYS A 216 25.74 1.28 -44.27
CA LYS A 216 25.82 -0.20 -44.42
C LYS A 216 26.05 -0.80 -43.03
N GLU A 217 26.97 -0.23 -42.23
CA GLU A 217 27.22 -0.69 -40.88
C GLU A 217 26.06 -0.34 -39.95
N ARG A 218 25.50 0.86 -40.09
CA ARG A 218 24.40 1.23 -39.21
C ARG A 218 23.19 0.31 -39.41
N ILE A 219 22.85 0.00 -40.67
CA ILE A 219 21.71 -0.85 -40.94
C ILE A 219 21.99 -2.28 -40.49
N SER A 220 23.23 -2.75 -40.67
CA SER A 220 23.57 -4.08 -40.18
C SER A 220 23.39 -4.16 -38.66
N ASP A 221 23.85 -3.13 -37.95
CA ASP A 221 23.67 -3.11 -36.50
C ASP A 221 22.20 -3.06 -36.14
N MET A 222 21.41 -2.28 -36.87
CA MET A 222 19.97 -2.19 -36.59
C MET A 222 19.30 -3.55 -36.75
N CYS A 223 19.62 -4.25 -37.84
CA CYS A 223 18.94 -5.51 -38.13
C CYS A 223 19.42 -6.64 -37.23
N LYS A 224 20.70 -6.66 -36.87
CA LYS A 224 21.18 -7.71 -35.97
C LYS A 224 20.45 -7.65 -34.63
N GLU A 225 20.17 -6.44 -34.14
CA GLU A 225 19.48 -6.24 -32.88
C GLU A 225 17.96 -6.27 -33.02
N ASN A 226 17.45 -6.41 -34.25
CA ASN A 226 16.01 -6.43 -34.49
C ASN A 226 15.35 -5.12 -34.06
N ARG A 227 15.99 -4.00 -34.36
CA ARG A 227 15.44 -2.68 -34.07
C ARG A 227 14.83 -2.08 -35.33
N GLU A 228 14.07 -0.99 -35.15
CA GLU A 228 13.28 -0.41 -36.21
C GLU A 228 13.62 1.05 -36.52
N SER A 229 14.66 1.61 -35.92
CA SER A 229 14.97 3.03 -36.07
C SER A 229 16.36 3.19 -36.67
N LEU A 230 16.45 4.05 -37.68
CA LEU A 230 17.72 4.43 -38.29
C LEU A 230 18.00 5.89 -37.96
N VAL A 231 19.15 6.15 -37.34
CA VAL A 231 19.52 7.48 -36.90
C VAL A 231 20.39 8.13 -37.96
N VAL A 232 20.05 9.36 -38.33
CA VAL A 232 20.77 10.12 -39.34
C VAL A 232 21.34 11.37 -38.69
N ASN A 233 22.62 11.63 -38.90
CA ASN A 233 23.27 12.81 -38.37
C ASN A 233 23.01 13.97 -39.31
N TYR A 234 22.42 15.05 -38.80
CA TYR A 234 21.99 16.15 -39.66
C TYR A 234 23.16 16.72 -40.46
N GLU A 235 24.34 16.77 -39.86
CA GLU A 235 25.48 17.38 -40.54
C GLU A 235 25.85 16.61 -41.80
N ASP A 236 25.82 15.29 -41.74
CA ASP A 236 26.12 14.48 -42.92
C ASP A 236 25.11 14.75 -44.03
N LEU A 237 23.82 14.80 -43.68
CA LEU A 237 22.79 15.05 -44.68
C LEU A 237 22.98 16.43 -45.29
N ALA A 238 23.30 17.43 -44.48
CA ALA A 238 23.52 18.77 -45.00
C ALA A 238 24.73 18.80 -45.93
N ALA A 239 25.80 18.09 -45.56
CA ALA A 239 26.99 18.07 -46.40
C ALA A 239 26.71 17.42 -47.74
N ARG A 240 25.94 16.33 -47.76
CA ARG A 240 25.72 15.60 -49.00
C ARG A 240 24.47 16.06 -49.74
N GLU A 241 23.37 16.31 -49.02
CA GLU A 241 22.10 16.75 -49.62
C GLU A 241 21.69 18.05 -48.93
N HIS A 242 22.20 19.18 -49.43
CA HIS A 242 21.93 20.45 -48.78
C HIS A 242 20.48 20.88 -48.95
N VAL A 243 19.88 20.57 -50.11
CA VAL A 243 18.50 20.96 -50.34
C VAL A 243 17.56 20.21 -49.40
N LEU A 244 17.78 18.90 -49.24
CA LEU A 244 16.96 18.14 -48.30
C LEU A 244 17.14 18.63 -46.88
N ALA A 245 18.37 18.96 -46.50
CA ALA A 245 18.62 19.50 -45.17
C ALA A 245 17.86 20.81 -44.97
N TYR A 246 17.84 21.67 -45.99
CA TYR A 246 17.10 22.93 -45.88
C TYR A 246 15.60 22.66 -45.76
N PHE A 247 15.08 21.71 -46.54
CA PHE A 247 13.65 21.42 -46.49
C PHE A 247 13.23 20.85 -45.14
N LEU A 248 14.09 20.02 -44.53
CA LEU A 248 13.66 19.21 -43.41
C LEU A 248 13.07 20.02 -42.26
N PRO A 249 13.70 21.10 -41.79
CA PRO A 249 13.10 21.87 -40.68
C PRO A 249 11.77 22.52 -41.02
N GLU A 250 11.48 22.78 -42.29
CA GLU A 250 10.29 23.55 -42.65
C GLU A 250 9.06 22.69 -42.88
N ALA A 251 9.24 21.48 -43.42
CA ALA A 251 8.15 20.54 -43.65
C ALA A 251 8.55 19.19 -43.08
N PRO A 252 8.61 19.08 -41.75
CA PRO A 252 9.21 17.87 -41.16
C PRO A 252 8.37 16.62 -41.36
N ALA A 253 7.06 16.70 -41.22
CA ALA A 253 6.24 15.49 -41.29
C ALA A 253 6.36 14.81 -42.66
N GLU A 254 6.20 15.60 -43.73
CA GLU A 254 6.24 15.03 -45.07
C GLU A 254 7.61 14.47 -45.40
N LEU A 255 8.65 15.24 -45.10
CA LEU A 255 10.01 14.78 -45.39
C LEU A 255 10.33 13.52 -44.61
N LEU A 256 9.90 13.46 -43.35
CA LEU A 256 10.19 12.27 -42.53
C LEU A 256 9.45 11.06 -43.07
N GLN A 257 8.21 11.24 -43.53
CA GLN A 257 7.50 10.11 -44.15
C GLN A 257 8.23 9.61 -45.39
N ILE A 258 8.69 10.52 -46.24
CA ILE A 258 9.42 10.11 -47.44
C ILE A 258 10.69 9.38 -47.04
N PHE A 259 11.41 9.90 -46.05
CA PHE A 259 12.62 9.26 -45.58
C PHE A 259 12.34 7.86 -45.05
N ASP A 260 11.24 7.69 -44.32
CA ASP A 260 10.86 6.38 -43.82
C ASP A 260 10.66 5.40 -44.97
N GLU A 261 9.94 5.82 -46.02
CA GLU A 261 9.71 4.93 -47.15
C GLU A 261 11.03 4.52 -47.81
N ALA A 262 11.90 5.50 -48.06
CA ALA A 262 13.17 5.18 -48.71
C ALA A 262 14.02 4.26 -47.84
N ALA A 263 14.02 4.50 -46.53
CA ALA A 263 14.79 3.66 -45.62
C ALA A 263 14.27 2.23 -45.64
N LEU A 264 12.95 2.06 -45.65
CA LEU A 264 12.39 0.71 -45.73
C LEU A 264 12.83 0.03 -47.02
N GLU A 265 12.80 0.74 -48.14
CA GLU A 265 13.24 0.14 -49.39
C GLU A 265 14.68 -0.32 -49.29
N VAL A 266 15.58 0.53 -48.78
CA VAL A 266 16.99 0.16 -48.70
C VAL A 266 17.17 -1.03 -47.76
N VAL A 267 16.51 -1.01 -46.61
CA VAL A 267 16.67 -2.08 -45.64
C VAL A 267 16.23 -3.40 -46.23
N LEU A 268 15.04 -3.42 -46.87
CA LEU A 268 14.57 -4.65 -47.48
C LEU A 268 15.49 -5.10 -48.60
N ALA A 269 16.13 -4.16 -49.30
CA ALA A 269 17.13 -4.55 -50.29
C ALA A 269 18.29 -5.27 -49.64
N MET A 270 18.76 -4.77 -48.49
CA MET A 270 19.91 -5.41 -47.83
C MET A 270 19.52 -6.70 -47.12
N TYR A 271 18.34 -6.74 -46.52
CA TYR A 271 17.87 -7.88 -45.73
C TYR A 271 16.46 -8.23 -46.17
N PRO A 272 16.32 -8.97 -47.28
CA PRO A 272 14.99 -9.15 -47.87
C PRO A 272 13.97 -9.83 -46.98
N LYS A 273 14.40 -10.53 -45.94
CA LYS A 273 13.48 -11.20 -45.02
C LYS A 273 13.10 -10.33 -43.83
N TYR A 274 13.63 -9.11 -43.73
CA TYR A 274 13.37 -8.26 -42.57
C TYR A 274 11.92 -7.86 -42.46
N ASP A 275 11.15 -7.94 -43.56
CA ASP A 275 9.74 -7.55 -43.50
C ASP A 275 8.97 -8.36 -42.47
N ARG A 276 9.46 -9.54 -42.10
CA ARG A 276 8.78 -10.33 -41.07
C ARG A 276 8.98 -9.71 -39.69
N ILE A 277 10.13 -9.05 -39.48
CA ILE A 277 10.40 -8.44 -38.18
C ILE A 277 9.65 -7.11 -38.04
N THR A 278 9.64 -6.29 -39.09
CA THR A 278 8.92 -5.02 -39.05
C THR A 278 8.52 -4.63 -40.45
N ASN A 279 7.51 -3.77 -40.54
CA ASN A 279 7.06 -3.21 -41.80
C ASN A 279 7.33 -1.72 -41.94
N HIS A 280 7.89 -1.08 -40.91
CA HIS A 280 8.16 0.35 -40.94
C HIS A 280 9.52 0.62 -40.31
N ILE A 281 10.28 1.51 -40.93
CA ILE A 281 11.56 1.97 -40.41
C ILE A 281 11.42 3.46 -40.11
N HIS A 282 11.80 3.86 -38.90
CA HIS A 282 11.73 5.24 -38.46
C HIS A 282 13.08 5.91 -38.66
N VAL A 283 13.10 7.02 -39.39
CA VAL A 283 14.30 7.83 -39.54
C VAL A 283 14.30 8.89 -38.44
N ARG A 284 15.38 8.96 -37.67
CA ARG A 284 15.49 9.86 -36.54
C ARG A 284 16.72 10.75 -36.74
N ILE A 285 16.53 12.05 -36.53
CA ILE A 285 17.55 13.05 -36.82
C ILE A 285 18.28 13.42 -35.54
N SER A 286 19.60 13.50 -35.61
CA SER A 286 20.43 13.89 -34.49
C SER A 286 21.31 15.06 -34.91
N HIS A 287 21.78 15.81 -33.90
CA HIS A 287 22.67 16.95 -34.11
C HIS A 287 22.01 18.04 -34.94
N LEU A 288 20.75 18.30 -34.65
CA LEU A 288 20.06 19.40 -35.31
C LEU A 288 20.65 20.73 -34.84
N PRO A 289 21.07 21.61 -35.76
CA PRO A 289 21.79 22.81 -35.33
C PRO A 289 20.92 23.88 -34.70
N LEU A 290 19.59 23.77 -34.82
CA LEU A 290 18.68 24.83 -34.38
C LEU A 290 18.23 24.53 -32.96
N VAL A 291 19.10 24.83 -31.99
CA VAL A 291 18.84 24.56 -30.58
C VAL A 291 18.09 25.75 -29.99
N GLU A 292 17.10 25.46 -29.15
CA GLU A 292 16.30 26.49 -28.50
C GLU A 292 16.08 26.11 -27.04
N GLU A 293 15.90 27.11 -26.20
CA GLU A 293 15.52 26.88 -24.82
C GLU A 293 14.01 26.78 -24.70
N LEU A 294 13.53 26.12 -23.67
CA LEU A 294 12.14 25.95 -23.39
C LEU A 294 11.45 27.29 -23.23
N ARG A 295 12.14 28.28 -22.75
CA ARG A 295 11.65 29.61 -22.55
C ARG A 295 11.57 30.41 -23.83
N SER A 296 12.34 30.01 -24.84
CA SER A 296 12.49 30.80 -26.04
C SER A 296 11.52 30.44 -27.17
N LEU A 297 10.70 29.40 -26.98
CA LEU A 297 9.83 28.94 -28.06
C LEU A 297 8.70 29.94 -28.30
N ARG A 298 8.53 30.40 -29.51
CA ARG A 298 7.59 31.36 -29.97
C ARG A 298 6.70 30.79 -31.04
N GLN A 299 5.71 31.58 -31.49
CA GLN A 299 4.79 31.10 -32.52
C GLN A 299 5.49 30.88 -33.86
N LEU A 300 6.65 31.47 -34.08
CA LEU A 300 7.34 31.28 -35.35
C LEU A 300 7.98 29.91 -35.47
N HIS A 301 8.07 29.15 -34.38
CA HIS A 301 8.58 27.79 -34.41
C HIS A 301 7.50 26.76 -34.64
N LEU A 302 6.24 27.17 -34.78
CA LEU A 302 5.14 26.23 -34.95
C LEU A 302 5.31 25.42 -36.23
N ASN A 303 5.10 24.11 -36.12
CA ASN A 303 5.22 23.19 -37.25
C ASN A 303 6.63 23.23 -37.86
N GLN A 304 7.63 23.32 -37.01
CA GLN A 304 9.03 23.23 -37.43
C GLN A 304 9.71 22.14 -36.63
N LEU A 305 10.84 21.67 -37.15
CA LEU A 305 11.68 20.73 -36.43
C LEU A 305 12.62 21.52 -35.53
N ILE A 306 12.48 21.32 -34.22
CA ILE A 306 13.23 22.07 -33.22
C ILE A 306 13.96 21.10 -32.30
N ARG A 307 15.04 21.58 -31.72
CA ARG A 307 15.81 20.84 -30.72
C ARG A 307 15.86 21.66 -29.44
N THR A 308 15.50 21.03 -28.33
CA THR A 308 15.49 21.67 -27.03
C THR A 308 16.11 20.71 -26.02
N SER A 309 16.15 21.11 -24.75
CA SER A 309 16.73 20.28 -23.71
C SER A 309 16.03 20.56 -22.39
N GLY A 310 16.11 19.66 -21.46
CA GLY A 310 15.55 19.78 -20.18
C GLY A 310 15.56 18.57 -19.31
N VAL A 311 14.78 18.58 -18.26
CA VAL A 311 14.62 17.58 -17.26
C VAL A 311 13.27 16.92 -17.39
N VAL A 312 13.18 15.62 -17.45
CA VAL A 312 11.98 14.85 -17.43
C VAL A 312 11.43 14.85 -16.03
N THR A 313 10.26 15.41 -15.79
CA THR A 313 9.60 15.52 -14.54
C THR A 313 8.43 14.61 -14.34
N SER A 314 7.77 14.18 -15.37
CA SER A 314 6.65 13.30 -15.38
C SER A 314 6.65 12.41 -16.59
N CYS A 315 6.28 11.17 -16.46
CA CYS A 315 6.29 10.15 -17.46
C CYS A 315 5.15 9.18 -17.27
N THR A 316 4.26 9.03 -18.26
CA THR A 316 3.21 7.99 -18.24
C THR A 316 3.78 6.58 -18.44
N GLY A 317 2.98 5.55 -18.16
CA GLY A 317 3.23 4.23 -18.72
C GLY A 317 3.09 4.23 -20.26
N VAL A 318 3.57 3.18 -20.92
CA VAL A 318 3.35 2.88 -22.30
C VAL A 318 1.92 2.48 -22.51
N LEU A 319 1.18 3.20 -23.36
CA LEU A 319 -0.26 3.04 -23.55
C LEU A 319 -0.55 2.68 -25.01
N PRO A 320 -1.60 1.88 -25.30
CA PRO A 320 -2.00 1.63 -26.68
C PRO A 320 -2.84 2.72 -27.28
N GLN A 321 -2.48 3.25 -28.44
CA GLN A 321 -3.26 4.26 -29.15
C GLN A 321 -3.68 3.71 -30.50
N LEU A 322 -4.90 3.98 -30.93
CA LEU A 322 -5.43 3.63 -32.21
C LEU A 322 -4.55 4.18 -33.32
N SER A 323 -4.21 3.42 -34.31
CA SER A 323 -3.47 3.78 -35.47
C SER A 323 -4.22 3.63 -36.77
N MET A 324 -4.81 2.49 -37.02
CA MET A 324 -5.66 2.13 -38.11
C MET A 324 -6.91 1.46 -37.60
N VAL A 325 -8.02 2.13 -37.52
CA VAL A 325 -9.21 1.75 -36.82
C VAL A 325 -10.17 0.99 -37.72
N LYS A 326 -10.89 0.04 -37.20
CA LYS A 326 -11.93 -0.71 -37.81
C LYS A 326 -13.15 -0.76 -36.92
N TYR A 327 -14.34 -0.66 -37.44
CA TYR A 327 -15.58 -0.54 -36.75
C TYR A 327 -16.56 -1.63 -37.13
N ASN A 328 -17.41 -2.00 -36.17
CA ASN A 328 -18.55 -2.89 -36.44
C ASN A 328 -19.84 -2.09 -36.44
N PHE A 334 -21.37 -6.18 -40.34
CA PHE A 334 -20.34 -5.72 -41.26
C PHE A 334 -19.25 -4.98 -40.50
N VAL A 335 -18.05 -4.91 -41.10
CA VAL A 335 -16.91 -4.23 -40.51
C VAL A 335 -16.49 -3.10 -41.45
N LEU A 336 -16.39 -1.91 -40.95
CA LEU A 336 -16.07 -0.72 -41.68
C LEU A 336 -14.63 -0.70 -42.13
N GLY A 337 -14.31 0.04 -43.15
CA GLY A 337 -13.04 0.15 -43.72
C GLY A 337 -12.02 0.86 -42.89
N PRO A 338 -10.73 0.65 -43.14
CA PRO A 338 -9.71 1.22 -42.28
C PRO A 338 -9.78 2.73 -42.21
N PHE A 339 -9.52 3.31 -41.08
CA PHE A 339 -9.50 4.72 -40.82
C PHE A 339 -8.28 5.13 -40.02
N CYS A 340 -7.49 6.05 -40.50
CA CYS A 340 -6.32 6.58 -39.87
C CYS A 340 -6.66 7.45 -38.70
N GLN A 341 -5.79 7.55 -37.68
CA GLN A 341 -5.94 8.38 -36.47
C GLN A 341 -4.80 9.40 -36.36
N SER A 342 -5.13 10.70 -36.25
CA SER A 342 -4.19 11.79 -36.00
C SER A 342 -4.11 12.16 -34.51
N GLN A 343 -3.11 12.94 -34.09
CA GLN A 343 -2.90 13.29 -32.67
C GLN A 343 -3.85 14.35 -32.12
N ASN A 344 -4.76 14.92 -32.93
CA ASN A 344 -5.54 16.12 -32.61
C ASN A 344 -7.07 15.98 -32.57
N GLN A 345 -7.71 14.98 -33.21
CA GLN A 345 -9.16 14.78 -33.07
C GLN A 345 -9.60 13.31 -33.15
N GLU A 346 -10.71 12.96 -32.50
CA GLU A 346 -11.32 11.63 -32.64
C GLU A 346 -11.81 11.42 -34.07
N VAL A 347 -11.57 10.25 -34.65
CA VAL A 347 -12.01 9.92 -36.02
C VAL A 347 -13.52 9.75 -36.07
N LYS A 348 -14.15 10.08 -37.21
CA LYS A 348 -15.56 10.02 -37.42
C LYS A 348 -15.94 8.92 -38.39
N PRO A 349 -16.51 7.78 -37.97
CA PRO A 349 -16.96 6.78 -38.91
C PRO A 349 -18.23 7.15 -39.63
N GLU A 362 -19.09 0.23 -33.17
CA GLU A 362 -18.07 0.00 -32.18
C GLU A 362 -16.76 -0.44 -32.78
N VAL A 363 -15.65 -0.17 -32.15
CA VAL A 363 -14.34 -0.58 -32.56
C VAL A 363 -14.19 -2.08 -32.45
N ASN A 364 -13.57 -2.72 -33.40
CA ASN A 364 -13.23 -4.10 -33.43
C ASN A 364 -11.81 -4.26 -32.94
N MET A 365 -11.59 -4.74 -31.74
CA MET A 365 -10.30 -4.84 -31.13
C MET A 365 -9.36 -5.72 -31.94
N GLU A 366 -9.89 -6.82 -32.46
CA GLU A 366 -9.07 -7.78 -33.19
C GLU A 366 -8.56 -7.22 -34.50
N GLU A 367 -9.38 -6.48 -35.23
CA GLU A 367 -9.00 -6.02 -36.57
C GLU A 367 -8.30 -4.66 -36.55
N THR A 368 -8.31 -3.93 -35.47
CA THR A 368 -7.68 -2.67 -35.31
C THR A 368 -6.18 -2.80 -35.15
N ILE A 369 -5.42 -1.81 -35.51
CA ILE A 369 -4.01 -1.67 -35.34
C ILE A 369 -3.71 -0.59 -34.32
N TYR A 370 -2.80 -0.79 -33.42
CA TYR A 370 -2.38 0.08 -32.36
C TYR A 370 -0.93 0.47 -32.48
N GLN A 371 -0.52 1.47 -31.75
CA GLN A 371 0.81 1.94 -31.60
C GLN A 371 1.12 2.25 -30.15
N ASN A 372 2.36 2.18 -29.76
CA ASN A 372 2.85 2.58 -28.48
C ASN A 372 2.75 4.09 -28.34
N TYR A 373 2.27 4.57 -27.20
CA TYR A 373 2.12 5.98 -26.91
C TYR A 373 2.67 6.26 -25.52
N GLN A 374 3.38 7.36 -25.36
CA GLN A 374 3.91 7.87 -24.13
C GLN A 374 3.87 9.37 -24.11
N ARG A 375 3.47 9.98 -22.99
CA ARG A 375 3.54 11.43 -22.79
C ARG A 375 4.50 11.74 -21.64
N ILE A 376 5.49 12.59 -21.90
CA ILE A 376 6.45 13.08 -20.97
C ILE A 376 6.28 14.57 -20.77
N ARG A 377 6.62 15.05 -19.58
CA ARG A 377 6.74 16.49 -19.29
C ARG A 377 8.19 16.84 -19.08
N ILE A 378 8.68 17.81 -19.83
CA ILE A 378 10.02 18.32 -19.85
C ILE A 378 10.07 19.67 -19.19
N GLN A 379 11.00 19.92 -18.32
CA GLN A 379 11.14 21.09 -17.51
C GLN A 379 12.51 21.70 -17.66
N GLU A 380 12.65 22.98 -17.43
CA GLU A 380 13.90 23.66 -17.39
C GLU A 380 14.81 23.04 -16.36
N SER A 381 16.06 22.81 -16.71
CA SER A 381 17.00 22.24 -15.76
C SER A 381 17.27 23.21 -14.62
N PRO A 382 17.37 22.73 -13.38
CA PRO A 382 17.53 23.66 -12.24
C PRO A 382 18.76 24.54 -12.36
N GLY A 383 19.81 24.09 -13.05
CA GLY A 383 21.01 24.89 -13.18
C GLY A 383 20.90 25.97 -14.25
N LYS A 384 19.80 25.98 -14.99
CA LYS A 384 19.64 26.96 -16.06
C LYS A 384 18.56 27.99 -15.74
N VAL A 385 17.72 27.72 -14.75
CA VAL A 385 16.70 28.67 -14.34
C VAL A 385 17.29 29.63 -13.33
N ALA A 386 17.02 30.93 -13.51
CA ALA A 386 17.54 31.93 -12.59
C ALA A 386 17.00 31.69 -11.18
N ALA A 387 17.84 31.94 -10.19
CA ALA A 387 17.47 31.64 -8.80
C ALA A 387 16.20 32.39 -8.42
N GLY A 388 15.31 31.69 -7.72
CA GLY A 388 14.08 32.27 -7.26
C GLY A 388 12.98 32.39 -8.29
N ARG A 389 13.16 31.80 -9.48
CA ARG A 389 12.19 31.88 -10.56
C ARG A 389 11.56 30.52 -10.79
N LEU A 390 10.30 30.48 -11.13
CA LEU A 390 9.57 29.30 -11.45
C LEU A 390 9.96 28.76 -12.81
N PRO A 391 10.30 27.49 -12.97
CA PRO A 391 10.68 26.97 -14.27
C PRO A 391 9.52 26.83 -15.24
N ARG A 392 9.81 26.85 -16.51
CA ARG A 392 8.94 26.60 -17.61
C ARG A 392 8.93 25.14 -18.00
N SER A 393 7.85 24.64 -18.54
CA SER A 393 7.63 23.28 -18.89
C SER A 393 6.92 23.11 -20.21
N LYS A 394 7.14 22.02 -20.90
CA LYS A 394 6.53 21.59 -22.11
C LYS A 394 6.10 20.14 -22.03
N ASP A 395 5.18 19.72 -22.83
CA ASP A 395 4.73 18.38 -23.04
C ASP A 395 5.29 17.80 -24.30
N ALA A 396 5.61 16.54 -24.34
CA ALA A 396 6.11 15.81 -25.45
C ALA A 396 5.46 14.45 -25.59
N ILE A 397 5.27 13.98 -26.78
CA ILE A 397 4.65 12.75 -27.17
C ILE A 397 5.65 11.86 -27.86
N LEU A 398 5.87 10.66 -27.39
CA LEU A 398 6.70 9.63 -27.93
C LEU A 398 5.86 8.49 -28.47
N LEU A 399 6.15 7.99 -29.63
CA LEU A 399 5.42 7.01 -30.36
C LEU A 399 6.26 5.84 -30.81
N ALA A 400 5.70 4.66 -30.89
CA ALA A 400 6.29 3.49 -31.48
C ALA A 400 7.50 3.11 -30.65
N ASP A 401 8.67 2.92 -31.22
CA ASP A 401 9.87 2.51 -30.59
C ASP A 401 10.60 3.61 -29.86
N LEU A 402 10.09 4.81 -29.84
CA LEU A 402 10.60 5.93 -29.11
C LEU A 402 10.24 5.88 -27.64
N VAL A 403 9.26 5.11 -27.25
CA VAL A 403 8.81 4.98 -25.90
C VAL A 403 9.91 4.42 -25.02
N ASP A 404 9.91 4.76 -23.76
CA ASP A 404 10.85 4.32 -22.79
C ASP A 404 12.26 4.76 -23.12
N SER A 405 12.39 5.84 -23.89
CA SER A 405 13.69 6.39 -24.23
C SER A 405 14.29 7.20 -23.09
N CYS A 406 13.54 7.58 -22.09
CA CYS A 406 13.91 8.40 -21.00
C CYS A 406 13.08 8.12 -19.78
N LYS A 407 13.54 8.48 -18.62
CA LYS A 407 12.93 8.29 -17.35
C LYS A 407 12.89 9.57 -16.54
N PRO A 408 11.93 9.74 -15.63
CA PRO A 408 11.90 10.93 -14.80
C PRO A 408 13.20 11.18 -14.08
N GLY A 409 13.68 12.40 -14.05
CA GLY A 409 14.91 12.80 -13.54
C GLY A 409 16.06 12.89 -14.49
N ASP A 410 15.88 12.52 -15.72
CA ASP A 410 16.87 12.49 -16.74
C ASP A 410 17.10 13.86 -17.36
N GLU A 411 18.35 14.11 -17.76
CA GLU A 411 18.71 15.25 -18.59
C GLU A 411 18.64 14.80 -20.04
N ILE A 412 17.78 15.36 -20.84
CA ILE A 412 17.55 14.98 -22.20
C ILE A 412 17.62 16.13 -23.17
N GLU A 413 18.11 15.84 -24.37
CA GLU A 413 17.96 16.66 -25.55
C GLU A 413 16.87 16.04 -26.42
N LEU A 414 15.89 16.79 -26.81
CA LEU A 414 14.69 16.42 -27.49
C LEU A 414 14.56 17.13 -28.81
N THR A 415 14.55 16.38 -29.91
CA THR A 415 14.27 16.92 -31.23
C THR A 415 12.89 16.45 -31.68
N GLY A 416 12.07 17.40 -32.12
CA GLY A 416 10.72 17.06 -32.51
C GLY A 416 10.05 18.20 -33.24
N ILE A 417 8.78 18.07 -33.50
CA ILE A 417 7.93 18.99 -34.19
C ILE A 417 7.10 19.79 -33.21
N TYR A 418 7.17 21.11 -33.27
CA TYR A 418 6.38 21.97 -32.40
C TYR A 418 4.98 22.12 -32.99
N HIS A 419 3.98 21.62 -32.33
CA HIS A 419 2.65 21.40 -32.78
C HIS A 419 1.64 22.09 -31.90
N ASN A 420 0.63 22.70 -32.44
CA ASN A 420 -0.44 23.37 -31.77
C ASN A 420 -1.81 22.88 -32.19
N ASN A 421 -2.76 22.84 -31.31
CA ASN A 421 -4.08 22.37 -31.50
C ASN A 421 -5.09 23.11 -30.66
N TYR A 422 -6.27 23.37 -31.15
CA TYR A 422 -7.32 24.05 -30.47
C TYR A 422 -7.74 23.32 -29.21
N ASP A 423 -7.87 24.00 -28.11
CA ASP A 423 -8.30 23.52 -26.83
C ASP A 423 -9.36 24.42 -26.24
N GLY A 424 -10.56 23.96 -26.06
CA GLY A 424 -11.62 24.75 -25.55
C GLY A 424 -11.46 25.19 -24.14
N SER A 425 -10.98 24.33 -23.25
CA SER A 425 -10.85 24.70 -21.84
C SER A 425 -9.72 25.70 -21.61
N LEU A 426 -8.69 25.75 -22.47
CA LEU A 426 -7.69 26.77 -22.46
C LEU A 426 -8.27 28.11 -22.83
N ASN A 427 -9.08 28.17 -23.85
CA ASN A 427 -9.80 29.32 -24.27
C ASN A 427 -10.67 29.86 -23.16
N THR A 428 -11.42 29.01 -22.51
CA THR A 428 -12.25 29.35 -21.40
C THR A 428 -11.45 29.95 -20.27
N ALA A 429 -10.33 29.36 -19.93
CA ALA A 429 -9.48 29.78 -18.86
C ALA A 429 -8.90 31.15 -19.09
N ASN A 430 -8.42 31.43 -20.27
CA ASN A 430 -7.72 32.61 -20.63
C ASN A 430 -8.56 33.74 -21.15
N GLY A 431 -9.77 33.49 -21.58
CA GLY A 431 -10.60 34.44 -22.20
C GLY A 431 -10.24 34.89 -23.57
N PHE A 432 -9.21 34.34 -24.15
CA PHE A 432 -8.68 34.56 -25.45
C PHE A 432 -8.52 33.27 -26.20
N PRO A 433 -8.52 33.27 -27.52
CA PRO A 433 -8.37 32.01 -28.27
C PRO A 433 -6.92 31.53 -28.39
N VAL A 434 -6.40 30.97 -27.34
CA VAL A 434 -5.08 30.45 -27.20
C VAL A 434 -5.07 28.96 -27.47
N PHE A 435 -4.08 28.48 -28.22
CA PHE A 435 -3.99 27.08 -28.61
C PHE A 435 -2.99 26.36 -27.72
N ALA A 436 -3.25 25.12 -27.40
CA ALA A 436 -2.37 24.25 -26.71
C ALA A 436 -1.23 23.82 -27.59
N THR A 437 -0.08 23.53 -27.05
CA THR A 437 1.13 23.17 -27.72
C THR A 437 1.68 21.86 -27.21
N VAL A 438 2.43 21.16 -28.01
CA VAL A 438 3.05 19.90 -27.73
C VAL A 438 4.19 19.65 -28.68
N ILE A 439 5.14 18.85 -28.34
CA ILE A 439 6.26 18.42 -29.12
C ILE A 439 6.05 16.99 -29.58
N LEU A 440 5.95 16.72 -30.85
CA LEU A 440 5.90 15.44 -31.46
C LEU A 440 7.31 14.92 -31.62
N ALA A 441 7.81 14.14 -30.70
CA ALA A 441 9.17 13.78 -30.58
C ALA A 441 9.66 12.96 -31.76
N ASN A 442 10.85 13.26 -32.26
CA ASN A 442 11.51 12.50 -33.29
C ASN A 442 12.80 11.85 -32.82
N HIS A 443 13.54 12.49 -31.92
CA HIS A 443 14.81 11.96 -31.45
C HIS A 443 14.99 12.35 -29.99
N VAL A 444 15.33 11.39 -29.14
CA VAL A 444 15.59 11.65 -27.69
C VAL A 444 16.99 11.10 -27.40
N ALA A 445 17.85 11.92 -26.82
CA ALA A 445 19.24 11.54 -26.47
C ALA A 445 19.53 11.99 -25.05
N LYS A 446 20.41 11.32 -24.32
CA LYS A 446 20.92 11.83 -23.03
C LYS A 446 22.21 12.42 -23.55
N LYS A 447 22.34 13.74 -23.57
CA LYS A 447 23.51 14.30 -24.29
C LYS A 447 24.56 14.98 -23.40
N ASP A 448 24.57 14.67 -22.11
CA ASP A 448 25.61 15.25 -21.20
C ASP A 448 26.86 14.37 -21.35
N ASN A 449 27.54 14.46 -22.51
CA ASN A 449 28.82 13.74 -22.77
C ASN A 449 28.70 12.22 -22.57
N LYS A 450 27.60 11.58 -22.99
CA LYS A 450 27.38 10.12 -22.76
C LYS A 450 27.29 9.35 -24.08
N VAL A 451 28.05 8.25 -24.23
CA VAL A 451 27.98 7.34 -25.42
C VAL A 451 27.62 5.95 -24.91
N ALA A 452 26.64 5.28 -25.51
CA ALA A 452 26.18 3.95 -25.10
C ALA A 452 27.06 2.87 -25.74
N VAL A 453 27.05 1.65 -25.22
CA VAL A 453 27.84 0.54 -25.77
C VAL A 453 27.43 0.26 -27.21
N GLY A 454 26.14 0.38 -27.51
CA GLY A 454 25.68 0.13 -28.86
C GLY A 454 26.21 1.14 -29.86
N GLU A 455 26.36 2.41 -29.44
CA GLU A 455 26.82 3.44 -30.35
C GLU A 455 28.30 3.31 -30.71
N LEU A 456 29.05 2.47 -29.98
CA LEU A 456 30.44 2.24 -30.35
C LEU A 456 30.51 1.56 -31.71
N THR A 457 31.43 2.05 -32.54
CA THR A 457 31.60 1.51 -33.88
C THR A 457 32.71 0.45 -33.90
N ASP A 458 32.87 -0.19 -35.06
CA ASP A 458 33.91 -1.21 -35.20
C ASP A 458 35.29 -0.62 -35.03
N GLU A 459 35.52 0.59 -35.58
CA GLU A 459 36.83 1.22 -35.42
C GLU A 459 37.10 1.56 -33.96
N ASP A 460 36.06 1.98 -33.22
CA ASP A 460 36.24 2.27 -31.80
C ASP A 460 36.67 1.02 -31.05
N VAL A 461 36.03 -0.12 -31.35
CA VAL A 461 36.40 -1.38 -30.68
C VAL A 461 37.81 -1.79 -31.08
N LYS A 462 38.18 -1.57 -32.34
CA LYS A 462 39.55 -1.85 -32.77
C LYS A 462 40.55 -1.04 -31.95
N MET A 463 40.28 0.25 -31.78
CA MET A 463 41.19 1.09 -31.01
C MET A 463 41.26 0.64 -29.56
N ILE A 464 40.10 0.28 -28.98
CA ILE A 464 40.07 -0.15 -27.58
C ILE A 464 40.90 -1.43 -27.40
N THR A 465 40.72 -2.39 -28.31
CA THR A 465 41.47 -3.63 -28.21
C THR A 465 42.97 -3.39 -28.38
N SER A 466 43.34 -2.56 -29.36
CA SER A 466 44.74 -2.26 -29.55
C SER A 466 45.33 -1.61 -28.31
N LEU A 467 44.60 -0.69 -27.70
CA LEU A 467 45.06 -0.09 -26.45
C LEU A 467 45.26 -1.15 -25.38
N SER A 468 44.27 -2.04 -25.21
CA SER A 468 44.39 -3.08 -24.20
C SER A 468 45.60 -3.97 -24.44
N LYS A 469 46.06 -4.08 -25.68
CA LYS A 469 47.26 -4.88 -25.94
C LYS A 469 48.52 -4.25 -25.34
N ASP A 470 48.50 -2.94 -25.07
CA ASP A 470 49.70 -2.27 -24.57
C ASP A 470 50.11 -2.84 -23.23
N GLN A 471 51.43 -2.95 -23.02
CA GLN A 471 51.94 -3.56 -21.80
C GLN A 471 51.74 -2.66 -20.58
N GLN A 472 51.68 -1.35 -20.78
CA GLN A 472 51.54 -0.39 -19.70
C GLN A 472 50.13 0.18 -19.59
N ILE A 473 49.13 -0.54 -20.10
CA ILE A 473 47.79 0.03 -20.17
C ILE A 473 47.27 0.37 -18.78
N GLY A 474 47.60 -0.45 -17.78
CA GLY A 474 47.15 -0.15 -16.43
C GLY A 474 47.68 1.19 -15.94
N GLU A 475 48.97 1.44 -16.15
CA GLU A 475 49.54 2.73 -15.75
C GLU A 475 48.91 3.88 -16.53
N LYS A 476 48.66 3.69 -17.82
CA LYS A 476 48.06 4.75 -18.63
C LYS A 476 46.65 5.06 -18.16
N ILE A 477 45.89 4.04 -17.77
CA ILE A 477 44.54 4.27 -17.26
C ILE A 477 44.60 4.95 -15.89
N PHE A 478 45.57 4.56 -15.05
CA PHE A 478 45.71 5.23 -13.76
C PHE A 478 46.05 6.70 -13.94
N ALA A 479 46.93 7.01 -14.89
CA ALA A 479 47.32 8.39 -15.14
C ALA A 479 46.20 9.23 -15.74
N SER A 480 45.14 8.59 -16.25
CA SER A 480 44.03 9.31 -16.85
C SER A 480 43.03 9.82 -15.83
N ILE A 481 43.16 9.47 -14.56
CA ILE A 481 42.23 9.90 -13.53
C ILE A 481 42.64 11.30 -13.07
N ALA A 482 41.83 12.29 -13.41
CA ALA A 482 42.07 13.68 -13.03
C ALA A 482 43.50 14.09 -13.36
N PRO A 483 43.84 14.22 -14.64
CA PRO A 483 45.23 14.55 -14.99
C PRO A 483 45.70 15.90 -14.47
N SER A 484 44.81 16.82 -14.10
CA SER A 484 45.16 18.19 -13.67
C SER A 484 45.42 18.25 -12.16
N ILE A 485 45.65 17.11 -11.51
CA ILE A 485 46.01 17.02 -10.07
C ILE A 485 47.44 16.45 -10.01
N TYR A 486 48.33 17.06 -9.23
CA TYR A 486 49.75 16.62 -9.07
C TYR A 486 49.59 15.33 -8.34
N GLY A 487 50.52 14.39 -8.44
CA GLY A 487 50.23 13.01 -8.09
C GLY A 487 49.76 12.67 -6.71
N HIS A 488 48.67 11.91 -6.67
CA HIS A 488 48.10 11.29 -5.46
C HIS A 488 47.90 9.91 -6.08
N GLU A 489 48.97 9.18 -6.39
CA GLU A 489 48.90 7.93 -7.22
C GLU A 489 48.06 6.81 -6.59
N ASP A 490 47.99 6.68 -5.27
CA ASP A 490 47.12 5.69 -4.63
C ASP A 490 45.66 6.02 -4.85
N ILE A 491 45.29 7.30 -4.73
CA ILE A 491 43.90 7.70 -4.92
C ILE A 491 43.48 7.43 -6.35
N LYS A 492 44.32 7.79 -7.32
CA LYS A 492 43.96 7.58 -8.72
C LYS A 492 43.80 6.10 -9.03
N ARG A 493 44.69 5.25 -8.49
CA ARG A 493 44.57 3.81 -8.69
C ARG A 493 43.27 3.29 -8.09
N GLY A 494 42.96 3.67 -6.86
CA GLY A 494 41.74 3.20 -6.23
C GLY A 494 40.50 3.67 -6.96
N LEU A 495 40.52 4.91 -7.46
CA LEU A 495 39.37 5.44 -8.18
C LEU A 495 39.20 4.74 -9.52
N ALA A 496 40.29 4.43 -10.21
CA ALA A 496 40.18 3.64 -11.44
C ALA A 496 39.58 2.28 -11.16
N LEU A 497 40.03 1.60 -10.10
CA LEU A 497 39.44 0.31 -9.75
C LEU A 497 37.96 0.44 -9.45
N ALA A 498 37.58 1.48 -8.71
CA ALA A 498 36.16 1.67 -8.39
C ALA A 498 35.34 1.95 -9.64
N LEU A 499 35.91 2.71 -10.58
CA LEU A 499 35.20 3.00 -11.82
C LEU A 499 34.95 1.73 -12.62
N PHE A 500 35.95 0.87 -12.74
CA PHE A 500 35.78 -0.33 -13.56
C PHE A 500 34.90 -1.36 -12.87
N GLY A 501 35.10 -1.58 -11.58
CA GLY A 501 34.20 -2.40 -10.79
C GLY A 501 34.51 -3.88 -10.86
N GLY A 502 33.95 -4.60 -9.89
CA GLY A 502 34.08 -6.04 -9.82
C GLY A 502 32.92 -6.75 -10.48
N GLU A 503 32.77 -8.04 -10.16
CA GLU A 503 31.77 -8.89 -10.77
C GLU A 503 30.77 -9.38 -9.73
N PRO A 504 29.49 -9.03 -9.84
CA PRO A 504 28.50 -9.60 -8.91
C PRO A 504 28.37 -11.10 -9.11
N LYS A 505 28.09 -11.80 -8.02
CA LYS A 505 27.97 -13.25 -8.05
C LYS A 505 26.77 -13.70 -7.22
N ASN A 506 26.19 -14.82 -7.62
CA ASN A 506 25.07 -15.43 -6.90
C ASN A 506 25.15 -16.93 -7.12
N PRO A 507 26.00 -17.64 -6.36
CA PRO A 507 26.37 -19.02 -6.71
C PRO A 507 25.19 -19.92 -7.07
N GLY A 508 24.23 -20.08 -6.16
CA GLY A 508 23.12 -20.99 -6.39
C GLY A 508 21.78 -20.30 -6.37
N GLY A 509 21.77 -18.98 -6.56
CA GLY A 509 20.56 -18.21 -6.47
C GLY A 509 20.13 -17.88 -5.06
N LYS A 510 20.91 -18.26 -4.04
CA LYS A 510 20.55 -18.03 -2.65
C LYS A 510 21.61 -17.27 -1.86
N HIS A 511 22.65 -16.76 -2.50
CA HIS A 511 23.73 -16.08 -1.79
C HIS A 511 24.27 -14.98 -2.71
N LYS A 512 23.79 -13.75 -2.50
CA LYS A 512 24.16 -12.63 -3.35
C LYS A 512 25.38 -11.92 -2.79
N VAL A 513 26.36 -11.65 -3.66
CA VAL A 513 27.56 -10.91 -3.31
C VAL A 513 27.71 -9.76 -4.29
N ARG A 514 27.93 -8.55 -3.78
CA ARG A 514 28.00 -7.38 -4.64
C ARG A 514 29.33 -7.34 -5.39
N GLY A 515 29.31 -6.61 -6.51
CA GLY A 515 30.50 -6.45 -7.31
C GLY A 515 31.08 -5.05 -7.26
N ASP A 516 30.43 -4.14 -6.54
CA ASP A 516 30.84 -2.74 -6.52
C ASP A 516 31.93 -2.50 -5.49
N ILE A 517 32.75 -1.49 -5.75
CA ILE A 517 33.89 -1.13 -4.92
C ILE A 517 33.69 0.28 -4.40
N ASN A 518 33.54 0.43 -3.09
CA ASN A 518 33.30 1.71 -2.45
C ASN A 518 34.62 2.29 -1.95
N VAL A 519 34.74 3.62 -2.03
CA VAL A 519 35.99 4.30 -1.71
C VAL A 519 35.72 5.43 -0.73
N LEU A 520 36.63 5.58 0.24
CA LEU A 520 36.59 6.65 1.22
C LEU A 520 37.91 7.40 1.19
N LEU A 521 37.87 8.68 0.84
CA LEU A 521 39.02 9.57 0.93
C LEU A 521 38.93 10.37 2.23
N CYS A 522 40.06 10.48 2.92
CA CYS A 522 40.10 11.24 4.17
C CYS A 522 41.48 11.82 4.38
N GLY A 523 41.56 13.13 4.60
CA GLY A 523 42.85 13.76 4.70
C GLY A 523 42.73 15.24 4.99
N ASP A 524 43.85 15.93 4.83
CA ASP A 524 43.97 17.33 5.21
C ASP A 524 43.21 18.22 4.24
N PRO A 525 42.85 19.43 4.67
CA PRO A 525 42.14 20.35 3.78
C PRO A 525 43.03 20.81 2.64
N GLY A 526 42.38 21.16 1.53
CA GLY A 526 43.09 21.67 0.38
C GLY A 526 43.99 20.66 -0.29
N THR A 527 43.55 19.41 -0.41
CA THR A 527 44.31 18.36 -1.07
C THR A 527 43.58 17.79 -2.29
N ALA A 528 42.55 18.49 -2.77
CA ALA A 528 41.88 18.17 -4.02
C ALA A 528 40.95 16.96 -3.92
N LYS A 529 40.44 16.67 -2.72
CA LYS A 529 39.45 15.60 -2.59
C LYS A 529 38.18 15.95 -3.36
N SER A 530 37.68 17.17 -3.18
CA SER A 530 36.50 17.60 -3.92
C SER A 530 36.74 17.62 -5.41
N GLN A 531 37.96 17.97 -5.85
CA GLN A 531 38.26 17.92 -7.28
C GLN A 531 38.22 16.49 -7.80
N PHE A 532 38.72 15.53 -7.03
CA PHE A 532 38.61 14.13 -7.43
C PHE A 532 37.15 13.73 -7.58
N LEU A 533 36.30 14.10 -6.61
CA LEU A 533 34.89 13.76 -6.70
C LEU A 533 34.24 14.40 -7.92
N LYS A 534 34.57 15.67 -8.19
CA LYS A 534 34.01 16.35 -9.35
C LYS A 534 34.45 15.69 -10.65
N TYR A 535 35.72 15.27 -10.74
CA TYR A 535 36.17 14.56 -11.93
C TYR A 535 35.40 13.26 -12.11
N ILE A 536 35.21 12.51 -11.03
CA ILE A 536 34.46 11.26 -11.15
C ILE A 536 33.04 11.54 -11.63
N GLU A 537 32.43 12.61 -11.13
CA GLU A 537 31.10 12.98 -11.60
C GLU A 537 31.10 13.33 -13.09
N LYS A 538 32.15 14.00 -13.55
CA LYS A 538 32.21 14.41 -14.96
C LYS A 538 32.46 13.22 -15.89
N VAL A 539 33.22 12.22 -15.47
CA VAL A 539 33.60 11.15 -16.38
C VAL A 539 32.59 10.00 -16.40
N SER A 540 31.82 9.82 -15.34
CA SER A 540 30.94 8.65 -15.25
C SER A 540 29.67 8.87 -16.07
N SER A 541 29.08 7.77 -16.52
CA SER A 541 27.86 7.85 -17.31
C SER A 541 26.66 8.22 -16.46
N ARG A 542 26.53 7.59 -15.28
CA ARG A 542 25.44 7.87 -14.36
C ARG A 542 26.04 8.18 -12.99
N ALA A 543 26.13 9.46 -12.66
CA ALA A 543 26.72 9.90 -11.41
C ALA A 543 25.83 10.95 -10.75
N ILE A 544 25.68 10.84 -9.43
CA ILE A 544 24.97 11.82 -8.63
C ILE A 544 25.91 12.34 -7.55
N PHE A 545 26.06 13.67 -7.49
CA PHE A 545 26.92 14.34 -6.53
C PHE A 545 26.06 14.98 -5.45
N THR A 546 26.43 14.76 -4.20
CA THR A 546 25.73 15.36 -3.07
C THR A 546 26.73 15.65 -1.96
N THR A 547 26.34 16.53 -1.04
CA THR A 547 27.27 17.09 -0.07
C THR A 547 26.63 17.13 1.31
N GLY A 548 27.33 16.57 2.29
CA GLY A 548 27.11 16.84 3.70
C GLY A 548 25.68 17.03 4.14
N GLN A 549 25.39 18.23 4.64
CA GLN A 549 24.07 18.54 5.17
C GLN A 549 23.03 18.74 4.09
N GLY A 550 23.43 18.79 2.81
CA GLY A 550 22.48 18.88 1.73
C GLY A 550 21.78 17.59 1.40
N ALA A 551 22.19 16.49 2.01
CA ALA A 551 21.59 15.18 1.79
C ALA A 551 20.82 14.76 3.04
N SER A 552 19.60 14.29 2.85
CA SER A 552 18.78 13.73 3.91
C SER A 552 18.66 12.23 3.73
N ALA A 553 18.18 11.56 4.78
CA ALA A 553 18.09 10.11 4.75
C ALA A 553 17.20 9.63 3.60
N VAL A 554 15.99 10.15 3.51
CA VAL A 554 15.07 9.70 2.47
C VAL A 554 15.50 10.21 1.09
N GLY A 555 16.09 11.40 1.03
CA GLY A 555 16.57 11.91 -0.23
C GLY A 555 17.67 11.05 -0.82
N LEU A 556 18.46 10.40 0.02
CA LEU A 556 19.50 9.50 -0.46
C LEU A 556 18.95 8.18 -0.95
N THR A 557 17.98 7.60 -0.25
CA THR A 557 17.51 6.25 -0.56
C THR A 557 16.19 6.25 -1.31
N ALA A 558 15.12 6.73 -0.69
CA ALA A 558 13.79 6.73 -1.30
C ALA A 558 12.81 7.40 -0.36
N TYR A 559 11.79 8.07 -0.89
CA TYR A 559 10.89 8.86 -0.07
C TYR A 559 9.44 8.60 -0.47
N VAL A 560 8.52 8.89 0.42
CA VAL A 560 7.11 8.72 0.31
C VAL A 560 6.46 10.05 0.03
N GLN A 561 5.90 10.25 -1.12
CA GLN A 561 5.27 11.44 -1.60
C GLN A 561 3.78 11.41 -1.33
N ARG A 562 3.23 12.43 -0.74
CA ARG A 562 1.85 12.65 -0.51
C ARG A 562 1.17 13.34 -1.67
N HIS A 563 -0.07 13.05 -1.95
CA HIS A 563 -0.89 13.58 -2.97
C HIS A 563 -2.22 14.05 -2.46
N PRO A 564 -2.80 15.15 -3.00
CA PRO A 564 -4.07 15.69 -2.54
C PRO A 564 -5.32 14.99 -3.12
N VAL A 565 -5.18 14.23 -4.23
CA VAL A 565 -6.33 13.80 -5.05
C VAL A 565 -6.33 12.35 -5.57
N SER A 566 -5.19 11.78 -5.99
CA SER A 566 -5.10 10.37 -6.45
C SER A 566 -5.00 9.41 -5.25
N ARG A 567 -4.29 8.28 -5.34
CA ARG A 567 -3.78 7.56 -4.16
C ARG A 567 -2.91 8.51 -3.33
N GLU A 568 -3.12 8.55 -2.02
CA GLU A 568 -2.58 9.47 -1.07
C GLU A 568 -1.07 9.41 -1.03
N TRP A 569 -0.50 8.24 -1.06
CA TRP A 569 0.89 7.95 -0.84
C TRP A 569 1.50 7.18 -1.98
N THR A 570 2.66 7.55 -2.45
CA THR A 570 3.44 6.89 -3.45
C THR A 570 4.90 6.84 -3.07
N LEU A 571 5.67 5.96 -3.65
CA LEU A 571 7.06 5.74 -3.44
C LEU A 571 7.88 6.34 -4.56
N GLU A 572 8.92 7.11 -4.24
CA GLU A 572 9.73 7.81 -5.22
C GLU A 572 11.20 7.56 -4.91
N ALA A 573 11.99 7.53 -5.98
CA ALA A 573 13.39 7.12 -5.91
C ALA A 573 14.27 8.24 -5.37
N GLY A 574 15.21 7.88 -4.50
CA GLY A 574 16.22 8.79 -4.02
C GLY A 574 17.51 8.66 -4.81
N ALA A 575 18.58 9.23 -4.25
CA ALA A 575 19.84 9.30 -4.97
C ALA A 575 20.37 7.90 -5.28
N LEU A 576 20.37 7.01 -4.30
CA LEU A 576 20.96 5.68 -4.50
C LEU A 576 20.17 4.88 -5.51
N VAL A 577 18.84 4.96 -5.47
CA VAL A 577 18.02 4.26 -6.46
C VAL A 577 18.25 4.83 -7.85
N LEU A 578 18.28 6.16 -7.96
CA LEU A 578 18.49 6.79 -9.26
C LEU A 578 19.86 6.48 -9.82
N ALA A 579 20.85 6.28 -8.95
CA ALA A 579 22.21 5.98 -9.36
C ALA A 579 22.49 4.47 -9.45
N ASP A 580 21.45 3.66 -9.50
CA ASP A 580 21.63 2.21 -9.62
C ASP A 580 22.48 1.90 -10.84
N ARG A 581 23.50 1.06 -10.65
CA ARG A 581 24.50 0.77 -11.67
C ARG A 581 25.29 2.02 -12.05
N GLY A 582 25.36 2.98 -11.13
CA GLY A 582 26.12 4.20 -11.35
C GLY A 582 27.02 4.54 -10.18
N VAL A 583 27.26 5.82 -9.95
CA VAL A 583 28.15 6.29 -8.90
C VAL A 583 27.43 7.34 -8.07
N CYS A 584 27.52 7.23 -6.75
CA CYS A 584 27.07 8.25 -5.83
C CYS A 584 28.29 8.83 -5.12
N LEU A 585 28.49 10.14 -5.27
CA LEU A 585 29.61 10.83 -4.66
C LEU A 585 29.09 11.68 -3.52
N ILE A 586 29.69 11.52 -2.33
CA ILE A 586 29.27 12.22 -1.14
C ILE A 586 30.46 13.01 -0.61
N ASP A 587 30.35 14.33 -0.69
CA ASP A 587 31.36 15.24 -0.16
C ASP A 587 30.95 15.68 1.25
N GLU A 588 31.96 16.09 2.03
CA GLU A 588 31.75 16.48 3.42
C GLU A 588 31.05 15.35 4.18
N PHE A 589 31.55 14.13 3.96
CA PHE A 589 30.90 12.94 4.50
C PHE A 589 30.85 12.95 6.01
N ASP A 590 31.82 13.60 6.65
CA ASP A 590 31.86 13.66 8.11
C ASP A 590 30.89 14.69 8.69
N LYS A 591 30.44 15.64 7.88
CA LYS A 591 29.53 16.69 8.36
C LYS A 591 28.07 16.29 8.28
N MET A 592 27.76 15.11 7.74
CA MET A 592 26.38 14.66 7.65
C MET A 592 25.79 14.45 9.04
N ASN A 593 24.48 14.61 9.15
CA ASN A 593 23.78 14.17 10.34
C ASN A 593 23.92 12.65 10.48
N ASP A 594 24.09 12.19 11.72
CA ASP A 594 24.29 10.76 11.94
C ASP A 594 23.10 9.95 11.43
N GLN A 595 21.88 10.42 11.70
CA GLN A 595 20.70 9.71 11.24
C GLN A 595 20.66 9.61 9.72
N ASP A 596 21.15 10.63 9.02
CA ASP A 596 21.20 10.58 7.56
C ASP A 596 22.32 9.66 7.08
N ARG A 597 23.45 9.63 7.79
CA ARG A 597 24.54 8.76 7.37
C ARG A 597 24.23 7.29 7.58
N THR A 598 23.39 6.97 8.57
CA THR A 598 23.06 5.57 8.81
C THR A 598 22.08 5.00 7.79
N SER A 599 21.53 5.82 6.91
CA SER A 599 20.53 5.36 5.96
C SER A 599 21.14 4.64 4.75
N ILE A 600 22.46 4.66 4.59
CA ILE A 600 23.11 4.04 3.44
C ILE A 600 23.68 2.66 3.75
N HIS A 601 23.52 2.17 4.97
CA HIS A 601 24.12 0.89 5.35
C HIS A 601 23.58 -0.26 4.51
N GLU A 602 22.26 -0.33 4.36
CA GLU A 602 21.66 -1.42 3.59
C GLU A 602 22.07 -1.35 2.13
N ALA A 603 22.10 -0.14 1.56
CA ALA A 603 22.45 -0.01 0.16
C ALA A 603 23.92 -0.33 -0.11
N MET A 604 24.79 -0.06 0.86
CA MET A 604 26.22 -0.25 0.62
C MET A 604 26.60 -1.73 0.56
N GLU A 605 25.86 -2.61 1.24
CA GLU A 605 26.21 -4.02 1.28
C GLU A 605 25.18 -4.89 0.57
N GLN A 606 23.90 -4.82 0.93
CA GLN A 606 22.82 -5.66 0.34
C GLN A 606 22.37 -5.02 -0.98
N GLN A 607 22.82 -3.80 -1.33
CA GLN A 607 22.51 -3.18 -2.61
C GLN A 607 21.01 -3.12 -2.85
N SER A 608 20.26 -2.78 -1.82
CA SER A 608 18.82 -2.59 -1.96
C SER A 608 18.34 -1.64 -0.88
N ILE A 609 17.18 -1.02 -1.12
CA ILE A 609 16.53 -0.13 -0.17
C ILE A 609 15.18 -0.74 0.16
N SER A 610 14.92 -0.95 1.44
CA SER A 610 13.67 -1.55 1.90
C SER A 610 12.86 -0.48 2.62
N ILE A 611 11.64 -0.25 2.15
CA ILE A 611 10.75 0.76 2.71
C ILE A 611 9.47 0.09 3.18
N SER A 612 9.09 0.37 4.42
CA SER A 612 7.82 -0.08 5.01
C SER A 612 7.16 1.15 5.63
N LYS A 613 6.40 1.90 4.86
CA LYS A 613 5.79 3.14 5.21
C LYS A 613 4.45 3.34 4.56
N ALA A 614 3.45 3.76 5.29
CA ALA A 614 2.21 4.25 4.77
C ALA A 614 1.54 3.27 3.83
N GLY A 615 1.50 2.01 4.16
CA GLY A 615 0.94 1.00 3.38
C GLY A 615 1.74 0.44 2.26
N ILE A 616 2.97 0.86 2.10
CA ILE A 616 3.92 0.46 1.12
C ILE A 616 4.99 -0.38 1.78
N VAL A 617 5.12 -1.63 1.44
CA VAL A 617 6.12 -2.57 1.88
C VAL A 617 6.83 -3.12 0.68
N THR A 618 8.02 -2.70 0.38
CA THR A 618 8.72 -3.02 -0.83
C THR A 618 10.21 -2.85 -0.72
N SER A 619 10.92 -3.40 -1.70
CA SER A 619 12.37 -3.28 -1.82
C SER A 619 12.73 -2.86 -3.23
N LEU A 620 13.63 -1.90 -3.34
CA LEU A 620 14.13 -1.37 -4.61
C LEU A 620 15.60 -1.71 -4.77
N GLN A 621 16.02 -1.86 -6.03
CA GLN A 621 17.41 -2.14 -6.33
C GLN A 621 18.24 -0.87 -6.22
N ALA A 622 19.40 -0.97 -5.55
CA ALA A 622 20.36 0.12 -5.46
C ALA A 622 21.75 -0.49 -5.52
N ARG A 623 22.29 -0.64 -6.72
CA ARG A 623 23.61 -1.21 -6.95
C ARG A 623 24.50 -0.10 -7.47
N CYS A 624 25.09 0.67 -6.55
CA CYS A 624 25.84 1.86 -6.91
C CYS A 624 27.17 1.87 -6.15
N THR A 625 28.19 2.43 -6.80
CA THR A 625 29.48 2.63 -6.17
C THR A 625 29.45 3.94 -5.38
N VAL A 626 29.74 3.85 -4.09
CA VAL A 626 29.75 5.01 -3.20
C VAL A 626 31.18 5.49 -3.03
N ILE A 627 31.42 6.74 -3.40
CA ILE A 627 32.73 7.38 -3.22
C ILE A 627 32.52 8.59 -2.33
N ALA A 628 33.13 8.59 -1.15
CA ALA A 628 32.93 9.63 -0.16
C ALA A 628 34.24 10.32 0.18
N ALA A 629 34.15 11.58 0.56
CA ALA A 629 35.29 12.36 1.01
C ALA A 629 34.97 12.99 2.36
N ALA A 630 35.91 12.87 3.29
CA ALA A 630 35.71 13.34 4.66
C ALA A 630 36.96 14.05 5.16
N ASN A 631 36.76 14.90 6.16
CA ASN A 631 37.84 15.57 6.87
C ASN A 631 38.02 14.94 8.25
N PRO A 632 39.25 14.87 8.77
CA PRO A 632 39.46 14.24 10.07
C PRO A 632 39.03 15.15 11.20
N ILE A 633 39.00 14.57 12.41
CA ILE A 633 38.63 15.32 13.59
C ILE A 633 39.62 16.45 13.81
N GLY A 634 39.09 17.66 13.99
CA GLY A 634 39.92 18.83 14.16
C GLY A 634 40.46 19.43 12.88
N GLY A 635 40.08 18.91 11.72
CA GLY A 635 40.49 19.47 10.46
C GLY A 635 41.91 19.16 10.02
N ARG A 636 42.64 18.35 10.78
CA ARG A 636 44.01 18.00 10.44
C ARG A 636 44.25 16.56 10.84
N TYR A 637 44.84 15.77 9.94
CA TYR A 637 45.17 14.40 10.24
C TYR A 637 46.41 14.34 11.12
N ASP A 638 46.30 13.63 12.23
CA ASP A 638 47.38 13.56 13.21
C ASP A 638 48.17 12.27 13.00
N PRO A 639 49.42 12.33 12.51
CA PRO A 639 50.17 11.09 12.28
C PRO A 639 50.47 10.31 13.54
N SER A 640 50.37 10.94 14.71
CA SER A 640 50.66 10.23 15.95
C SER A 640 49.54 9.29 16.35
N LEU A 641 48.38 9.40 15.70
CA LEU A 641 47.23 8.57 16.00
C LEU A 641 46.97 7.59 14.85
N THR A 642 45.95 6.76 15.04
CA THR A 642 45.51 5.83 14.00
C THR A 642 44.32 6.40 13.26
N PHE A 643 43.97 5.75 12.16
CA PHE A 643 42.84 6.23 11.35
C PHE A 643 41.55 6.21 12.16
N SER A 644 41.34 5.16 12.96
CA SER A 644 40.12 5.09 13.78
C SER A 644 40.07 6.23 14.78
N GLU A 645 41.22 6.64 15.32
CA GLU A 645 41.26 7.75 16.26
C GLU A 645 41.06 9.10 15.59
N ASN A 646 41.43 9.21 14.31
CA ASN A 646 41.34 10.49 13.62
C ASN A 646 39.91 10.82 13.19
N VAL A 647 39.09 9.81 12.90
CA VAL A 647 37.75 10.03 12.37
C VAL A 647 36.72 9.67 13.43
N ASP A 648 35.51 10.20 13.24
CA ASP A 648 34.40 9.91 14.12
C ASP A 648 33.51 8.77 13.63
N LEU A 649 33.80 8.22 12.46
CA LEU A 649 33.03 7.09 11.95
C LEU A 649 33.33 5.83 12.76
N THR A 650 32.33 4.96 12.87
CA THR A 650 32.44 3.74 13.64
C THR A 650 32.71 2.55 12.73
N GLU A 651 32.86 1.37 13.35
CA GLU A 651 33.27 0.18 12.61
C GLU A 651 32.28 -0.21 11.52
N PRO A 652 30.97 -0.26 11.76
CA PRO A 652 30.07 -0.76 10.72
C PRO A 652 30.15 0.00 9.41
N ILE A 653 30.26 1.33 9.46
CA ILE A 653 30.35 2.10 8.22
C ILE A 653 31.72 1.98 7.61
N ILE A 654 32.77 1.96 8.43
CA ILE A 654 34.13 1.90 7.91
C ILE A 654 34.38 0.59 7.20
N SER A 655 33.79 -0.50 7.70
CA SER A 655 34.00 -1.81 7.08
C SER A 655 33.37 -1.90 5.70
N ARG A 656 32.36 -1.05 5.42
CA ARG A 656 31.68 -1.09 4.13
C ARG A 656 32.48 -0.45 3.02
N PHE A 657 33.63 0.14 3.30
CA PHE A 657 34.45 0.79 2.29
C PHE A 657 35.60 -0.13 1.90
N ASP A 658 35.60 -0.55 0.64
CA ASP A 658 36.62 -1.48 0.16
C ASP A 658 38.01 -0.86 0.20
N ILE A 659 38.13 0.39 -0.22
CA ILE A 659 39.41 1.09 -0.29
C ILE A 659 39.36 2.31 0.62
N LEU A 660 40.36 2.43 1.48
CA LEU A 660 40.53 3.58 2.36
C LEU A 660 41.80 4.31 1.94
N CYS A 661 41.67 5.60 1.65
CA CYS A 661 42.80 6.43 1.24
C CYS A 661 42.99 7.55 2.24
N VAL A 662 44.22 7.70 2.74
CA VAL A 662 44.58 8.78 3.65
C VAL A 662 45.38 9.80 2.87
N VAL A 663 44.89 11.03 2.81
CA VAL A 663 45.54 12.12 2.11
C VAL A 663 46.26 12.97 3.14
N ARG A 664 47.59 13.04 3.04
CA ARG A 664 48.40 13.76 4.01
C ARG A 664 49.10 14.92 3.30
N ASP A 665 49.04 16.10 3.93
CA ASP A 665 49.71 17.29 3.42
C ASP A 665 50.94 17.54 4.29
N THR A 666 52.10 17.06 3.83
CA THR A 666 53.35 17.23 4.53
C THR A 666 54.19 18.30 3.84
N VAL A 667 54.98 19.01 4.64
CA VAL A 667 55.80 20.11 4.15
C VAL A 667 57.16 19.54 3.75
N ASP A 668 57.46 19.55 2.45
CA ASP A 668 58.74 19.12 1.92
C ASP A 668 59.14 20.10 0.83
N PRO A 669 60.30 20.74 0.91
CA PRO A 669 60.64 21.77 -0.09
C PRO A 669 60.60 21.26 -1.53
N VAL A 670 61.17 20.09 -1.79
CA VAL A 670 61.21 19.59 -3.16
C VAL A 670 59.80 19.31 -3.67
N GLN A 671 58.99 18.62 -2.86
CA GLN A 671 57.62 18.32 -3.26
C GLN A 671 56.81 19.60 -3.41
N ASP A 672 57.01 20.56 -2.52
CA ASP A 672 56.29 21.83 -2.63
C ASP A 672 56.64 22.55 -3.92
N GLU A 673 57.92 22.57 -4.30
CA GLU A 673 58.31 23.18 -5.56
C GLU A 673 57.68 22.47 -6.74
N MET A 674 57.68 21.13 -6.72
CA MET A 674 57.09 20.38 -7.81
C MET A 674 55.60 20.69 -7.94
N LEU A 675 54.88 20.69 -6.81
CA LEU A 675 53.46 20.98 -6.82
C LEU A 675 53.19 22.39 -7.32
N ALA A 676 53.98 23.37 -6.87
CA ALA A 676 53.76 24.75 -7.30
C ALA A 676 53.98 24.88 -8.80
N ARG A 677 55.03 24.26 -9.31
CA ARG A 677 55.38 24.35 -10.76
C ARG A 677 54.32 23.61 -11.58
N PHE A 678 53.70 22.54 -11.07
CA PHE A 678 52.61 21.86 -11.78
C PHE A 678 51.35 22.71 -11.78
N VAL A 679 51.01 23.32 -10.64
CA VAL A 679 49.75 24.05 -10.56
C VAL A 679 49.82 25.32 -11.39
N VAL A 680 50.95 26.04 -11.36
CA VAL A 680 51.04 27.25 -12.16
C VAL A 680 51.06 26.89 -13.65
N GLY A 681 51.71 25.78 -14.02
CA GLY A 681 51.63 25.33 -15.39
C GLY A 681 50.23 24.93 -15.81
N SER A 682 49.46 24.37 -14.88
CA SER A 682 48.07 24.04 -15.17
C SER A 682 47.25 25.30 -15.42
N HIS A 683 47.49 26.35 -14.65
CA HIS A 683 46.79 27.61 -14.89
C HIS A 683 47.25 28.27 -16.19
N VAL A 684 48.50 28.05 -16.60
CA VAL A 684 48.95 28.56 -17.90
C VAL A 684 48.28 27.78 -19.03
N ARG A 685 48.24 26.45 -18.92
CA ARG A 685 47.75 25.64 -20.02
C ARG A 685 46.27 25.85 -20.27
N HIS A 686 45.48 26.00 -19.22
CA HIS A 686 44.03 26.07 -19.33
C HIS A 686 43.52 27.51 -19.42
N HIS A 687 44.36 28.44 -19.84
CA HIS A 687 43.89 29.79 -20.09
C HIS A 687 42.86 29.77 -21.21
N PRO A 688 41.74 30.48 -21.06
CA PRO A 688 40.66 30.35 -22.06
C PRO A 688 41.09 30.72 -23.47
N SER A 689 42.17 31.49 -23.63
CA SER A 689 42.66 31.79 -24.97
C SER A 689 43.08 30.53 -25.70
N ASN A 690 43.78 29.62 -25.00
CA ASN A 690 44.26 28.39 -25.61
C ASN A 690 43.11 27.42 -25.90
N THR A 709 53.89 11.66 -13.32
CA THR A 709 54.61 10.89 -12.31
C THR A 709 54.75 9.44 -12.75
N TYR A 710 53.68 8.89 -13.30
CA TYR A 710 53.75 7.53 -13.85
C TYR A 710 54.77 7.43 -14.98
N GLY A 711 55.03 8.54 -15.66
CA GLY A 711 55.91 8.53 -16.80
C GLY A 711 55.28 8.09 -18.10
N VAL A 712 53.97 7.90 -18.12
CA VAL A 712 53.26 7.43 -19.31
C VAL A 712 52.29 8.53 -19.76
N GLU A 713 51.96 8.51 -21.04
CA GLU A 713 50.99 9.45 -21.57
C GLU A 713 49.58 8.97 -21.26
N PRO A 714 48.73 9.77 -20.61
CA PRO A 714 47.38 9.31 -20.32
C PRO A 714 46.54 9.22 -21.59
N LEU A 715 45.41 8.52 -21.47
CA LEU A 715 44.47 8.44 -22.56
C LEU A 715 43.65 9.72 -22.63
N PRO A 716 43.25 10.15 -23.83
CA PRO A 716 42.28 11.25 -23.92
C PRO A 716 40.98 10.86 -23.25
N GLN A 717 40.30 11.86 -22.67
CA GLN A 717 39.13 11.59 -21.85
C GLN A 717 38.03 10.92 -22.67
N GLU A 718 37.85 11.34 -23.92
CA GLU A 718 36.85 10.70 -24.77
C GLU A 718 37.22 9.24 -25.03
N VAL A 719 38.50 8.96 -25.25
CA VAL A 719 38.95 7.58 -25.45
C VAL A 719 38.73 6.77 -24.18
N LEU A 720 39.02 7.35 -23.02
CA LEU A 720 38.82 6.64 -21.76
C LEU A 720 37.36 6.31 -21.54
N LYS A 721 36.46 7.23 -21.86
CA LYS A 721 35.04 6.98 -21.67
C LYS A 721 34.56 5.80 -22.52
N LYS A 722 35.04 5.73 -23.77
CA LYS A 722 34.72 4.57 -24.61
C LYS A 722 35.30 3.29 -24.04
N TYR A 723 36.55 3.35 -23.57
CA TYR A 723 37.20 2.18 -23.01
C TYR A 723 36.43 1.66 -21.80
N ILE A 724 36.01 2.56 -20.91
CA ILE A 724 35.30 2.14 -19.70
C ILE A 724 33.97 1.48 -20.05
N ILE A 725 33.20 2.07 -20.96
CA ILE A 725 31.89 1.54 -21.29
C ILE A 725 32.00 0.17 -21.93
N TYR A 726 33.02 -0.03 -22.77
CA TYR A 726 33.22 -1.33 -23.38
C TYR A 726 33.57 -2.39 -22.34
N ALA A 727 34.44 -2.05 -21.38
CA ALA A 727 34.88 -3.04 -20.40
C ALA A 727 33.76 -3.39 -19.43
N LYS A 728 32.92 -2.42 -19.07
CA LYS A 728 31.85 -2.71 -18.11
C LYS A 728 30.70 -3.47 -18.75
N GLU A 729 30.59 -3.44 -20.07
CA GLU A 729 29.47 -4.07 -20.77
C GLU A 729 29.84 -5.37 -21.47
N ARG A 730 31.04 -5.46 -22.05
CA ARG A 730 31.41 -6.58 -22.88
C ARG A 730 32.44 -7.51 -22.25
N VAL A 731 32.92 -7.21 -21.04
CA VAL A 731 33.90 -8.04 -20.36
C VAL A 731 33.34 -8.42 -18.99
N HIS A 732 33.35 -9.71 -18.70
CA HIS A 732 32.89 -10.25 -17.41
C HIS A 732 33.97 -11.20 -16.91
N PRO A 733 35.02 -10.68 -16.28
CA PRO A 733 36.13 -11.55 -15.88
C PRO A 733 35.67 -12.63 -14.91
N LYS A 734 36.22 -13.82 -15.09
CA LYS A 734 35.84 -15.00 -14.33
C LYS A 734 36.98 -15.44 -13.42
N LEU A 735 36.66 -15.75 -12.17
CA LEU A 735 37.64 -16.16 -11.18
C LEU A 735 37.65 -17.69 -11.12
N ASN A 736 38.55 -18.29 -11.88
CA ASN A 736 38.59 -19.75 -11.99
C ASN A 736 39.60 -20.35 -11.01
N GLN A 737 40.80 -19.79 -10.93
CA GLN A 737 41.85 -20.32 -10.07
C GLN A 737 42.47 -19.20 -9.25
N MET A 738 42.90 -19.55 -8.04
CA MET A 738 43.52 -18.60 -7.14
C MET A 738 44.37 -19.36 -6.13
N ASP A 739 45.44 -18.72 -5.69
CA ASP A 739 46.31 -19.27 -4.64
C ASP A 739 45.58 -19.10 -3.31
N GLN A 740 44.77 -20.10 -2.96
CA GLN A 740 43.96 -20.00 -1.75
C GLN A 740 44.82 -19.91 -0.51
N ASP A 741 45.91 -20.68 -0.45
CA ASP A 741 46.74 -20.68 0.74
C ASP A 741 47.37 -19.32 0.99
N LYS A 742 47.88 -18.69 -0.07
CA LYS A 742 48.51 -17.37 0.11
C LYS A 742 47.49 -16.35 0.59
N VAL A 743 46.31 -16.33 -0.02
CA VAL A 743 45.29 -15.37 0.38
C VAL A 743 44.80 -15.67 1.79
N ALA A 744 44.60 -16.95 2.12
CA ALA A 744 44.14 -17.31 3.45
C ALA A 744 45.17 -16.95 4.50
N LYS A 745 46.44 -17.26 4.25
CA LYS A 745 47.49 -16.90 5.19
C LYS A 745 47.58 -15.40 5.36
N MET A 746 47.46 -14.66 4.26
CA MET A 746 47.50 -13.19 4.34
C MET A 746 46.35 -12.66 5.19
N TYR A 747 45.16 -13.23 5.02
CA TYR A 747 44.00 -12.74 5.78
C TYR A 747 44.19 -12.95 7.27
N SER A 748 44.73 -14.11 7.67
CA SER A 748 44.97 -14.37 9.08
C SER A 748 45.99 -13.38 9.65
N ASP A 749 47.06 -13.11 8.91
CA ASP A 749 48.06 -12.15 9.39
C ASP A 749 47.45 -10.78 9.56
N LEU A 750 46.62 -10.35 8.60
CA LEU A 750 46.00 -9.03 8.69
C LEU A 750 45.10 -8.93 9.91
N ARG A 751 44.35 -9.99 10.21
CA ARG A 751 43.45 -9.96 11.36
C ARG A 751 44.22 -9.99 12.67
N LYS A 752 45.38 -10.66 12.69
CA LYS A 752 46.23 -10.61 13.88
C LYS A 752 46.71 -9.19 14.15
N GLU A 753 47.25 -8.53 13.13
CA GLU A 753 47.78 -7.19 13.32
C GLU A 753 46.70 -6.18 13.63
N SER A 754 45.53 -6.33 13.03
CA SER A 754 44.44 -5.37 13.27
C SER A 754 43.99 -5.43 14.73
N MET A 755 43.91 -6.63 15.30
CA MET A 755 43.51 -6.75 16.70
C MET A 755 44.57 -6.18 17.63
N ALA A 756 45.85 -6.31 17.26
CA ALA A 756 46.91 -5.81 18.12
C ALA A 756 46.94 -4.28 18.15
N THR A 757 46.80 -3.64 16.98
CA THR A 757 46.94 -2.19 16.90
C THR A 757 45.61 -1.47 17.02
N GLY A 758 44.54 -2.04 16.45
CA GLY A 758 43.26 -1.35 16.46
C GLY A 758 43.16 -0.21 15.48
N SER A 759 44.00 -0.19 14.45
CA SER A 759 43.97 0.90 13.48
C SER A 759 42.67 0.90 12.70
N ILE A 760 42.22 -0.26 12.22
CA ILE A 760 40.93 -0.39 11.56
C ILE A 760 40.39 -1.80 11.80
N PRO A 761 39.08 -2.01 11.74
CA PRO A 761 38.55 -3.37 11.82
C PRO A 761 38.78 -4.14 10.54
N ILE A 762 39.03 -5.45 10.70
CA ILE A 762 39.17 -6.37 9.58
C ILE A 762 38.08 -7.42 9.71
N THR A 763 37.33 -7.66 8.67
CA THR A 763 36.20 -8.57 8.63
C THR A 763 36.32 -9.46 7.40
N VAL A 764 35.37 -10.32 7.17
CA VAL A 764 35.32 -11.24 6.01
C VAL A 764 35.16 -10.36 4.78
N ARG A 765 34.58 -9.17 4.92
CA ARG A 765 34.28 -8.21 3.85
C ARG A 765 35.62 -7.87 3.23
N HIS A 766 36.70 -7.76 3.95
CA HIS A 766 38.08 -7.58 3.43
C HIS A 766 38.53 -8.70 2.49
N ILE A 767 38.13 -9.97 2.63
CA ILE A 767 38.42 -11.02 1.66
C ILE A 767 37.67 -10.75 0.36
N GLU A 768 36.39 -10.43 0.47
CA GLU A 768 35.58 -10.22 -0.72
C GLU A 768 35.99 -8.96 -1.48
N SER A 769 36.53 -7.97 -0.77
CA SER A 769 37.03 -6.78 -1.45
C SER A 769 38.23 -7.10 -2.32
N MET A 770 39.11 -7.98 -1.84
CA MET A 770 40.27 -8.38 -2.64
C MET A 770 39.83 -9.05 -3.93
N ILE A 771 38.81 -9.89 -3.87
CA ILE A 771 38.33 -10.57 -5.07
C ILE A 771 37.72 -9.56 -6.05
N ARG A 772 37.00 -8.56 -5.53
CA ARG A 772 36.49 -7.51 -6.40
C ARG A 772 37.62 -6.72 -7.06
N MET A 773 38.67 -6.42 -6.30
CA MET A 773 39.77 -5.64 -6.86
C MET A 773 40.53 -6.43 -7.91
N ALA A 774 40.69 -7.73 -7.72
CA ALA A 774 41.32 -8.56 -8.74
C ALA A 774 40.47 -8.61 -10.00
N GLU A 775 39.15 -8.75 -9.84
CA GLU A 775 38.26 -8.71 -10.99
C GLU A 775 38.31 -7.38 -11.70
N ALA A 776 38.32 -6.28 -10.94
CA ALA A 776 38.39 -4.95 -11.55
C ALA A 776 39.69 -4.76 -12.31
N HIS A 777 40.79 -5.24 -11.75
CA HIS A 777 42.08 -5.14 -12.44
C HIS A 777 42.07 -5.92 -13.74
N ALA A 778 41.49 -7.12 -13.73
CA ALA A 778 41.39 -7.90 -14.95
C ALA A 778 40.50 -7.22 -15.97
N ARG A 779 39.43 -6.57 -15.52
CA ARG A 779 38.54 -5.85 -16.42
C ARG A 779 39.27 -4.69 -17.09
N ILE A 780 40.20 -4.05 -16.38
CA ILE A 780 40.96 -2.95 -16.96
C ILE A 780 41.80 -3.43 -18.14
N HIS A 781 42.23 -4.69 -18.10
CA HIS A 781 43.01 -5.28 -19.18
C HIS A 781 42.15 -6.01 -20.21
N LEU A 782 40.83 -5.95 -20.08
CA LEU A 782 39.93 -6.63 -21.00
C LEU A 782 40.19 -8.14 -21.01
N ARG A 783 40.47 -8.70 -19.84
CA ARG A 783 40.71 -10.12 -19.69
C ARG A 783 39.43 -10.80 -19.21
N ASP A 784 39.12 -11.95 -19.82
CA ASP A 784 37.88 -12.70 -19.50
C ASP A 784 38.14 -13.66 -18.34
N TYR A 785 39.38 -13.78 -17.86
CA TYR A 785 39.70 -14.63 -16.72
C TYR A 785 40.74 -13.93 -15.84
N VAL A 786 40.46 -13.86 -14.54
CA VAL A 786 41.39 -13.27 -13.59
C VAL A 786 42.63 -14.15 -13.49
N ILE A 787 43.81 -13.52 -13.46
CA ILE A 787 45.07 -14.24 -13.45
C ILE A 787 45.86 -13.88 -12.21
N GLU A 788 47.06 -14.43 -12.07
CA GLU A 788 47.85 -14.25 -10.86
C GLU A 788 48.20 -12.78 -10.64
N ASP A 789 48.57 -12.07 -11.70
CA ASP A 789 48.97 -10.67 -11.54
C ASP A 789 47.83 -9.78 -11.11
N ASP A 790 46.58 -10.15 -11.40
CA ASP A 790 45.46 -9.39 -10.85
C ASP A 790 45.34 -9.59 -9.35
N VAL A 791 45.54 -10.83 -8.88
CA VAL A 791 45.45 -11.11 -7.46
C VAL A 791 46.58 -10.43 -6.70
N ASN A 792 47.79 -10.44 -7.27
CA ASN A 792 48.91 -9.77 -6.62
C ASN A 792 48.67 -8.28 -6.50
N MET A 793 48.14 -7.65 -7.55
CA MET A 793 47.86 -6.23 -7.50
C MET A 793 46.81 -5.91 -6.44
N ALA A 794 45.76 -6.74 -6.36
CA ALA A 794 44.73 -6.52 -5.36
C ALA A 794 45.29 -6.66 -3.95
N ILE A 795 46.20 -7.61 -3.75
CA ILE A 795 46.83 -7.77 -2.43
C ILE A 795 47.65 -6.54 -2.08
N ARG A 796 48.45 -6.06 -3.03
CA ARG A 796 49.28 -4.89 -2.78
C ARG A 796 48.43 -3.67 -2.44
N VAL A 797 47.31 -3.49 -3.15
CA VAL A 797 46.44 -2.35 -2.89
C VAL A 797 45.86 -2.42 -1.48
N MET A 798 45.46 -3.62 -1.04
CA MET A 798 44.86 -3.76 0.28
C MET A 798 45.90 -3.59 1.38
N LEU A 799 47.10 -4.13 1.20
CA LEU A 799 48.11 -4.05 2.24
C LEU A 799 48.66 -2.64 2.37
N GLU A 800 48.86 -1.95 1.25
CA GLU A 800 49.33 -0.57 1.31
C GLU A 800 48.32 0.31 2.03
N SER A 801 47.03 0.08 1.78
CA SER A 801 45.99 0.83 2.48
C SER A 801 46.04 0.57 3.98
N PHE A 802 46.20 -0.69 4.37
CA PHE A 802 46.19 -1.04 5.79
C PHE A 802 47.37 -0.41 6.53
N ILE A 803 48.56 -0.43 5.91
CA ILE A 803 49.74 0.15 6.55
C ILE A 803 49.56 1.65 6.77
N ASP A 804 48.88 2.33 5.86
CA ASP A 804 48.69 3.77 5.99
C ASP A 804 47.81 4.15 7.18
N THR A 805 47.01 3.21 7.71
CA THR A 805 46.14 3.51 8.84
C THR A 805 46.86 3.40 10.18
N GLN A 806 48.14 3.04 10.20
CA GLN A 806 48.88 2.87 11.43
C GLN A 806 49.48 4.19 11.90
N LYS A 807 49.86 4.23 13.17
CA LYS A 807 50.61 5.38 13.66
C LYS A 807 52.00 5.42 13.02
N PHE A 808 52.60 6.61 13.05
CA PHE A 808 53.87 6.79 12.34
C PHE A 808 54.95 5.86 12.87
N SER A 809 55.00 5.66 14.18
CA SER A 809 56.02 4.79 14.76
C SER A 809 55.87 3.35 14.29
N VAL A 810 54.62 2.86 14.20
CA VAL A 810 54.39 1.47 13.86
C VAL A 810 54.54 1.19 12.38
N MET A 811 54.57 2.22 11.54
CA MET A 811 54.54 1.99 10.09
C MET A 811 55.74 1.18 9.61
N ARG A 812 56.92 1.44 10.18
CA ARG A 812 58.10 0.70 9.75
C ARG A 812 57.96 -0.79 10.05
N SER A 813 57.46 -1.13 11.23
CA SER A 813 57.28 -2.53 11.58
C SER A 813 56.27 -3.22 10.68
N MET A 814 55.18 -2.51 10.34
CA MET A 814 54.13 -3.12 9.54
C MET A 814 54.62 -3.45 8.13
N ARG A 815 55.40 -2.57 7.52
CA ARG A 815 55.97 -2.90 6.21
C ARG A 815 56.85 -4.13 6.29
N LYS A 816 57.63 -4.23 7.37
CA LYS A 816 58.54 -5.39 7.57
C LYS A 816 57.69 -6.65 7.73
N THR A 817 56.56 -6.59 8.43
CA THR A 817 55.72 -7.76 8.66
C THR A 817 55.17 -8.31 7.36
N PHE A 818 54.75 -7.44 6.44
CA PHE A 818 54.11 -7.83 5.19
C PHE A 818 55.02 -7.63 3.99
N ALA A 819 56.33 -7.54 4.21
CA ALA A 819 57.25 -7.24 3.12
C ALA A 819 57.16 -8.29 2.02
N ARG A 820 56.97 -9.57 2.39
CA ARG A 820 56.98 -10.63 1.39
C ARG A 820 55.87 -10.44 0.37
N TYR A 821 54.69 -9.97 0.81
CA TYR A 821 53.62 -9.69 -0.13
C TYR A 821 53.92 -8.44 -0.94
N LEU A 822 54.38 -7.38 -0.28
CA LEU A 822 54.57 -6.11 -0.96
C LEU A 822 55.71 -6.15 -1.99
N SER A 823 56.52 -7.20 -1.97
CA SER A 823 57.62 -7.33 -2.92
C SER A 823 57.11 -7.28 -4.36
N ASP B 54 -47.19 -18.45 -12.35
CA ASP B 54 -48.63 -18.26 -12.37
C ASP B 54 -49.32 -19.34 -11.54
N VAL B 55 -49.50 -20.52 -12.14
CA VAL B 55 -50.09 -21.64 -11.40
C VAL B 55 -49.19 -22.02 -10.23
N GLU B 56 -47.87 -21.96 -10.44
CA GLU B 56 -46.94 -22.23 -9.35
C GLU B 56 -47.10 -21.23 -8.22
N LEU B 57 -47.33 -19.95 -8.55
CA LEU B 57 -47.53 -18.94 -7.51
C LEU B 57 -48.81 -19.22 -6.73
N ARG B 58 -49.88 -19.59 -7.42
CA ARG B 58 -51.12 -19.92 -6.73
C ARG B 58 -50.93 -21.14 -5.82
N GLU B 59 -50.22 -22.15 -6.30
CA GLU B 59 -49.98 -23.34 -5.48
C GLU B 59 -49.13 -23.01 -4.26
N ALA B 60 -48.12 -22.16 -4.44
CA ALA B 60 -47.30 -21.75 -3.31
C ALA B 60 -48.12 -20.98 -2.28
N GLN B 61 -48.99 -20.07 -2.75
CA GLN B 61 -49.84 -19.33 -1.83
C GLN B 61 -50.78 -20.26 -1.08
N ARG B 62 -51.34 -21.24 -1.78
CA ARG B 62 -52.19 -22.22 -1.12
C ARG B 62 -51.42 -22.99 -0.06
N ASP B 63 -50.21 -23.42 -0.38
CA ASP B 63 -49.41 -24.18 0.58
C ASP B 63 -49.09 -23.34 1.81
N TYR B 64 -48.74 -22.08 1.62
CA TYR B 64 -48.40 -21.24 2.75
C TYR B 64 -49.62 -20.97 3.62
N LEU B 65 -50.79 -20.74 2.99
CA LEU B 65 -52.01 -20.56 3.77
C LEU B 65 -52.33 -21.82 4.56
N ASP B 66 -52.14 -22.99 3.95
CA ASP B 66 -52.32 -24.25 4.67
C ASP B 66 -51.38 -24.34 5.86
N PHE B 67 -50.13 -23.92 5.67
CA PHE B 67 -49.14 -23.97 6.75
C PHE B 67 -49.56 -23.08 7.91
N LEU B 68 -50.01 -21.84 7.76
CA LEU B 68 -50.30 -20.90 8.86
C LEU B 68 -51.62 -21.26 9.56
N ASP B 69 -52.59 -21.90 8.94
CA ASP B 69 -53.86 -22.36 9.54
C ASP B 69 -53.68 -23.73 10.19
N ASP B 70 -53.01 -23.81 11.32
CA ASP B 70 -52.62 -25.04 12.03
C ASP B 70 -53.39 -25.35 13.32
N GLU B 71 -54.54 -24.81 13.57
CA GLU B 71 -55.24 -25.20 14.81
C GLU B 71 -55.45 -26.71 14.75
N GLU B 72 -55.79 -27.31 13.61
CA GLU B 72 -56.07 -28.76 13.55
C GLU B 72 -54.78 -29.59 13.64
N GLN B 74 -51.76 -28.52 16.09
CA GLN B 74 -50.83 -28.02 17.13
C GLN B 74 -50.94 -26.51 17.39
N GLY B 75 -51.53 -25.71 16.51
CA GLY B 75 -51.80 -24.28 16.67
C GLY B 75 -50.69 -23.30 16.97
N ILE B 76 -49.50 -23.35 16.36
CA ILE B 76 -48.37 -22.48 16.77
C ILE B 76 -48.42 -21.19 16.02
N TYR B 77 -48.79 -21.22 14.78
CA TYR B 77 -48.77 -20.07 13.87
C TYR B 77 -50.08 -19.40 13.97
N GLN B 78 -51.17 -20.09 14.29
CA GLN B 78 -52.48 -19.44 14.52
C GLN B 78 -52.31 -18.56 15.77
N SER B 79 -51.66 -19.06 16.82
CA SER B 79 -51.39 -18.31 18.04
C SER B 79 -50.37 -17.19 17.79
N LYS B 80 -49.35 -17.46 16.99
CA LYS B 80 -48.38 -16.41 16.68
C LYS B 80 -49.02 -15.24 15.97
N VAL B 81 -49.94 -15.50 15.03
CA VAL B 81 -50.61 -14.42 14.32
C VAL B 81 -51.54 -13.67 15.26
N ARG B 82 -52.21 -14.38 16.16
CA ARG B 82 -53.03 -13.69 17.16
C ARG B 82 -52.18 -12.75 18.00
N GLU B 83 -51.01 -13.22 18.45
CA GLU B 83 -50.10 -12.35 19.20
C GLU B 83 -49.66 -11.16 18.36
N LEU B 84 -49.33 -11.40 17.10
CA LEU B 84 -48.97 -10.31 16.19
C LEU B 84 -50.06 -9.24 16.19
N ILE B 85 -51.32 -9.66 16.11
CA ILE B 85 -52.41 -8.70 16.17
C ILE B 85 -52.43 -7.98 17.51
N SER B 86 -52.28 -8.72 18.61
CA SER B 86 -52.42 -8.12 19.93
C SER B 86 -51.33 -7.10 20.20
N ASP B 87 -50.10 -7.38 19.80
CA ASP B 87 -48.95 -6.52 20.11
C ASP B 87 -48.72 -5.45 19.05
N ASN B 88 -49.64 -5.27 18.11
CA ASN B 88 -49.56 -4.21 17.10
C ASN B 88 -48.28 -4.36 16.28
N GLN B 89 -48.15 -5.52 15.63
CA GLN B 89 -47.02 -5.82 14.78
C GLN B 89 -47.54 -6.18 13.39
N TYR B 90 -46.65 -6.05 12.39
CA TYR B 90 -46.99 -6.45 11.04
C TYR B 90 -45.90 -7.30 10.40
N ARG B 91 -45.02 -7.89 11.21
CA ARG B 91 -44.04 -8.87 10.74
C ARG B 91 -44.15 -10.12 11.58
N LEU B 92 -44.31 -11.26 10.92
CA LEU B 92 -44.36 -12.56 11.58
C LEU B 92 -43.05 -13.29 11.30
N ILE B 93 -42.39 -13.75 12.35
CA ILE B 93 -41.16 -14.53 12.22
C ILE B 93 -41.53 -16.00 12.14
N VAL B 94 -41.14 -16.63 11.04
CA VAL B 94 -41.46 -18.04 10.77
C VAL B 94 -40.18 -18.85 10.89
N ASN B 95 -40.28 -19.99 11.55
CA ASN B 95 -39.14 -20.90 11.69
C ASN B 95 -39.15 -21.88 10.54
N VAL B 96 -38.09 -21.88 9.72
CA VAL B 96 -38.08 -22.73 8.54
C VAL B 96 -38.04 -24.20 8.90
N ASN B 97 -37.69 -24.56 10.14
CA ASN B 97 -37.71 -25.97 10.52
C ASN B 97 -39.12 -26.52 10.52
N ASP B 98 -40.09 -25.75 11.02
CA ASP B 98 -41.48 -26.19 11.00
C ASP B 98 -41.98 -26.34 9.56
N LEU B 99 -41.65 -25.37 8.71
CA LEU B 99 -42.06 -25.46 7.30
C LEU B 99 -41.43 -26.67 6.64
N ARG B 100 -40.15 -26.93 6.92
CA ARG B 100 -39.48 -28.09 6.35
C ARG B 100 -40.13 -29.38 6.83
N ARG B 101 -40.50 -29.43 8.11
CA ARG B 101 -41.17 -30.62 8.64
C ARG B 101 -42.50 -30.85 7.94
N LYS B 102 -43.30 -29.80 7.76
CA LYS B 102 -44.64 -29.99 7.23
C LYS B 102 -44.66 -30.06 5.70
N ASN B 103 -43.75 -29.37 5.02
CA ASN B 103 -43.72 -29.39 3.55
C ASN B 103 -42.29 -29.12 3.11
N GLU B 104 -41.56 -30.19 2.76
CA GLU B 104 -40.14 -30.05 2.46
C GLU B 104 -39.91 -29.35 1.13
N LYS B 105 -40.69 -29.70 0.10
CA LYS B 105 -40.50 -29.10 -1.21
C LYS B 105 -40.74 -27.59 -1.16
N ARG B 106 -41.80 -27.15 -0.49
CA ARG B 106 -42.12 -25.71 -0.33
C ARG B 106 -40.99 -25.01 0.41
N ALA B 107 -40.35 -25.65 1.39
CA ALA B 107 -39.22 -25.03 2.10
C ALA B 107 -38.01 -24.90 1.19
N ASN B 108 -37.70 -25.94 0.41
CA ASN B 108 -36.57 -25.86 -0.49
C ASN B 108 -36.77 -24.76 -1.52
N ARG B 109 -37.97 -24.66 -2.08
CA ARG B 109 -38.25 -23.59 -3.04
C ARG B 109 -38.11 -22.23 -2.38
N LEU B 110 -38.61 -22.08 -1.15
CA LEU B 110 -38.50 -20.81 -0.46
C LEU B 110 -37.05 -20.42 -0.27
N LEU B 111 -36.20 -21.38 0.10
CA LEU B 111 -34.80 -21.04 0.35
C LEU B 111 -34.03 -20.82 -0.96
N ASN B 112 -34.50 -21.38 -2.08
CA ASN B 112 -33.75 -21.29 -3.32
C ASN B 112 -34.37 -20.36 -4.35
N ASN B 113 -35.66 -20.03 -4.23
CA ASN B 113 -36.30 -19.01 -5.06
C ASN B 113 -36.99 -18.06 -4.10
N ALA B 114 -36.24 -17.07 -3.61
CA ALA B 114 -36.63 -16.37 -2.40
C ALA B 114 -37.70 -15.30 -2.66
N PHE B 115 -37.56 -14.53 -3.73
CA PHE B 115 -38.41 -13.37 -3.91
C PHE B 115 -39.84 -13.78 -4.25
N GLU B 116 -40.02 -14.67 -5.21
CA GLU B 116 -41.36 -15.12 -5.57
C GLU B 116 -42.03 -15.82 -4.40
N GLU B 117 -41.30 -16.71 -3.74
CA GLU B 117 -41.87 -17.46 -2.63
C GLU B 117 -42.22 -16.54 -1.47
N LEU B 118 -41.40 -15.53 -1.19
CA LEU B 118 -41.72 -14.60 -0.13
C LEU B 118 -42.93 -13.75 -0.49
N VAL B 119 -43.07 -13.38 -1.76
CA VAL B 119 -44.26 -12.64 -2.18
C VAL B 119 -45.51 -13.48 -1.92
N ALA B 120 -45.47 -14.76 -2.32
CA ALA B 120 -46.61 -15.63 -2.09
C ALA B 120 -46.87 -15.81 -0.59
N PHE B 121 -45.81 -15.98 0.20
CA PHE B 121 -45.96 -16.15 1.63
C PHE B 121 -46.62 -14.93 2.26
N GLN B 122 -46.22 -13.73 1.85
CA GLN B 122 -46.77 -12.52 2.44
C GLN B 122 -48.22 -12.30 2.00
N ARG B 123 -48.55 -12.67 0.76
CA ARG B 123 -49.94 -12.61 0.34
C ARG B 123 -50.80 -13.53 1.19
N ALA B 124 -50.31 -14.76 1.41
CA ALA B 124 -51.06 -15.71 2.24
C ALA B 124 -51.19 -15.20 3.67
N LEU B 125 -50.13 -14.59 4.21
CA LEU B 125 -50.20 -14.05 5.56
C LEU B 125 -51.25 -12.94 5.64
N LYS B 126 -51.29 -12.06 4.64
CA LYS B 126 -52.29 -11.00 4.64
C LYS B 126 -53.70 -11.60 4.61
N ASP B 127 -53.91 -12.61 3.78
CA ASP B 127 -55.23 -13.25 3.73
C ASP B 127 -55.59 -13.86 5.08
N PHE B 128 -54.63 -14.54 5.73
CA PHE B 128 -54.91 -15.17 7.01
C PHE B 128 -55.24 -14.14 8.08
N VAL B 129 -54.46 -13.05 8.14
CA VAL B 129 -54.73 -12.00 9.10
C VAL B 129 -56.10 -11.39 8.86
N ALA B 130 -56.44 -11.13 7.59
CA ALA B 130 -57.77 -10.64 7.28
C ALA B 130 -58.84 -11.61 7.77
N SER B 131 -58.58 -12.91 7.64
CA SER B 131 -59.54 -13.90 8.12
C SER B 131 -59.73 -13.79 9.63
N ILE B 132 -58.65 -13.60 10.38
CA ILE B 132 -58.79 -13.46 11.83
C ILE B 132 -59.46 -12.13 12.18
N ASP B 133 -59.02 -11.04 11.55
CA ASP B 133 -59.56 -9.72 11.85
C ASP B 133 -59.36 -8.83 10.63
N ALA B 134 -60.46 -8.39 10.01
CA ALA B 134 -60.36 -7.66 8.75
C ALA B 134 -59.93 -6.22 8.96
N THR B 135 -60.40 -5.57 10.02
CA THR B 135 -60.04 -4.18 10.25
C THR B 135 -58.54 -4.02 10.43
N TYR B 136 -57.92 -4.91 11.22
CA TYR B 136 -56.48 -4.86 11.40
C TYR B 136 -55.77 -5.01 10.06
N ALA B 137 -56.25 -5.93 9.22
CA ALA B 137 -55.64 -6.09 7.89
C ALA B 137 -55.73 -4.80 7.09
N LYS B 138 -56.88 -4.13 7.15
CA LYS B 138 -57.01 -2.84 6.46
C LYS B 138 -56.03 -1.82 7.04
N GLN B 139 -55.68 -1.96 8.32
CA GLN B 139 -54.83 -0.96 8.95
C GLN B 139 -53.47 -0.85 8.28
N TYR B 140 -52.87 -1.97 7.91
CA TYR B 140 -51.49 -2.01 7.42
C TYR B 140 -51.44 -2.28 5.93
N GLU B 141 -50.53 -1.60 5.24
CA GLU B 141 -50.37 -1.78 3.80
C GLU B 141 -49.96 -3.21 3.46
N GLU B 142 -49.00 -3.76 4.21
CA GLU B 142 -48.43 -5.05 3.89
C GLU B 142 -47.99 -5.72 5.18
N PHE B 143 -47.99 -7.05 5.17
CA PHE B 143 -47.46 -7.85 6.26
C PHE B 143 -46.22 -8.60 5.77
N TYR B 144 -45.19 -8.59 6.60
CA TYR B 144 -43.89 -9.14 6.23
C TYR B 144 -43.63 -10.44 6.96
N VAL B 145 -42.75 -11.26 6.39
CA VAL B 145 -42.38 -12.55 6.95
C VAL B 145 -40.88 -12.54 7.19
N GLY B 146 -40.49 -12.89 8.42
CA GLY B 146 -39.08 -13.10 8.74
C GLY B 146 -38.81 -14.58 8.95
N LEU B 147 -37.55 -14.99 8.78
CA LEU B 147 -37.18 -16.39 8.84
C LEU B 147 -36.15 -16.62 9.93
N GLU B 148 -36.17 -17.82 10.49
CA GLU B 148 -35.19 -18.24 11.48
C GLU B 148 -35.08 -19.76 11.44
N GLY B 149 -34.02 -20.28 12.06
CA GLY B 149 -33.80 -21.71 12.14
C GLY B 149 -32.47 -22.10 11.52
N SER B 150 -32.46 -23.26 10.88
CA SER B 150 -31.27 -23.81 10.23
C SER B 150 -31.46 -23.76 8.73
N PHE B 151 -30.52 -23.15 8.03
CA PHE B 151 -30.57 -22.99 6.59
C PHE B 151 -29.53 -23.84 5.88
N GLY B 152 -28.88 -24.75 6.57
CA GLY B 152 -27.91 -25.63 5.91
C GLY B 152 -26.72 -24.85 5.41
N SER B 153 -26.45 -24.98 4.11
CA SER B 153 -25.29 -24.32 3.51
C SER B 153 -25.51 -22.82 3.31
N LYS B 154 -26.71 -22.30 3.60
CA LYS B 154 -26.96 -20.87 3.46
C LYS B 154 -26.38 -20.05 4.61
N HIS B 155 -25.86 -20.70 5.64
CA HIS B 155 -25.13 -19.99 6.69
C HIS B 155 -23.76 -19.61 6.15
N VAL B 156 -23.52 -18.30 6.01
CA VAL B 156 -22.33 -17.79 5.35
C VAL B 156 -21.76 -16.64 6.15
N SER B 157 -20.58 -16.18 5.74
CA SER B 157 -19.99 -14.94 6.24
C SER B 157 -19.86 -14.01 5.05
N PRO B 158 -19.47 -12.74 5.25
CA PRO B 158 -19.26 -11.86 4.10
C PRO B 158 -18.18 -12.37 3.14
N ARG B 159 -17.26 -13.22 3.53
CA ARG B 159 -16.26 -13.83 2.63
C ARG B 159 -16.88 -14.95 1.84
N THR B 160 -17.79 -15.74 2.38
CA THR B 160 -18.33 -16.87 1.66
C THR B 160 -19.62 -16.55 0.91
N LEU B 161 -20.17 -15.38 1.01
CA LEU B 161 -21.33 -14.93 0.30
C LEU B 161 -20.96 -14.58 -1.12
N THR B 162 -21.10 -15.47 -2.07
CA THR B 162 -20.71 -15.37 -3.43
C THR B 162 -21.92 -15.31 -4.35
N SER B 163 -21.71 -15.19 -5.64
CA SER B 163 -22.71 -15.07 -6.64
C SER B 163 -23.60 -16.28 -6.76
N CYS B 164 -23.16 -17.42 -6.25
CA CYS B 164 -23.97 -18.63 -6.30
C CYS B 164 -25.17 -18.56 -5.36
N PHE B 165 -25.23 -17.58 -4.48
CA PHE B 165 -26.34 -17.41 -3.55
C PHE B 165 -27.32 -16.34 -3.98
N LEU B 166 -27.27 -15.86 -5.19
CA LEU B 166 -28.17 -14.90 -5.74
C LEU B 166 -29.56 -15.46 -5.85
N SER B 167 -30.56 -14.69 -5.42
CA SER B 167 -31.96 -15.11 -5.41
C SER B 167 -32.23 -16.20 -4.38
N CYS B 168 -31.39 -16.30 -3.37
CA CYS B 168 -31.55 -17.28 -2.30
C CYS B 168 -31.69 -16.57 -0.95
N VAL B 169 -32.22 -17.31 0.02
CA VAL B 169 -32.28 -16.84 1.40
C VAL B 169 -30.98 -17.24 2.07
N VAL B 170 -30.33 -16.28 2.72
CA VAL B 170 -29.06 -16.53 3.40
C VAL B 170 -29.09 -15.94 4.80
N CYS B 171 -28.27 -16.52 5.67
CA CYS B 171 -28.04 -16.03 7.03
C CYS B 171 -26.57 -15.67 7.16
N VAL B 172 -26.30 -14.39 7.40
CA VAL B 172 -24.95 -13.86 7.48
C VAL B 172 -24.67 -13.45 8.92
N GLU B 173 -23.43 -13.64 9.35
CA GLU B 173 -23.00 -13.30 10.70
C GLU B 173 -21.80 -12.36 10.60
N GLY B 174 -21.82 -11.28 11.36
CA GLY B 174 -20.73 -10.34 11.25
C GLY B 174 -20.82 -9.20 12.24
N ILE B 175 -19.99 -8.19 12.00
CA ILE B 175 -19.94 -6.99 12.82
C ILE B 175 -20.43 -5.81 12.01
N VAL B 176 -21.22 -4.94 12.64
CA VAL B 176 -21.74 -3.74 11.99
C VAL B 176 -20.68 -2.66 12.05
N THR B 177 -20.24 -2.20 10.89
CA THR B 177 -19.18 -1.18 10.83
C THR B 177 -19.73 0.21 10.50
N LYS B 178 -20.65 0.34 9.59
CA LYS B 178 -21.26 1.55 9.14
C LYS B 178 -22.77 1.48 9.19
N CYS B 179 -23.43 2.50 9.68
CA CYS B 179 -24.82 2.76 9.65
C CYS B 179 -25.11 4.07 8.96
N SER B 180 -26.30 4.28 8.50
CA SER B 180 -26.79 5.47 7.87
C SER B 180 -27.96 6.06 8.61
N LEU B 181 -28.39 7.24 8.24
CA LEU B 181 -29.55 7.88 8.72
C LEU B 181 -30.81 7.26 8.16
N VAL B 182 -31.88 7.23 8.95
CA VAL B 182 -33.16 6.70 8.49
C VAL B 182 -33.82 7.73 7.59
N ARG B 183 -34.31 7.28 6.43
CA ARG B 183 -34.99 8.17 5.52
C ARG B 183 -36.31 7.55 5.09
N PRO B 184 -37.34 8.37 4.86
CA PRO B 184 -38.61 7.83 4.37
C PRO B 184 -38.55 7.51 2.89
N LYS B 185 -39.31 6.48 2.51
CA LYS B 185 -39.40 6.01 1.14
C LYS B 185 -40.88 5.90 0.78
N VAL B 186 -41.27 6.51 -0.34
CA VAL B 186 -42.67 6.59 -0.71
C VAL B 186 -43.13 5.23 -1.23
N VAL B 187 -44.26 4.75 -0.72
CA VAL B 187 -44.85 3.49 -1.14
C VAL B 187 -46.07 3.73 -2.02
N ARG B 188 -47.03 4.48 -1.52
CA ARG B 188 -48.24 4.84 -2.26
C ARG B 188 -48.49 6.32 -2.09
N SER B 189 -48.79 7.00 -3.20
CA SER B 189 -49.05 8.43 -3.20
C SER B 189 -50.53 8.69 -3.49
N VAL B 190 -51.11 9.64 -2.78
CA VAL B 190 -52.49 10.03 -2.94
C VAL B 190 -52.54 11.49 -3.39
N HIS B 191 -53.36 11.78 -4.39
CA HIS B 191 -53.48 13.13 -4.93
C HIS B 191 -54.95 13.48 -5.09
N TYR B 192 -55.26 14.76 -4.90
CA TYR B 192 -56.62 15.28 -4.94
C TYR B 192 -56.72 16.35 -6.01
N CYS B 193 -57.87 16.42 -6.68
CA CYS B 193 -58.09 17.44 -7.70
C CYS B 193 -59.17 18.41 -7.20
N PRO B 194 -58.81 19.62 -6.78
CA PRO B 194 -59.83 20.53 -6.24
C PRO B 194 -60.93 20.88 -7.22
N ALA B 195 -60.60 21.02 -8.50
CA ALA B 195 -61.62 21.37 -9.49
C ALA B 195 -62.61 20.23 -9.71
N THR B 196 -62.09 19.02 -9.91
CA THR B 196 -62.92 17.87 -10.23
C THR B 196 -63.31 17.05 -9.01
N LYS B 197 -62.69 17.29 -7.85
CA LYS B 197 -63.12 16.71 -6.58
C LYS B 197 -62.96 15.19 -6.56
N LYS B 198 -61.93 14.68 -7.23
CA LYS B 198 -61.64 13.26 -7.25
C LYS B 198 -60.18 13.02 -6.87
N THR B 199 -59.92 11.83 -6.35
CA THR B 199 -58.60 11.46 -5.86
C THR B 199 -58.04 10.30 -6.68
N ILE B 200 -56.74 10.36 -6.94
CA ILE B 200 -56.03 9.31 -7.69
C ILE B 200 -54.84 8.84 -6.87
N GLU B 201 -54.56 7.53 -6.94
CA GLU B 201 -53.48 6.92 -6.19
C GLU B 201 -52.44 6.37 -7.15
N ARG B 202 -51.19 6.33 -6.69
CA ARG B 202 -50.07 5.83 -7.47
C ARG B 202 -49.24 4.90 -6.60
N ARG B 203 -48.69 3.85 -7.21
CA ARG B 203 -47.82 2.90 -6.53
C ARG B 203 -46.41 3.04 -7.08
N TYR B 204 -45.42 2.87 -6.23
CA TYR B 204 -44.02 2.96 -6.62
C TYR B 204 -43.29 1.69 -6.21
N SER B 205 -42.28 1.34 -7.00
CA SER B 205 -41.39 0.24 -6.69
C SER B 205 -40.04 0.54 -7.31
N ASP B 206 -39.00 -0.09 -6.78
CA ASP B 206 -37.64 0.09 -7.28
C ASP B 206 -36.96 -1.27 -7.31
N LEU B 207 -35.69 -1.32 -7.61
CA LEU B 207 -34.90 -2.50 -7.67
C LEU B 207 -34.78 -3.19 -6.34
N THR B 208 -35.01 -2.51 -5.24
CA THR B 208 -34.91 -2.99 -3.90
C THR B 208 -36.18 -3.63 -3.38
N THR B 209 -37.30 -3.42 -4.05
CA THR B 209 -38.54 -4.05 -3.63
C THR B 209 -38.53 -5.52 -4.05
N LEU B 210 -39.43 -6.30 -3.43
CA LEU B 210 -39.45 -7.74 -3.70
C LEU B 210 -39.75 -8.02 -5.16
N VAL B 211 -40.67 -7.28 -5.76
CA VAL B 211 -40.93 -7.34 -7.19
C VAL B 211 -40.25 -6.12 -7.81
N ALA B 212 -39.06 -6.32 -8.33
CA ALA B 212 -38.24 -5.20 -8.80
C ALA B 212 -38.81 -4.61 -10.08
N PHE B 213 -38.97 -3.30 -10.09
CA PHE B 213 -39.40 -2.56 -11.28
C PHE B 213 -39.00 -1.11 -11.12
N PRO B 214 -38.36 -0.48 -12.13
CA PRO B 214 -37.89 0.91 -11.95
C PRO B 214 -38.95 1.96 -12.25
N SER B 215 -39.88 2.13 -11.32
CA SER B 215 -40.93 3.12 -11.49
C SER B 215 -40.37 4.53 -11.41
N SER B 216 -41.08 5.49 -11.93
CA SER B 216 -40.71 6.86 -11.99
C SER B 216 -40.94 7.57 -10.68
N SER B 217 -40.04 8.41 -10.24
CA SER B 217 -40.07 9.11 -9.00
C SER B 217 -40.83 10.41 -9.04
N VAL B 218 -41.19 10.92 -10.18
CA VAL B 218 -41.89 12.15 -10.35
C VAL B 218 -43.34 11.99 -9.97
N TYR B 219 -43.86 12.79 -9.08
CA TYR B 219 -45.21 12.81 -8.67
C TYR B 219 -46.11 13.39 -9.75
N PRO B 220 -47.33 12.90 -9.92
CA PRO B 220 -48.27 13.56 -10.81
C PRO B 220 -48.57 14.98 -10.38
N THR B 221 -48.74 15.91 -11.29
CA THR B 221 -48.99 17.34 -11.05
C THR B 221 -50.30 17.83 -11.64
N LYS B 222 -50.86 17.15 -12.61
CA LYS B 222 -52.13 17.47 -13.28
C LYS B 222 -52.90 16.25 -13.73
N ASP B 223 -54.21 16.37 -13.91
CA ASP B 223 -55.10 15.28 -14.36
C ASP B 223 -54.96 15.14 -15.87
N GLU B 224 -55.58 14.12 -16.48
CA GLU B 224 -55.56 14.00 -17.96
C GLU B 224 -56.21 15.30 -18.42
N GLU B 225 -57.26 15.77 -17.75
CA GLU B 225 -57.84 17.10 -18.01
C GLU B 225 -56.80 18.06 -17.44
N ASN B 226 -56.70 19.30 -17.90
CA ASN B 226 -55.59 20.21 -17.50
C ASN B 226 -55.67 20.56 -16.01
N ASN B 227 -56.78 20.31 -15.31
CA ASN B 227 -56.98 20.78 -13.91
C ASN B 227 -55.83 20.30 -13.02
N PRO B 228 -55.26 21.15 -12.13
CA PRO B 228 -54.08 20.80 -11.31
C PRO B 228 -54.30 19.82 -10.16
N LEU B 229 -53.23 19.25 -9.57
CA LEU B 229 -53.34 18.24 -8.54
C LEU B 229 -52.53 18.66 -7.32
N GLU B 230 -52.98 18.23 -6.13
CA GLU B 230 -52.29 18.53 -4.89
C GLU B 230 -52.15 17.25 -4.06
N THR B 231 -50.98 17.08 -3.44
CA THR B 231 -50.66 15.85 -2.74
C THR B 231 -51.29 15.81 -1.35
N GLU B 232 -51.83 14.65 -1.00
CA GLU B 232 -52.36 14.40 0.34
C GLU B 232 -51.29 13.62 1.10
N TYR B 233 -50.38 14.35 1.74
CA TYR B 233 -49.26 13.71 2.42
C TYR B 233 -49.71 12.85 3.59
N GLY B 234 -50.74 13.28 4.32
CA GLY B 234 -51.23 12.49 5.43
C GLY B 234 -52.01 11.26 5.03
N LEU B 235 -52.38 11.14 3.76
CA LEU B 235 -53.04 9.95 3.24
C LEU B 235 -52.09 9.02 2.52
N SER B 236 -50.93 9.51 2.10
CA SER B 236 -49.94 8.67 1.44
C SER B 236 -49.28 7.73 2.44
N VAL B 237 -48.43 6.84 1.93
CA VAL B 237 -47.76 5.83 2.74
C VAL B 237 -46.26 5.97 2.51
N TYR B 238 -45.51 5.97 3.61
CA TYR B 238 -44.06 5.98 3.56
C TYR B 238 -43.53 4.92 4.52
N LYS B 239 -42.38 4.36 4.18
CA LYS B 239 -41.73 3.38 5.04
C LYS B 239 -40.30 3.81 5.33
N ASP B 240 -39.82 3.48 6.52
CA ASP B 240 -38.45 3.83 6.88
C ASP B 240 -37.45 2.98 6.12
N HIS B 241 -36.32 3.58 5.78
CA HIS B 241 -35.29 2.90 5.00
C HIS B 241 -33.92 3.28 5.56
N GLN B 242 -33.04 2.28 5.64
CA GLN B 242 -31.71 2.46 6.19
C GLN B 242 -30.77 1.47 5.52
N THR B 243 -29.51 1.76 5.49
CA THR B 243 -28.45 0.98 4.95
C THR B 243 -27.34 0.76 5.96
N ILE B 244 -26.84 -0.46 6.08
CA ILE B 244 -25.72 -0.75 6.97
C ILE B 244 -24.70 -1.61 6.23
N THR B 245 -23.51 -1.71 6.81
CA THR B 245 -22.47 -2.58 6.32
C THR B 245 -22.11 -3.58 7.41
N ILE B 246 -21.98 -4.85 7.02
CA ILE B 246 -21.63 -5.93 7.93
C ILE B 246 -20.29 -6.49 7.49
N GLN B 247 -19.35 -6.59 8.41
CA GLN B 247 -17.98 -6.96 8.11
C GLN B 247 -17.63 -8.29 8.77
N GLU B 248 -16.76 -9.05 8.11
CA GLU B 248 -16.32 -10.37 8.62
C GLU B 248 -15.66 -10.18 9.99
N MET B 249 -15.85 -11.13 10.90
CA MET B 249 -15.22 -11.12 12.21
C MET B 249 -13.72 -11.28 12.05
N PRO B 250 -12.90 -10.38 12.60
CA PRO B 250 -11.46 -10.44 12.31
C PRO B 250 -10.80 -11.75 12.71
N GLU B 251 -11.26 -12.40 13.77
CA GLU B 251 -10.66 -13.66 14.18
C GLU B 251 -10.88 -14.77 13.15
N LYS B 252 -11.89 -14.63 12.29
CA LYS B 252 -12.19 -15.65 11.30
C LYS B 252 -11.48 -15.44 9.97
N ALA B 253 -10.82 -14.30 9.77
CA ALA B 253 -10.23 -14.00 8.48
C ALA B 253 -9.02 -14.90 8.21
N PRO B 254 -8.74 -15.22 6.95
CA PRO B 254 -7.53 -15.99 6.63
C PRO B 254 -6.28 -15.15 6.88
N ALA B 255 -5.14 -15.85 6.90
CA ALA B 255 -3.87 -15.20 7.23
C ALA B 255 -3.57 -14.06 6.27
N GLY B 256 -3.25 -12.90 6.82
CA GLY B 256 -2.81 -11.75 6.04
C GLY B 256 -3.89 -11.02 5.29
N GLN B 257 -5.16 -11.32 5.55
CA GLN B 257 -6.27 -10.77 4.78
C GLN B 257 -7.10 -9.83 5.64
N LEU B 258 -7.38 -8.63 5.11
CA LEU B 258 -8.28 -7.72 5.78
C LEU B 258 -9.73 -8.18 5.58
N PRO B 259 -10.59 -8.04 6.59
CA PRO B 259 -11.93 -8.63 6.51
C PRO B 259 -12.76 -8.03 5.39
N ARG B 260 -13.62 -8.82 4.80
CA ARG B 260 -14.54 -8.50 3.77
C ARG B 260 -15.85 -7.98 4.35
N SER B 261 -16.66 -7.33 3.52
CA SER B 261 -17.88 -6.69 3.97
C SER B 261 -18.99 -6.87 2.95
N VAL B 262 -20.23 -6.70 3.43
CA VAL B 262 -21.41 -6.76 2.58
C VAL B 262 -22.37 -5.65 3.00
N ASP B 263 -23.16 -5.15 2.08
CA ASP B 263 -24.12 -4.11 2.22
C ASP B 263 -25.50 -4.66 2.46
N VAL B 264 -26.21 -4.14 3.46
CA VAL B 264 -27.51 -4.64 3.87
C VAL B 264 -28.51 -3.50 3.90
N ILE B 265 -29.72 -3.73 3.48
CA ILE B 265 -30.83 -2.84 3.43
C ILE B 265 -31.84 -3.20 4.48
N LEU B 266 -32.14 -2.33 5.43
CA LEU B 266 -33.17 -2.56 6.47
C LEU B 266 -34.35 -1.66 6.11
N ASP B 267 -35.57 -2.16 6.19
CA ASP B 267 -36.78 -1.38 5.85
C ASP B 267 -37.83 -1.62 6.92
N ASP B 268 -38.77 -0.69 7.08
CA ASP B 268 -39.90 -0.83 8.04
C ASP B 268 -39.40 -0.96 9.48
N ASP B 269 -39.89 -1.94 10.26
CA ASP B 269 -39.56 -2.14 11.68
C ASP B 269 -38.07 -2.43 11.86
N LEU B 270 -37.44 -3.18 10.96
CA LEU B 270 -36.01 -3.55 11.05
C LEU B 270 -35.07 -2.35 11.16
N VAL B 271 -35.50 -1.10 10.95
CA VAL B 271 -34.61 0.06 11.02
C VAL B 271 -34.16 0.27 12.46
N ASP B 272 -32.88 0.65 12.62
CA ASP B 272 -32.27 0.95 13.90
C ASP B 272 -32.21 -0.27 14.83
N LYS B 273 -32.32 -1.47 14.28
CA LYS B 273 -32.15 -2.67 15.09
C LYS B 273 -30.68 -2.93 15.39
N ALA B 274 -29.78 -2.36 14.61
CA ALA B 274 -28.35 -2.57 14.78
C ALA B 274 -27.63 -1.23 14.69
N LYS B 275 -26.60 -1.07 15.51
CA LYS B 275 -25.76 0.10 15.54
C LYS B 275 -24.31 -0.31 15.36
N PRO B 276 -23.45 0.58 14.89
CA PRO B 276 -22.05 0.19 14.65
C PRO B 276 -21.40 -0.35 15.91
N GLY B 277 -20.60 -1.39 15.72
CA GLY B 277 -19.97 -2.10 16.83
C GLY B 277 -20.69 -3.34 17.28
N ASP B 278 -21.94 -3.54 16.89
CA ASP B 278 -22.69 -4.72 17.27
C ASP B 278 -22.23 -5.94 16.48
N ARG B 279 -22.45 -7.12 17.05
CA ARG B 279 -22.25 -8.40 16.37
C ARG B 279 -23.63 -8.97 16.10
N VAL B 280 -23.95 -9.15 14.82
CA VAL B 280 -25.32 -9.41 14.40
C VAL B 280 -25.38 -10.64 13.50
N GLN B 281 -26.57 -11.21 13.43
CA GLN B 281 -26.95 -12.26 12.50
C GLN B 281 -28.14 -11.75 11.70
N VAL B 282 -27.97 -11.63 10.39
CA VAL B 282 -28.98 -11.06 9.50
C VAL B 282 -29.44 -12.15 8.55
N VAL B 283 -30.74 -12.39 8.52
CA VAL B 283 -31.37 -13.32 7.57
C VAL B 283 -32.06 -12.47 6.51
N GLY B 284 -31.74 -12.73 5.24
CA GLY B 284 -32.30 -11.96 4.16
C GLY B 284 -32.15 -12.64 2.83
N THR B 285 -32.37 -11.86 1.77
CA THR B 285 -32.28 -12.34 0.40
C THR B 285 -31.19 -11.59 -0.35
N TYR B 286 -30.47 -12.25 -1.20
CA TYR B 286 -29.33 -11.80 -1.92
C TYR B 286 -29.70 -11.43 -3.35
N ARG B 287 -29.47 -10.22 -3.78
CA ARG B 287 -29.85 -9.67 -5.05
C ARG B 287 -28.77 -8.80 -5.64
N CYS B 288 -28.66 -8.73 -6.93
CA CYS B 288 -27.86 -7.84 -7.70
C CYS B 288 -28.68 -6.67 -8.19
N LEU B 289 -28.16 -5.47 -8.18
CA LEU B 289 -28.76 -4.25 -8.62
C LEU B 289 -28.18 -3.80 -9.93
N PRO B 290 -28.67 -4.26 -11.08
CA PRO B 290 -28.13 -3.83 -12.35
C PRO B 290 -28.52 -2.42 -12.71
N GLY B 291 -27.62 -1.65 -13.26
CA GLY B 291 -27.83 -0.33 -13.69
C GLY B 291 -27.30 -0.02 -15.06
N LYS B 292 -27.80 1.01 -15.68
CA LYS B 292 -27.45 1.51 -16.96
C LYS B 292 -27.20 3.00 -16.95
N LYS B 293 -26.42 3.52 -17.90
CA LYS B 293 -26.21 4.96 -18.10
C LYS B 293 -25.96 5.25 -19.57
N GLY B 294 -26.76 6.15 -20.14
CA GLY B 294 -26.71 6.46 -21.58
C GLY B 294 -26.97 5.24 -22.47
N GLY B 295 -27.83 4.31 -22.06
CA GLY B 295 -28.09 3.11 -22.76
C GLY B 295 -27.00 2.11 -22.79
N TYR B 296 -26.10 2.14 -21.85
CA TYR B 296 -24.97 1.30 -21.69
C TYR B 296 -24.91 0.70 -20.31
N THR B 297 -24.60 -0.56 -20.18
CA THR B 297 -24.38 -1.29 -18.98
C THR B 297 -23.01 -1.91 -18.95
N SER B 298 -22.28 -1.77 -17.84
CA SER B 298 -20.93 -2.34 -17.71
C SER B 298 -20.95 -3.85 -17.53
N GLY B 299 -22.07 -4.46 -17.13
CA GLY B 299 -22.20 -5.81 -16.85
C GLY B 299 -21.73 -6.28 -15.52
N THR B 300 -21.11 -5.38 -14.75
CA THR B 300 -20.64 -5.58 -13.38
C THR B 300 -21.66 -4.93 -12.46
N PHE B 301 -22.26 -5.68 -11.54
CA PHE B 301 -23.39 -5.21 -10.74
C PHE B 301 -23.05 -5.21 -9.26
N ARG B 302 -23.45 -4.17 -8.53
CA ARG B 302 -23.43 -4.21 -7.07
C ARG B 302 -24.48 -5.19 -6.56
N THR B 303 -24.23 -5.84 -5.45
CA THR B 303 -25.03 -6.78 -4.74
C THR B 303 -25.37 -6.30 -3.36
N VAL B 304 -26.57 -6.52 -2.88
CA VAL B 304 -27.07 -6.17 -1.59
C VAL B 304 -27.81 -7.32 -0.95
N LEU B 305 -27.87 -7.36 0.35
CA LEU B 305 -28.65 -8.23 1.16
C LEU B 305 -29.89 -7.50 1.64
N ILE B 306 -31.07 -8.00 1.31
CA ILE B 306 -32.32 -7.39 1.72
C ILE B 306 -32.82 -8.16 2.93
N ALA B 307 -32.70 -7.54 4.11
CA ALA B 307 -32.95 -8.23 5.36
C ALA B 307 -34.43 -8.55 5.52
N CYS B 308 -34.71 -9.71 6.10
CA CYS B 308 -36.03 -10.03 6.63
C CYS B 308 -36.01 -10.27 8.12
N ASN B 309 -34.82 -10.43 8.72
CA ASN B 309 -34.74 -10.59 10.17
C ASN B 309 -33.34 -10.17 10.63
N VAL B 310 -33.28 -9.50 11.77
CA VAL B 310 -32.02 -9.09 12.39
C VAL B 310 -32.02 -9.59 13.83
N LYS B 311 -30.95 -10.29 14.20
CA LYS B 311 -30.81 -10.85 15.56
C LYS B 311 -29.50 -10.32 16.14
N GLN B 312 -29.45 -10.13 17.45
CA GLN B 312 -28.22 -9.76 18.15
C GLN B 312 -27.52 -11.02 18.67
N MET B 313 -26.20 -10.92 18.81
CA MET B 313 -25.40 -12.04 19.31
C MET B 313 -24.62 -11.64 20.55
N GLN B 318 -27.70 -9.23 26.44
CA GLN B 318 -28.79 -9.29 27.41
C GLN B 318 -29.14 -10.76 27.72
N PRO B 319 -28.67 -11.28 28.85
CA PRO B 319 -28.98 -12.67 29.20
C PRO B 319 -30.47 -12.87 29.41
N SER B 320 -30.92 -14.09 29.13
CA SER B 320 -32.28 -14.53 29.41
C SER B 320 -32.28 -15.41 30.65
N PHE B 321 -33.13 -15.09 31.61
CA PHE B 321 -33.13 -15.74 32.91
C PHE B 321 -34.36 -16.63 33.06
N SER B 322 -34.12 -17.89 33.42
CA SER B 322 -35.19 -18.80 33.78
C SER B 322 -35.39 -18.79 35.30
N ALA B 323 -36.53 -19.32 35.73
CA ALA B 323 -36.81 -19.35 37.16
C ALA B 323 -35.77 -20.16 37.92
N GLU B 324 -35.31 -21.27 37.32
CA GLU B 324 -34.29 -22.08 37.98
C GLU B 324 -33.00 -21.31 38.17
N ASP B 325 -32.58 -20.54 37.16
CA ASP B 325 -31.37 -19.75 37.29
C ASP B 325 -31.53 -18.67 38.34
N ILE B 326 -32.70 -18.04 38.41
CA ILE B 326 -32.94 -17.02 39.43
C ILE B 326 -32.86 -17.64 40.82
N ALA B 327 -33.45 -18.82 40.99
CA ALA B 327 -33.35 -19.51 42.27
C ALA B 327 -31.91 -19.85 42.61
N LYS B 328 -31.14 -20.30 41.62
CA LYS B 328 -29.74 -20.61 41.86
C LYS B 328 -28.98 -19.37 42.31
N ILE B 329 -29.24 -18.22 41.66
CA ILE B 329 -28.55 -17.00 42.02
C ILE B 329 -28.92 -16.57 43.44
N LYS B 330 -30.20 -16.63 43.78
CA LYS B 330 -30.64 -16.27 45.12
C LYS B 330 -29.99 -17.17 46.16
N LYS B 331 -29.97 -18.48 45.91
CA LYS B 331 -29.35 -19.41 46.84
C LYS B 331 -27.86 -19.13 46.98
N PHE B 332 -27.18 -18.86 45.88
CA PHE B 332 -25.75 -18.56 45.93
C PHE B 332 -25.50 -17.33 46.78
N SER B 333 -26.31 -16.29 46.61
CA SER B 333 -26.17 -15.10 47.43
C SER B 333 -26.41 -15.40 48.89
N LYS B 334 -27.39 -16.28 49.18
CA LYS B 334 -27.73 -16.57 50.57
C LYS B 334 -26.70 -17.47 51.25
N THR B 335 -25.96 -18.26 50.48
CA THR B 335 -25.17 -19.33 51.08
C THR B 335 -24.14 -18.79 52.07
N ARG B 336 -23.32 -17.83 51.63
CA ARG B 336 -22.25 -17.27 52.45
C ARG B 336 -22.42 -15.77 52.56
N SER B 337 -21.93 -15.20 53.67
CA SER B 337 -21.96 -13.76 53.84
C SER B 337 -20.69 -13.11 53.32
N LYS B 338 -19.53 -13.62 53.74
CA LYS B 338 -18.26 -12.99 53.44
C LYS B 338 -17.51 -13.65 52.29
N ASP B 339 -17.83 -14.90 51.96
CA ASP B 339 -17.04 -15.64 51.00
C ASP B 339 -17.44 -15.38 49.54
N ILE B 340 -18.60 -14.78 49.30
CA ILE B 340 -19.04 -14.62 47.91
C ILE B 340 -18.05 -13.78 47.12
N PHE B 341 -17.67 -12.62 47.66
CA PHE B 341 -16.78 -11.72 46.96
C PHE B 341 -15.43 -12.39 46.70
N ASP B 342 -14.88 -13.04 47.73
CA ASP B 342 -13.57 -13.66 47.59
C ASP B 342 -13.60 -14.77 46.56
N GLN B 343 -14.64 -15.59 46.58
CA GLN B 343 -14.77 -16.69 45.61
C GLN B 343 -14.89 -16.14 44.19
N LEU B 344 -15.77 -15.16 43.99
CA LEU B 344 -15.93 -14.56 42.67
C LEU B 344 -14.61 -14.01 42.15
N ALA B 345 -13.90 -13.26 43.00
CA ALA B 345 -12.62 -12.68 42.57
C ALA B 345 -11.60 -13.76 42.24
N LYS B 346 -11.54 -14.81 43.07
CA LYS B 346 -10.63 -15.91 42.78
C LYS B 346 -10.94 -16.56 41.44
N SER B 347 -12.21 -16.57 41.04
CA SER B 347 -12.62 -17.26 39.82
C SER B 347 -12.46 -16.42 38.56
N LEU B 348 -12.01 -15.17 38.66
CA LEU B 348 -12.11 -14.28 37.51
C LEU B 348 -11.30 -14.75 36.31
N ALA B 349 -9.97 -14.74 36.40
CA ALA B 349 -9.15 -15.15 35.26
C ALA B 349 -8.36 -16.39 35.62
N PRO B 350 -8.95 -17.58 35.49
CA PRO B 350 -8.33 -18.78 36.07
C PRO B 350 -6.92 -19.05 35.59
N SER B 351 -6.60 -18.74 34.33
CA SER B 351 -5.32 -19.10 33.77
C SER B 351 -4.17 -18.25 34.30
N ILE B 352 -4.43 -17.21 35.08
CA ILE B 352 -3.38 -16.34 35.68
C ILE B 352 -3.17 -16.75 37.14
N HIS B 353 -1.93 -17.00 37.55
CA HIS B 353 -1.58 -17.37 38.95
C HIS B 353 -1.87 -16.12 39.75
N GLY B 354 -2.20 -16.22 41.02
CA GLY B 354 -2.84 -15.12 41.74
C GLY B 354 -2.18 -13.79 41.87
N HIS B 355 -2.95 -12.75 41.61
CA HIS B 355 -2.61 -11.33 41.85
C HIS B 355 -3.93 -11.04 42.55
N ASP B 356 -4.14 -11.54 43.76
CA ASP B 356 -5.48 -11.55 44.43
C ASP B 356 -6.14 -10.19 44.62
N TYR B 357 -5.45 -9.16 45.10
CA TYR B 357 -5.99 -7.82 45.31
C TYR B 357 -6.38 -7.19 43.98
N VAL B 358 -5.57 -7.39 42.94
CA VAL B 358 -5.90 -6.85 41.63
C VAL B 358 -7.18 -7.48 41.11
N LYS B 359 -7.37 -8.78 41.33
CA LYS B 359 -8.59 -9.44 40.88
C LYS B 359 -9.81 -8.93 41.64
N LYS B 360 -9.67 -8.68 42.95
CA LYS B 360 -10.76 -8.07 43.69
C LYS B 360 -11.11 -6.69 43.14
N ALA B 361 -10.08 -5.90 42.82
CA ALA B 361 -10.32 -4.57 42.27
C ALA B 361 -11.01 -4.66 40.91
N ILE B 362 -10.62 -5.63 40.08
CA ILE B 362 -11.25 -5.78 38.77
C ILE B 362 -12.71 -6.22 38.93
N LEU B 363 -12.99 -7.06 39.93
CA LEU B 363 -14.37 -7.42 40.20
C LEU B 363 -15.17 -6.19 40.61
N CYS B 364 -14.60 -5.34 41.47
CA CYS B 364 -15.27 -4.10 41.84
C CYS B 364 -15.53 -3.24 40.61
N LEU B 365 -14.56 -3.16 39.71
CA LEU B 365 -14.72 -2.38 38.48
C LEU B 365 -15.88 -2.93 37.65
N LEU B 366 -15.96 -4.25 37.51
CA LEU B 366 -17.04 -4.83 36.73
C LEU B 366 -18.39 -4.56 37.39
N LEU B 367 -18.46 -4.63 38.71
CA LEU B 367 -19.73 -4.37 39.39
C LEU B 367 -20.06 -2.88 39.41
N GLY B 368 -19.07 -2.04 39.69
CA GLY B 368 -19.28 -0.60 39.67
C GLY B 368 -19.97 -0.08 40.91
N GLY B 369 -20.06 1.24 40.99
CA GLY B 369 -20.79 1.92 42.04
C GLY B 369 -22.14 2.42 41.56
N VAL B 370 -22.68 3.35 42.33
CA VAL B 370 -23.95 4.01 42.02
C VAL B 370 -23.66 5.47 41.75
N GLU B 371 -24.00 5.94 40.55
CA GLU B 371 -23.82 7.34 40.21
C GLU B 371 -24.92 8.17 40.84
N ARG B 372 -24.53 9.34 41.36
CA ARG B 372 -25.46 10.24 42.04
C ARG B 372 -25.85 11.37 41.10
N ASP B 373 -27.16 11.60 40.97
CA ASP B 373 -27.69 12.80 40.36
C ASP B 373 -28.39 13.62 41.43
N LEU B 374 -28.01 14.89 41.55
CA LEU B 374 -28.52 15.76 42.57
C LEU B 374 -29.64 16.63 41.99
N GLU B 375 -30.58 17.00 42.85
CA GLU B 375 -31.70 17.84 42.41
C GLU B 375 -31.21 19.10 41.72
N ASN B 376 -30.11 19.68 42.18
CA ASN B 376 -29.56 20.86 41.53
C ASN B 376 -29.10 20.56 40.12
N GLY B 377 -28.72 19.32 39.84
CA GLY B 377 -28.18 18.94 38.55
C GLY B 377 -26.71 18.62 38.57
N SER B 378 -26.07 18.58 39.74
CA SER B 378 -24.69 18.16 39.84
C SER B 378 -24.61 16.64 39.72
N HIS B 379 -23.39 16.16 39.45
CA HIS B 379 -23.19 14.76 39.13
C HIS B 379 -22.00 14.20 39.90
N ILE B 380 -22.12 12.97 40.37
CA ILE B 380 -21.02 12.20 40.95
C ILE B 380 -21.02 10.85 40.26
N ARG B 381 -19.86 10.47 39.72
CA ARG B 381 -19.77 9.23 38.92
C ARG B 381 -19.79 8.00 39.81
N GLY B 382 -20.19 6.86 39.26
CA GLY B 382 -20.14 5.57 39.92
C GLY B 382 -19.17 4.61 39.28
N ASP B 383 -18.54 5.03 38.18
CA ASP B 383 -17.59 4.18 37.48
C ASP B 383 -16.25 4.16 38.19
N ILE B 384 -15.64 2.98 38.25
CA ILE B 384 -14.37 2.78 38.94
C ILE B 384 -13.28 2.58 37.88
N ASN B 385 -12.22 3.39 37.96
CA ASN B 385 -11.10 3.32 37.05
C ASN B 385 -9.90 2.71 37.75
N ILE B 386 -9.14 1.88 37.04
CA ILE B 386 -8.01 1.16 37.61
C ILE B 386 -6.80 1.30 36.70
N LEU B 387 -5.64 1.53 37.32
CA LEU B 387 -4.37 1.56 36.60
C LEU B 387 -3.43 0.51 37.18
N LEU B 388 -2.74 -0.21 36.29
CA LEU B 388 -1.76 -1.23 36.69
C LEU B 388 -0.42 -0.87 36.05
N ILE B 389 0.57 -0.51 36.88
CA ILE B 389 1.92 -0.25 36.41
C ILE B 389 2.80 -1.39 36.89
N GLY B 390 3.60 -1.95 35.98
CA GLY B 390 4.33 -3.13 36.39
C GLY B 390 5.60 -3.38 35.61
N ASP B 391 6.34 -4.38 36.10
CA ASP B 391 7.50 -4.91 35.40
C ASP B 391 7.04 -5.74 34.21
N PRO B 392 7.96 -6.00 33.27
CA PRO B 392 7.58 -6.85 32.13
C PRO B 392 7.14 -8.23 32.59
N SER B 393 6.12 -8.76 31.90
CA SER B 393 5.66 -10.13 32.05
C SER B 393 5.16 -10.41 33.49
N VAL B 394 4.12 -9.69 33.87
CA VAL B 394 3.40 -9.95 35.11
C VAL B 394 1.90 -10.06 34.88
N ALA B 395 1.49 -10.28 33.62
CA ALA B 395 0.12 -10.62 33.25
C ALA B 395 -0.83 -9.43 33.27
N LYS B 396 -0.31 -8.21 33.10
CA LYS B 396 -1.21 -7.06 32.99
C LYS B 396 -2.05 -7.13 31.72
N SER B 397 -1.41 -7.32 30.57
CA SER B 397 -2.13 -7.41 29.32
C SER B 397 -3.10 -8.59 29.32
N GLN B 398 -2.75 -9.68 30.00
CA GLN B 398 -3.65 -10.83 30.05
C GLN B 398 -4.91 -10.51 30.85
N LEU B 399 -4.78 -9.78 31.95
CA LEU B 399 -5.97 -9.37 32.70
C LEU B 399 -6.83 -8.42 31.87
N LEU B 400 -6.20 -7.49 31.14
CA LEU B 400 -6.97 -6.63 30.26
C LEU B 400 -7.70 -7.43 29.19
N ARG B 401 -7.02 -8.42 28.60
CA ARG B 401 -7.64 -9.25 27.58
C ARG B 401 -8.78 -10.08 28.14
N TYR B 402 -8.63 -10.55 29.38
CA TYR B 402 -9.72 -11.30 30.00
C TYR B 402 -10.95 -10.41 30.16
N VAL B 403 -10.76 -9.17 30.63
CA VAL B 403 -11.89 -8.27 30.76
C VAL B 403 -12.50 -7.98 29.40
N LEU B 404 -11.67 -7.85 28.36
CA LEU B 404 -12.18 -7.65 27.01
C LEU B 404 -13.05 -8.83 26.57
N CYS B 405 -12.63 -10.04 26.90
CA CYS B 405 -13.37 -11.23 26.49
C CYS B 405 -14.65 -11.43 27.29
N THR B 406 -14.71 -10.94 28.52
CA THR B 406 -15.81 -11.29 29.42
C THR B 406 -16.84 -10.18 29.61
N ALA B 407 -16.44 -8.91 29.62
CA ALA B 407 -17.37 -7.85 29.96
C ALA B 407 -18.38 -7.66 28.82
N PRO B 408 -19.63 -7.29 29.13
CA PRO B 408 -20.63 -7.16 28.07
C PRO B 408 -20.28 -6.14 27.00
N ARG B 409 -19.75 -4.99 27.40
CA ARG B 409 -19.31 -3.93 26.46
C ARG B 409 -17.87 -3.58 26.82
N ALA B 410 -16.89 -4.00 26.02
CA ALA B 410 -15.50 -3.66 26.26
C ALA B 410 -14.83 -3.28 24.95
N ILE B 411 -14.13 -2.16 24.95
CA ILE B 411 -13.45 -1.63 23.77
C ILE B 411 -11.95 -1.71 24.02
N PRO B 412 -11.18 -2.40 23.18
CA PRO B 412 -9.73 -2.41 23.34
C PRO B 412 -9.08 -1.19 22.71
N THR B 413 -7.95 -0.78 23.28
CA THR B 413 -7.20 0.35 22.76
C THR B 413 -5.74 0.20 23.17
N THR B 414 -4.86 0.67 22.30
CA THR B 414 -3.43 0.70 22.57
C THR B 414 -2.96 2.15 22.54
N GLY B 415 -2.06 2.50 23.44
CA GLY B 415 -1.62 3.89 23.53
C GLY B 415 -1.04 4.39 22.23
N ARG B 416 -0.15 3.60 21.62
CA ARG B 416 0.52 4.02 20.40
C ARG B 416 -0.37 3.92 19.16
N GLY B 417 -1.44 3.14 19.22
CA GLY B 417 -2.32 2.95 18.08
C GLY B 417 -3.63 3.72 18.15
N SER B 418 -3.73 4.73 19.01
CA SER B 418 -4.97 5.48 19.20
C SER B 418 -4.67 6.96 19.20
N SER B 419 -5.70 7.74 18.90
CA SER B 419 -5.63 9.20 18.89
C SER B 419 -6.83 9.76 19.64
N GLY B 420 -6.74 11.05 19.99
CA GLY B 420 -7.85 11.69 20.67
C GLY B 420 -9.12 11.65 19.86
N VAL B 421 -9.06 11.89 18.57
CA VAL B 421 -10.16 11.81 17.68
C VAL B 421 -10.76 10.42 17.66
N GLY B 422 -9.89 9.42 17.50
CA GLY B 422 -10.36 8.05 17.50
C GLY B 422 -10.91 7.61 18.83
N LEU B 423 -10.47 8.24 19.92
CA LEU B 423 -10.99 7.91 21.24
C LEU B 423 -12.36 8.53 21.46
N THR B 424 -12.58 9.76 20.97
CA THR B 424 -13.80 10.49 21.29
C THR B 424 -14.83 10.44 20.17
N ALA B 425 -14.54 10.95 19.00
CA ALA B 425 -15.44 11.09 17.90
C ALA B 425 -14.80 11.72 16.68
N ALA B 426 -15.26 11.46 15.50
CA ALA B 426 -14.77 11.96 14.25
C ALA B 426 -15.84 12.56 13.37
N VAL B 427 -15.54 13.62 12.63
CA VAL B 427 -16.45 14.18 11.61
C VAL B 427 -16.15 13.53 10.27
N THR B 428 -17.17 13.27 9.45
CA THR B 428 -16.96 13.16 7.99
C THR B 428 -18.25 13.43 7.21
N THR B 429 -18.14 13.66 5.89
CA THR B 429 -19.26 13.73 4.96
C THR B 429 -20.14 12.48 5.03
N ASP B 430 -21.44 12.71 5.14
CA ASP B 430 -22.51 11.78 5.01
C ASP B 430 -22.45 11.10 3.67
N GLN B 431 -22.69 9.82 3.60
CA GLN B 431 -22.70 9.05 2.39
C GLN B 431 -23.64 9.67 1.37
N GLU B 432 -24.73 10.23 1.81
CA GLU B 432 -25.74 10.92 1.06
C GLU B 432 -25.80 12.38 1.45
N THR B 433 -25.77 13.29 0.51
CA THR B 433 -25.84 14.72 0.64
C THR B 433 -24.53 15.33 1.12
N GLY B 434 -23.54 14.57 1.47
CA GLY B 434 -22.32 15.09 1.98
C GLY B 434 -22.44 15.97 3.17
N GLU B 435 -23.23 15.59 4.12
CA GLU B 435 -23.52 16.29 5.33
C GLU B 435 -22.49 16.02 6.40
N ARG B 436 -21.97 17.06 7.06
CA ARG B 436 -21.02 16.90 8.17
C ARG B 436 -21.74 16.16 9.30
N ARG B 437 -21.36 14.91 9.55
CA ARG B 437 -21.88 13.99 10.51
C ARG B 437 -20.82 13.52 11.48
N LEU B 438 -21.20 12.97 12.59
CA LEU B 438 -20.36 12.49 13.65
C LEU B 438 -20.38 10.99 13.74
N GLU B 439 -19.25 10.36 13.95
CA GLU B 439 -19.04 8.97 14.18
C GLU B 439 -18.39 8.74 15.52
N ALA B 440 -18.91 7.87 16.33
CA ALA B 440 -18.49 7.61 17.67
C ALA B 440 -17.08 7.07 17.73
N GLY B 441 -16.31 7.50 18.72
CA GLY B 441 -15.00 6.94 18.99
C GLY B 441 -15.06 5.80 19.98
N ALA B 442 -13.88 5.41 20.46
CA ALA B 442 -13.80 4.25 21.35
C ALA B 442 -14.55 4.49 22.65
N MET B 443 -14.37 5.65 23.27
CA MET B 443 -14.95 5.88 24.59
C MET B 443 -16.46 6.10 24.51
N VAL B 444 -16.96 6.65 23.40
CA VAL B 444 -18.41 6.78 23.23
C VAL B 444 -19.02 5.43 22.91
N LEU B 445 -18.32 4.61 22.11
CA LEU B 445 -18.78 3.25 21.87
C LEU B 445 -18.79 2.44 23.16
N ALA B 446 -17.99 2.85 24.15
CA ALA B 446 -17.90 2.16 25.43
C ALA B 446 -18.86 2.73 26.47
N ASP B 447 -19.79 3.58 26.06
CA ASP B 447 -20.70 4.19 27.00
C ASP B 447 -21.42 3.12 27.80
N ARG B 448 -21.40 3.26 29.13
CA ARG B 448 -21.91 2.23 30.04
C ARG B 448 -21.18 0.91 29.82
N GLY B 449 -19.89 0.99 29.55
CA GLY B 449 -19.07 -0.19 29.34
C GLY B 449 -17.68 -0.02 29.90
N VAL B 450 -16.68 -0.61 29.25
CA VAL B 450 -15.30 -0.57 29.71
C VAL B 450 -14.40 -0.26 28.52
N VAL B 451 -13.37 0.56 28.75
CA VAL B 451 -12.32 0.78 27.78
C VAL B 451 -11.03 0.25 28.40
N CYS B 452 -10.38 -0.67 27.70
CA CYS B 452 -9.13 -1.27 28.16
C CYS B 452 -7.98 -0.67 27.35
N ILE B 453 -7.16 0.14 28.02
CA ILE B 453 -6.06 0.85 27.37
C ILE B 453 -4.75 0.20 27.78
N ASP B 454 -4.10 -0.46 26.82
CA ASP B 454 -2.80 -1.06 27.04
C ASP B 454 -1.71 -0.11 26.55
N GLU B 455 -0.54 -0.23 27.16
CA GLU B 455 0.59 0.66 26.84
C GLU B 455 0.19 2.12 27.12
N PHE B 456 -0.43 2.33 28.27
CA PHE B 456 -0.96 3.65 28.61
C PHE B 456 0.14 4.70 28.63
N ASP B 457 1.35 4.32 29.07
CA ASP B 457 2.45 5.25 29.14
C ASP B 457 2.98 5.65 27.77
N LYS B 458 2.53 4.99 26.70
CA LYS B 458 2.99 5.30 25.36
C LYS B 458 2.10 6.31 24.65
N MET B 459 0.91 6.56 25.18
CA MET B 459 0.02 7.54 24.59
C MET B 459 0.64 8.93 24.65
N SER B 460 0.42 9.72 23.59
CA SER B 460 0.95 11.07 23.57
C SER B 460 0.26 11.92 24.63
N ASP B 461 1.01 12.90 25.15
CA ASP B 461 0.47 13.76 26.20
C ASP B 461 -0.79 14.49 25.75
N MET B 462 -0.80 15.00 24.52
CA MET B 462 -2.00 15.64 24.01
C MET B 462 -3.15 14.66 23.90
N ASP B 463 -2.88 13.44 23.43
CA ASP B 463 -3.92 12.42 23.38
C ASP B 463 -4.36 12.02 24.78
N ARG B 464 -3.41 11.95 25.72
CA ARG B 464 -3.77 11.60 27.09
C ARG B 464 -4.69 12.64 27.70
N THR B 465 -4.45 13.92 27.41
CA THR B 465 -5.23 14.99 28.02
C THR B 465 -6.71 14.88 27.65
N ALA B 466 -7.02 14.35 26.47
CA ALA B 466 -8.42 14.18 26.07
C ALA B 466 -9.14 13.15 26.91
N ILE B 467 -8.42 12.36 27.71
CA ILE B 467 -9.06 11.33 28.53
C ILE B 467 -9.51 11.86 29.87
N HIS B 468 -9.02 13.03 30.30
CA HIS B 468 -9.34 13.54 31.63
C HIS B 468 -10.84 13.77 31.80
N GLU B 469 -11.46 14.46 30.84
CA GLU B 469 -12.87 14.81 30.98
C GLU B 469 -13.74 13.57 31.02
N VAL B 470 -13.43 12.59 30.18
CA VAL B 470 -14.22 11.35 30.20
C VAL B 470 -13.99 10.60 31.51
N MET B 471 -12.73 10.53 31.96
CA MET B 471 -12.43 9.78 33.17
C MET B 471 -13.11 10.36 34.39
N GLU B 472 -13.27 11.67 34.45
CA GLU B 472 -13.85 12.29 35.63
C GLU B 472 -15.35 12.56 35.47
N GLN B 473 -15.74 13.32 34.45
CA GLN B 473 -17.13 13.72 34.29
C GLN B 473 -17.97 12.74 33.50
N GLY B 474 -17.37 11.99 32.57
CA GLY B 474 -18.11 11.06 31.76
C GLY B 474 -18.74 11.65 30.52
N ARG B 475 -18.28 12.84 30.11
CA ARG B 475 -18.86 13.55 28.96
C ARG B 475 -17.76 13.90 27.96
N VAL B 476 -18.08 13.99 26.67
CA VAL B 476 -17.17 14.44 25.63
C VAL B 476 -17.79 15.67 24.97
N THR B 477 -17.03 16.75 24.91
CA THR B 477 -17.47 18.00 24.30
C THR B 477 -16.85 18.12 22.91
N ILE B 478 -17.64 18.13 21.87
CA ILE B 478 -17.28 18.26 20.50
C ILE B 478 -17.63 19.64 20.02
N ALA B 479 -16.69 20.48 19.67
CA ALA B 479 -16.81 21.81 19.16
C ALA B 479 -15.93 21.97 17.95
N LYS B 480 -16.36 21.42 16.81
CA LYS B 480 -15.51 21.39 15.59
C LYS B 480 -16.31 21.18 14.31
N ALA B 481 -15.85 21.77 13.21
CA ALA B 481 -16.44 21.66 11.87
C ALA B 481 -17.89 22.15 11.79
N GLY B 482 -18.27 23.12 12.64
CA GLY B 482 -19.58 23.58 12.82
C GLY B 482 -20.52 22.65 13.49
N ILE B 483 -20.03 21.85 14.40
CA ILE B 483 -20.75 20.91 15.21
C ILE B 483 -20.48 21.18 16.67
N HIS B 484 -21.50 21.34 17.49
CA HIS B 484 -21.47 21.55 18.91
C HIS B 484 -22.31 20.51 19.60
N ALA B 485 -21.73 19.48 20.16
CA ALA B 485 -22.36 18.36 20.76
C ALA B 485 -21.75 17.98 22.08
N ARG B 486 -22.57 17.39 22.96
CA ARG B 486 -22.12 16.77 24.20
C ARG B 486 -22.50 15.30 24.15
N LEU B 487 -21.54 14.43 24.01
CA LEU B 487 -21.66 13.01 23.89
C LEU B 487 -21.51 12.33 25.23
N ASN B 488 -22.32 11.32 25.49
CA ASN B 488 -22.20 10.54 26.71
C ASN B 488 -21.15 9.46 26.53
N ALA B 489 -20.10 9.50 27.36
CA ALA B 489 -19.09 8.44 27.41
C ALA B 489 -18.90 8.10 28.88
N ARG B 490 -19.81 7.29 29.42
CA ARG B 490 -19.82 6.92 30.83
C ARG B 490 -19.25 5.51 30.93
N CYS B 491 -17.93 5.43 30.95
CA CYS B 491 -17.22 4.15 30.88
C CYS B 491 -16.22 4.05 32.01
N SER B 492 -15.82 2.81 32.30
CA SER B 492 -14.75 2.52 33.23
C SER B 492 -13.46 2.28 32.47
N VAL B 493 -12.38 2.89 32.92
CA VAL B 493 -11.08 2.78 32.26
C VAL B 493 -10.24 1.78 33.02
N LEU B 494 -9.75 0.77 32.31
CA LEU B 494 -8.78 -0.20 32.83
C LEU B 494 -7.50 -0.04 32.04
N ALA B 495 -6.46 0.49 32.67
CA ALA B 495 -5.25 0.86 31.97
C ALA B 495 -4.05 0.06 32.49
N ALA B 496 -3.11 -0.23 31.58
CA ALA B 496 -1.89 -0.92 31.92
C ALA B 496 -0.69 -0.14 31.40
N ALA B 497 0.40 -0.14 32.16
CA ALA B 497 1.57 0.66 31.81
C ALA B 497 2.83 0.08 32.41
N ASN B 498 3.94 0.51 31.87
CA ASN B 498 5.28 0.24 32.35
C ASN B 498 5.85 1.48 33.03
N PRO B 499 6.75 1.32 34.00
CA PRO B 499 7.39 2.49 34.60
C PRO B 499 8.37 3.13 33.63
N VAL B 500 8.90 4.29 34.04
CA VAL B 500 9.73 5.09 33.13
C VAL B 500 10.97 4.33 32.72
N TYR B 501 11.55 3.54 33.63
CA TYR B 501 12.77 2.81 33.35
C TYR B 501 12.51 1.39 32.87
N GLY B 502 11.28 1.09 32.47
CA GLY B 502 10.96 -0.25 32.02
C GLY B 502 10.77 -1.22 33.17
N ARG B 503 11.76 -1.32 34.05
CA ARG B 503 11.71 -2.26 35.16
C ARG B 503 11.74 -1.44 36.45
N TYR B 504 10.75 -1.65 37.32
CA TYR B 504 10.56 -0.80 38.47
C TYR B 504 11.81 -0.79 39.36
N ASP B 505 12.25 0.40 39.75
CA ASP B 505 13.44 0.59 40.57
C ASP B 505 12.99 0.77 42.01
N GLN B 506 13.14 -0.27 42.82
CA GLN B 506 12.59 -0.26 44.18
C GLN B 506 13.25 0.79 45.05
N TYR B 507 14.47 1.21 44.71
CA TYR B 507 15.18 2.16 45.55
C TYR B 507 14.78 3.60 45.23
N LYS B 508 14.11 3.81 44.10
CA LYS B 508 13.49 5.09 43.81
C LYS B 508 12.07 5.11 44.36
N THR B 509 11.50 6.31 44.45
CA THR B 509 10.18 6.47 45.02
C THR B 509 9.09 6.13 44.00
N PRO B 510 7.89 5.78 44.47
CA PRO B 510 6.81 5.48 43.51
C PRO B 510 6.53 6.62 42.55
N MET B 511 6.57 7.87 43.02
CA MET B 511 6.28 8.99 42.14
C MET B 511 7.31 9.14 41.04
N GLU B 512 8.56 8.82 41.34
CA GLU B 512 9.61 8.94 40.33
C GLU B 512 9.57 7.78 39.34
N ASN B 513 9.11 6.60 39.78
CA ASN B 513 8.98 5.47 38.86
C ASN B 513 7.78 5.64 37.95
N ILE B 514 6.63 6.08 38.50
CA ILE B 514 5.41 6.13 37.72
C ILE B 514 5.51 7.16 36.61
N GLY B 515 6.05 8.34 36.92
CA GLY B 515 6.25 9.35 35.89
C GLY B 515 4.97 9.87 35.28
N LEU B 516 3.96 10.14 36.09
CA LEU B 516 2.71 10.71 35.62
C LEU B 516 2.28 11.84 36.55
N GLN B 517 1.53 12.79 35.99
CA GLN B 517 1.10 13.94 36.76
C GLN B 517 0.09 13.55 37.83
N ASP B 518 0.11 14.29 38.94
CA ASP B 518 -0.73 13.94 40.08
C ASP B 518 -2.22 14.03 39.76
N SER B 519 -2.63 14.87 38.80
CA SER B 519 -4.04 14.97 38.48
C SER B 519 -4.54 13.71 37.78
N LEU B 520 -3.78 13.22 36.79
CA LEU B 520 -4.15 11.99 36.12
C LEU B 520 -4.18 10.82 37.10
N LEU B 521 -3.17 10.73 37.97
CA LEU B 521 -3.18 9.68 38.97
C LEU B 521 -4.38 9.81 39.90
N SER B 522 -4.73 11.05 40.26
CA SER B 522 -5.90 11.28 41.10
C SER B 522 -7.18 10.81 40.42
N ARG B 523 -7.23 10.87 39.10
CA ARG B 523 -8.43 10.44 38.39
C ARG B 523 -8.60 8.92 38.39
N PHE B 524 -7.61 8.16 38.83
CA PHE B 524 -7.72 6.70 38.92
C PHE B 524 -8.14 6.30 40.32
N ASP B 525 -9.21 5.50 40.42
CA ASP B 525 -9.67 5.05 41.73
C ASP B 525 -8.60 4.24 42.44
N LEU B 526 -7.95 3.33 41.72
CA LEU B 526 -6.93 2.47 42.31
C LEU B 526 -5.74 2.38 41.37
N LEU B 527 -4.55 2.37 41.95
CA LEU B 527 -3.30 2.21 41.24
C LEU B 527 -2.56 1.03 41.86
N PHE B 528 -2.14 0.09 41.03
CA PHE B 528 -1.48 -1.12 41.50
C PHE B 528 -0.10 -1.22 40.89
N ILE B 529 0.92 -1.27 41.74
CA ILE B 529 2.29 -1.52 41.31
C ILE B 529 2.53 -3.02 41.41
N MET B 530 2.71 -3.66 40.27
CA MET B 530 2.91 -5.10 40.19
C MET B 530 4.39 -5.35 39.93
N LEU B 531 5.04 -6.04 40.85
CA LEU B 531 6.48 -6.25 40.81
C LEU B 531 6.79 -7.71 40.54
N ASP B 532 7.87 -7.95 39.79
CA ASP B 532 8.40 -9.29 39.61
C ASP B 532 9.61 -9.43 40.52
N GLN B 533 9.40 -10.07 41.68
CA GLN B 533 10.48 -10.32 42.63
C GLN B 533 10.86 -11.78 42.53
N MET B 534 12.13 -12.04 42.24
CA MET B 534 12.60 -13.42 42.14
C MET B 534 12.57 -14.07 43.52
N ASP B 535 11.57 -14.92 43.75
CA ASP B 535 11.44 -15.68 44.99
C ASP B 535 11.31 -17.14 44.61
N PRO B 536 12.16 -18.04 45.13
CA PRO B 536 12.11 -19.43 44.66
C PRO B 536 10.76 -20.11 44.87
N GLU B 537 10.06 -19.83 45.96
CA GLU B 537 8.76 -20.47 46.20
C GLU B 537 7.69 -19.92 45.27
N GLN B 538 7.64 -18.60 45.11
CA GLN B 538 6.71 -18.01 44.15
C GLN B 538 7.05 -18.46 42.73
N ASP B 539 8.34 -18.57 42.42
CA ASP B 539 8.74 -19.08 41.12
C ASP B 539 8.23 -20.51 40.92
N ARG B 540 8.35 -21.35 41.95
CA ARG B 540 7.86 -22.71 41.84
C ARG B 540 6.37 -22.74 41.56
N GLU B 541 5.60 -21.95 42.31
CA GLU B 541 4.14 -21.96 42.13
C GLU B 541 3.76 -21.47 40.73
N ILE B 542 4.33 -20.35 40.30
CA ILE B 542 3.97 -19.80 38.99
C ILE B 542 4.41 -20.75 37.88
N SER B 543 5.59 -21.36 38.00
CA SER B 543 6.05 -22.28 36.98
C SER B 543 5.13 -23.49 36.88
N ASP B 544 4.71 -24.04 38.02
CA ASP B 544 3.79 -25.17 37.99
C ASP B 544 2.50 -24.78 37.28
N HIS B 545 1.95 -23.60 37.63
CA HIS B 545 0.70 -23.15 37.00
C HIS B 545 0.87 -22.99 35.50
N VAL B 546 1.96 -22.35 35.07
CA VAL B 546 2.15 -22.04 33.66
C VAL B 546 2.36 -23.32 32.85
N LEU B 547 3.15 -24.26 33.38
CA LEU B 547 3.38 -25.50 32.66
C LEU B 547 2.11 -26.34 32.59
N ARG B 548 1.31 -26.35 33.66
CA ARG B 548 0.02 -27.02 33.59
C ARG B 548 -0.86 -26.40 32.52
N MET B 549 -0.88 -25.07 32.44
CA MET B 549 -1.66 -24.41 31.40
C MET B 549 -1.19 -24.82 30.00
N HIS B 550 0.12 -24.90 29.80
CA HIS B 550 0.63 -25.24 28.48
C HIS B 550 0.47 -26.72 28.15
N ARG B 551 0.28 -27.59 29.15
CA ARG B 551 0.04 -29.00 28.86
C ARG B 551 -1.41 -29.29 28.53
N TYR B 552 -2.33 -28.36 28.81
CA TYR B 552 -3.75 -28.64 28.67
C TYR B 552 -4.13 -28.84 27.20
N ARG B 553 -5.09 -29.73 26.99
CA ARG B 553 -5.65 -29.99 25.67
C ARG B 553 -7.16 -30.13 25.82
N ALA B 554 -7.90 -29.34 25.05
CA ALA B 554 -9.34 -29.33 25.19
C ALA B 554 -9.91 -30.72 24.88
N PRO B 555 -11.01 -31.11 25.53
CA PRO B 555 -11.49 -32.50 25.36
C PRO B 555 -11.81 -32.87 23.93
N GLY B 556 -12.33 -31.93 23.14
CA GLY B 556 -12.69 -32.25 21.77
C GLY B 556 -11.48 -32.55 20.89
N GLU B 557 -10.38 -31.85 21.10
CA GLU B 557 -9.22 -31.98 20.24
C GLU B 557 -8.51 -33.30 20.46
N GLN B 558 -7.80 -33.74 19.43
CA GLN B 558 -6.96 -34.94 19.49
C GLN B 558 -5.50 -34.52 19.68
N ASP B 559 -4.68 -35.47 20.11
CA ASP B 559 -3.27 -35.21 20.30
C ASP B 559 -2.60 -34.90 18.96
N GLY B 560 -1.74 -33.87 18.96
CA GLY B 560 -1.05 -33.45 17.76
C GLY B 560 -1.77 -32.40 16.94
N ASP B 561 -3.00 -32.03 17.30
CA ASP B 561 -3.75 -31.07 16.53
C ASP B 561 -3.17 -29.68 16.65
N ALA B 562 -3.17 -28.95 15.54
CA ALA B 562 -2.68 -27.57 15.49
C ALA B 562 -3.84 -26.63 15.23
N MET B 563 -3.83 -25.48 15.89
CA MET B 563 -4.89 -24.51 15.71
C MET B 563 -4.81 -23.90 14.31
N PRO B 564 -5.88 -23.93 13.53
CA PRO B 564 -5.82 -23.32 12.19
C PRO B 564 -5.89 -21.81 12.24
N LEU B 565 -5.25 -21.18 11.25
CA LEU B 565 -5.34 -19.73 11.07
C LEU B 565 -6.57 -19.43 10.23
N GLY B 566 -7.62 -18.95 10.88
CA GLY B 566 -8.91 -18.80 10.24
C GLY B 566 -9.82 -19.98 10.53
N SER B 567 -11.10 -19.80 10.20
CA SER B 567 -12.08 -20.84 10.45
C SER B 567 -13.30 -20.61 9.57
N ALA B 568 -13.97 -21.70 9.21
CA ALA B 568 -15.21 -21.61 8.47
C ALA B 568 -16.37 -21.33 9.41
N VAL B 569 -17.53 -21.01 8.83
CA VAL B 569 -18.72 -20.76 9.64
C VAL B 569 -19.05 -22.01 10.44
N ASP B 570 -19.19 -21.84 11.75
CA ASP B 570 -19.48 -22.96 12.65
C ASP B 570 -20.92 -22.96 13.14
N ILE B 571 -21.57 -21.80 13.22
CA ILE B 571 -22.96 -21.73 13.66
C ILE B 571 -23.85 -22.16 12.51
N LEU B 572 -24.66 -23.19 12.74
CA LEU B 572 -25.56 -23.72 11.72
C LEU B 572 -27.01 -23.53 12.09
N ALA B 573 -27.32 -22.59 12.99
CA ALA B 573 -28.69 -22.29 13.35
C ALA B 573 -28.72 -20.89 13.96
N THR B 574 -29.92 -20.30 13.99
CA THR B 574 -30.08 -19.02 14.65
C THR B 574 -30.10 -19.17 16.16
N ASP B 575 -30.61 -20.29 16.66
CA ASP B 575 -30.56 -20.62 18.08
C ASP B 575 -29.55 -21.73 18.28
N ASP B 576 -28.71 -21.59 19.30
CA ASP B 576 -27.62 -22.53 19.50
C ASP B 576 -28.18 -23.88 19.91
N PRO B 577 -27.96 -24.96 19.15
CA PRO B 577 -28.55 -26.25 19.53
C PRO B 577 -28.05 -26.77 20.87
N ASN B 578 -26.82 -26.45 21.26
CA ASN B 578 -26.30 -26.88 22.55
C ASN B 578 -27.17 -26.36 23.68
N THR B 587 -27.71 -24.09 34.07
CA THR B 587 -26.33 -23.76 34.38
C THR B 587 -25.89 -24.40 35.69
N GLN B 588 -24.58 -24.58 35.85
CA GLN B 588 -24.00 -25.11 37.07
C GLN B 588 -23.17 -24.01 37.73
N ILE B 589 -23.25 -23.96 39.07
CA ILE B 589 -22.57 -22.90 39.80
C ILE B 589 -21.06 -23.06 39.71
N TYR B 590 -20.56 -24.27 39.90
CA TYR B 590 -19.13 -24.53 40.06
C TYR B 590 -18.58 -25.28 38.86
N GLU B 591 -17.41 -24.87 38.40
CA GLU B 591 -16.76 -25.53 37.28
C GLU B 591 -16.34 -26.95 37.68
N LYS B 592 -16.50 -27.89 36.75
CA LYS B 592 -16.07 -29.25 37.00
C LYS B 592 -14.56 -29.32 37.13
N HIS B 593 -14.08 -30.12 38.07
CA HIS B 593 -12.66 -30.17 38.36
C HIS B 593 -11.90 -30.81 37.21
N ASP B 594 -10.79 -30.18 36.83
CA ASP B 594 -9.85 -30.73 35.85
C ASP B 594 -8.47 -30.73 36.50
N ASN B 595 -7.78 -31.86 36.39
CA ASN B 595 -6.50 -32.00 37.09
C ASN B 595 -5.47 -31.01 36.58
N LEU B 596 -5.42 -30.79 35.27
CA LEU B 596 -4.45 -29.86 34.71
C LEU B 596 -4.86 -28.41 34.98
N LEU B 597 -6.13 -28.08 34.81
CA LEU B 597 -6.57 -26.70 34.98
C LEU B 597 -6.52 -26.27 36.44
N HIS B 598 -6.68 -27.21 37.36
CA HIS B 598 -6.77 -26.88 38.78
C HIS B 598 -5.71 -27.56 39.64
N GLY B 599 -5.02 -28.58 39.13
CA GLY B 599 -4.01 -29.27 39.91
C GLY B 599 -4.57 -30.41 40.72
N THR B 600 -3.66 -31.13 41.38
CA THR B 600 -4.00 -32.29 42.18
C THR B 600 -4.29 -31.94 43.64
N LYS B 601 -4.28 -30.66 43.98
CA LYS B 601 -4.63 -30.23 45.33
C LYS B 601 -6.02 -30.76 45.70
N LYS B 602 -6.28 -30.84 47.00
CA LYS B 602 -7.52 -31.45 47.50
C LYS B 602 -8.77 -30.73 47.02
N LYS B 603 -8.65 -29.59 46.34
CA LYS B 603 -9.80 -28.86 45.79
C LYS B 603 -10.66 -28.24 46.88
N LYS B 604 -10.05 -27.80 47.99
CA LYS B 604 -10.82 -27.15 49.04
C LYS B 604 -11.44 -25.86 48.52
N GLU B 605 -10.69 -25.10 47.73
CA GLU B 605 -11.23 -23.92 47.08
C GLU B 605 -11.90 -24.30 45.77
N LYS B 606 -13.16 -23.91 45.62
CA LYS B 606 -13.96 -24.21 44.45
C LYS B 606 -13.97 -23.02 43.51
N MET B 607 -14.14 -23.30 42.21
CA MET B 607 -14.14 -22.24 41.17
C MET B 607 -15.56 -22.07 40.66
N VAL B 608 -16.07 -20.85 40.63
CA VAL B 608 -17.35 -20.54 40.01
C VAL B 608 -17.19 -20.56 38.49
N SER B 609 -18.20 -21.09 37.81
CA SER B 609 -18.11 -21.25 36.37
C SER B 609 -18.29 -19.92 35.65
N ALA B 610 -17.81 -19.87 34.41
CA ALA B 610 -17.86 -18.62 33.65
C ALA B 610 -19.29 -18.21 33.35
N ALA B 611 -20.14 -19.14 32.93
CA ALA B 611 -21.52 -18.79 32.59
C ALA B 611 -22.28 -18.30 33.82
N PHE B 612 -22.15 -19.01 34.94
CA PHE B 612 -22.81 -18.57 36.15
C PHE B 612 -22.28 -17.22 36.59
N MET B 613 -20.98 -17.00 36.45
CA MET B 613 -20.42 -15.70 36.83
C MET B 613 -21.00 -14.59 35.98
N LYS B 614 -21.19 -14.86 34.68
CA LYS B 614 -21.73 -13.86 33.73
C LYS B 614 -23.18 -13.54 34.11
N LYS B 615 -23.98 -14.53 34.49
CA LYS B 615 -25.37 -14.31 34.90
C LYS B 615 -25.42 -13.58 36.24
N TYR B 616 -24.60 -14.00 37.21
CA TYR B 616 -24.62 -13.41 38.54
C TYR B 616 -24.19 -11.96 38.51
N ILE B 617 -23.14 -11.65 37.76
CA ILE B 617 -22.69 -10.26 37.68
C ILE B 617 -23.74 -9.40 37.00
N HIS B 618 -24.39 -9.94 35.97
CA HIS B 618 -25.47 -9.19 35.33
C HIS B 618 -26.57 -8.86 36.34
N VAL B 619 -26.98 -9.84 37.14
CA VAL B 619 -28.06 -9.61 38.09
C VAL B 619 -27.63 -8.64 39.17
N ALA B 620 -26.37 -8.72 39.60
CA ALA B 620 -25.91 -7.87 40.70
C ALA B 620 -25.71 -6.43 40.26
N LYS B 621 -25.31 -6.21 39.00
CA LYS B 621 -25.04 -4.85 38.54
C LYS B 621 -26.28 -3.95 38.61
N ILE B 622 -27.48 -4.53 38.69
CA ILE B 622 -28.70 -3.73 38.70
C ILE B 622 -29.06 -3.26 40.10
N ILE B 623 -28.51 -3.87 41.14
CA ILE B 623 -28.83 -3.46 42.51
C ILE B 623 -28.16 -2.13 42.81
N LYS B 624 -28.80 -1.34 43.67
CA LYS B 624 -28.29 -0.04 44.10
C LYS B 624 -28.25 -0.01 45.62
N PRO B 625 -27.17 -0.48 46.24
CA PRO B 625 -27.10 -0.45 47.71
C PRO B 625 -27.15 0.97 48.23
N VAL B 626 -27.70 1.11 49.43
CA VAL B 626 -27.87 2.40 50.08
C VAL B 626 -26.91 2.47 51.27
N LEU B 627 -26.15 3.55 51.35
CA LEU B 627 -25.19 3.72 52.43
C LEU B 627 -25.91 3.90 53.76
N THR B 628 -25.37 3.30 54.81
CA THR B 628 -25.95 3.38 56.14
C THR B 628 -25.07 4.23 57.06
N GLN B 629 -25.64 4.60 58.20
CA GLN B 629 -24.95 5.52 59.10
C GLN B 629 -23.66 4.92 59.63
N GLU B 630 -23.68 3.64 60.01
CA GLU B 630 -22.48 3.03 60.57
C GLU B 630 -21.37 2.95 59.53
N SER B 631 -21.71 2.56 58.31
CA SER B 631 -20.71 2.53 57.25
C SER B 631 -20.16 3.92 56.97
N ALA B 632 -21.04 4.93 56.98
CA ALA B 632 -20.58 6.29 56.73
C ALA B 632 -19.61 6.75 57.81
N THR B 633 -19.92 6.46 59.07
CA THR B 633 -19.03 6.83 60.16
C THR B 633 -17.68 6.15 60.01
N TYR B 634 -17.69 4.85 59.73
CA TYR B 634 -16.43 4.13 59.58
C TYR B 634 -15.61 4.70 58.42
N ILE B 635 -16.27 4.98 57.30
CA ILE B 635 -15.56 5.49 56.12
C ILE B 635 -14.97 6.87 56.43
N ALA B 636 -15.72 7.72 57.11
CA ALA B 636 -15.20 9.05 57.44
C ALA B 636 -13.98 8.94 58.36
N GLU B 637 -14.07 8.11 59.40
CA GLU B 637 -12.94 7.95 60.30
C GLU B 637 -11.72 7.43 59.56
N GLU B 638 -11.92 6.45 58.69
CA GLU B 638 -10.80 5.85 57.98
C GLU B 638 -10.19 6.83 56.99
N TYR B 639 -11.02 7.64 56.33
CA TYR B 639 -10.48 8.68 55.45
C TYR B 639 -9.64 9.67 56.23
N SER B 640 -10.12 10.08 57.41
CA SER B 640 -9.33 10.98 58.24
C SER B 640 -7.99 10.35 58.61
N ARG B 641 -8.00 9.07 58.99
CA ARG B 641 -6.74 8.41 59.34
C ARG B 641 -5.81 8.33 58.13
N LEU B 642 -6.36 7.99 56.96
CA LEU B 642 -5.52 7.87 55.76
C LEU B 642 -4.89 9.21 55.41
N ARG B 643 -5.64 10.29 55.47
CA ARG B 643 -5.13 11.61 55.02
C ARG B 643 -4.20 12.19 56.08
N SER B 644 -4.50 12.03 57.37
CA SER B 644 -3.70 12.68 58.41
C SER B 644 -2.31 12.05 58.52
N GLN B 645 -2.31 10.72 58.52
CA GLN B 645 -1.08 9.92 58.63
C GLN B 645 -0.04 10.41 57.63
N ASP B 646 1.03 11.04 58.12
CA ASP B 646 2.16 11.48 57.28
C ASP B 646 3.34 10.63 57.71
N SER B 647 4.07 10.03 56.77
CA SER B 647 5.20 9.12 57.11
C SER B 647 4.68 8.05 58.06
N MET B 648 3.55 7.41 57.74
CA MET B 648 2.91 6.44 58.66
C MET B 648 3.97 5.37 58.88
N SER B 649 4.70 4.97 57.85
CA SER B 649 5.90 4.09 57.97
C SER B 649 7.03 4.90 57.34
N SER B 650 8.20 4.99 57.95
CA SER B 650 9.28 5.86 57.44
C SER B 650 9.70 5.37 56.05
N ASP B 651 9.83 4.07 55.84
CA ASP B 651 10.15 3.49 54.50
C ASP B 651 8.99 3.82 53.55
N THR B 652 7.75 3.72 54.04
CA THR B 652 6.54 3.88 53.20
C THR B 652 6.47 5.23 52.48
N ALA B 653 6.01 5.22 51.23
CA ALA B 653 5.73 6.40 50.43
C ALA B 653 4.37 6.21 49.76
N ARG B 654 3.72 7.34 49.47
CA ARG B 654 2.42 7.32 48.84
C ARG B 654 2.58 7.16 47.34
N THR B 655 1.84 6.21 46.76
CA THR B 655 1.85 6.07 45.31
C THR B 655 1.02 7.18 44.65
N SER B 656 -0.12 7.51 45.23
CA SER B 656 -0.96 8.60 44.76
C SER B 656 -1.37 9.47 45.93
N PRO B 657 -1.62 10.75 45.70
CA PRO B 657 -2.06 11.62 46.80
C PRO B 657 -3.44 11.25 47.30
N VAL B 658 -3.66 11.48 48.59
CA VAL B 658 -4.96 11.22 49.21
C VAL B 658 -5.80 12.49 49.13
N THR B 659 -6.99 12.37 48.55
CA THR B 659 -7.83 13.51 48.23
C THR B 659 -9.27 13.12 48.50
N ALA B 660 -10.18 14.10 48.41
CA ALA B 660 -11.60 13.78 48.55
C ALA B 660 -12.04 12.73 47.53
N ARG B 661 -11.35 12.69 46.38
CA ARG B 661 -11.58 11.61 45.44
C ARG B 661 -11.31 10.26 46.10
N THR B 662 -10.38 10.19 47.05
CA THR B 662 -10.15 8.94 47.77
C THR B 662 -11.37 8.56 48.60
N LEU B 663 -12.03 9.53 49.22
CA LEU B 663 -13.26 9.24 49.95
C LEU B 663 -14.34 8.74 49.01
N GLU B 664 -14.49 9.37 47.86
CA GLU B 664 -15.47 8.90 46.88
C GLU B 664 -15.13 7.49 46.43
N THR B 665 -13.83 7.19 46.27
CA THR B 665 -13.40 5.86 45.89
C THR B 665 -13.75 4.83 46.96
N LEU B 666 -13.55 5.18 48.23
CA LEU B 666 -13.96 4.29 49.31
C LEU B 666 -15.45 3.98 49.22
N ILE B 667 -16.26 5.02 49.01
CA ILE B 667 -17.70 4.80 48.92
C ILE B 667 -18.03 3.90 47.73
N ARG B 668 -17.38 4.15 46.59
CA ARG B 668 -17.65 3.34 45.40
C ARG B 668 -17.29 1.88 45.63
N LEU B 669 -16.12 1.61 46.22
CA LEU B 669 -15.71 0.24 46.45
C LEU B 669 -16.63 -0.46 47.43
N ALA B 670 -17.05 0.24 48.49
CA ALA B 670 -17.99 -0.35 49.43
C ALA B 670 -19.32 -0.68 48.74
N THR B 671 -19.79 0.21 47.87
CA THR B 671 -21.04 -0.06 47.16
C THR B 671 -20.91 -1.26 46.24
N ALA B 672 -19.78 -1.38 45.53
CA ALA B 672 -19.57 -2.53 44.68
C ALA B 672 -19.53 -3.82 45.49
N HIS B 673 -18.86 -3.79 46.64
CA HIS B 673 -18.83 -4.96 47.50
C HIS B 673 -20.23 -5.34 47.96
N ALA B 674 -21.04 -4.36 48.35
CA ALA B 674 -22.41 -4.66 48.74
C ALA B 674 -23.20 -5.24 47.57
N LYS B 675 -22.93 -4.78 46.35
CA LYS B 675 -23.56 -5.37 45.19
C LYS B 675 -23.21 -6.84 45.07
N ALA B 676 -21.94 -7.18 45.27
CA ALA B 676 -21.53 -8.58 45.15
C ALA B 676 -22.34 -9.48 46.06
N ARG B 677 -22.61 -9.04 47.29
CA ARG B 677 -23.46 -9.79 48.20
C ARG B 677 -24.93 -9.72 47.84
N MET B 678 -25.29 -8.89 46.85
CA MET B 678 -26.69 -8.64 46.51
C MET B 678 -27.45 -8.04 47.69
N SER B 679 -26.78 -7.21 48.47
CA SER B 679 -27.37 -6.56 49.63
C SER B 679 -27.94 -5.20 49.25
N LYS B 680 -29.05 -4.84 49.88
CA LYS B 680 -29.70 -3.56 49.64
C LYS B 680 -29.07 -2.42 50.43
N THR B 681 -28.19 -2.72 51.37
CA THR B 681 -27.54 -1.71 52.20
C THR B 681 -26.05 -1.97 52.24
N VAL B 682 -25.27 -0.90 52.36
CA VAL B 682 -23.83 -1.01 52.57
C VAL B 682 -23.58 -1.15 54.06
N ASP B 683 -22.98 -2.27 54.45
CA ASP B 683 -22.74 -2.58 55.85
C ASP B 683 -21.25 -2.41 56.16
N LEU B 684 -20.90 -2.65 57.43
CA LEU B 684 -19.54 -2.38 57.88
C LEU B 684 -18.53 -3.30 57.21
N GLN B 685 -18.92 -4.53 56.86
CA GLN B 685 -17.98 -5.44 56.21
C GLN B 685 -17.55 -4.90 54.85
N ASP B 686 -18.49 -4.36 54.08
CA ASP B 686 -18.15 -3.79 52.78
C ASP B 686 -17.18 -2.63 52.93
N ALA B 687 -17.44 -1.75 53.91
CA ALA B 687 -16.55 -0.62 54.14
C ALA B 687 -15.16 -1.09 54.56
N GLU B 688 -15.10 -2.13 55.39
CA GLU B 688 -13.80 -2.67 55.79
C GLU B 688 -13.04 -3.21 54.59
N GLU B 689 -13.74 -3.91 53.69
CA GLU B 689 -13.06 -4.41 52.50
C GLU B 689 -12.54 -3.27 51.63
N ALA B 690 -13.35 -2.23 51.46
CA ALA B 690 -12.89 -1.08 50.67
C ALA B 690 -11.67 -0.43 51.30
N VAL B 691 -11.69 -0.27 52.62
CA VAL B 691 -10.55 0.33 53.31
C VAL B 691 -9.31 -0.53 53.13
N GLU B 692 -9.48 -1.85 53.21
CA GLU B 692 -8.35 -2.75 53.02
C GLU B 692 -7.76 -2.58 51.62
N LEU B 693 -8.62 -2.52 50.60
CA LEU B 693 -8.14 -2.34 49.24
C LEU B 693 -7.36 -1.03 49.10
N VAL B 694 -7.93 0.07 49.61
CA VAL B 694 -7.27 1.36 49.49
C VAL B 694 -5.94 1.35 50.24
N GLN B 695 -5.93 0.77 51.44
CA GLN B 695 -4.68 0.68 52.21
C GLN B 695 -3.61 -0.06 51.43
N TYR B 696 -3.97 -1.19 50.82
CA TYR B 696 -2.98 -1.94 50.04
C TYR B 696 -2.48 -1.12 48.86
N ALA B 697 -3.37 -0.43 48.16
CA ALA B 697 -3.00 0.19 46.90
C ALA B 697 -2.21 1.49 47.07
N TYR B 698 -2.47 2.26 48.12
CA TYR B 698 -2.02 3.64 48.18
C TYR B 698 -0.63 3.83 48.77
N PHE B 699 0.04 2.77 49.21
CA PHE B 699 1.33 2.91 49.87
C PHE B 699 2.30 1.84 49.40
N LYS B 700 3.58 2.18 49.38
CA LYS B 700 4.62 1.24 48.98
C LYS B 700 5.88 1.52 49.78
N LYS B 701 6.50 0.47 50.31
CA LYS B 701 7.77 0.61 50.99
C LYS B 701 8.88 0.91 50.00
N VAL B 702 9.83 1.76 50.42
CA VAL B 702 10.98 2.12 49.61
C VAL B 702 12.21 1.51 50.27
N LEU B 703 12.95 0.71 49.50
CA LEU B 703 14.13 0.04 50.03
C LEU B 703 15.31 1.00 50.10
N GLU B 704 16.12 0.85 51.14
CA GLU B 704 17.31 1.67 51.34
C GLU B 704 18.55 0.82 51.10
N LYS B 705 19.47 1.34 50.29
CA LYS B 705 20.70 0.62 50.00
C LYS B 705 21.80 1.00 51.00
N TRP C 173 -48.81 50.92 -13.77
CA TRP C 173 -48.01 50.82 -12.53
C TRP C 173 -48.91 51.06 -11.32
N GLY C 174 -48.83 50.22 -10.27
CA GLY C 174 -49.57 50.39 -9.04
C GLY C 174 -48.96 51.42 -8.13
N THR C 175 -48.99 52.68 -8.57
CA THR C 175 -48.47 53.80 -7.80
C THR C 175 -49.39 54.99 -7.98
N ASP C 176 -49.68 55.69 -6.90
CA ASP C 176 -50.45 56.94 -6.97
C ASP C 176 -49.53 58.13 -7.22
N VAL C 177 -48.69 58.02 -8.26
CA VAL C 177 -47.68 59.01 -8.57
C VAL C 177 -48.05 59.66 -9.89
N ASN C 178 -48.35 60.95 -9.84
CA ASN C 178 -48.52 61.77 -11.03
C ASN C 178 -47.22 62.55 -11.26
N VAL C 179 -46.57 62.26 -12.39
CA VAL C 179 -45.22 62.79 -12.61
C VAL C 179 -45.23 64.32 -12.57
N ALA C 180 -46.18 64.93 -13.27
CA ALA C 180 -46.22 66.38 -13.36
C ALA C 180 -46.42 67.00 -11.99
N ALA C 181 -47.35 66.46 -11.20
CA ALA C 181 -47.60 67.01 -9.87
C ALA C 181 -46.38 66.88 -8.98
N CYS C 182 -45.69 65.73 -9.05
CA CYS C 182 -44.49 65.55 -8.23
C CYS C 182 -43.42 66.54 -8.63
N LYS C 183 -43.20 66.73 -9.92
CA LYS C 183 -42.19 67.69 -10.38
C LYS C 183 -42.53 69.10 -9.90
N GLU C 184 -43.79 69.49 -10.04
CA GLU C 184 -44.20 70.82 -9.59
C GLU C 184 -44.00 70.97 -8.09
N ASN C 185 -44.37 69.95 -7.32
CA ASN C 185 -44.21 70.02 -5.88
C ASN C 185 -42.74 70.17 -5.50
N PHE C 186 -41.86 69.43 -6.16
CA PHE C 186 -40.45 69.52 -5.81
C PHE C 186 -39.86 70.86 -6.21
N GLN C 187 -40.28 71.41 -7.36
CA GLN C 187 -39.81 72.74 -7.71
C GLN C 187 -40.28 73.77 -6.69
N ARG C 188 -41.52 73.63 -6.22
CA ARG C 188 -42.00 74.48 -5.14
C ARG C 188 -41.14 74.33 -3.89
N PHE C 189 -40.74 73.10 -3.58
CA PHE C 189 -39.90 72.84 -2.41
C PHE C 189 -38.56 73.57 -2.54
N LEU C 190 -37.91 73.45 -3.69
CA LEU C 190 -36.64 74.16 -3.87
C LEU C 190 -36.84 75.67 -3.81
N GLN C 191 -37.96 76.17 -4.34
CA GLN C 191 -38.16 77.61 -4.33
C GLN C 191 -38.37 78.18 -2.93
N ARG C 192 -39.19 77.53 -2.09
CA ARG C 192 -39.69 78.19 -0.90
C ARG C 192 -39.11 77.69 0.42
N PHE C 193 -38.57 76.48 0.49
CA PHE C 193 -38.14 75.95 1.78
C PHE C 193 -37.03 76.82 2.38
N ILE C 194 -37.12 77.04 3.69
CA ILE C 194 -36.15 77.84 4.43
C ILE C 194 -35.62 76.99 5.58
N ASP C 195 -34.30 76.97 5.74
CA ASP C 195 -33.68 76.20 6.81
C ASP C 195 -34.01 76.82 8.16
N PRO C 196 -34.59 76.07 9.11
CA PRO C 196 -34.85 76.63 10.44
C PRO C 196 -33.64 76.52 11.37
N GLU C 210 -32.97 83.89 1.35
CA GLU C 210 -32.53 82.92 0.36
C GLU C 210 -32.85 81.49 0.79
N PRO C 211 -33.61 80.77 -0.03
CA PRO C 211 -33.86 79.35 0.25
C PRO C 211 -32.55 78.57 0.29
N LEU C 212 -32.51 77.59 1.20
CA LEU C 212 -31.28 76.83 1.42
C LEU C 212 -30.78 76.19 0.13
N TYR C 213 -31.68 75.51 -0.59
CA TYR C 213 -31.25 74.78 -1.76
C TYR C 213 -31.02 75.68 -2.97
N MET C 214 -31.56 76.90 -2.97
CA MET C 214 -31.12 77.88 -3.94
C MET C 214 -29.64 78.22 -3.73
N GLN C 215 -29.23 78.39 -2.47
CA GLN C 215 -27.82 78.57 -2.17
C GLN C 215 -27.02 77.35 -2.59
N ARG C 216 -27.58 76.16 -2.38
CA ARG C 216 -26.88 74.95 -2.80
C ARG C 216 -26.66 74.94 -4.31
N LEU C 217 -27.68 75.33 -5.08
CA LEU C 217 -27.52 75.37 -6.54
C LEU C 217 -26.48 76.41 -6.95
N GLY C 218 -26.48 77.56 -6.29
CA GLY C 218 -25.43 78.53 -6.55
C GLY C 218 -24.05 77.96 -6.29
N GLU C 219 -23.89 77.28 -5.16
CA GLU C 219 -22.61 76.64 -4.86
C GLU C 219 -22.26 75.58 -5.89
N ILE C 220 -23.26 74.88 -6.41
CA ILE C 220 -23.00 73.88 -7.45
C ILE C 220 -22.43 74.58 -8.68
N ASN C 221 -23.02 75.70 -9.08
CA ASN C 221 -22.47 76.43 -10.22
C ASN C 221 -21.03 76.86 -9.94
N VAL C 222 -20.77 77.38 -8.75
CA VAL C 222 -19.42 77.85 -8.44
C VAL C 222 -18.42 76.70 -8.48
N ILE C 223 -18.78 75.55 -7.89
CA ILE C 223 -17.84 74.44 -7.75
C ILE C 223 -17.78 73.61 -9.02
N GLY C 224 -18.95 73.24 -9.56
CA GLY C 224 -19.03 72.43 -10.76
C GLY C 224 -19.33 70.98 -10.54
N GLU C 225 -19.62 70.56 -9.29
CA GLU C 225 -19.97 69.17 -9.01
C GLU C 225 -21.48 69.01 -9.10
N PRO C 226 -22.01 68.30 -10.10
CA PRO C 226 -23.47 68.30 -10.33
C PRO C 226 -24.22 67.32 -9.44
N PHE C 227 -24.11 67.52 -8.13
CA PHE C 227 -24.81 66.68 -7.16
C PHE C 227 -25.46 67.57 -6.11
N LEU C 228 -26.75 67.41 -5.92
CA LEU C 228 -27.50 68.11 -4.88
C LEU C 228 -27.99 67.09 -3.86
N ASN C 229 -27.48 67.20 -2.64
CA ASN C 229 -27.95 66.38 -1.53
C ASN C 229 -29.13 67.08 -0.87
N VAL C 230 -30.20 66.33 -0.59
CA VAL C 230 -31.41 66.87 0.01
C VAL C 230 -31.73 66.03 1.24
N ASN C 231 -32.02 66.71 2.34
CA ASN C 231 -32.36 66.03 3.59
C ASN C 231 -33.84 65.68 3.59
N CYS C 232 -34.15 64.40 3.75
CA CYS C 232 -35.53 63.96 3.63
C CYS C 232 -36.42 64.59 4.69
N GLU C 233 -35.84 64.95 5.83
CA GLU C 233 -36.56 65.62 6.93
C GLU C 233 -37.12 66.95 6.45
N HIS C 234 -36.40 67.70 5.62
CA HIS C 234 -36.88 68.97 5.08
C HIS C 234 -38.09 68.73 4.19
N ILE C 235 -38.01 67.73 3.30
CA ILE C 235 -39.12 67.42 2.42
C ILE C 235 -40.34 67.02 3.25
N LYS C 236 -40.13 66.22 4.29
CA LYS C 236 -41.24 65.84 5.16
C LYS C 236 -41.89 67.06 5.77
N SER C 237 -41.09 67.98 6.29
CA SER C 237 -41.63 69.16 6.96
C SER C 237 -42.46 69.99 5.98
N PHE C 238 -41.92 70.30 4.80
CA PHE C 238 -42.70 71.09 3.85
C PHE C 238 -43.92 70.32 3.40
N ASP C 239 -43.74 69.10 2.91
CA ASP C 239 -44.80 68.34 2.28
C ASP C 239 -44.76 66.90 2.77
N LYS C 240 -45.85 66.42 3.34
CA LYS C 240 -45.89 65.05 3.90
C LYS C 240 -46.28 64.07 2.79
N ASN C 241 -47.01 64.49 1.75
CA ASN C 241 -47.33 63.61 0.65
C ASN C 241 -46.10 63.33 -0.21
N LEU C 242 -45.33 64.37 -0.52
CA LEU C 242 -44.13 64.18 -1.34
C LEU C 242 -43.14 63.27 -0.64
N TYR C 243 -42.98 63.45 0.68
CA TYR C 243 -42.09 62.57 1.44
C TYR C 243 -42.57 61.12 1.38
N ARG C 244 -43.86 60.93 1.61
CA ARG C 244 -44.46 59.56 1.61
C ARG C 244 -44.22 58.92 0.25
N GLN C 245 -44.41 59.65 -0.85
CA GLN C 245 -44.21 59.10 -2.19
C GLN C 245 -42.74 58.84 -2.47
N LEU C 246 -41.86 59.70 -1.98
CA LEU C 246 -40.43 59.48 -2.15
C LEU C 246 -39.99 58.19 -1.46
N ILE C 247 -40.49 57.96 -0.24
CA ILE C 247 -40.09 56.75 0.48
C ILE C 247 -40.68 55.51 -0.17
N SER C 248 -41.94 55.59 -0.62
CA SER C 248 -42.61 54.40 -1.16
C SER C 248 -42.13 54.05 -2.57
N TYR C 249 -41.89 55.04 -3.41
CA TYR C 249 -41.57 54.82 -4.83
C TYR C 249 -40.34 55.62 -5.22
N PRO C 250 -39.18 55.35 -4.61
CA PRO C 250 -37.98 56.13 -4.94
C PRO C 250 -37.59 56.04 -6.40
N GLN C 251 -37.75 54.86 -7.02
CA GLN C 251 -37.29 54.68 -8.39
C GLN C 251 -38.05 55.59 -9.35
N GLU C 252 -39.36 55.71 -9.15
CA GLU C 252 -40.17 56.59 -10.00
C GLU C 252 -40.00 58.06 -9.65
N VAL C 253 -39.85 58.38 -8.38
CA VAL C 253 -39.94 59.77 -7.93
C VAL C 253 -38.62 60.51 -8.09
N ILE C 254 -37.48 59.85 -7.83
CA ILE C 254 -36.20 60.57 -7.87
C ILE C 254 -35.94 61.17 -9.24
N PRO C 255 -36.17 60.49 -10.36
CA PRO C 255 -35.95 61.14 -11.66
C PRO C 255 -36.76 62.40 -11.88
N THR C 256 -37.98 62.46 -11.34
CA THR C 256 -38.75 63.70 -11.43
C THR C 256 -38.09 64.80 -10.62
N PHE C 257 -37.51 64.46 -9.48
CA PHE C 257 -36.73 65.44 -8.73
C PHE C 257 -35.57 65.95 -9.55
N ASP C 258 -34.89 65.04 -10.26
CA ASP C 258 -33.79 65.46 -11.12
C ASP C 258 -34.28 66.43 -12.20
N MET C 259 -35.42 66.12 -12.81
CA MET C 259 -35.96 67.01 -13.83
C MET C 259 -36.25 68.39 -13.26
N ALA C 260 -36.87 68.42 -12.07
CA ALA C 260 -37.21 69.70 -11.44
C ALA C 260 -35.95 70.51 -11.16
N VAL C 261 -34.94 69.87 -10.55
CA VAL C 261 -33.73 70.61 -10.19
C VAL C 261 -33.04 71.13 -11.45
N ASN C 262 -33.01 70.31 -12.51
CA ASN C 262 -32.35 70.75 -13.73
C ASN C 262 -33.06 71.95 -14.32
N GLU C 263 -34.39 71.90 -14.39
CA GLU C 263 -35.14 73.03 -14.94
C GLU C 263 -34.88 74.30 -14.14
N ILE C 264 -35.00 74.21 -12.82
CA ILE C 264 -34.82 75.40 -11.98
C ILE C 264 -33.40 75.94 -12.15
N PHE C 265 -32.40 75.06 -12.09
CA PHE C 265 -31.02 75.51 -12.16
C PHE C 265 -30.73 76.19 -13.49
N PHE C 266 -31.20 75.62 -14.59
CA PHE C 266 -30.96 76.24 -15.89
C PHE C 266 -31.68 77.58 -15.98
N ASP C 267 -32.80 77.78 -15.32
CA ASP C 267 -33.44 79.12 -15.28
C ASP C 267 -32.51 80.09 -14.55
N ARG C 268 -32.16 79.84 -13.29
CA ARG C 268 -31.37 80.78 -12.46
C ARG C 268 -29.96 80.99 -13.01
N TYR C 269 -29.32 80.03 -13.69
CA TYR C 269 -27.99 80.29 -14.23
C TYR C 269 -27.92 79.76 -15.65
N PRO C 270 -28.09 80.62 -16.66
CA PRO C 270 -27.91 80.15 -18.04
C PRO C 270 -26.48 79.67 -18.29
N LEU C 274 -21.54 72.62 -17.72
CA LEU C 274 -21.67 71.45 -16.86
C LEU C 274 -21.56 70.18 -17.68
N GLU C 275 -20.70 69.26 -17.23
CA GLU C 275 -20.52 68.01 -17.96
C GLU C 275 -21.80 67.19 -18.01
N HIS C 276 -22.54 67.15 -16.90
CA HIS C 276 -23.78 66.39 -16.82
C HIS C 276 -24.82 67.20 -16.06
N GLN C 277 -26.07 66.82 -16.25
CA GLN C 277 -27.16 67.44 -15.50
C GLN C 277 -27.08 67.03 -14.03
N ILE C 278 -27.62 67.88 -13.16
CA ILE C 278 -27.52 67.67 -11.73
C ILE C 278 -28.40 66.49 -11.31
N GLN C 279 -27.94 65.74 -10.32
CA GLN C 279 -28.65 64.57 -9.82
C GLN C 279 -28.92 64.74 -8.33
N VAL C 280 -30.17 64.54 -7.94
CA VAL C 280 -30.56 64.66 -6.53
C VAL C 280 -30.18 63.39 -5.78
N ARG C 281 -29.76 63.54 -4.54
CA ARG C 281 -29.38 62.43 -3.67
C ARG C 281 -30.06 62.59 -2.32
N PRO C 282 -31.34 62.22 -2.22
CA PRO C 282 -32.01 62.29 -0.91
C PRO C 282 -31.33 61.38 0.10
N PHE C 283 -31.31 61.83 1.36
CA PHE C 283 -30.68 61.05 2.42
C PHE C 283 -31.37 61.33 3.74
N ASN C 284 -31.23 60.40 4.67
CA ASN C 284 -31.70 60.55 6.03
C ASN C 284 -30.49 60.75 6.94
N ALA C 285 -30.58 61.74 7.84
CA ALA C 285 -29.47 62.03 8.73
C ALA C 285 -29.17 60.84 9.63
N LEU C 286 -30.21 60.20 10.16
CA LEU C 286 -30.07 59.05 11.05
C LEU C 286 -30.69 57.83 10.40
N LYS C 287 -30.19 56.66 10.78
CA LYS C 287 -30.72 55.41 10.25
C LYS C 287 -32.17 55.23 10.63
N THR C 288 -32.99 54.79 9.69
CA THR C 288 -34.40 54.51 9.91
C THR C 288 -34.69 53.03 10.12
N LYS C 289 -33.68 52.17 10.03
CA LYS C 289 -33.87 50.74 10.12
C LYS C 289 -32.63 50.10 10.70
N ASN C 290 -32.81 48.92 11.27
CA ASN C 290 -31.70 48.06 11.67
C ASN C 290 -31.55 46.95 10.65
N MET C 291 -30.29 46.58 10.36
CA MET C 291 -30.05 45.53 9.38
C MET C 291 -30.78 44.25 9.73
N ARG C 292 -31.00 44.00 11.01
CA ARG C 292 -31.67 42.77 11.45
C ARG C 292 -33.18 42.81 11.26
N ASN C 293 -33.76 43.97 10.98
CA ASN C 293 -35.20 44.12 10.91
C ASN C 293 -35.71 44.39 9.50
N LEU C 294 -34.87 44.26 8.48
CA LEU C 294 -35.32 44.40 7.11
C LEU C 294 -36.36 43.33 6.79
N ASN C 295 -37.44 43.73 6.15
CA ASN C 295 -38.60 42.88 5.94
C ASN C 295 -39.06 42.94 4.49
N PRO C 296 -39.85 41.95 4.05
CA PRO C 296 -40.38 42.00 2.68
C PRO C 296 -41.19 43.26 2.39
N GLU C 297 -41.87 43.82 3.39
CA GLU C 297 -42.67 45.02 3.14
C GLU C 297 -41.81 46.21 2.75
N ASP C 298 -40.50 46.16 2.99
CA ASP C 298 -39.59 47.23 2.64
C ASP C 298 -39.03 47.11 1.24
N ILE C 299 -39.41 46.09 0.48
CA ILE C 299 -38.83 45.89 -0.84
C ILE C 299 -39.20 47.06 -1.74
N ASP C 300 -38.20 47.60 -2.44
CA ASP C 300 -38.38 48.73 -3.36
C ASP C 300 -38.81 50.00 -2.63
N GLN C 301 -38.23 50.23 -1.46
CA GLN C 301 -38.47 51.43 -0.68
C GLN C 301 -37.14 52.03 -0.25
N LEU C 302 -37.17 53.33 0.03
CA LEU C 302 -35.96 54.06 0.41
C LEU C 302 -35.70 53.88 1.90
N ILE C 303 -34.52 53.38 2.25
CA ILE C 303 -34.17 53.08 3.63
C ILE C 303 -32.76 53.60 3.91
N THR C 304 -32.48 53.79 5.19
CA THR C 304 -31.15 54.20 5.65
C THR C 304 -30.70 53.24 6.74
N ILE C 305 -29.47 52.73 6.61
CA ILE C 305 -28.91 51.82 7.59
C ILE C 305 -27.47 52.23 7.90
N SER C 306 -27.02 51.91 9.11
CA SER C 306 -25.68 52.23 9.56
C SER C 306 -24.84 50.97 9.63
N GLY C 307 -23.56 51.09 9.32
CA GLY C 307 -22.71 49.91 9.36
C GLY C 307 -21.26 50.24 9.17
N MET C 308 -20.42 49.19 9.14
CA MET C 308 -18.95 49.32 8.98
C MET C 308 -18.50 48.51 7.76
N VAL C 309 -17.85 49.14 6.79
CA VAL C 309 -17.42 48.53 5.54
C VAL C 309 -16.31 47.53 5.83
N ILE C 310 -16.43 46.32 5.27
CA ILE C 310 -15.43 45.27 5.44
C ILE C 310 -14.75 44.91 4.12
N ARG C 311 -15.51 44.86 3.03
CA ARG C 311 -14.92 44.54 1.73
C ARG C 311 -15.55 45.38 0.63
N THR C 312 -14.73 45.71 -0.37
CA THR C 312 -15.19 46.34 -1.60
C THR C 312 -14.60 45.58 -2.79
N SER C 313 -15.39 45.42 -3.84
CA SER C 313 -14.96 44.68 -5.01
C SER C 313 -14.24 45.60 -6.00
N GLN C 314 -13.60 44.98 -6.98
CA GLN C 314 -13.09 45.73 -8.12
C GLN C 314 -14.24 46.11 -9.04
N LEU C 315 -13.98 47.07 -9.92
CA LEU C 315 -15.05 47.63 -10.74
C LEU C 315 -15.63 46.59 -11.69
N ILE C 316 -16.94 46.59 -11.80
CA ILE C 316 -17.71 45.71 -12.67
C ILE C 316 -18.30 46.57 -13.79
N PRO C 317 -18.01 46.30 -15.06
CA PRO C 317 -18.68 47.04 -16.13
C PRO C 317 -20.06 46.50 -16.44
N GLU C 318 -21.00 47.41 -16.63
CA GLU C 318 -22.37 47.08 -17.02
C GLU C 318 -22.65 47.66 -18.40
N MET C 319 -23.11 46.83 -19.32
CA MET C 319 -23.45 47.31 -20.65
C MET C 319 -24.71 48.17 -20.58
N GLN C 320 -24.64 49.35 -21.20
CA GLN C 320 -25.80 50.22 -21.35
C GLN C 320 -26.30 50.28 -22.79
N GLU C 321 -25.39 50.28 -23.77
CA GLU C 321 -25.75 50.27 -25.18
C GLU C 321 -24.82 49.32 -25.91
N ALA C 322 -25.40 48.39 -26.64
CA ALA C 322 -24.65 47.40 -27.40
C ALA C 322 -24.37 47.87 -28.81
N PHE C 323 -23.25 47.40 -29.36
CA PHE C 323 -22.76 47.79 -30.67
C PHE C 323 -22.66 46.54 -31.52
N PHE C 324 -23.30 46.54 -32.68
CA PHE C 324 -23.35 45.41 -33.59
C PHE C 324 -22.73 45.78 -34.92
N GLN C 325 -22.05 44.82 -35.54
CA GLN C 325 -21.46 45.03 -36.86
C GLN C 325 -21.76 43.81 -37.72
N CYS C 326 -22.21 44.04 -38.95
CA CYS C 326 -22.46 42.95 -39.87
C CYS C 326 -21.14 42.32 -40.29
N GLN C 327 -21.06 41.00 -40.23
CA GLN C 327 -19.84 40.29 -40.59
C GLN C 327 -19.67 40.14 -42.10
N VAL C 328 -20.58 40.68 -42.90
CA VAL C 328 -20.49 40.65 -44.34
C VAL C 328 -20.23 42.03 -44.92
N CYS C 329 -21.08 43.00 -44.60
CA CYS C 329 -21.01 44.33 -45.19
C CYS C 329 -20.43 45.38 -44.25
N ALA C 330 -20.11 45.02 -43.01
CA ALA C 330 -19.52 45.92 -42.02
C ALA C 330 -20.46 47.03 -41.59
N HIS C 331 -21.75 46.93 -41.90
CA HIS C 331 -22.71 47.91 -41.43
C HIS C 331 -22.84 47.82 -39.91
N THR C 332 -23.01 48.97 -39.26
CA THR C 332 -22.99 49.07 -37.81
C THR C 332 -24.32 49.55 -37.28
N THR C 333 -24.68 49.06 -36.09
CA THR C 333 -25.93 49.39 -35.43
C THR C 333 -25.70 49.51 -33.93
N ARG C 334 -26.56 50.26 -33.27
CA ARG C 334 -26.51 50.42 -31.81
C ARG C 334 -27.87 50.13 -31.22
N VAL C 335 -27.89 49.33 -30.16
CA VAL C 335 -29.13 48.90 -29.52
C VAL C 335 -29.08 49.28 -28.04
N GLU C 336 -30.15 49.85 -27.54
CA GLU C 336 -30.20 50.23 -26.13
C GLU C 336 -30.63 49.05 -25.26
N MET C 337 -29.93 48.86 -24.15
CA MET C 337 -30.28 47.80 -23.21
C MET C 337 -31.66 48.08 -22.60
N ASP C 338 -32.40 47.01 -22.35
CA ASP C 338 -33.77 47.12 -21.86
C ASP C 338 -33.97 46.05 -20.79
N ARG C 339 -33.97 46.47 -19.52
CA ARG C 339 -34.18 45.57 -18.40
C ARG C 339 -33.27 44.34 -18.48
N GLY C 340 -31.98 44.61 -18.66
CA GLY C 340 -31.00 43.54 -18.68
C GLY C 340 -31.07 42.63 -19.88
N ARG C 341 -31.90 42.96 -20.87
CA ARG C 341 -32.07 42.16 -22.07
C ARG C 341 -31.78 43.03 -23.28
N ILE C 342 -31.19 42.42 -24.31
CA ILE C 342 -30.81 43.11 -25.53
C ILE C 342 -31.50 42.43 -26.70
N ALA C 343 -32.01 43.24 -27.62
CA ALA C 343 -32.70 42.74 -28.81
C ALA C 343 -31.70 42.62 -29.94
N GLU C 344 -31.07 41.46 -30.05
CA GLU C 344 -30.08 41.25 -31.09
C GLU C 344 -30.73 41.35 -32.46
N PRO C 345 -30.17 42.11 -33.39
CA PRO C 345 -30.75 42.17 -34.74
C PRO C 345 -30.66 40.81 -35.43
N SER C 346 -31.65 40.53 -36.27
CA SER C 346 -31.70 39.27 -37.00
C SER C 346 -31.24 39.39 -38.44
N VAL C 347 -31.43 40.53 -39.07
CA VAL C 347 -31.04 40.75 -40.46
C VAL C 347 -30.37 42.11 -40.57
N CYS C 348 -29.27 42.17 -41.31
CA CYS C 348 -28.62 43.45 -41.57
C CYS C 348 -29.53 44.33 -42.40
N GLY C 349 -29.63 45.60 -42.01
CA GLY C 349 -30.46 46.52 -42.76
C GLY C 349 -29.90 46.80 -44.15
N ARG C 350 -28.59 47.00 -44.26
CA ARG C 350 -27.96 47.39 -45.54
C ARG C 350 -27.96 46.23 -46.54
N CYS C 351 -27.62 45.00 -46.13
CA CYS C 351 -27.45 43.89 -47.05
C CYS C 351 -28.44 42.75 -46.83
N HIS C 352 -29.31 42.85 -45.83
CA HIS C 352 -30.43 41.92 -45.62
C HIS C 352 -29.98 40.50 -45.30
N THR C 353 -28.69 40.25 -45.11
CA THR C 353 -28.25 38.93 -44.71
C THR C 353 -28.75 38.62 -43.31
N THR C 354 -29.06 37.34 -43.07
CA THR C 354 -29.63 36.91 -41.80
C THR C 354 -28.55 36.33 -40.91
N HIS C 355 -28.61 36.69 -39.62
CA HIS C 355 -27.68 36.17 -38.61
C HIS C 355 -26.25 36.54 -38.93
N SER C 356 -26.02 37.80 -39.32
CA SER C 356 -24.70 38.29 -39.68
C SER C 356 -24.19 39.37 -38.75
N MET C 357 -24.99 39.79 -37.76
CA MET C 357 -24.61 40.88 -36.87
C MET C 357 -23.90 40.34 -35.64
N ALA C 358 -22.63 40.67 -35.50
CA ALA C 358 -21.83 40.25 -34.35
C ALA C 358 -21.70 41.41 -33.36
N LEU C 359 -21.85 41.09 -32.08
CA LEU C 359 -21.70 42.08 -31.02
C LEU C 359 -20.22 42.40 -30.82
N ILE C 360 -19.85 43.66 -30.98
CA ILE C 360 -18.49 44.12 -30.71
C ILE C 360 -18.47 44.63 -29.28
N HIS C 361 -17.87 43.84 -28.38
CA HIS C 361 -17.96 44.13 -26.97
C HIS C 361 -17.27 45.44 -26.61
N ASN C 362 -16.13 45.72 -27.23
CA ASN C 362 -15.32 46.88 -26.86
C ASN C 362 -15.64 48.13 -27.66
N ARG C 363 -16.69 48.11 -28.48
CA ARG C 363 -17.26 49.32 -29.06
C ARG C 363 -18.56 49.70 -28.39
N SER C 364 -19.03 48.91 -27.42
CA SER C 364 -20.24 49.21 -26.68
C SER C 364 -19.98 50.29 -25.64
N LEU C 365 -21.01 50.63 -24.88
CA LEU C 365 -20.94 51.64 -23.84
C LEU C 365 -21.17 50.97 -22.49
N PHE C 366 -20.30 51.26 -21.53
CA PHE C 366 -20.34 50.60 -20.23
C PHE C 366 -20.36 51.64 -19.11
N SER C 367 -20.92 51.23 -17.98
CA SER C 367 -20.97 52.04 -16.78
C SER C 367 -20.38 51.24 -15.62
N ASP C 368 -20.02 51.94 -14.54
CA ASP C 368 -19.32 51.32 -13.42
C ASP C 368 -20.29 50.79 -12.38
N LYS C 369 -19.89 49.69 -11.74
CA LYS C 369 -20.63 49.13 -10.62
C LYS C 369 -19.63 48.57 -9.62
N GLN C 370 -20.00 48.61 -8.34
CA GLN C 370 -19.14 48.08 -7.28
C GLN C 370 -19.98 47.38 -6.24
N MET C 371 -19.49 46.23 -5.79
CA MET C 371 -20.06 45.45 -4.71
C MET C 371 -19.37 45.82 -3.40
N ILE C 372 -20.16 46.11 -2.37
CA ILE C 372 -19.63 46.44 -1.06
C ILE C 372 -20.33 45.57 -0.03
N LYS C 373 -19.57 45.14 0.98
CA LYS C 373 -20.12 44.35 2.07
C LYS C 373 -20.14 45.22 3.31
N LEU C 374 -21.32 45.39 3.90
CA LEU C 374 -21.52 46.23 5.07
C LEU C 374 -21.79 45.34 6.27
N GLN C 375 -21.05 45.56 7.36
CA GLN C 375 -21.16 44.75 8.55
C GLN C 375 -21.95 45.51 9.61
N GLU C 376 -22.79 44.79 10.34
CA GLU C 376 -23.61 45.41 11.37
C GLU C 376 -22.73 46.08 12.42
N SER C 377 -23.18 47.24 12.90
CA SER C 377 -22.40 47.99 13.86
C SER C 377 -22.32 47.25 15.20
N PRO C 378 -21.18 47.32 15.91
CA PRO C 378 -21.10 46.63 17.20
C PRO C 378 -22.14 47.07 18.22
N GLU C 379 -22.54 48.35 18.19
CA GLU C 379 -23.47 48.85 19.21
C GLU C 379 -24.85 48.23 19.06
N ASP C 380 -25.35 48.11 17.83
CA ASP C 380 -26.70 47.63 17.61
C ASP C 380 -26.81 46.10 17.67
N MET C 381 -25.70 45.40 17.82
CA MET C 381 -25.74 43.94 17.84
C MET C 381 -26.37 43.44 19.13
N PRO C 382 -27.31 42.49 19.08
CA PRO C 382 -27.77 41.84 20.31
C PRO C 382 -26.65 41.03 20.95
N ALA C 383 -26.74 40.87 22.25
CA ALA C 383 -25.65 40.25 23.01
C ALA C 383 -25.45 38.79 22.59
N GLY C 384 -24.24 38.48 22.17
CA GLY C 384 -23.84 37.11 21.90
C GLY C 384 -24.18 36.56 20.52
N GLN C 385 -24.67 37.41 19.62
CA GLN C 385 -24.98 36.99 18.25
C GLN C 385 -23.89 37.49 17.31
N THR C 386 -23.62 36.70 16.28
CA THR C 386 -22.63 37.11 15.29
C THR C 386 -23.18 38.27 14.46
N PRO C 387 -22.31 39.17 14.01
CA PRO C 387 -22.78 40.32 13.23
C PRO C 387 -23.47 39.87 11.94
N HIS C 388 -24.50 40.62 11.56
CA HIS C 388 -25.12 40.43 10.25
C HIS C 388 -24.37 41.24 9.20
N THR C 389 -24.53 40.83 7.95
CA THR C 389 -23.88 41.49 6.84
C THR C 389 -24.89 41.72 5.71
N VAL C 390 -24.68 42.81 4.98
CA VAL C 390 -25.57 43.21 3.89
C VAL C 390 -24.72 43.52 2.67
N ILE C 391 -25.30 43.33 1.49
CA ILE C 391 -24.65 43.62 0.23
C ILE C 391 -25.19 44.94 -0.30
N LEU C 392 -24.28 45.83 -0.70
CA LEU C 392 -24.63 47.09 -1.33
C LEU C 392 -24.04 47.14 -2.72
N PHE C 393 -24.75 47.81 -3.62
CA PHE C 393 -24.28 48.04 -4.99
C PHE C 393 -24.22 49.53 -5.26
N ALA C 394 -23.06 50.01 -5.66
CA ALA C 394 -22.85 51.41 -5.98
C ALA C 394 -22.58 51.55 -7.47
N HIS C 395 -23.00 52.66 -8.05
CA HIS C 395 -22.88 52.89 -9.48
C HIS C 395 -22.31 54.28 -9.74
N ASN C 396 -21.57 54.39 -10.85
CA ASN C 396 -21.10 55.67 -11.39
C ASN C 396 -20.26 56.37 -10.34
N ASP C 397 -20.61 57.59 -9.90
CA ASP C 397 -19.70 58.37 -9.07
C ASP C 397 -19.67 57.91 -7.62
N LEU C 398 -20.52 56.98 -7.23
CA LEU C 398 -20.49 56.46 -5.86
C LEU C 398 -19.54 55.28 -5.70
N VAL C 399 -18.92 54.81 -6.77
CA VAL C 399 -17.95 53.73 -6.65
C VAL C 399 -16.67 54.29 -6.04
N ASP C 400 -16.04 53.50 -5.18
CA ASP C 400 -14.79 53.85 -4.50
C ASP C 400 -14.94 55.07 -3.59
N LYS C 401 -16.15 55.36 -3.14
CA LYS C 401 -16.37 56.44 -2.18
C LYS C 401 -16.26 55.98 -0.75
N VAL C 402 -16.18 54.68 -0.50
CA VAL C 402 -15.93 54.13 0.83
C VAL C 402 -14.82 53.10 0.71
N GLN C 403 -14.13 52.86 1.82
CA GLN C 403 -13.04 51.90 1.90
C GLN C 403 -13.29 50.99 3.09
N PRO C 404 -12.70 49.80 3.09
CA PRO C 404 -12.88 48.91 4.24
C PRO C 404 -12.41 49.58 5.52
N GLY C 405 -13.19 49.38 6.59
CA GLY C 405 -12.95 50.06 7.84
C GLY C 405 -13.82 51.26 8.09
N ASP C 406 -14.43 51.83 7.06
CA ASP C 406 -15.26 53.01 7.23
C ASP C 406 -16.54 52.68 7.99
N ARG C 407 -17.02 53.65 8.74
CA ARG C 407 -18.33 53.58 9.40
C ARG C 407 -19.24 54.58 8.71
N VAL C 408 -20.33 54.08 8.12
CA VAL C 408 -21.12 54.87 7.19
C VAL C 408 -22.61 54.67 7.43
N ASN C 409 -23.36 55.72 7.15
CA ASN C 409 -24.81 55.65 6.98
C ASN C 409 -25.10 55.62 5.48
N VAL C 410 -25.80 54.58 5.05
CA VAL C 410 -26.09 54.33 3.65
C VAL C 410 -27.58 54.50 3.43
N THR C 411 -27.95 55.38 2.51
CA THR C 411 -29.33 55.54 2.07
C THR C 411 -29.47 54.95 0.68
N GLY C 412 -30.43 54.05 0.51
CA GLY C 412 -30.61 53.40 -0.77
C GLY C 412 -31.92 52.66 -0.83
N ILE C 413 -32.12 51.96 -1.95
CA ILE C 413 -33.35 51.23 -2.21
C ILE C 413 -33.12 49.75 -1.92
N TYR C 414 -34.05 49.14 -1.20
CA TYR C 414 -33.98 47.72 -0.88
C TYR C 414 -34.54 46.90 -2.04
N ARG C 415 -33.75 45.93 -2.52
CA ARG C 415 -34.09 45.17 -3.71
C ARG C 415 -34.14 43.68 -3.39
N ALA C 416 -34.97 42.96 -4.14
CA ALA C 416 -35.06 41.50 -4.07
C ALA C 416 -34.87 40.93 -5.46
N VAL C 417 -33.98 39.95 -5.60
CA VAL C 417 -33.60 39.44 -6.91
C VAL C 417 -33.69 37.92 -6.92
N PRO C 418 -34.22 37.29 -7.97
CA PRO C 418 -34.28 35.82 -8.00
C PRO C 418 -32.92 35.17 -8.23
N ILE C 419 -32.75 33.98 -7.75
CA ILE C 419 -31.58 33.15 -7.80
C ILE C 419 -31.84 31.95 -8.69
N ARG C 420 -31.09 31.76 -9.73
CA ARG C 420 -31.14 30.60 -10.58
C ARG C 420 -30.68 29.35 -9.89
N VAL C 421 -31.33 28.24 -10.10
CA VAL C 421 -30.98 26.95 -9.59
C VAL C 421 -29.59 26.56 -10.05
N ASN C 422 -29.33 26.65 -11.35
CA ASN C 422 -28.01 26.47 -11.91
C ASN C 422 -27.90 27.39 -13.13
N PRO C 423 -26.69 27.68 -13.62
CA PRO C 423 -26.51 28.62 -14.72
C PRO C 423 -27.19 28.25 -16.00
N ARG C 424 -27.45 26.96 -16.25
CA ARG C 424 -27.96 26.45 -17.54
C ARG C 424 -29.48 26.56 -17.67
N VAL C 425 -30.25 26.30 -16.60
CA VAL C 425 -31.67 26.30 -16.57
C VAL C 425 -32.21 27.69 -16.29
N SER C 426 -33.45 27.96 -16.55
CA SER C 426 -34.17 29.14 -16.21
C SER C 426 -35.04 29.02 -14.97
N ASN C 427 -34.97 27.94 -14.25
CA ASN C 427 -35.58 27.75 -12.98
C ASN C 427 -34.96 28.65 -11.94
N VAL C 428 -35.73 29.19 -11.02
CA VAL C 428 -35.34 30.02 -9.94
C VAL C 428 -35.83 29.49 -8.62
N LYS C 429 -35.15 29.76 -7.55
CA LYS C 429 -35.51 29.44 -6.21
C LYS C 429 -36.62 30.33 -5.71
N SER C 430 -37.52 29.76 -4.90
CA SER C 430 -38.64 30.53 -4.38
C SER C 430 -38.24 31.55 -3.33
N VAL C 431 -37.02 31.45 -2.80
CA VAL C 431 -36.50 32.39 -1.81
C VAL C 431 -35.55 33.34 -2.51
N TYR C 432 -35.85 34.64 -2.42
CA TYR C 432 -35.09 35.67 -3.12
C TYR C 432 -33.91 36.14 -2.29
N LYS C 433 -32.88 36.64 -2.96
CA LYS C 433 -31.78 37.32 -2.30
C LYS C 433 -32.00 38.82 -2.38
N THR C 434 -31.31 39.55 -1.51
CA THR C 434 -31.55 40.98 -1.34
C THR C 434 -30.23 41.73 -1.34
N HIS C 435 -30.30 43.00 -1.74
CA HIS C 435 -29.18 43.93 -1.66
C HIS C 435 -29.75 45.33 -1.56
N ILE C 436 -28.87 46.32 -1.50
CA ILE C 436 -29.25 47.72 -1.41
C ILE C 436 -28.58 48.49 -2.53
N ASP C 437 -29.37 49.18 -3.34
CA ASP C 437 -28.86 50.07 -4.37
C ASP C 437 -28.54 51.41 -3.72
N VAL C 438 -27.25 51.72 -3.64
CA VAL C 438 -26.81 52.87 -2.86
C VAL C 438 -27.23 54.16 -3.56
N ILE C 439 -27.81 55.08 -2.80
CA ILE C 439 -28.13 56.40 -3.29
C ILE C 439 -27.27 57.48 -2.64
N HIS C 440 -26.94 57.34 -1.36
CA HIS C 440 -26.17 58.36 -0.65
C HIS C 440 -25.31 57.73 0.44
N TYR C 441 -24.06 58.17 0.51
CA TYR C 441 -23.12 57.79 1.55
C TYR C 441 -22.93 58.94 2.52
N ARG C 442 -22.89 58.65 3.82
CA ARG C 442 -22.49 59.63 4.82
C ARG C 442 -21.49 58.98 5.76
N LYS C 443 -20.25 59.46 5.72
CA LYS C 443 -19.19 58.89 6.54
C LYS C 443 -19.29 59.44 7.95
N THR C 444 -19.60 58.58 8.91
CA THR C 444 -19.74 58.94 10.31
C THR C 444 -18.54 58.38 11.08
N ASP C 445 -17.69 59.27 11.58
CA ASP C 445 -16.48 58.85 12.29
C ASP C 445 -16.83 58.01 13.51
N PHE C 461 -2.20 74.57 4.97
CA PHE C 461 -2.94 74.95 6.16
C PHE C 461 -3.55 76.33 6.01
N SER C 462 -4.57 76.62 6.81
CA SER C 462 -5.14 77.96 6.85
C SER C 462 -4.12 78.94 7.39
N GLU C 463 -4.17 80.18 6.88
CA GLU C 463 -3.22 81.19 7.33
C GLU C 463 -3.39 81.49 8.81
N LYS C 464 -4.63 81.46 9.32
CA LYS C 464 -4.84 81.65 10.75
C LYS C 464 -4.21 80.51 11.55
N ARG C 465 -4.38 79.27 11.07
CA ARG C 465 -3.77 78.14 11.76
C ARG C 465 -2.25 78.25 11.75
N VAL C 466 -1.66 78.64 10.62
CA VAL C 466 -0.22 78.79 10.54
C VAL C 466 0.25 79.90 11.48
N GLU C 467 -0.53 80.99 11.56
CA GLU C 467 -0.19 82.06 12.48
C GLU C 467 -0.21 81.57 13.93
N LEU C 468 -1.22 80.79 14.28
CA LEU C 468 -1.27 80.24 15.64
C LEU C 468 -0.07 79.33 15.91
N LEU C 469 0.26 78.47 14.94
CA LEU C 469 1.40 77.57 15.12
C LEU C 469 2.69 78.35 15.31
N LYS C 470 2.90 79.39 14.51
CA LYS C 470 4.10 80.20 14.66
C LYS C 470 4.12 80.94 15.99
N GLU C 471 2.96 81.41 16.43
CA GLU C 471 2.90 82.07 17.74
C GLU C 471 3.29 81.10 18.85
N LEU C 472 2.82 79.85 18.77
CA LEU C 472 3.28 78.83 19.71
C LEU C 472 4.79 78.62 19.59
N SER C 473 5.30 78.55 18.37
CA SER C 473 6.72 78.30 18.16
C SER C 473 7.57 79.42 18.71
N ARG C 474 7.00 80.62 18.87
CA ARG C 474 7.76 81.72 19.44
C ARG C 474 7.90 81.61 20.95
N LYS C 475 7.04 80.84 21.60
CA LYS C 475 7.04 80.80 23.05
C LYS C 475 8.34 80.18 23.57
N PRO C 476 8.90 80.70 24.67
CA PRO C 476 10.21 80.21 25.12
C PRO C 476 10.22 78.75 25.53
N ASP C 477 9.12 78.20 26.01
CA ASP C 477 9.07 76.85 26.56
C ASP C 477 8.24 75.91 25.69
N ILE C 478 8.35 76.04 24.37
CA ILE C 478 7.52 75.24 23.47
C ILE C 478 7.86 73.76 23.63
N TYR C 479 9.13 73.44 23.87
CA TYR C 479 9.53 72.05 24.05
C TYR C 479 8.75 71.39 25.18
N GLU C 480 8.72 72.04 26.34
CA GLU C 480 8.04 71.45 27.49
C GLU C 480 6.53 71.47 27.33
N ARG C 481 6.00 72.50 26.67
CA ARG C 481 4.56 72.54 26.41
C ARG C 481 4.13 71.36 25.56
N LEU C 482 4.85 71.11 24.46
CA LEU C 482 4.52 69.98 23.61
C LEU C 482 4.70 68.66 24.36
N ALA C 483 5.79 68.55 25.13
CA ALA C 483 6.00 67.31 25.89
C ALA C 483 4.84 67.05 26.85
N SER C 484 4.38 68.09 27.54
CA SER C 484 3.25 67.93 28.45
C SER C 484 1.99 67.53 27.68
N ALA C 485 1.76 68.15 26.52
CA ALA C 485 0.57 67.83 25.75
C ALA C 485 0.61 66.40 25.20
N LEU C 486 1.79 65.81 25.06
CA LEU C 486 1.92 64.55 24.34
C LEU C 486 1.08 63.45 24.98
N ALA C 487 1.13 63.31 26.30
CA ALA C 487 0.44 62.23 27.00
C ALA C 487 0.03 62.69 28.38
N PRO C 488 -1.10 63.39 28.49
CA PRO C 488 -1.50 63.93 29.79
C PRO C 488 -1.81 62.87 30.83
N SER C 489 -2.24 61.68 30.42
CA SER C 489 -2.65 60.66 31.39
C SER C 489 -1.45 60.06 32.11
N ILE C 490 -0.35 59.81 31.40
CA ILE C 490 0.82 59.23 32.03
C ILE C 490 1.42 60.23 33.02
N TYR C 491 2.06 59.72 34.06
CA TYR C 491 2.48 60.51 35.21
C TYR C 491 3.99 60.46 35.37
N GLU C 492 4.64 61.62 35.31
CA GLU C 492 6.00 61.85 35.78
C GLU C 492 7.08 61.22 34.90
N HIS C 493 6.76 60.82 33.67
CA HIS C 493 7.78 60.29 32.76
C HIS C 493 8.19 61.37 31.75
N GLU C 494 8.87 62.40 32.26
CA GLU C 494 9.14 63.59 31.45
C GLU C 494 10.15 63.30 30.34
N ASP C 495 11.28 62.67 30.68
CA ASP C 495 12.33 62.46 29.69
C ASP C 495 11.86 61.51 28.59
N ILE C 496 11.10 60.48 28.96
CA ILE C 496 10.55 59.57 27.96
C ILE C 496 9.63 60.33 27.02
N LYS C 497 8.79 61.21 27.55
CA LYS C 497 7.90 62.00 26.72
C LYS C 497 8.68 62.91 25.78
N LYS C 498 9.76 63.53 26.26
CA LYS C 498 10.57 64.37 25.40
C LYS C 498 11.19 63.56 24.27
N GLY C 499 11.73 62.39 24.59
CA GLY C 499 12.28 61.54 23.56
C GLY C 499 11.25 61.12 22.53
N ILE C 500 10.04 60.79 22.97
CA ILE C 500 8.99 60.39 22.05
C ILE C 500 8.58 61.56 21.17
N LEU C 501 8.55 62.77 21.73
CA LEU C 501 8.27 63.95 20.92
C LEU C 501 9.31 64.14 19.83
N LEU C 502 10.59 64.03 20.20
CA LEU C 502 11.66 64.17 19.21
C LEU C 502 11.54 63.09 18.15
N GLN C 503 11.15 61.88 18.54
CA GLN C 503 10.94 60.82 17.55
C GLN C 503 9.81 61.17 16.61
N LEU C 504 8.73 61.74 17.14
CA LEU C 504 7.61 62.15 16.28
C LEU C 504 8.07 63.19 15.27
N PHE C 505 8.90 64.15 15.68
CA PHE C 505 9.37 65.16 14.74
C PHE C 505 10.37 64.60 13.74
N GLY C 506 11.32 63.80 14.20
CA GLY C 506 12.28 63.16 13.33
C GLY C 506 13.42 64.10 12.94
N GLY C 507 14.49 63.57 12.41
CA GLY C 507 15.64 64.35 11.94
C GLY C 507 15.51 64.71 10.49
N THR C 508 16.52 65.29 9.88
CA THR C 508 16.49 65.78 8.49
C THR C 508 16.80 64.67 7.49
N ARG C 509 15.99 64.52 6.43
CA ARG C 509 16.24 63.53 5.35
C ARG C 509 17.32 64.09 4.43
N LYS C 510 18.59 63.77 4.68
CA LYS C 510 19.77 64.27 3.92
C LYS C 510 19.73 63.81 2.46
N ASP C 511 19.26 62.59 2.21
CA ASP C 511 19.23 62.07 0.82
C ASP C 511 20.62 62.06 0.17
N PHE C 512 21.65 61.54 0.87
CA PHE C 512 23.02 61.33 0.32
C PHE C 512 23.02 60.30 -0.84
N PHE C 520 21.58 58.01 5.06
CA PHE C 520 21.64 58.34 6.48
C PHE C 520 20.25 58.16 7.07
N ARG C 521 20.04 57.19 7.92
CA ARG C 521 18.76 57.04 8.59
C ARG C 521 18.50 58.37 9.24
N ALA C 522 17.32 58.92 9.13
CA ALA C 522 16.89 60.15 9.78
C ALA C 522 15.92 59.78 10.87
N GLU C 523 15.67 58.52 11.02
CA GLU C 523 14.64 57.98 11.90
C GLU C 523 15.21 57.71 13.28
N ILE C 524 14.44 57.94 14.32
CA ILE C 524 14.86 57.81 15.71
C ILE C 524 14.13 56.60 16.30
N ASN C 525 14.91 55.66 16.83
CA ASN C 525 14.38 54.41 17.39
C ASN C 525 14.46 54.47 18.91
N ILE C 526 13.36 54.14 19.59
CA ILE C 526 13.28 54.23 21.04
C ILE C 526 12.75 52.93 21.60
N LEU C 527 13.42 52.42 22.64
CA LEU C 527 13.01 51.21 23.33
C LEU C 527 12.72 51.53 24.79
N LEU C 528 11.51 51.22 25.24
CA LEU C 528 11.10 51.38 26.64
C LEU C 528 11.05 50.00 27.28
N CYS C 529 12.02 49.68 28.12
CA CYS C 529 12.02 48.42 28.85
C CYS C 529 11.68 48.71 30.30
N GLY C 530 10.96 47.80 30.94
CA GLY C 530 10.65 48.05 32.34
C GLY C 530 9.79 46.97 32.96
N ASP C 531 9.49 47.18 34.23
CA ASP C 531 8.70 46.24 35.01
C ASP C 531 7.26 46.21 34.49
N PRO C 532 6.54 45.13 34.72
CA PRO C 532 5.12 45.10 34.38
C PRO C 532 4.33 46.03 35.29
N GLY C 533 3.18 46.46 34.79
CA GLY C 533 2.31 47.34 35.53
C GLY C 533 2.61 48.82 35.39
N THR C 534 3.63 49.18 34.61
CA THR C 534 3.90 50.57 34.28
C THR C 534 2.94 50.97 33.16
N SER C 535 3.18 52.11 32.51
CA SER C 535 2.27 52.67 31.52
C SER C 535 2.85 52.60 30.10
N LYS C 536 3.54 51.50 29.77
CA LYS C 536 4.21 51.42 28.48
C LYS C 536 3.21 51.27 27.33
N SER C 537 2.24 50.36 27.48
CA SER C 537 1.26 50.15 26.43
C SER C 537 0.44 51.41 26.19
N GLN C 538 0.12 52.14 27.25
CA GLN C 538 -0.63 53.39 27.09
C GLN C 538 0.15 54.40 26.27
N LEU C 539 1.45 54.54 26.53
CA LEU C 539 2.27 55.44 25.75
C LEU C 539 2.30 55.02 24.29
N LEU C 540 2.48 53.73 24.03
CA LEU C 540 2.50 53.26 22.64
C LEU C 540 1.17 53.55 21.95
N GLN C 541 0.06 53.34 22.66
CA GLN C 541 -1.26 53.62 22.08
C GLN C 541 -1.42 55.11 21.76
N TYR C 542 -0.92 55.98 22.65
CA TYR C 542 -1.07 57.44 22.46
C TYR C 542 -0.24 57.87 21.26
N VAL C 543 0.96 57.31 21.07
CA VAL C 543 1.77 57.64 19.91
C VAL C 543 1.11 57.11 18.64
N TYR C 544 0.57 55.89 18.69
CA TYR C 544 -0.10 55.32 17.52
C TYR C 544 -1.27 56.18 17.09
N ASN C 545 -2.07 56.66 18.04
CA ASN C 545 -3.17 57.55 17.69
C ASN C 545 -2.65 58.85 17.09
N LEU C 546 -1.52 59.36 17.58
CA LEU C 546 -1.06 60.68 17.16
C LEU C 546 -0.58 60.67 15.71
N VAL C 547 0.22 59.68 15.32
CA VAL C 547 0.93 59.70 14.04
C VAL C 547 -0.05 59.39 12.90
N PRO C 548 0.10 60.00 11.72
CA PRO C 548 -0.81 59.66 10.62
C PRO C 548 -0.53 58.32 9.98
N ARG C 549 0.74 58.00 9.72
CA ARG C 549 1.11 56.74 9.01
C ARG C 549 1.71 55.75 10.00
N GLY C 550 1.09 55.52 11.17
CA GLY C 550 1.61 54.58 12.13
C GLY C 550 0.89 53.24 12.15
N GLN C 551 1.56 52.26 12.75
CA GLN C 551 1.03 50.92 12.93
C GLN C 551 1.28 50.48 14.36
N TYR C 552 0.28 49.86 14.98
CA TYR C 552 0.41 49.24 16.29
C TYR C 552 0.40 47.73 16.12
N THR C 553 1.44 47.07 16.62
CA THR C 553 1.60 45.64 16.42
C THR C 553 2.31 45.03 17.62
N SER C 554 2.39 43.70 17.60
CA SER C 554 2.99 42.93 18.68
C SER C 554 4.03 41.98 18.12
N GLY C 555 5.08 41.74 18.91
CA GLY C 555 6.14 40.85 18.50
C GLY C 555 5.78 39.37 18.54
N LYS C 556 4.74 39.01 19.30
CA LYS C 556 4.33 37.61 19.36
C LYS C 556 3.88 37.12 17.99
N GLY C 557 4.32 35.90 17.64
CA GLY C 557 3.96 35.35 16.34
C GLY C 557 2.48 35.13 16.18
N SER C 558 1.79 34.73 17.25
CA SER C 558 0.36 34.45 17.15
C SER C 558 -0.45 35.70 16.82
N SER C 559 0.15 36.89 17.01
CA SER C 559 -0.49 38.22 16.76
C SER C 559 -1.30 38.29 15.47
N ALA C 560 -2.43 39.00 15.48
CA ALA C 560 -3.33 39.18 14.31
C ALA C 560 -2.62 39.95 13.19
N VAL C 561 -1.84 40.99 13.52
CA VAL C 561 -1.13 41.84 12.52
C VAL C 561 0.35 41.50 12.62
N GLY C 562 1.00 41.18 11.49
CA GLY C 562 2.38 40.71 11.50
C GLY C 562 3.37 41.78 11.10
N LEU C 563 4.64 41.63 11.45
CA LEU C 563 5.70 42.55 11.07
C LEU C 563 6.32 42.20 9.73
N THR C 564 6.15 40.97 9.25
CA THR C 564 6.88 40.47 8.11
C THR C 564 6.01 40.43 6.86
N ALA C 565 6.67 40.56 5.71
CA ALA C 565 5.97 40.48 4.44
C ALA C 565 5.75 39.03 4.05
N TYR C 566 4.55 38.73 3.58
CA TYR C 566 4.15 37.37 3.24
C TYR C 566 3.24 37.36 2.02
N LEU C 576 -2.90 35.23 -6.10
CA LEU C 576 -1.73 35.64 -5.34
C LEU C 576 -1.76 37.13 -5.06
N VAL C 577 -1.54 37.50 -3.81
CA VAL C 577 -1.47 38.89 -3.38
C VAL C 577 -0.24 39.06 -2.50
N LEU C 578 0.62 40.00 -2.86
CA LEU C 578 1.76 40.32 -2.02
C LEU C 578 1.31 41.15 -0.84
N GLN C 579 1.53 40.63 0.37
CA GLN C 579 1.13 41.29 1.60
C GLN C 579 2.36 41.79 2.33
N THR C 580 2.54 43.10 2.36
CA THR C 580 3.63 43.72 3.09
C THR C 580 3.24 43.86 4.55
N GLY C 581 4.22 43.67 5.44
CA GLY C 581 3.96 43.71 6.86
C GLY C 581 3.80 45.12 7.39
N ALA C 582 3.67 45.21 8.72
CA ALA C 582 3.49 46.51 9.35
C ALA C 582 4.71 47.41 9.16
N LEU C 583 5.90 46.82 9.13
CA LEU C 583 7.11 47.64 8.97
C LEU C 583 7.10 48.36 7.63
N VAL C 584 6.71 47.67 6.56
CA VAL C 584 6.63 48.33 5.25
C VAL C 584 5.45 49.29 5.23
N LEU C 585 4.33 48.94 5.85
CA LEU C 585 3.18 49.83 5.87
C LEU C 585 3.48 51.12 6.63
N SER C 586 4.33 51.06 7.65
CA SER C 586 4.71 52.23 8.41
C SER C 586 5.86 53.00 7.78
N ASP C 587 6.16 52.74 6.52
CA ASP C 587 7.22 53.48 5.84
C ASP C 587 6.93 54.97 5.91
N ASN C 588 7.94 55.76 6.26
CA ASN C 588 7.77 57.18 6.52
C ASN C 588 6.79 57.42 7.67
N GLY C 589 6.84 56.55 8.67
CA GLY C 589 5.96 56.64 9.83
C GLY C 589 6.57 55.98 11.04
N ILE C 590 5.75 55.64 12.03
CA ILE C 590 6.20 55.03 13.28
C ILE C 590 5.50 53.69 13.44
N CYS C 591 6.27 52.66 13.76
CA CYS C 591 5.76 51.35 14.09
C CYS C 591 5.92 51.12 15.59
N CYS C 592 4.79 50.85 16.25
CA CYS C 592 4.77 50.59 17.69
C CYS C 592 4.70 49.08 17.90
N ILE C 593 5.70 48.54 18.59
CA ILE C 593 5.82 47.10 18.80
C ILE C 593 5.78 46.83 20.30
N ASP C 594 4.73 46.13 20.75
CA ASP C 594 4.42 46.09 22.18
C ASP C 594 5.18 45.00 22.92
N GLU C 595 5.10 43.76 22.45
CA GLU C 595 5.79 42.65 23.10
C GLU C 595 7.10 42.40 22.34
N PHE C 596 8.06 43.31 22.53
CA PHE C 596 9.31 43.23 21.80
C PHE C 596 10.10 41.98 22.19
N ASP C 597 10.10 41.64 23.48
CA ASP C 597 10.91 40.51 23.96
C ASP C 597 10.37 39.17 23.47
N LYS C 598 9.14 39.12 22.98
CA LYS C 598 8.51 37.87 22.60
C LYS C 598 8.69 37.55 21.12
N MET C 599 9.61 38.22 20.44
CA MET C 599 9.85 37.94 19.03
C MET C 599 10.66 36.67 18.85
N ASN C 600 10.34 35.93 17.80
CA ASN C 600 11.13 34.76 17.43
C ASN C 600 12.33 35.19 16.58
N GLU C 601 13.22 34.23 16.30
CA GLU C 601 14.49 34.56 15.68
C GLU C 601 14.29 35.18 14.29
N SER C 602 13.35 34.64 13.52
CA SER C 602 13.12 35.18 12.18
C SER C 602 12.65 36.63 12.24
N THR C 603 11.73 36.92 13.16
CA THR C 603 11.25 38.30 13.31
C THR C 603 12.39 39.21 13.75
N ARG C 604 13.27 38.71 14.61
CA ARG C 604 14.42 39.50 15.02
C ARG C 604 15.33 39.82 13.84
N SER C 605 15.55 38.84 12.97
CA SER C 605 16.35 39.10 11.77
C SER C 605 15.67 40.13 10.86
N VAL C 606 14.36 40.01 10.69
CA VAL C 606 13.63 40.97 9.86
C VAL C 606 13.77 42.38 10.44
N LEU C 607 13.61 42.51 11.75
CA LEU C 607 13.69 43.81 12.39
C LEU C 607 15.09 44.39 12.27
N HIS C 608 16.12 43.56 12.45
CA HIS C 608 17.48 44.04 12.28
C HIS C 608 17.71 44.54 10.86
N GLU C 609 17.21 43.80 9.87
CA GLU C 609 17.36 44.26 8.49
C GLU C 609 16.67 45.61 8.28
N VAL C 610 15.45 45.76 8.81
CA VAL C 610 14.72 47.00 8.62
C VAL C 610 15.46 48.16 9.28
N MET C 611 15.96 47.95 10.50
CA MET C 611 16.59 49.04 11.23
C MET C 611 17.94 49.40 10.65
N GLU C 612 18.66 48.44 10.08
CA GLU C 612 20.01 48.70 9.58
C GLU C 612 19.98 49.21 8.14
N GLN C 613 19.14 48.63 7.29
CA GLN C 613 19.13 48.93 5.87
C GLN C 613 17.90 49.71 5.41
N GLN C 614 16.83 49.75 6.22
CA GLN C 614 15.60 50.44 5.85
C GLN C 614 14.93 49.81 4.63
N THR C 615 15.18 48.53 4.40
CA THR C 615 14.54 47.79 3.32
C THR C 615 14.18 46.41 3.83
N LEU C 616 13.27 45.76 3.11
CA LEU C 616 12.84 44.40 3.40
C LEU C 616 12.89 43.60 2.10
N SER C 617 13.73 42.58 2.07
CA SER C 617 13.90 41.75 0.89
C SER C 617 13.01 40.53 0.97
N ILE C 618 12.35 40.19 -0.14
CA ILE C 618 11.53 38.99 -0.22
C ILE C 618 11.91 38.22 -1.47
N ALA C 619 12.04 36.91 -1.33
CA ALA C 619 12.26 35.98 -2.45
C ALA C 619 11.38 34.76 -2.17
N LYS C 620 10.13 34.82 -2.63
CA LYS C 620 9.16 33.77 -2.32
C LYS C 620 8.12 33.67 -3.43
N ALA C 621 7.74 32.44 -3.76
CA ALA C 621 6.69 32.16 -4.74
C ALA C 621 6.98 32.84 -6.06
N GLY C 622 8.25 32.84 -6.46
CA GLY C 622 8.67 33.42 -7.71
C GLY C 622 8.80 34.93 -7.70
N ILE C 623 8.53 35.58 -6.58
CA ILE C 623 8.59 37.04 -6.45
C ILE C 623 9.90 37.38 -5.76
N ILE C 624 10.72 38.20 -6.41
CA ILE C 624 11.96 38.73 -5.86
C ILE C 624 11.85 40.24 -5.85
N CYS C 625 11.92 40.86 -4.67
CA CYS C 625 11.84 42.30 -4.63
C CYS C 625 12.38 42.84 -3.30
N GLN C 626 12.62 44.15 -3.30
CA GLN C 626 13.02 44.90 -2.13
C GLN C 626 12.00 45.99 -1.88
N LEU C 627 11.48 46.05 -0.65
CA LEU C 627 10.43 47.00 -0.28
C LEU C 627 11.02 48.04 0.66
N ASN C 628 10.73 49.30 0.38
CA ASN C 628 11.23 50.39 1.22
C ASN C 628 10.55 50.36 2.58
N ALA C 629 11.35 50.41 3.63
CA ALA C 629 10.84 50.50 5.00
C ALA C 629 11.69 51.53 5.75
N ARG C 630 11.32 52.81 5.61
CA ARG C 630 11.96 53.89 6.34
C ARG C 630 11.03 54.25 7.50
N THR C 631 11.13 53.48 8.56
CA THR C 631 10.18 53.56 9.67
C THR C 631 10.93 53.69 10.99
N SER C 632 10.34 54.44 11.91
CA SER C 632 10.87 54.61 13.25
C SER C 632 10.20 53.61 14.19
N VAL C 633 11.00 52.89 14.96
CA VAL C 633 10.52 51.83 15.83
C VAL C 633 10.39 52.38 17.24
N LEU C 634 9.18 52.28 17.79
CA LEU C 634 8.93 52.52 19.21
C LEU C 634 8.55 51.19 19.83
N ALA C 635 9.42 50.64 20.66
CA ALA C 635 9.26 49.28 21.17
C ALA C 635 9.10 49.30 22.68
N ALA C 636 8.35 48.31 23.18
CA ALA C 636 8.14 48.13 24.61
C ALA C 636 8.58 46.72 24.99
N ALA C 637 9.32 46.61 26.09
CA ALA C 637 9.91 45.34 26.50
C ALA C 637 9.75 45.10 27.99
N ASN C 638 9.51 43.84 28.33
CA ASN C 638 9.38 43.35 29.70
C ASN C 638 10.53 42.41 30.03
N PRO C 639 10.88 42.26 31.31
CA PRO C 639 11.93 41.32 31.68
C PRO C 639 11.45 39.88 31.59
N ILE C 640 12.41 38.96 31.49
CA ILE C 640 12.08 37.54 31.39
C ILE C 640 11.53 37.02 32.71
N GLU C 641 11.94 37.59 33.83
CA GLU C 641 11.45 37.21 35.14
C GLU C 641 10.15 37.94 35.45
N SER C 642 9.56 37.59 36.60
CA SER C 642 8.33 38.25 37.02
C SER C 642 8.56 39.70 37.44
N GLN C 643 9.82 40.10 37.62
CA GLN C 643 10.14 41.46 38.02
C GLN C 643 11.53 41.81 37.51
N TRP C 644 11.81 43.09 37.39
CA TRP C 644 13.15 43.53 37.02
C TRP C 644 14.13 43.15 38.11
N ASN C 645 15.29 42.63 37.70
CA ASN C 645 16.30 42.17 38.65
C ASN C 645 17.44 43.18 38.70
N PRO C 646 17.59 43.95 39.78
CA PRO C 646 18.67 44.95 39.81
C PRO C 646 20.05 44.35 39.63
N LYS C 647 20.28 43.13 40.09
CA LYS C 647 21.60 42.52 39.91
C LYS C 647 21.90 42.28 38.44
N LYS C 648 20.87 42.15 37.62
CA LYS C 648 21.05 41.90 36.19
C LYS C 648 21.08 43.21 35.41
N THR C 649 21.95 43.25 34.40
CA THR C 649 22.02 44.38 33.49
C THR C 649 20.82 44.37 32.55
N THR C 650 20.78 45.38 31.67
CA THR C 650 19.67 45.45 30.71
C THR C 650 19.69 44.27 29.75
N ILE C 651 20.87 43.92 29.23
CA ILE C 651 20.96 42.83 28.26
C ILE C 651 20.44 41.53 28.84
N GLU C 652 20.86 41.20 30.06
CA GLU C 652 20.45 39.93 30.66
C GLU C 652 19.07 40.01 31.29
N ASN C 653 18.54 41.22 31.50
CA ASN C 653 17.17 41.35 31.98
C ASN C 653 16.16 41.06 30.87
N ILE C 654 16.44 41.52 29.65
CA ILE C 654 15.61 41.27 28.48
C ILE C 654 16.44 40.43 27.51
N GLN C 655 15.91 39.28 27.13
CA GLN C 655 16.66 38.35 26.29
C GLN C 655 16.55 38.79 24.83
N LEU C 656 17.35 39.78 24.48
CA LEU C 656 17.50 40.22 23.10
C LEU C 656 18.97 40.38 22.78
N PRO C 657 19.37 40.17 21.53
CA PRO C 657 20.79 40.30 21.18
C PRO C 657 21.28 41.73 21.38
N HIS C 658 22.55 41.84 21.76
CA HIS C 658 23.14 43.17 21.90
C HIS C 658 23.26 43.87 20.54
N THR C 659 23.40 43.09 19.47
CA THR C 659 23.46 43.68 18.14
C THR C 659 22.16 44.39 17.79
N LEU C 660 21.02 43.83 18.20
CA LEU C 660 19.74 44.50 17.96
C LEU C 660 19.58 45.71 18.88
N LEU C 661 20.03 45.61 20.12
CA LEU C 661 19.90 46.71 21.06
C LEU C 661 20.76 47.89 20.64
N SER C 662 21.89 47.66 19.97
CA SER C 662 22.76 48.75 19.57
C SER C 662 22.17 49.62 18.47
N ARG C 663 21.06 49.21 17.85
CA ARG C 663 20.43 50.01 16.82
C ARG C 663 19.46 51.04 17.36
N PHE C 664 19.17 51.03 18.66
CA PHE C 664 18.24 51.99 19.25
C PHE C 664 18.99 53.25 19.65
N ASP C 665 18.43 54.41 19.29
CA ASP C 665 19.02 55.68 19.69
C ASP C 665 18.90 55.91 21.19
N LEU C 666 17.73 55.61 21.76
CA LEU C 666 17.46 55.84 23.17
C LEU C 666 16.79 54.62 23.77
N ILE C 667 17.30 54.16 24.90
CA ILE C 667 16.68 53.09 25.69
C ILE C 667 16.35 53.67 27.05
N PHE C 668 15.09 53.53 27.45
CA PHE C 668 14.59 54.07 28.71
C PHE C 668 14.11 52.93 29.60
N LEU C 669 14.24 53.13 30.91
CA LEU C 669 13.87 52.15 31.91
C LEU C 669 12.70 52.67 32.73
N LEU C 670 11.59 51.94 32.71
CA LEU C 670 10.42 52.27 33.52
C LEU C 670 10.36 51.30 34.69
N LEU C 671 11.05 51.66 35.77
CA LEU C 671 11.09 50.82 36.96
C LEU C 671 9.97 51.20 37.92
N ASP C 672 9.53 50.21 38.70
CA ASP C 672 8.50 50.42 39.70
C ASP C 672 9.16 50.74 41.04
N PRO C 673 8.93 51.92 41.62
CA PRO C 673 9.59 52.24 42.89
C PRO C 673 8.98 51.49 44.07
N GLN C 674 9.76 51.39 45.13
CA GLN C 674 9.28 50.88 46.41
C GLN C 674 8.80 52.01 47.33
N ASP C 675 8.95 53.26 46.91
CA ASP C 675 8.59 54.39 47.75
C ASP C 675 7.09 54.42 48.03
N GLU C 676 6.74 54.78 49.27
CA GLU C 676 5.34 54.94 49.62
C GLU C 676 4.77 56.25 49.09
N ALA C 677 5.56 57.32 49.12
CA ALA C 677 5.08 58.61 48.65
C ALA C 677 4.74 58.56 47.17
N TYR C 678 5.56 57.86 46.37
CA TYR C 678 5.23 57.69 44.96
C TYR C 678 3.91 56.95 44.81
N ASP C 679 3.69 55.90 45.62
CA ASP C 679 2.44 55.17 45.52
C ASP C 679 1.26 56.07 45.82
N ARG C 680 1.37 56.91 46.85
CA ARG C 680 0.27 57.79 47.19
C ARG C 680 0.01 58.81 46.08
N ARG C 681 1.07 59.39 45.54
CA ARG C 681 0.90 60.38 44.47
C ARG C 681 0.27 59.76 43.23
N LEU C 682 0.73 58.57 42.85
CA LEU C 682 0.16 57.89 41.69
C LEU C 682 -1.29 57.50 41.95
N ALA C 683 -1.61 57.10 43.19
CA ALA C 683 -2.98 56.77 43.52
C ALA C 683 -3.88 58.00 43.38
N HIS C 684 -3.42 59.16 43.85
CA HIS C 684 -4.21 60.37 43.71
C HIS C 684 -4.36 60.75 42.23
N HIS C 685 -3.29 60.61 41.45
CA HIS C 685 -3.36 60.84 40.02
C HIS C 685 -4.45 59.98 39.38
N LEU C 686 -4.43 58.68 39.69
CA LEU C 686 -5.37 57.76 39.05
C LEU C 686 -6.80 58.02 39.50
N VAL C 687 -7.01 58.37 40.78
CA VAL C 687 -8.35 58.68 41.24
C VAL C 687 -8.88 59.93 40.55
N ALA C 688 -8.05 60.97 40.48
CA ALA C 688 -8.44 62.18 39.77
C ALA C 688 -8.84 61.87 38.34
N LEU C 689 -8.03 61.06 37.65
CA LEU C 689 -8.38 60.66 36.28
C LEU C 689 -9.70 59.90 36.26
N TYR C 690 -9.92 59.04 37.27
CA TYR C 690 -11.17 58.31 37.36
C TYR C 690 -12.37 59.24 37.53
N TYR C 691 -12.16 60.45 38.05
CA TYR C 691 -13.24 61.40 38.20
C TYR C 691 -13.15 62.60 37.26
N GLN C 692 -12.35 62.53 36.19
CA GLN C 692 -12.15 63.71 35.37
C GLN C 692 -13.44 64.11 34.66
N SER C 693 -13.62 65.42 34.46
CA SER C 693 -14.84 65.97 33.90
C SER C 693 -14.74 66.11 32.38
N GLU C 694 -15.90 66.27 31.74
CA GLU C 694 -15.96 66.25 30.29
C GLU C 694 -15.27 67.47 29.67
N GLU C 695 -15.35 68.63 30.34
CA GLU C 695 -14.70 69.82 29.79
C GLU C 695 -13.19 69.65 29.74
N GLN C 696 -12.61 69.05 30.78
CA GLN C 696 -11.18 68.79 30.78
C GLN C 696 -10.79 67.83 29.66
N ALA C 697 -11.60 66.79 29.44
CA ALA C 697 -11.32 65.86 28.35
C ALA C 697 -11.37 66.57 27.00
N GLU C 698 -12.36 67.44 26.80
CA GLU C 698 -12.44 68.19 25.55
C GLU C 698 -11.23 69.09 25.38
N GLU C 699 -10.81 69.75 26.46
CA GLU C 699 -9.63 70.62 26.37
C GLU C 699 -8.39 69.82 25.99
N GLU C 700 -8.23 68.63 26.58
CA GLU C 700 -7.09 67.79 26.21
C GLU C 700 -7.16 67.37 24.75
N LEU C 701 -8.35 67.06 24.27
CA LEU C 701 -8.50 66.70 22.86
C LEU C 701 -8.10 67.86 21.95
N LEU C 702 -8.51 69.08 22.30
CA LEU C 702 -8.11 70.25 21.53
C LEU C 702 -6.60 70.42 21.53
N ASP C 703 -5.96 70.25 22.69
CA ASP C 703 -4.51 70.37 22.75
C ASP C 703 -3.85 69.30 21.88
N MET C 704 -4.40 68.09 21.86
CA MET C 704 -3.85 67.03 21.02
C MET C 704 -3.97 67.39 19.55
N ALA C 705 -5.11 67.97 19.15
CA ALA C 705 -5.26 68.40 17.76
C ALA C 705 -4.23 69.47 17.41
N VAL C 706 -3.99 70.41 18.32
CA VAL C 706 -2.98 71.42 18.08
C VAL C 706 -1.62 70.78 17.90
N LEU C 707 -1.29 69.79 18.74
CA LEU C 707 -0.01 69.09 18.60
C LEU C 707 0.11 68.41 17.24
N LYS C 708 -0.96 67.73 16.82
CA LYS C 708 -0.92 67.04 15.53
C LYS C 708 -0.71 68.02 14.39
N ASP C 709 -1.41 69.16 14.42
CA ASP C 709 -1.22 70.16 13.39
C ASP C 709 0.20 70.72 13.40
N TYR C 710 0.75 70.96 14.59
CA TYR C 710 2.11 71.46 14.70
C TYR C 710 3.11 70.49 14.06
N ILE C 711 2.96 69.20 14.36
CA ILE C 711 3.88 68.20 13.81
C ILE C 711 3.73 68.14 12.30
N ALA C 712 2.50 68.19 11.80
CA ALA C 712 2.28 68.15 10.35
C ALA C 712 2.96 69.34 9.68
N TYR C 713 2.78 70.54 10.24
CA TYR C 713 3.42 71.72 9.65
C TYR C 713 4.94 71.60 9.67
N ALA C 714 5.50 71.13 10.80
CA ALA C 714 6.95 71.01 10.89
C ALA C 714 7.48 70.03 9.85
N HIS C 715 6.80 68.89 9.68
CA HIS C 715 7.21 67.94 8.65
C HIS C 715 7.09 68.57 7.26
N SER C 716 6.07 69.39 7.05
CA SER C 716 5.87 69.98 5.73
C SER C 716 6.99 70.93 5.36
N THR C 717 7.32 71.88 6.25
CA THR C 717 8.07 73.05 5.81
C THR C 717 9.44 73.25 6.46
N ILE C 718 9.85 72.46 7.44
CA ILE C 718 11.08 72.70 8.18
C ILE C 718 12.11 71.62 7.83
N MET C 719 13.30 72.05 7.42
CA MET C 719 14.40 71.15 7.05
C MET C 719 15.69 71.68 7.67
N PRO C 720 15.92 71.42 8.95
CA PRO C 720 17.06 72.05 9.62
C PRO C 720 18.40 71.60 9.05
N ARG C 721 19.39 72.49 9.14
CA ARG C 721 20.73 72.24 8.66
C ARG C 721 21.73 72.65 9.74
N LEU C 722 22.88 71.96 9.74
CA LEU C 722 23.87 72.18 10.78
C LEU C 722 24.63 73.47 10.53
N SER C 723 24.63 74.36 11.53
CA SER C 723 25.47 75.55 11.50
C SER C 723 26.89 75.19 11.97
N GLU C 724 27.80 76.13 11.76
CA GLU C 724 29.21 75.87 12.12
C GLU C 724 29.36 75.66 13.62
N GLU C 725 28.70 76.48 14.43
CA GLU C 725 28.80 76.32 15.87
C GLU C 725 28.23 74.97 16.32
N ALA C 726 27.14 74.53 15.68
CA ALA C 726 26.61 73.21 15.98
C ALA C 726 27.61 72.12 15.63
N SER C 727 28.29 72.25 14.49
CA SER C 727 29.29 71.26 14.09
C SER C 727 30.41 71.17 15.13
N GLN C 728 30.95 72.31 15.54
CA GLN C 728 32.01 72.29 16.53
C GLN C 728 31.51 71.71 17.85
N ALA C 729 30.29 72.06 18.24
CA ALA C 729 29.73 71.50 19.47
C ALA C 729 29.63 69.99 19.40
N LEU C 730 29.18 69.46 18.26
CA LEU C 730 29.05 68.01 18.13
C LEU C 730 30.41 67.32 18.18
N ILE C 731 31.40 67.90 17.49
CA ILE C 731 32.73 67.28 17.50
C ILE C 731 33.30 67.26 18.90
N GLU C 732 33.19 68.38 19.61
CA GLU C 732 33.71 68.44 20.98
C GLU C 732 32.95 67.48 21.89
N ALA C 733 31.64 67.36 21.69
CA ALA C 733 30.85 66.44 22.49
C ALA C 733 31.34 65.01 22.33
N TYR C 734 31.54 64.58 21.07
CA TYR C 734 32.01 63.23 20.85
C TYR C 734 33.40 63.02 21.47
N VAL C 735 34.28 64.01 21.32
CA VAL C 735 35.62 63.88 21.87
C VAL C 735 35.56 63.73 23.39
N ASP C 736 34.69 64.50 24.05
CA ASP C 736 34.59 64.41 25.50
C ASP C 736 34.02 63.06 25.94
N MET C 737 32.99 62.58 25.24
CA MET C 737 32.45 61.26 25.56
C MET C 737 33.51 60.19 25.44
N ARG C 738 34.35 60.27 24.41
CA ARG C 738 35.45 59.32 24.30
C ARG C 738 36.46 59.50 25.45
N LYS C 739 36.76 60.75 25.79
CA LYS C 739 37.75 61.02 26.83
C LYS C 739 37.35 60.39 28.14
N ILE C 740 36.05 60.39 28.46
CA ILE C 740 35.60 59.84 29.73
C ILE C 740 36.13 58.42 29.90
N GLY C 741 35.94 57.59 28.89
CA GLY C 741 36.49 56.23 28.94
C GLY C 741 38.00 56.21 28.83
N SER C 742 38.57 57.05 27.96
CA SER C 742 40.01 56.98 27.72
C SER C 742 40.81 57.31 28.98
N SER C 743 40.20 58.03 29.93
CA SER C 743 40.93 58.42 31.13
C SER C 743 41.39 57.21 31.92
N ARG C 744 40.51 56.23 32.08
CA ARG C 744 40.81 55.05 32.90
C ARG C 744 41.28 53.88 32.05
N MET C 746 39.35 51.23 29.08
CA MET C 746 38.05 50.89 28.50
C MET C 746 37.64 51.92 27.45
N VAL C 747 36.48 51.71 26.83
CA VAL C 747 35.90 52.63 25.86
C VAL C 747 34.54 53.07 26.37
N SER C 748 34.29 54.37 26.36
CA SER C 748 33.06 54.94 26.87
C SER C 748 32.13 55.45 25.79
N ALA C 749 32.46 55.25 24.52
CA ALA C 749 31.61 55.72 23.43
C ALA C 749 32.14 55.16 22.11
N TYR C 750 31.26 55.11 21.12
CA TYR C 750 31.60 54.67 19.78
C TYR C 750 30.98 55.62 18.77
N PRO C 751 31.51 55.67 17.56
CA PRO C 751 31.06 56.70 16.60
C PRO C 751 29.57 56.69 16.31
N ARG C 752 28.92 55.52 16.34
CA ARG C 752 27.49 55.49 16.05
C ARG C 752 26.72 56.46 16.94
N GLN C 753 27.08 56.55 18.22
CA GLN C 753 26.38 57.46 19.11
C GLN C 753 26.42 58.89 18.58
N LEU C 754 27.55 59.32 18.00
CA LEU C 754 27.60 60.65 17.42
C LEU C 754 26.46 60.86 16.43
N GLU C 755 26.26 59.90 15.53
CA GLU C 755 25.15 60.00 14.59
C GLU C 755 23.84 60.23 15.34
N SER C 756 23.59 59.43 16.38
CA SER C 756 22.37 59.63 17.15
C SER C 756 22.25 61.08 17.58
N LEU C 757 23.30 61.65 18.16
CA LEU C 757 23.26 63.03 18.60
C LEU C 757 22.77 63.92 17.46
N ILE C 758 23.40 63.80 16.29
CA ILE C 758 23.02 64.63 15.15
C ILE C 758 21.51 64.53 14.94
N ARG C 759 21.00 63.31 14.81
CA ARG C 759 19.57 63.14 14.59
C ARG C 759 18.80 63.91 15.65
N LEU C 760 19.11 63.65 16.93
CA LEU C 760 18.37 64.29 18.00
C LEU C 760 18.47 65.80 17.88
N ALA C 761 19.68 66.31 17.63
CA ALA C 761 19.83 67.75 17.49
C ALA C 761 18.89 68.27 16.42
N GLU C 762 18.89 67.64 15.25
CA GLU C 762 18.02 68.10 14.18
C GLU C 762 16.57 68.07 14.63
N ALA C 763 16.15 66.99 15.30
CA ALA C 763 14.79 66.92 15.78
C ALA C 763 14.46 68.11 16.65
N HIS C 764 15.37 68.47 17.56
CA HIS C 764 15.11 69.61 18.43
C HIS C 764 14.95 70.88 17.61
N ALA C 765 15.80 71.07 16.62
CA ALA C 765 15.67 72.26 15.77
C ALA C 765 14.32 72.31 15.10
N LYS C 766 13.76 71.14 14.76
CA LYS C 766 12.47 71.11 14.10
C LYS C 766 11.35 71.49 15.05
N VAL C 767 11.55 71.26 16.35
CA VAL C 767 10.50 71.58 17.33
C VAL C 767 10.32 73.08 17.44
N ARG C 768 11.41 73.83 17.36
CA ARG C 768 11.36 75.28 17.37
C ARG C 768 10.87 75.87 16.05
N LEU C 769 10.66 75.03 15.03
CA LEU C 769 10.38 75.51 13.68
C LEU C 769 11.54 76.39 13.18
N SER C 770 12.74 75.84 13.25
CA SER C 770 13.96 76.53 12.86
C SER C 770 14.67 75.74 11.77
N ASN C 771 15.16 76.44 10.76
CA ASN C 771 15.89 75.82 9.67
C ASN C 771 17.40 75.72 9.94
N LYS C 772 17.85 76.15 11.11
CA LYS C 772 19.26 76.07 11.48
C LYS C 772 19.39 75.35 12.81
N VAL C 773 20.29 74.37 12.87
CA VAL C 773 20.59 73.69 14.13
C VAL C 773 21.61 74.52 14.89
N GLU C 774 21.28 74.85 16.14
CA GLU C 774 22.09 75.73 16.98
C GLU C 774 22.73 74.91 18.10
N ALA C 775 23.51 75.61 18.93
CA ALA C 775 24.17 74.94 20.04
C ALA C 775 23.17 74.47 21.10
N ILE C 776 22.05 75.17 21.25
CA ILE C 776 21.05 74.76 22.23
C ILE C 776 20.50 73.38 21.89
N ASP C 777 20.29 73.12 20.60
CA ASP C 777 19.82 71.80 20.18
C ASP C 777 20.84 70.73 20.53
N VAL C 778 22.12 71.00 20.31
CA VAL C 778 23.16 70.04 20.63
C VAL C 778 23.21 69.78 22.12
N GLU C 779 23.08 70.83 22.93
CA GLU C 779 23.10 70.65 24.38
C GLU C 779 21.92 69.79 24.83
N GLU C 780 20.73 70.05 24.27
CA GLU C 780 19.57 69.24 24.63
C GLU C 780 19.77 67.78 24.23
N ALA C 781 20.32 67.56 23.03
CA ALA C 781 20.56 66.19 22.58
C ALA C 781 21.54 65.49 23.51
N LYS C 782 22.62 66.18 23.90
CA LYS C 782 23.57 65.58 24.82
C LYS C 782 22.92 65.23 26.14
N ARG C 783 22.10 66.14 26.68
CA ARG C 783 21.45 65.88 27.96
C ARG C 783 20.54 64.66 27.87
N LEU C 784 19.73 64.58 26.80
CA LEU C 784 18.81 63.46 26.67
C LEU C 784 19.55 62.14 26.49
N HIS C 785 20.59 62.13 25.66
CA HIS C 785 21.37 60.91 25.47
C HIS C 785 22.02 60.46 26.76
N ARG C 786 22.56 61.40 27.52
CA ARG C 786 23.26 61.11 28.78
C ARG C 786 22.26 60.63 29.82
N GLU C 787 21.01 61.11 29.83
CA GLU C 787 19.99 60.63 30.75
C GLU C 787 19.57 59.21 30.39
N ALA C 788 19.37 58.94 29.09
CA ALA C 788 18.98 57.60 28.69
C ALA C 788 20.07 56.58 29.05
N LEU C 789 21.33 56.92 28.80
CA LEU C 789 22.41 56.02 29.16
C LEU C 789 22.47 55.78 30.66
N LYS C 790 22.33 56.85 31.45
CA LYS C 790 22.33 56.69 32.90
C LYS C 790 21.16 55.82 33.36
N GLN C 791 20.07 55.82 32.62
CA GLN C 791 18.95 54.94 32.97
C GLN C 791 19.25 53.48 32.63
N SER C 792 19.83 53.23 31.45
CA SER C 792 19.86 51.88 30.91
C SER C 792 21.25 51.27 30.75
N ALA C 793 22.32 52.06 30.89
CA ALA C 793 23.67 51.55 30.68
C ALA C 793 24.41 51.27 31.99
N THR C 794 23.72 51.32 33.12
CA THR C 794 24.39 51.19 34.41
C THR C 794 24.73 49.74 34.70
N ASP C 795 25.97 49.51 35.12
CA ASP C 795 26.37 48.21 35.63
C ASP C 795 25.96 48.10 37.10
N PRO C 796 25.16 47.11 37.49
CA PRO C 796 24.71 47.06 38.88
C PRO C 796 25.84 46.99 39.89
N ARG C 797 27.01 46.49 39.49
CA ARG C 797 28.10 46.30 40.44
C ARG C 797 28.82 47.60 40.77
N THR C 798 29.38 48.26 39.76
CA THR C 798 30.33 49.35 39.98
C THR C 798 29.77 50.71 39.59
N GLY C 799 29.35 50.90 38.34
CA GLY C 799 28.99 52.22 37.89
C GLY C 799 28.26 52.22 36.57
N ILE C 800 28.36 53.34 35.87
CA ILE C 800 27.59 53.59 34.66
C ILE C 800 28.48 53.68 33.42
N VAL C 801 29.61 54.37 33.53
CA VAL C 801 30.38 54.77 32.35
C VAL C 801 30.56 53.62 31.37
N ASP C 802 30.54 52.38 31.85
CA ASP C 802 30.74 51.24 30.98
C ASP C 802 29.59 51.11 29.99
N ILE C 803 29.89 51.33 28.71
CA ILE C 803 28.93 51.07 27.63
C ILE C 803 29.22 49.75 26.94
N SER C 804 30.22 49.00 27.41
CA SER C 804 30.53 47.71 26.80
C SER C 804 29.36 46.74 26.88
N ILE C 805 28.41 46.96 27.80
CA ILE C 805 27.27 46.07 27.87
C ILE C 805 26.43 46.18 26.60
N LEU C 806 26.33 47.38 26.04
CA LEU C 806 25.58 47.55 24.80
C LEU C 806 26.35 47.01 23.60
N THR C 807 27.66 47.28 23.54
CA THR C 807 28.44 46.91 22.36
C THR C 807 28.68 45.41 22.29
N THR C 808 28.98 44.79 23.43
CA THR C 808 29.34 43.37 23.48
C THR C 808 28.29 42.50 24.16
N GLY C 809 27.35 43.09 24.90
CA GLY C 809 26.35 42.32 25.61
C GLY C 809 26.81 41.74 26.93
N MET C 810 28.05 41.99 27.32
CA MET C 810 28.62 41.44 28.54
C MET C 810 29.28 42.55 29.33
N SER C 811 28.98 42.62 30.63
CA SER C 811 29.57 43.65 31.48
C SER C 811 31.08 43.46 31.58
N ALA C 812 31.80 44.58 31.66
CA ALA C 812 33.26 44.51 31.75
C ALA C 812 33.69 43.74 33.00
N THR C 813 33.03 43.98 34.13
CA THR C 813 33.30 43.19 35.33
C THR C 813 32.99 41.72 35.08
N SER C 814 31.88 41.44 34.41
CA SER C 814 31.56 40.05 34.08
C SER C 814 32.61 39.45 33.16
N ARG C 815 33.10 40.22 32.19
CA ARG C 815 34.13 39.72 31.29
C ARG C 815 35.40 39.38 32.07
N LYS C 816 35.81 40.26 32.98
CA LYS C 816 37.00 39.99 33.79
C LYS C 816 36.79 38.76 34.66
N ARG C 817 35.62 38.63 35.26
CA ARG C 817 35.34 37.47 36.11
C ARG C 817 35.38 36.18 35.30
N LYS C 818 34.81 36.19 34.09
CA LYS C 818 34.84 35.00 33.24
C LYS C 818 36.26 34.68 32.80
N GLU C 819 37.06 35.71 32.52
CA GLU C 819 38.47 35.46 32.20
C GLU C 819 39.18 34.81 33.37
N GLU C 820 38.93 35.30 34.58
CA GLU C 820 39.54 34.69 35.76
C GLU C 820 39.10 33.24 35.92
N LEU C 821 37.81 32.97 35.74
CA LEU C 821 37.32 31.60 35.87
C LEU C 821 37.96 30.68 34.84
N ALA C 822 38.05 31.14 33.59
CA ALA C 822 38.66 30.33 32.55
C ALA C 822 40.13 30.07 32.83
N GLU C 823 40.86 31.09 33.25
CA GLU C 823 42.28 30.91 33.57
C GLU C 823 42.45 29.94 34.73
N ALA C 824 41.63 30.06 35.77
CA ALA C 824 41.73 29.17 36.92
C ALA C 824 41.44 27.73 36.51
N LEU C 825 40.38 27.52 35.72
CA LEU C 825 40.08 26.17 35.25
C LEU C 825 41.18 25.64 34.33
N LYS C 826 41.90 26.54 33.67
CA LYS C 826 43.04 26.13 32.85
C LYS C 826 44.28 25.83 33.69
N LYS C 827 44.30 26.28 34.95
CA LYS C 827 45.43 26.04 35.83
C LYS C 827 45.63 24.55 36.06
N ASP D 22 -23.91 -18.25 -42.62
CA ASP D 22 -23.88 -19.68 -42.94
C ASP D 22 -22.44 -20.19 -43.04
N GLU D 23 -21.66 -19.55 -43.91
CA GLU D 23 -20.26 -19.97 -44.08
C GLU D 23 -19.48 -19.77 -42.79
N GLY D 24 -19.68 -18.64 -42.12
CA GLY D 24 -19.05 -18.45 -40.82
C GLY D 24 -19.53 -19.47 -39.80
N GLN D 25 -20.84 -19.76 -39.82
CA GLN D 25 -21.37 -20.80 -38.94
C GLN D 25 -20.74 -22.15 -39.24
N ALA D 26 -20.57 -22.48 -40.52
CA ALA D 26 -19.96 -23.75 -40.88
C ALA D 26 -18.53 -23.83 -40.40
N ARG D 27 -17.76 -22.74 -40.56
CA ARG D 27 -16.38 -22.73 -40.10
C ARG D 27 -16.32 -22.89 -38.59
N LYS D 28 -17.18 -22.18 -37.86
CA LYS D 28 -17.20 -22.29 -36.41
C LYS D 28 -17.55 -23.71 -35.99
N SER D 29 -18.54 -24.32 -36.64
CA SER D 29 -18.93 -25.69 -36.30
C SER D 29 -17.79 -26.66 -36.55
N GLN D 30 -17.07 -26.49 -37.66
CA GLN D 30 -15.94 -27.38 -37.94
C GLN D 30 -14.86 -27.24 -36.88
N LEU D 31 -14.55 -26.01 -36.48
CA LEU D 31 -13.52 -25.82 -35.45
C LEU D 31 -13.96 -26.42 -34.11
N GLN D 32 -15.24 -26.23 -33.75
CA GLN D 32 -15.75 -26.83 -32.53
C GLN D 32 -15.68 -28.35 -32.58
N ARG D 33 -15.98 -28.93 -33.75
CA ARG D 33 -15.88 -30.37 -33.91
C ARG D 33 -14.45 -30.84 -33.70
N ARG D 34 -13.48 -30.10 -34.23
CA ARG D 34 -12.09 -30.49 -34.05
C ARG D 34 -11.68 -30.43 -32.59
N PHE D 35 -12.11 -29.38 -31.88
CA PHE D 35 -11.82 -29.31 -30.44
C PHE D 35 -12.46 -30.47 -29.70
N LYS D 36 -13.70 -30.81 -30.06
CA LYS D 36 -14.39 -31.93 -29.42
C LYS D 36 -13.64 -33.23 -29.65
N GLU D 37 -13.16 -33.46 -30.87
CA GLU D 37 -12.41 -34.68 -31.16
C GLU D 37 -11.11 -34.72 -30.38
N PHE D 38 -10.43 -33.58 -30.26
CA PHE D 38 -9.24 -33.53 -29.42
C PHE D 38 -9.57 -33.97 -28.00
N LEU D 39 -10.67 -33.45 -27.43
CA LEU D 39 -11.02 -33.80 -26.07
C LEU D 39 -11.40 -35.28 -25.94
N ARG D 40 -12.07 -35.82 -26.96
CA ARG D 40 -12.53 -37.21 -26.88
C ARG D 40 -11.38 -38.20 -27.03
N GLN D 41 -10.41 -37.90 -27.89
CA GLN D 41 -9.46 -38.91 -28.35
C GLN D 41 -8.07 -38.81 -27.74
N TYR D 42 -7.69 -37.69 -27.13
CA TYR D 42 -6.31 -37.55 -26.68
C TYR D 42 -5.97 -38.58 -25.62
N ARG D 43 -4.76 -39.13 -25.71
CA ARG D 43 -4.33 -40.22 -24.86
C ARG D 43 -2.88 -40.02 -24.46
N VAL D 44 -2.52 -40.52 -23.28
CA VAL D 44 -1.13 -40.56 -22.82
C VAL D 44 -0.78 -41.98 -22.45
N GLY D 45 0.43 -42.39 -22.79
CA GLY D 45 0.93 -43.70 -22.46
C GLY D 45 1.66 -44.32 -23.63
N THR D 46 1.88 -45.62 -23.54
CA THR D 46 2.55 -46.39 -24.58
C THR D 46 1.93 -47.77 -24.64
N ASP D 47 2.20 -48.50 -25.72
CA ASP D 47 1.67 -49.85 -25.84
C ASP D 47 2.41 -50.84 -24.94
N ARG D 48 3.58 -50.47 -24.42
CA ARG D 48 4.26 -51.33 -23.46
C ARG D 48 3.60 -51.25 -22.09
N THR D 49 3.13 -50.06 -21.68
CA THR D 49 2.56 -49.87 -20.36
C THR D 49 1.02 -49.85 -20.38
N GLY D 50 0.44 -48.89 -21.08
CA GLY D 50 -0.99 -48.68 -21.05
C GLY D 50 -1.31 -47.29 -21.58
N PHE D 51 -2.60 -46.99 -21.59
CA PHE D 51 -3.09 -45.73 -22.15
C PHE D 51 -4.18 -45.14 -21.26
N THR D 52 -4.21 -43.81 -21.20
CA THR D 52 -5.21 -43.08 -20.44
C THR D 52 -5.76 -41.95 -21.29
N PHE D 53 -7.09 -41.85 -21.36
CA PHE D 53 -7.76 -40.72 -22.00
C PHE D 53 -7.75 -39.57 -21.01
N LYS D 54 -6.71 -38.76 -21.07
CA LYS D 54 -6.38 -37.86 -19.98
C LYS D 54 -7.47 -36.80 -19.76
N TYR D 55 -7.82 -36.07 -20.82
CA TYR D 55 -8.71 -34.92 -20.63
C TYR D 55 -10.15 -35.35 -20.44
N ARG D 56 -10.59 -36.39 -21.15
CA ARG D 56 -11.94 -36.91 -20.95
C ARG D 56 -12.12 -37.41 -19.52
N ASP D 57 -11.12 -38.14 -19.01
CA ASP D 57 -11.20 -38.64 -17.64
C ASP D 57 -11.17 -37.51 -16.62
N GLU D 58 -10.31 -36.52 -16.82
CA GLU D 58 -10.27 -35.40 -15.90
C GLU D 58 -11.58 -34.64 -15.89
N LEU D 59 -12.16 -34.42 -17.07
CA LEU D 59 -13.46 -33.75 -17.16
C LEU D 59 -14.52 -34.54 -16.41
N LYS D 60 -14.54 -35.86 -16.60
CA LYS D 60 -15.56 -36.74 -15.96
C LYS D 60 -15.38 -36.67 -14.44
N ARG D 61 -14.15 -36.75 -13.91
CA ARG D 61 -13.94 -36.74 -12.47
C ARG D 61 -14.26 -35.38 -11.87
N HIS D 62 -13.82 -34.31 -12.51
CA HIS D 62 -14.10 -32.97 -11.99
C HIS D 62 -15.60 -32.70 -11.98
N TYR D 63 -16.31 -33.07 -13.05
CA TYR D 63 -17.75 -32.85 -13.08
C TYR D 63 -18.45 -33.62 -11.97
N ASN D 64 -18.02 -34.87 -11.74
CA ASN D 64 -18.62 -35.64 -10.65
C ASN D 64 -18.33 -35.00 -9.30
N LEU D 65 -17.15 -34.43 -9.13
CA LEU D 65 -16.82 -33.75 -7.87
C LEU D 65 -17.55 -32.43 -7.70
N GLY D 66 -18.21 -31.91 -8.73
CA GLY D 66 -18.84 -30.62 -8.67
C GLY D 66 -17.94 -29.46 -9.00
N GLU D 67 -16.77 -29.71 -9.60
CA GLU D 67 -15.84 -28.67 -10.01
C GLU D 67 -15.88 -28.58 -11.54
N TYR D 68 -16.45 -27.50 -12.05
CA TYR D 68 -16.75 -27.41 -13.48
C TYR D 68 -15.66 -26.64 -14.21
N TRP D 69 -14.46 -27.23 -14.22
CA TRP D 69 -13.32 -26.66 -14.90
C TRP D 69 -12.35 -27.78 -15.24
N ILE D 70 -11.53 -27.52 -16.27
CA ILE D 70 -10.39 -28.37 -16.60
C ILE D 70 -9.25 -27.47 -17.05
N GLU D 71 -8.04 -28.03 -17.05
CA GLU D 71 -6.85 -27.33 -17.50
C GLU D 71 -6.24 -28.10 -18.67
N VAL D 72 -6.02 -27.41 -19.78
CA VAL D 72 -5.58 -28.02 -21.02
C VAL D 72 -4.18 -27.51 -21.35
N GLU D 73 -3.26 -28.44 -21.65
CA GLU D 73 -1.92 -28.07 -22.05
C GLU D 73 -1.89 -27.70 -23.52
N MET D 74 -1.22 -26.60 -23.83
CA MET D 74 -1.11 -26.15 -25.22
C MET D 74 -0.27 -27.11 -26.05
N GLU D 75 0.73 -27.74 -25.43
CA GLU D 75 1.57 -28.69 -26.15
C GLU D 75 0.78 -29.93 -26.56
N ASP D 76 -0.13 -30.40 -25.70
CA ASP D 76 -0.98 -31.54 -26.07
C ASP D 76 -1.87 -31.18 -27.27
N LEU D 77 -2.47 -30.00 -27.23
CA LEU D 77 -3.32 -29.58 -28.34
C LEU D 77 -2.50 -29.46 -29.62
N ALA D 78 -1.29 -28.91 -29.54
CA ALA D 78 -0.43 -28.83 -30.71
C ALA D 78 -0.08 -30.22 -31.23
N SER D 79 0.16 -31.17 -30.33
CA SER D 79 0.44 -32.54 -30.75
C SER D 79 -0.74 -33.13 -31.49
N PHE D 80 -1.95 -32.91 -30.99
CA PHE D 80 -3.13 -33.43 -31.68
C PHE D 80 -3.38 -32.69 -32.99
N ASP D 81 -3.33 -31.36 -32.95
CA ASP D 81 -3.69 -30.54 -34.12
C ASP D 81 -2.93 -29.21 -34.01
N GLU D 82 -1.86 -29.08 -34.79
CA GLU D 82 -1.02 -27.89 -34.69
C GLU D 82 -1.79 -26.63 -35.07
N ASP D 83 -2.65 -26.72 -36.08
CA ASP D 83 -3.40 -25.54 -36.51
C ASP D 83 -4.32 -25.03 -35.41
N LEU D 84 -4.92 -25.95 -34.64
CA LEU D 84 -5.78 -25.52 -33.55
C LEU D 84 -5.00 -24.71 -32.52
N ALA D 85 -3.80 -25.18 -32.16
CA ALA D 85 -2.98 -24.43 -31.21
C ALA D 85 -2.57 -23.09 -31.78
N ASP D 86 -2.23 -23.05 -33.07
CA ASP D 86 -1.86 -21.78 -33.69
C ASP D 86 -3.01 -20.79 -33.65
N TYR D 87 -4.22 -21.25 -33.98
CA TYR D 87 -5.39 -20.38 -33.91
C TYR D 87 -5.64 -19.90 -32.49
N LEU D 88 -5.52 -20.81 -31.51
CA LEU D 88 -5.75 -20.43 -30.12
C LEU D 88 -4.73 -19.39 -29.67
N TYR D 89 -3.50 -19.47 -30.16
CA TYR D 89 -2.50 -18.47 -29.82
C TYR D 89 -2.80 -17.14 -30.49
N LYS D 90 -3.20 -17.15 -31.76
CA LYS D 90 -3.34 -15.90 -32.50
C LYS D 90 -4.66 -15.21 -32.23
N GLN D 91 -5.76 -15.96 -32.10
CA GLN D 91 -7.09 -15.42 -31.86
C GLN D 91 -7.71 -16.12 -30.66
N PRO D 92 -7.24 -15.82 -29.46
CA PRO D 92 -7.67 -16.60 -28.29
C PRO D 92 -9.16 -16.54 -27.99
N ALA D 93 -9.83 -15.43 -28.23
CA ALA D 93 -11.19 -15.25 -27.72
C ALA D 93 -12.17 -16.23 -28.37
N GLU D 94 -12.32 -16.13 -29.70
CA GLU D 94 -13.29 -16.95 -30.41
C GLU D 94 -12.99 -18.43 -30.23
N HIS D 95 -11.73 -18.82 -30.37
CA HIS D 95 -11.38 -20.22 -30.33
C HIS D 95 -11.47 -20.78 -28.91
N LEU D 96 -11.21 -19.95 -27.90
CA LEU D 96 -11.44 -20.39 -26.53
C LEU D 96 -12.93 -20.61 -26.27
N GLN D 97 -13.78 -19.74 -26.81
CA GLN D 97 -15.21 -19.95 -26.65
C GLN D 97 -15.64 -21.28 -27.30
N LEU D 98 -15.11 -21.55 -28.50
CA LEU D 98 -15.42 -22.82 -29.16
C LEU D 98 -14.92 -24.00 -28.34
N LEU D 99 -13.72 -23.88 -27.76
CA LEU D 99 -13.17 -24.96 -26.94
C LEU D 99 -14.03 -25.20 -25.70
N GLU D 100 -14.54 -24.13 -25.08
CA GLU D 100 -15.43 -24.31 -23.93
C GLU D 100 -16.73 -25.00 -24.32
N GLU D 101 -17.28 -24.65 -25.49
CA GLU D 101 -18.49 -25.34 -25.94
C GLU D 101 -18.21 -26.82 -26.17
N ALA D 102 -17.07 -27.14 -26.78
CA ALA D 102 -16.69 -28.53 -26.97
C ALA D 102 -16.53 -29.25 -25.63
N ALA D 103 -15.95 -28.57 -24.64
CA ALA D 103 -15.79 -29.16 -23.32
C ALA D 103 -17.13 -29.46 -22.69
N LYS D 104 -18.11 -28.56 -22.85
CA LYS D 104 -19.44 -28.82 -22.33
C LYS D 104 -20.06 -30.05 -23.01
N GLU D 105 -19.90 -30.15 -24.33
CA GLU D 105 -20.44 -31.31 -25.04
C GLU D 105 -19.82 -32.61 -24.53
N VAL D 106 -18.50 -32.62 -24.37
CA VAL D 106 -17.82 -33.83 -23.93
C VAL D 106 -18.19 -34.17 -22.49
N ALA D 107 -18.36 -33.15 -21.64
CA ALA D 107 -18.79 -33.41 -20.27
C ALA D 107 -20.16 -34.06 -20.24
N ASP D 108 -21.07 -33.70 -21.13
CA ASP D 108 -22.39 -34.37 -21.16
C ASP D 108 -22.20 -35.85 -21.48
N GLU D 109 -21.44 -36.22 -22.51
CA GLU D 109 -21.28 -37.63 -22.95
C GLU D 109 -20.62 -38.51 -21.89
N VAL D 110 -19.59 -38.04 -21.20
CA VAL D 110 -18.86 -38.82 -20.15
C VAL D 110 -19.78 -39.09 -18.97
N THR D 111 -20.62 -38.14 -18.57
CA THR D 111 -21.53 -38.24 -17.39
C THR D 111 -23.01 -38.32 -17.77
N ARG D 112 -23.42 -38.60 -19.01
CA ARG D 112 -24.80 -38.31 -19.51
C ARG D 112 -25.95 -38.94 -18.75
N PRO D 113 -25.98 -40.22 -18.31
CA PRO D 113 -27.10 -40.63 -17.47
C PRO D 113 -26.65 -39.99 -16.15
N ARG D 114 -27.46 -39.14 -15.51
CA ARG D 114 -27.06 -38.41 -14.27
C ARG D 114 -28.15 -38.54 -13.20
N PRO D 115 -27.81 -38.53 -11.90
CA PRO D 115 -28.73 -38.69 -10.81
C PRO D 115 -29.65 -37.49 -10.59
N SER D 116 -30.78 -37.66 -9.89
CA SER D 116 -31.82 -36.62 -9.73
C SER D 116 -31.24 -35.37 -9.07
N GLY D 117 -31.65 -34.17 -9.47
CA GLY D 117 -31.09 -32.92 -8.96
C GLY D 117 -29.82 -32.54 -9.68
N GLU D 118 -29.44 -33.26 -10.75
CA GLU D 118 -28.24 -32.97 -11.57
C GLU D 118 -28.64 -33.04 -13.04
N GLU D 119 -29.89 -32.67 -13.37
CA GLU D 119 -30.37 -32.71 -14.74
C GLU D 119 -29.70 -31.66 -15.61
N VAL D 120 -29.53 -30.45 -15.09
CA VAL D 120 -29.10 -29.32 -15.90
C VAL D 120 -27.59 -29.38 -16.10
N LEU D 121 -27.18 -29.35 -17.37
CA LEU D 121 -25.76 -29.39 -17.69
C LEU D 121 -25.10 -28.05 -17.40
N GLN D 122 -23.95 -28.11 -16.74
CA GLN D 122 -23.22 -26.93 -16.29
C GLN D 122 -22.18 -26.51 -17.32
N ASP D 123 -21.88 -25.21 -17.33
CA ASP D 123 -20.81 -24.70 -18.17
C ASP D 123 -19.45 -25.10 -17.62
N ILE D 124 -18.48 -25.27 -18.50
CA ILE D 124 -17.15 -25.72 -18.15
C ILE D 124 -16.17 -24.60 -18.46
N GLN D 125 -15.39 -24.20 -17.47
CA GLN D 125 -14.30 -23.25 -17.67
C GLN D 125 -13.04 -24.01 -18.05
N VAL D 126 -12.44 -23.63 -19.18
CA VAL D 126 -11.24 -24.29 -19.69
C VAL D 126 -10.06 -23.39 -19.39
N MET D 127 -9.15 -23.87 -18.52
CA MET D 127 -7.93 -23.16 -18.22
C MET D 127 -6.83 -23.58 -19.19
N LEU D 128 -5.84 -22.72 -19.34
CA LEU D 128 -4.76 -22.91 -20.30
C LEU D 128 -3.42 -22.95 -19.58
N LYS D 129 -2.55 -23.85 -20.03
CA LYS D 129 -1.23 -24.05 -19.43
C LYS D 129 -0.25 -24.40 -20.54
N SER D 130 0.99 -23.96 -20.40
CA SER D 130 1.99 -24.20 -21.43
C SER D 130 3.36 -24.37 -20.80
N ASP D 131 4.27 -24.94 -21.58
CA ASP D 131 5.66 -25.10 -21.18
C ASP D 131 6.57 -24.05 -21.79
N ALA D 132 6.02 -23.08 -22.52
CA ALA D 132 6.83 -22.09 -23.20
C ALA D 132 7.51 -21.16 -22.19
N SER D 133 8.60 -20.54 -22.64
CA SER D 133 9.28 -19.57 -21.80
C SER D 133 8.42 -18.31 -21.65
N PRO D 134 8.41 -17.68 -20.48
CA PRO D 134 7.58 -16.49 -20.30
C PRO D 134 8.18 -15.28 -21.01
N SER D 135 7.38 -14.22 -21.05
CA SER D 135 7.81 -12.92 -21.53
C SER D 135 7.47 -11.87 -20.48
N SER D 136 8.20 -10.77 -20.50
CA SER D 136 8.09 -9.77 -19.45
C SER D 136 7.01 -8.73 -19.76
N ILE D 137 6.62 -7.98 -18.78
CA ILE D 137 5.70 -6.88 -18.89
C ILE D 137 6.24 -5.82 -19.82
N ARG D 138 7.49 -5.48 -19.68
CA ARG D 138 8.16 -4.53 -20.50
C ARG D 138 8.13 -4.91 -21.96
N SER D 139 8.05 -6.20 -22.25
CA SER D 139 8.04 -6.69 -23.62
C SER D 139 6.64 -6.66 -24.24
N LEU D 140 5.60 -6.43 -23.51
CA LEU D 140 4.25 -6.33 -23.99
C LEU D 140 4.09 -5.08 -24.82
N LYS D 141 3.98 -5.18 -26.11
CA LYS D 141 3.88 -4.13 -27.07
C LYS D 141 2.53 -4.11 -27.74
N SER D 142 2.24 -3.11 -28.51
CA SER D 142 1.00 -2.92 -29.20
C SER D 142 0.72 -4.03 -30.20
N ASP D 143 1.76 -4.51 -30.88
CA ASP D 143 1.58 -5.54 -31.89
C ASP D 143 1.08 -6.85 -31.30
N MET D 144 1.16 -7.02 -29.98
CA MET D 144 0.70 -8.23 -29.31
C MET D 144 -0.72 -8.10 -28.79
N MET D 145 -1.43 -7.04 -29.06
CA MET D 145 -2.76 -6.82 -28.62
C MET D 145 -3.69 -7.88 -29.15
N SER D 146 -4.55 -8.42 -28.32
CA SER D 146 -5.51 -9.42 -28.67
C SER D 146 -4.92 -10.81 -28.84
N HIS D 147 -3.70 -11.05 -28.41
CA HIS D 147 -2.96 -12.25 -28.49
C HIS D 147 -2.87 -12.95 -27.15
N LEU D 148 -2.50 -14.23 -27.17
CA LEU D 148 -2.25 -14.97 -25.96
C LEU D 148 -0.81 -14.75 -25.50
N VAL D 149 -0.61 -14.34 -24.27
CA VAL D 149 0.61 -13.95 -23.67
C VAL D 149 0.84 -14.69 -22.37
N LYS D 150 2.12 -14.86 -22.01
CA LYS D 150 2.53 -15.54 -20.79
C LYS D 150 3.46 -14.62 -20.02
N ILE D 151 3.09 -14.21 -18.85
CA ILE D 151 3.69 -13.15 -18.09
C ILE D 151 4.02 -13.55 -16.66
N PRO D 152 5.24 -13.40 -16.17
CA PRO D 152 5.55 -13.58 -14.77
C PRO D 152 5.45 -12.32 -13.95
N GLY D 153 5.16 -12.41 -12.69
CA GLY D 153 5.08 -11.32 -11.80
C GLY D 153 4.74 -11.63 -10.39
N ILE D 154 4.50 -10.63 -9.59
CA ILE D 154 4.17 -10.65 -8.20
C ILE D 154 2.84 -9.95 -7.96
N ILE D 155 1.92 -10.56 -7.28
CA ILE D 155 0.66 -10.00 -6.93
C ILE D 155 0.86 -8.97 -5.83
N ILE D 156 0.51 -7.73 -6.05
CA ILE D 156 0.63 -6.65 -5.10
C ILE D 156 -0.68 -6.16 -4.54
N ALA D 157 -1.79 -6.42 -5.16
CA ALA D 157 -3.09 -6.02 -4.75
C ALA D 157 -4.17 -6.90 -5.34
N ALA D 158 -5.22 -7.16 -4.61
CA ALA D 158 -6.38 -7.90 -5.00
C ALA D 158 -7.63 -7.19 -4.55
N SER D 159 -8.63 -7.07 -5.37
CA SER D 159 -9.89 -6.46 -5.10
C SER D 159 -10.82 -7.43 -4.41
N ALA D 160 -11.96 -6.99 -3.99
CA ALA D 160 -13.03 -7.79 -3.51
C ALA D 160 -13.69 -8.55 -4.65
N VAL D 161 -14.31 -9.66 -4.36
CA VAL D 161 -15.04 -10.47 -5.28
C VAL D 161 -16.35 -9.79 -5.62
N ARG D 162 -16.60 -9.55 -6.91
CA ARG D 162 -17.79 -8.88 -7.43
C ARG D 162 -18.46 -9.77 -8.47
N ALA D 163 -19.69 -9.44 -8.83
CA ALA D 163 -20.56 -10.14 -9.72
C ALA D 163 -20.52 -9.57 -11.11
N LYS D 164 -20.31 -10.43 -12.11
CA LYS D 164 -20.25 -10.04 -13.55
C LYS D 164 -21.28 -10.87 -14.31
N ALA D 165 -22.19 -10.25 -15.04
CA ALA D 165 -23.25 -10.87 -15.76
C ALA D 165 -22.75 -11.62 -16.96
N THR D 166 -23.14 -12.84 -17.18
CA THR D 166 -22.95 -13.63 -18.35
C THR D 166 -24.15 -13.66 -19.27
N ARG D 167 -25.34 -13.51 -18.67
CA ARG D 167 -26.63 -13.52 -19.40
C ARG D 167 -27.56 -12.52 -18.73
N ILE D 168 -28.28 -11.70 -19.49
CA ILE D 168 -29.26 -10.76 -19.02
C ILE D 168 -30.56 -10.88 -19.76
N SER D 169 -31.65 -10.53 -19.14
CA SER D 169 -32.95 -10.33 -19.68
C SER D 169 -33.40 -8.90 -19.47
N ILE D 170 -33.97 -8.27 -20.46
CA ILE D 170 -34.38 -6.90 -20.48
C ILE D 170 -35.87 -6.77 -20.73
N GLN D 171 -36.49 -5.74 -20.19
CA GLN D 171 -37.93 -5.55 -20.31
C GLN D 171 -38.24 -4.10 -20.65
N CYS D 172 -39.33 -3.91 -21.39
CA CYS D 172 -39.78 -2.60 -21.88
C CYS D 172 -40.62 -1.92 -20.80
N ARG D 173 -40.33 -0.70 -20.46
CA ARG D 173 -41.01 0.05 -19.45
C ARG D 173 -42.48 0.17 -19.74
N SER D 174 -42.80 0.47 -20.99
CA SER D 174 -44.19 0.73 -21.35
C SER D 174 -44.99 -0.55 -21.55
N CYS D 175 -44.57 -1.38 -22.50
CA CYS D 175 -45.36 -2.53 -22.93
C CYS D 175 -45.03 -3.81 -22.18
N ARG D 176 -43.98 -3.80 -21.37
CA ARG D 176 -43.53 -5.00 -20.66
C ARG D 176 -43.07 -6.10 -21.61
N ASN D 177 -42.74 -5.75 -22.86
CA ASN D 177 -42.16 -6.70 -23.78
C ASN D 177 -40.73 -7.04 -23.34
N THR D 178 -40.41 -8.33 -23.31
CA THR D 178 -39.14 -8.80 -22.76
C THR D 178 -38.33 -9.53 -23.82
N LEU D 179 -37.03 -9.24 -23.83
CA LEU D 179 -36.05 -10.00 -24.59
C LEU D 179 -35.17 -10.74 -23.60
N THR D 180 -35.08 -12.05 -23.74
CA THR D 180 -34.47 -12.91 -22.74
C THR D 180 -33.21 -13.58 -23.25
N ASN D 181 -32.33 -13.92 -22.31
CA ASN D 181 -31.13 -14.70 -22.57
C ASN D 181 -30.21 -14.01 -23.58
N ILE D 182 -29.89 -12.75 -23.30
CA ILE D 182 -28.93 -12.01 -24.12
C ILE D 182 -27.52 -12.32 -23.60
N ALA D 183 -26.68 -12.89 -24.47
CA ALA D 183 -25.34 -13.25 -24.07
C ALA D 183 -24.47 -12.01 -23.89
N MET D 184 -23.58 -12.03 -22.95
CA MET D 184 -22.65 -11.02 -22.59
C MET D 184 -21.24 -11.38 -22.97
N ARG D 185 -20.43 -10.46 -23.37
CA ARG D 185 -19.06 -10.63 -23.70
C ARG D 185 -18.22 -10.82 -22.44
N PRO D 186 -17.23 -11.71 -22.46
CA PRO D 186 -16.32 -11.85 -21.33
C PRO D 186 -15.36 -10.71 -21.17
N GLY D 187 -14.85 -10.51 -19.99
CA GLY D 187 -13.92 -9.52 -19.67
C GLY D 187 -14.49 -8.21 -19.19
N LEU D 188 -13.76 -7.14 -19.35
CA LEU D 188 -14.13 -5.80 -19.01
C LEU D 188 -14.79 -5.11 -20.19
N GLU D 189 -15.94 -5.59 -20.59
CA GLU D 189 -16.73 -5.16 -21.69
C GLU D 189 -18.18 -5.04 -21.31
N GLY D 190 -18.85 -3.97 -21.65
CA GLY D 190 -20.20 -3.74 -21.42
C GLY D 190 -21.13 -4.11 -22.53
N TYR D 191 -22.37 -3.71 -22.45
CA TYR D 191 -23.44 -3.98 -23.36
C TYR D 191 -24.24 -2.74 -23.67
N ALA D 192 -24.65 -2.52 -24.89
CA ALA D 192 -25.49 -1.47 -25.35
C ALA D 192 -26.91 -1.96 -25.54
N LEU D 193 -27.86 -1.44 -24.83
CA LEU D 193 -29.23 -1.81 -24.86
C LEU D 193 -29.90 -1.36 -26.14
N PRO D 194 -30.97 -2.03 -26.58
CA PRO D 194 -31.66 -1.58 -27.78
C PRO D 194 -32.17 -0.16 -27.63
N ARG D 195 -32.10 0.63 -28.66
CA ARG D 195 -32.51 1.98 -28.69
C ARG D 195 -34.01 2.15 -28.73
N LYS D 196 -34.70 1.30 -29.44
CA LYS D 196 -36.10 1.28 -29.68
C LYS D 196 -36.70 -0.08 -29.41
N CYS D 197 -37.96 -0.10 -29.02
CA CYS D 197 -38.63 -1.35 -28.74
C CYS D 197 -39.20 -1.98 -30.01
N ASN D 198 -39.48 -3.28 -29.93
CA ASN D 198 -40.05 -4.03 -31.04
C ASN D 198 -41.57 -4.13 -30.99
N THR D 199 -42.30 -3.48 -30.10
CA THR D 199 -43.75 -3.66 -30.05
C THR D 199 -44.42 -3.06 -31.28
N ASP D 200 -45.68 -3.42 -31.54
CA ASP D 200 -46.45 -2.92 -32.71
C ASP D 200 -46.66 -1.41 -32.58
N GLN D 201 -46.40 -0.66 -33.65
CA GLN D 201 -46.60 0.81 -33.68
C GLN D 201 -48.07 1.16 -33.52
N ALA D 202 -48.97 0.40 -34.14
CA ALA D 202 -50.42 0.72 -34.14
C ALA D 202 -51.09 0.58 -32.78
N GLY D 203 -52.14 1.38 -32.51
CA GLY D 203 -52.94 1.30 -31.26
C GLY D 203 -52.30 1.93 -30.04
N ARG D 204 -51.09 1.53 -29.64
CA ARG D 204 -50.47 2.00 -28.37
C ARG D 204 -49.74 3.32 -28.58
N PRO D 205 -49.61 4.20 -27.55
CA PRO D 205 -48.80 5.40 -27.68
C PRO D 205 -47.37 4.86 -27.82
N LYS D 206 -46.51 5.49 -28.59
CA LYS D 206 -45.16 4.97 -28.91
C LYS D 206 -44.37 4.67 -27.66
N CYS D 207 -43.45 3.69 -27.66
CA CYS D 207 -42.66 3.49 -26.47
C CYS D 207 -41.56 4.54 -26.39
N PRO D 208 -41.17 4.97 -25.19
CA PRO D 208 -40.14 6.00 -25.06
C PRO D 208 -38.78 5.49 -25.49
N LEU D 209 -37.90 6.39 -25.84
CA LEU D 209 -36.54 6.12 -26.15
C LEU D 209 -35.84 5.51 -24.96
N ASP D 210 -34.98 4.55 -25.15
CA ASP D 210 -34.33 3.85 -24.11
C ASP D 210 -35.36 3.18 -23.21
N PRO D 211 -36.23 2.32 -23.77
CA PRO D 211 -37.32 1.77 -22.95
C PRO D 211 -36.93 0.59 -22.08
N TYR D 212 -35.75 0.01 -22.28
CA TYR D 212 -35.42 -1.28 -21.69
C TYR D 212 -34.65 -1.12 -20.38
N PHE D 213 -35.01 -1.96 -19.42
CA PHE D 213 -34.28 -2.06 -18.16
C PHE D 213 -33.95 -3.53 -17.88
N ILE D 214 -32.91 -3.79 -17.15
CA ILE D 214 -32.41 -5.07 -16.79
C ILE D 214 -33.21 -5.65 -15.65
N MET D 215 -33.68 -6.85 -15.74
CA MET D 215 -34.44 -7.54 -14.76
C MET D 215 -33.54 -8.17 -13.73
N PRO D 216 -33.53 -7.74 -12.46
CA PRO D 216 -32.54 -8.26 -11.51
C PRO D 216 -32.51 -9.76 -11.34
N ASP D 217 -33.69 -10.38 -11.29
CA ASP D 217 -33.76 -11.80 -10.95
C ASP D 217 -33.55 -12.72 -12.13
N LYS D 218 -33.50 -12.24 -13.35
CA LYS D 218 -33.27 -12.96 -14.55
C LYS D 218 -31.82 -13.05 -14.96
N CYS D 219 -30.92 -12.37 -14.31
CA CYS D 219 -29.54 -12.26 -14.62
C CYS D 219 -28.74 -13.40 -14.03
N LYS D 220 -27.89 -14.03 -14.80
CA LYS D 220 -26.95 -15.04 -14.42
C LYS D 220 -25.58 -14.42 -14.28
N CYS D 221 -24.94 -14.55 -13.15
CA CYS D 221 -23.72 -13.91 -12.76
C CYS D 221 -22.65 -14.89 -12.38
N VAL D 222 -21.40 -14.52 -12.49
CA VAL D 222 -20.23 -15.19 -12.05
C VAL D 222 -19.39 -14.29 -11.19
N ASP D 223 -18.57 -14.83 -10.32
CA ASP D 223 -17.62 -14.15 -9.51
C ASP D 223 -16.46 -13.64 -10.34
N PHE D 224 -16.05 -12.40 -10.07
CA PHE D 224 -14.94 -11.75 -10.79
C PHE D 224 -14.06 -11.05 -9.78
N GLN D 225 -12.81 -10.80 -10.13
CA GLN D 225 -11.79 -10.16 -9.38
C GLN D 225 -10.83 -9.38 -10.25
N THR D 226 -10.20 -8.38 -9.72
CA THR D 226 -9.20 -7.55 -10.32
C THR D 226 -7.92 -7.58 -9.52
N LEU D 227 -6.79 -7.72 -10.14
CA LEU D 227 -5.50 -7.87 -9.55
C LEU D 227 -4.47 -6.92 -10.14
N LYS D 228 -3.45 -6.58 -9.36
CA LYS D 228 -2.28 -5.85 -9.85
C LYS D 228 -1.08 -6.76 -9.79
N LEU D 229 -0.40 -6.90 -10.92
CA LEU D 229 0.75 -7.71 -11.16
C LEU D 229 1.96 -6.85 -11.40
N GLN D 230 2.90 -6.80 -10.50
CA GLN D 230 4.14 -6.11 -10.57
C GLN D 230 5.22 -6.96 -11.22
N GLU D 231 6.12 -6.38 -11.95
CA GLU D 231 7.20 -7.05 -12.59
C GLU D 231 8.16 -7.63 -11.57
N LEU D 232 8.89 -8.64 -11.92
CA LEU D 232 9.83 -9.30 -11.08
C LEU D 232 10.94 -8.35 -10.68
N PRO D 233 11.46 -8.40 -9.45
CA PRO D 233 12.50 -7.44 -9.06
C PRO D 233 13.75 -7.50 -9.91
N ASP D 234 14.13 -8.68 -10.39
CA ASP D 234 15.34 -8.81 -11.19
C ASP D 234 15.18 -8.31 -12.62
N ALA D 235 13.95 -8.16 -13.09
CA ALA D 235 13.71 -7.70 -14.45
C ALA D 235 13.65 -6.19 -14.59
N VAL D 236 13.63 -5.47 -13.48
CA VAL D 236 13.44 -4.01 -13.53
C VAL D 236 14.70 -3.37 -14.13
N PRO D 237 14.58 -2.51 -15.15
CA PRO D 237 15.76 -1.80 -15.63
C PRO D 237 16.35 -0.90 -14.57
N HIS D 238 17.68 -0.74 -14.62
CA HIS D 238 18.44 0.03 -13.62
C HIS D 238 17.89 1.45 -13.48
N GLY D 239 17.60 1.85 -12.24
CA GLY D 239 17.17 3.22 -11.97
C GLY D 239 15.70 3.50 -12.22
N GLU D 240 14.88 2.46 -12.36
CA GLU D 240 13.47 2.63 -12.69
C GLU D 240 12.60 2.02 -11.60
N MET D 241 11.46 2.60 -11.35
CA MET D 241 10.45 2.09 -10.50
C MET D 241 9.74 0.91 -11.16
N PRO D 242 9.48 -0.18 -10.46
CA PRO D 242 8.81 -1.32 -11.07
C PRO D 242 7.45 -0.98 -11.64
N ARG D 243 7.10 -1.49 -12.79
CA ARG D 243 5.85 -1.35 -13.45
C ARG D 243 4.89 -2.46 -13.07
N HIS D 244 3.60 -2.21 -13.19
CA HIS D 244 2.56 -3.19 -12.94
C HIS D 244 1.51 -3.15 -14.04
N MET D 245 0.67 -4.16 -14.08
CA MET D 245 -0.37 -4.42 -15.00
C MET D 245 -1.63 -4.90 -14.32
N GLN D 246 -2.81 -4.52 -14.82
CA GLN D 246 -4.10 -4.96 -14.33
C GLN D 246 -4.51 -6.33 -14.93
N LEU D 247 -5.03 -7.23 -14.09
CA LEU D 247 -5.49 -8.55 -14.37
C LEU D 247 -6.96 -8.71 -14.06
N TYR D 248 -7.71 -9.37 -14.89
CA TYR D 248 -9.09 -9.71 -14.76
C TYR D 248 -9.27 -11.19 -14.60
N CYS D 249 -9.78 -11.68 -13.50
CA CYS D 249 -10.01 -13.05 -13.17
C CYS D 249 -11.47 -13.33 -12.94
N ASP D 250 -11.96 -14.49 -13.26
CA ASP D 250 -13.33 -14.87 -13.15
C ASP D 250 -13.52 -16.34 -12.84
N ARG D 251 -14.64 -16.69 -12.27
CA ARG D 251 -15.07 -18.04 -12.00
C ARG D 251 -14.07 -18.70 -11.07
N TYR D 252 -13.46 -19.82 -11.46
CA TYR D 252 -12.57 -20.54 -10.55
C TYR D 252 -11.19 -19.90 -10.45
N LEU D 253 -10.85 -18.99 -11.35
CA LEU D 253 -9.60 -18.25 -11.21
C LEU D 253 -9.70 -17.19 -10.13
N CYS D 254 -10.87 -16.86 -9.64
CA CYS D 254 -11.12 -15.85 -8.67
C CYS D 254 -10.78 -16.32 -7.28
N ASP D 255 -10.03 -15.52 -6.52
CA ASP D 255 -9.64 -15.81 -5.14
C ASP D 255 -8.63 -16.94 -5.04
N LYS D 256 -7.82 -17.16 -6.06
CA LYS D 256 -6.78 -18.18 -6.01
C LYS D 256 -5.46 -17.65 -5.48
N VAL D 257 -5.09 -16.43 -5.76
CA VAL D 257 -3.86 -15.80 -5.40
C VAL D 257 -4.12 -14.64 -4.45
N VAL D 258 -3.17 -14.30 -3.62
CA VAL D 258 -3.18 -13.23 -2.68
C VAL D 258 -1.96 -12.37 -2.83
N PRO D 259 -1.99 -11.12 -2.35
CA PRO D 259 -0.80 -10.28 -2.43
C PRO D 259 0.42 -10.94 -1.86
N GLY D 260 1.54 -10.89 -2.52
CA GLY D 260 2.75 -11.51 -2.22
C GLY D 260 3.12 -12.74 -2.98
N ASN D 261 2.19 -13.38 -3.61
CA ASN D 261 2.38 -14.53 -4.43
C ASN D 261 3.14 -14.20 -5.68
N ARG D 262 4.13 -15.03 -6.04
CA ARG D 262 4.79 -14.95 -7.33
C ARG D 262 4.13 -15.94 -8.28
N VAL D 263 3.68 -15.49 -9.42
CA VAL D 263 2.85 -16.18 -10.35
C VAL D 263 3.33 -16.04 -11.77
N THR D 264 2.91 -16.97 -12.62
CA THR D 264 3.01 -16.85 -14.08
C THR D 264 1.61 -17.05 -14.64
N ILE D 265 1.11 -16.10 -15.37
CA ILE D 265 -0.22 -16.00 -15.87
C ILE D 265 -0.26 -16.14 -17.37
N MET D 266 -1.20 -16.92 -17.90
CA MET D 266 -1.52 -16.95 -19.32
C MET D 266 -2.80 -16.15 -19.53
N GLY D 267 -2.84 -15.28 -20.48
CA GLY D 267 -3.93 -14.44 -20.73
C GLY D 267 -4.03 -13.79 -22.07
N ILE D 268 -5.05 -13.01 -22.30
CA ILE D 268 -5.33 -12.26 -23.47
C ILE D 268 -5.02 -10.80 -23.23
N TYR D 269 -4.12 -10.20 -23.96
CA TYR D 269 -3.83 -8.80 -23.97
C TYR D 269 -4.98 -8.06 -24.61
N SER D 270 -5.74 -7.30 -23.89
CA SER D 270 -7.00 -6.74 -24.28
C SER D 270 -7.14 -5.28 -23.90
N ILE D 271 -8.20 -4.64 -24.32
CA ILE D 271 -8.54 -3.27 -24.15
C ILE D 271 -9.90 -3.13 -23.50
N LYS D 272 -10.04 -2.23 -22.52
CA LYS D 272 -11.34 -1.92 -21.92
C LYS D 272 -12.28 -1.30 -22.95
N LYS D 273 -13.45 -1.89 -23.14
CA LYS D 273 -14.51 -1.51 -24.02
C LYS D 273 -15.64 -0.91 -23.21
N PHE D 274 -15.60 0.36 -22.97
CA PHE D 274 -16.61 1.10 -22.22
C PHE D 274 -17.64 1.61 -23.22
N GLY D 275 -18.43 2.55 -22.82
CA GLY D 275 -19.48 3.08 -23.70
C GLY D 275 -18.91 3.78 -24.92
N LEU D 276 -19.52 3.65 -26.09
CA LEU D 276 -18.98 4.45 -27.23
C LEU D 276 -19.13 5.96 -26.96
N THR D 277 -20.26 6.42 -26.39
CA THR D 277 -20.55 7.86 -26.15
C THR D 277 -19.47 8.54 -25.29
N THR D 278 -19.22 9.86 -25.47
CA THR D 278 -18.25 10.59 -24.62
C THR D 278 -18.90 11.23 -23.38
N SER D 279 -19.69 10.47 -22.63
CA SER D 279 -20.49 10.93 -21.48
C SER D 279 -19.65 11.65 -20.41
N ARG D 280 -20.23 12.70 -19.79
CA ARG D 280 -19.55 13.73 -18.98
C ARG D 280 -18.55 14.59 -19.75
N GLY D 281 -18.70 14.67 -21.08
CA GLY D 281 -17.91 15.50 -21.98
C GLY D 281 -16.43 15.10 -22.01
N ARG D 282 -16.12 13.83 -22.33
CA ARG D 282 -14.78 13.27 -22.16
C ARG D 282 -13.68 14.11 -22.85
N ASP D 283 -12.62 14.35 -22.11
CA ASP D 283 -11.66 15.45 -22.27
C ASP D 283 -10.21 15.00 -22.03
N ARG D 284 -9.87 13.79 -22.51
CA ARG D 284 -8.56 13.16 -22.31
C ARG D 284 -7.39 14.05 -22.74
N VAL D 285 -6.27 13.92 -22.03
CA VAL D 285 -5.03 14.67 -22.33
C VAL D 285 -4.45 14.33 -23.72
N GLY D 286 -4.69 13.13 -24.22
CA GLY D 286 -4.43 12.70 -25.60
C GLY D 286 -5.60 11.94 -26.22
N VAL D 287 -5.73 12.01 -27.54
CA VAL D 287 -6.87 11.45 -28.29
C VAL D 287 -6.63 10.01 -28.74
N GLY D 288 -7.68 9.18 -28.80
CA GLY D 288 -7.56 7.80 -29.29
C GLY D 288 -6.75 6.85 -28.40
N ILE D 289 -6.44 7.25 -27.16
CA ILE D 289 -5.82 6.38 -26.14
C ILE D 289 -6.88 5.48 -25.51
N ARG D 290 -6.45 4.29 -25.10
CA ARG D 290 -7.27 3.23 -24.50
C ARG D 290 -6.55 2.60 -23.31
N SER D 291 -7.30 1.97 -22.42
CA SER D 291 -6.76 1.30 -21.22
C SER D 291 -6.55 -0.18 -21.50
N SER D 292 -5.34 -0.70 -21.31
CA SER D 292 -5.03 -2.13 -21.48
C SER D 292 -5.22 -2.92 -20.18
N TYR D 293 -5.44 -4.23 -20.32
CA TYR D 293 -5.47 -5.20 -19.22
C TYR D 293 -5.24 -6.61 -19.78
N ILE D 294 -5.04 -7.61 -18.92
CA ILE D 294 -4.90 -8.99 -19.23
C ILE D 294 -6.09 -9.76 -18.72
N ARG D 295 -6.82 -10.43 -19.57
CA ARG D 295 -7.86 -11.36 -19.26
C ARG D 295 -7.25 -12.70 -18.95
N VAL D 296 -7.25 -13.15 -17.73
CA VAL D 296 -6.52 -14.27 -17.24
C VAL D 296 -7.19 -15.57 -17.66
N LEU D 297 -6.43 -16.48 -18.26
CA LEU D 297 -6.94 -17.80 -18.63
C LEU D 297 -6.32 -18.93 -17.83
N GLY D 298 -5.26 -18.66 -17.07
CA GLY D 298 -4.60 -19.68 -16.28
C GLY D 298 -3.55 -19.11 -15.37
N ILE D 299 -3.42 -19.67 -14.16
CA ILE D 299 -2.48 -19.19 -13.16
C ILE D 299 -1.62 -20.36 -12.69
N GLN D 300 -0.32 -20.10 -12.53
CA GLN D 300 0.61 -21.06 -11.97
C GLN D 300 1.40 -20.35 -10.88
N VAL D 301 1.24 -20.79 -9.64
CA VAL D 301 1.94 -20.18 -8.51
C VAL D 301 3.36 -20.72 -8.47
N ASP D 302 4.33 -19.82 -8.43
CA ASP D 302 5.74 -20.21 -8.39
C ASP D 302 6.18 -20.38 -6.93
N THR D 303 7.08 -21.35 -6.73
CA THR D 303 7.51 -21.67 -5.37
C THR D 303 8.20 -20.48 -4.71
N ASP D 304 9.05 -19.79 -5.44
CA ASP D 304 9.79 -18.66 -4.89
C ASP D 304 8.87 -17.49 -4.57
N ALA D 313 -2.11 -27.32 -1.82
CA ALA D 313 -2.36 -28.75 -1.63
C ALA D 313 -1.06 -29.54 -1.75
N VAL D 314 -0.99 -30.68 -1.09
CA VAL D 314 0.18 -31.54 -1.08
C VAL D 314 -0.18 -32.84 -1.77
N SER D 315 0.59 -33.19 -2.80
CA SER D 315 0.36 -34.46 -3.48
C SER D 315 0.71 -35.61 -2.55
N PRO D 316 0.06 -36.77 -2.72
CA PRO D 316 0.39 -37.92 -1.85
C PRO D 316 1.85 -38.31 -1.91
N GLN D 317 2.51 -38.17 -3.07
CA GLN D 317 3.93 -38.44 -3.15
C GLN D 317 4.73 -37.50 -2.26
N GLU D 318 4.40 -36.21 -2.29
CA GLU D 318 5.09 -35.26 -1.42
C GLU D 318 4.86 -35.60 0.05
N GLU D 319 3.61 -35.90 0.41
CA GLU D 319 3.29 -36.19 1.81
C GLU D 319 4.07 -37.40 2.31
N GLU D 320 4.20 -38.43 1.48
CA GLU D 320 4.99 -39.59 1.86
C GLU D 320 6.46 -39.22 2.03
N GLU D 321 6.98 -38.36 1.15
CA GLU D 321 8.36 -37.94 1.27
C GLU D 321 8.60 -37.12 2.53
N PHE D 322 7.65 -36.26 2.89
CA PHE D 322 7.78 -35.49 4.13
C PHE D 322 7.77 -36.40 5.34
N ARG D 323 6.91 -37.40 5.36
CA ARG D 323 6.88 -38.34 6.48
C ARG D 323 8.21 -39.08 6.59
N ARG D 324 8.83 -39.38 5.46
CA ARG D 324 10.14 -40.03 5.49
C ARG D 324 11.18 -39.12 6.12
N LEU D 325 11.19 -37.84 5.75
CA LEU D 325 12.14 -36.90 6.33
C LEU D 325 11.96 -36.79 7.83
N ALA D 326 10.72 -36.63 8.28
CA ALA D 326 10.46 -36.44 9.71
C ALA D 326 10.91 -37.64 10.54
N ALA D 327 11.01 -38.82 9.92
CA ALA D 327 11.38 -40.03 10.64
C ALA D 327 12.87 -40.30 10.64
N LEU D 328 13.67 -39.50 9.95
CA LEU D 328 15.11 -39.71 9.96
C LEU D 328 15.66 -39.50 11.37
N PRO D 329 16.54 -40.38 11.85
CA PRO D 329 17.05 -40.22 13.23
C PRO D 329 17.84 -38.93 13.43
N ASN D 330 18.40 -38.35 12.38
CA ASN D 330 19.16 -37.11 12.48
C ASN D 330 18.49 -35.96 11.73
N VAL D 331 17.16 -35.91 11.73
CA VAL D 331 16.46 -34.91 10.95
C VAL D 331 16.84 -33.51 11.42
N TYR D 332 17.04 -33.34 12.73
CA TYR D 332 17.40 -32.03 13.26
C TYR D 332 18.73 -31.55 12.68
N GLU D 333 19.70 -32.46 12.57
CA GLU D 333 20.97 -32.10 11.96
C GLU D 333 20.81 -31.78 10.47
N VAL D 334 19.96 -32.54 9.78
CA VAL D 334 19.78 -32.32 8.35
C VAL D 334 19.17 -30.95 8.08
N ILE D 335 18.17 -30.57 8.87
CA ILE D 335 17.53 -29.27 8.67
C ILE D 335 18.50 -28.14 8.99
N SER D 336 19.27 -28.27 10.06
CA SER D 336 20.21 -27.22 10.42
C SER D 336 21.27 -27.04 9.35
N LYS D 337 21.78 -28.13 8.79
CA LYS D 337 22.76 -28.04 7.72
C LYS D 337 22.20 -27.38 6.47
N SER D 338 20.88 -27.36 6.31
CA SER D 338 20.25 -26.81 5.13
C SER D 338 19.94 -25.33 5.23
N ILE D 339 20.17 -24.71 6.37
CA ILE D 339 19.84 -23.30 6.58
C ILE D 339 21.07 -22.46 6.25
N ALA D 340 20.97 -21.67 5.20
CA ALA D 340 22.05 -20.80 4.74
C ALA D 340 23.36 -21.59 4.60
N PRO D 341 23.40 -22.65 3.75
CA PRO D 341 24.59 -23.49 3.66
C PRO D 341 25.84 -22.74 3.22
N SER D 342 25.70 -21.62 2.51
CA SER D 342 26.81 -20.74 2.05
C SER D 342 27.54 -20.08 3.23
N ILE D 343 26.91 -19.79 4.36
CA ILE D 343 27.58 -19.21 5.56
C ILE D 343 28.51 -20.28 6.15
N PHE D 344 29.74 -19.94 6.50
CA PHE D 344 30.78 -20.89 6.98
C PHE D 344 30.51 -21.59 8.31
N GLY D 345 30.04 -20.89 9.34
CA GLY D 345 29.87 -21.50 10.67
C GLY D 345 28.50 -21.25 11.26
N GLY D 346 28.44 -20.63 12.44
CA GLY D 346 27.17 -20.25 13.08
C GLY D 346 26.22 -21.40 13.27
N THR D 347 26.68 -22.56 13.72
CA THR D 347 25.85 -23.79 13.86
C THR D 347 24.74 -23.59 14.88
N ASP D 348 25.00 -22.98 16.03
CA ASP D 348 23.99 -22.75 17.10
C ASP D 348 22.92 -21.75 16.63
N MET D 349 23.32 -20.71 15.91
CA MET D 349 22.38 -19.69 15.38
C MET D 349 21.54 -20.31 14.26
N LYS D 350 22.09 -21.23 13.48
CA LYS D 350 21.38 -21.93 12.39
C LYS D 350 20.40 -22.93 13.01
N LYS D 351 20.71 -23.52 14.16
CA LYS D 351 19.80 -24.41 14.87
C LYS D 351 18.62 -23.63 15.45
N ALA D 352 18.89 -22.43 15.99
CA ALA D 352 17.81 -21.62 16.54
C ALA D 352 16.90 -21.06 15.45
N ILE D 353 17.46 -20.74 14.28
CA ILE D 353 16.63 -20.25 13.18
C ILE D 353 15.71 -21.35 12.67
N ALA D 354 16.19 -22.60 12.69
CA ALA D 354 15.33 -23.72 12.31
C ALA D 354 14.13 -23.81 13.24
N CYS D 355 14.34 -23.66 14.55
CA CYS D 355 13.23 -23.70 15.48
C CYS D 355 12.25 -22.55 15.22
N LEU D 356 12.77 -21.36 14.92
CA LEU D 356 11.91 -20.22 14.62
C LEU D 356 11.07 -20.49 13.38
N LEU D 357 11.67 -21.12 12.36
CA LEU D 357 10.93 -21.39 11.13
C LEU D 357 9.76 -22.34 11.38
N PHE D 358 9.96 -23.34 12.23
CA PHE D 358 8.89 -24.30 12.50
C PHE D 358 7.90 -23.75 13.52
N GLY D 359 8.41 -23.14 14.59
CA GLY D 359 7.56 -22.50 15.57
C GLY D 359 7.00 -23.46 16.60
N GLY D 360 6.34 -22.90 17.60
CA GLY D 360 5.70 -23.66 18.65
C GLY D 360 4.23 -23.90 18.36
N SER D 361 3.48 -24.18 19.42
CA SER D 361 2.05 -24.47 19.32
C SER D 361 1.27 -23.32 19.95
N ARG D 362 0.46 -22.65 19.13
CA ARG D 362 -0.45 -21.64 19.65
C ARG D 362 -1.61 -22.31 20.38
N LYS D 363 -1.99 -21.76 21.52
CA LYS D 363 -3.02 -22.36 22.36
C LYS D 363 -4.01 -21.31 22.81
N ARG D 364 -5.24 -21.74 23.05
CA ARG D 364 -6.28 -20.91 23.64
C ARG D 364 -6.86 -21.63 24.84
N LEU D 365 -6.77 -21.00 26.00
CA LEU D 365 -7.28 -21.60 27.22
C LEU D 365 -8.78 -21.41 27.32
N PRO D 366 -9.46 -22.21 28.16
CA PRO D 366 -10.92 -22.12 28.23
C PRO D 366 -11.43 -20.73 28.58
N ASP D 367 -10.71 -19.97 29.40
CA ASP D 367 -11.15 -18.63 29.77
C ASP D 367 -11.07 -17.65 28.62
N GLY D 368 -10.46 -18.02 27.50
CA GLY D 368 -10.35 -17.16 26.35
C GLY D 368 -8.99 -16.53 26.16
N LEU D 369 -8.07 -16.68 27.11
CA LEU D 369 -6.76 -16.10 26.99
C LEU D 369 -5.87 -16.98 26.11
N THR D 370 -5.08 -16.32 25.25
CA THR D 370 -4.25 -16.99 24.27
C THR D 370 -2.81 -17.03 24.74
N ARG D 371 -2.11 -18.10 24.36
CA ARG D 371 -0.67 -18.22 24.51
C ARG D 371 -0.07 -18.37 23.12
N ARG D 372 0.89 -17.50 22.80
CA ARG D 372 1.45 -17.52 21.45
C ARG D 372 2.42 -18.68 21.26
N GLY D 373 2.50 -19.17 20.03
CA GLY D 373 3.42 -20.21 19.66
C GLY D 373 4.59 -19.76 18.82
N ASP D 374 4.61 -18.50 18.37
CA ASP D 374 5.69 -18.00 17.55
C ASP D 374 6.92 -17.68 18.39
N ILE D 375 8.09 -17.74 17.75
CA ILE D 375 9.38 -17.58 18.41
C ILE D 375 10.06 -16.35 17.82
N ASN D 376 10.55 -15.48 18.70
CA ASN D 376 11.26 -14.28 18.31
C ASN D 376 12.75 -14.43 18.61
N LEU D 377 13.59 -13.94 17.71
CA LEU D 377 15.04 -14.12 17.79
C LEU D 377 15.74 -12.82 17.44
N LEU D 378 16.73 -12.44 18.24
CA LEU D 378 17.51 -11.22 18.01
C LEU D 378 18.98 -11.57 17.91
N MET D 379 19.63 -11.11 16.84
CA MET D 379 21.07 -11.23 16.66
C MET D 379 21.69 -9.85 16.86
N LEU D 380 22.44 -9.69 17.94
CA LEU D 380 23.14 -8.45 18.26
C LEU D 380 24.63 -8.73 18.25
N GLY D 381 25.36 -8.05 17.38
CA GLY D 381 26.76 -8.41 17.27
C GLY D 381 27.57 -7.49 16.38
N ASP D 382 28.74 -7.98 16.05
CA ASP D 382 29.77 -7.23 15.34
C ASP D 382 29.53 -7.14 13.85
N PRO D 383 30.12 -6.18 13.17
CA PRO D 383 29.95 -6.09 11.75
C PRO D 383 30.60 -7.21 10.93
N GLY D 384 30.09 -7.47 9.74
CA GLY D 384 30.54 -8.48 8.76
C GLY D 384 30.53 -9.90 9.25
N THR D 385 29.52 -10.31 9.97
CA THR D 385 29.36 -11.64 10.57
C THR D 385 28.15 -12.35 9.94
N ALA D 386 27.69 -11.96 8.74
CA ALA D 386 26.64 -12.62 7.99
C ALA D 386 25.27 -12.53 8.65
N LYS D 387 25.05 -11.55 9.52
CA LYS D 387 23.72 -11.38 10.11
C LYS D 387 22.69 -11.04 9.04
N SER D 388 23.03 -10.14 8.11
CA SER D 388 22.07 -9.76 7.08
C SER D 388 21.86 -10.90 6.08
N GLN D 389 22.91 -11.66 5.79
CA GLN D 389 22.76 -12.79 4.88
C GLN D 389 21.82 -13.83 5.46
N LEU D 390 21.88 -14.05 6.78
CA LEU D 390 20.96 -14.98 7.41
C LEU D 390 19.51 -14.50 7.27
N LEU D 391 19.28 -13.20 7.47
CA LEU D 391 17.92 -12.68 7.36
C LEU D 391 17.40 -12.81 5.93
N LYS D 392 18.27 -12.58 4.95
CA LYS D 392 17.84 -12.72 3.55
C LYS D 392 17.47 -14.16 3.24
N PHE D 393 18.21 -15.13 3.78
CA PHE D 393 17.88 -16.53 3.53
C PHE D 393 16.51 -16.88 4.10
N VAL D 394 16.25 -16.48 5.35
CA VAL D 394 14.99 -16.82 5.99
C VAL D 394 13.82 -16.22 5.24
N GLU D 395 14.04 -15.06 4.60
CA GLU D 395 12.99 -14.48 3.78
C GLU D 395 12.61 -15.41 2.63
N LYS D 396 13.61 -16.01 1.98
CA LYS D 396 13.33 -16.94 0.90
C LYS D 396 12.79 -18.27 1.43
N CYS D 397 13.31 -18.73 2.57
CA CYS D 397 12.98 -20.07 3.06
C CYS D 397 11.59 -20.14 3.68
N SER D 398 11.14 -19.08 4.33
CA SER D 398 9.87 -19.13 5.05
C SER D 398 8.71 -19.22 4.06
N PRO D 399 7.69 -20.04 4.33
CA PRO D 399 6.51 -20.03 3.46
C PRO D 399 5.91 -18.64 3.30
N ILE D 400 5.90 -17.87 4.38
CA ILE D 400 5.48 -16.47 4.36
C ILE D 400 6.61 -15.66 4.99
N GLY D 401 7.21 -14.77 4.21
CA GLY D 401 8.36 -14.03 4.69
C GLY D 401 8.46 -12.62 4.14
N VAL D 402 8.69 -11.65 5.02
CA VAL D 402 8.80 -10.25 4.66
C VAL D 402 10.12 -9.72 5.21
N TYR D 403 10.90 -9.08 4.36
CA TYR D 403 12.16 -8.43 4.75
C TYR D 403 11.94 -6.93 4.77
N THR D 404 12.29 -6.29 5.89
CA THR D 404 12.22 -4.84 6.02
C THR D 404 13.47 -4.34 6.74
N SER D 405 13.66 -3.03 6.68
CA SER D 405 14.75 -2.36 7.37
C SER D 405 14.17 -1.47 8.46
N GLY D 406 14.81 -1.48 9.63
CA GLY D 406 14.36 -0.62 10.71
C GLY D 406 14.48 0.84 10.38
N LYS D 407 15.56 1.21 9.66
CA LYS D 407 15.75 2.61 9.28
C LYS D 407 14.64 3.08 8.35
N GLY D 408 14.19 2.21 7.45
CA GLY D 408 13.21 2.59 6.45
C GLY D 408 11.77 2.30 6.85
N SER D 409 11.52 2.14 8.14
CA SER D 409 10.20 1.78 8.64
C SER D 409 9.63 2.89 9.52
N SER D 410 8.31 2.84 9.70
CA SER D 410 7.60 3.72 10.61
C SER D 410 6.60 2.89 11.41
N ALA D 411 6.03 3.51 12.44
CA ALA D 411 5.07 2.80 13.27
C ALA D 411 3.86 2.35 12.46
N ALA D 412 3.33 3.24 11.61
CA ALA D 412 2.19 2.88 10.79
C ALA D 412 2.57 1.89 9.70
N GLY D 413 3.79 2.03 9.16
CA GLY D 413 4.22 1.11 8.11
C GLY D 413 4.40 -0.31 8.60
N LEU D 414 4.84 -0.49 9.85
CA LEU D 414 5.06 -1.84 10.37
C LEU D 414 3.76 -2.55 10.72
N THR D 415 2.80 -1.82 11.29
CA THR D 415 1.57 -2.46 11.75
C THR D 415 0.41 -2.27 10.78
N ALA D 416 0.01 -1.03 10.56
CA ALA D 416 -1.15 -0.73 9.72
C ALA D 416 -1.38 0.78 9.67
N SER D 417 -1.97 1.29 8.62
CA SER D 417 -2.16 2.68 8.34
C SER D 417 -3.61 3.04 8.09
N VAL D 418 -4.00 4.24 8.41
CA VAL D 418 -5.24 4.87 8.10
C VAL D 418 -5.04 5.87 6.98
N MET D 419 -5.76 5.81 5.92
CA MET D 419 -5.68 6.68 4.79
C MET D 419 -7.01 6.81 4.07
N ARG D 420 -7.07 7.83 3.21
CA ARG D 420 -8.30 8.14 2.45
C ARG D 420 -8.36 7.31 1.17
N ASP D 421 -9.50 6.70 0.89
CA ASP D 421 -9.78 5.97 -0.31
C ASP D 421 -10.09 6.92 -1.45
N PRO D 422 -9.37 6.87 -2.60
CA PRO D 422 -9.60 7.80 -3.71
C PRO D 422 -11.00 7.73 -4.33
N SER D 423 -11.57 6.53 -4.47
CA SER D 423 -12.88 6.32 -5.09
C SER D 423 -14.04 6.68 -4.15
N SER D 424 -13.99 6.18 -2.91
CA SER D 424 -15.06 6.32 -1.93
C SER D 424 -15.07 7.68 -1.21
N ARG D 425 -13.93 8.36 -1.07
CA ARG D 425 -13.82 9.61 -0.27
C ARG D 425 -14.12 9.25 1.19
N ASN D 426 -13.61 8.12 1.70
CA ASN D 426 -13.73 7.68 3.05
C ASN D 426 -12.44 7.08 3.56
N PHE D 427 -12.24 7.02 4.85
CA PHE D 427 -11.13 6.41 5.48
C PHE D 427 -11.18 4.91 5.38
N ILE D 428 -10.08 4.25 5.13
CA ILE D 428 -9.88 2.85 5.04
C ILE D 428 -8.65 2.43 5.81
N MET D 429 -8.35 1.14 5.80
CA MET D 429 -7.20 0.58 6.48
C MET D 429 -6.34 -0.21 5.50
N GLU D 430 -5.05 -0.07 5.56
CA GLU D 430 -4.06 -0.80 4.83
C GLU D 430 -3.05 -1.42 5.77
N GLY D 431 -2.80 -2.70 5.68
CA GLY D 431 -1.91 -3.39 6.52
C GLY D 431 -0.47 -3.14 6.26
N GLY D 432 0.35 -3.23 7.31
CA GLY D 432 1.78 -3.01 7.21
C GLY D 432 2.54 -4.30 7.01
N ALA D 433 3.81 -4.28 7.43
CA ALA D 433 4.66 -5.45 7.27
C ALA D 433 4.15 -6.61 8.11
N MET D 434 3.73 -6.35 9.33
CA MET D 434 3.31 -7.42 10.23
C MET D 434 1.90 -7.93 9.95
N VAL D 435 1.14 -7.25 9.08
CA VAL D 435 -0.09 -7.82 8.57
C VAL D 435 0.21 -8.67 7.34
N LEU D 436 1.10 -8.19 6.47
CA LEU D 436 1.51 -8.97 5.31
C LEU D 436 2.24 -10.24 5.71
N ALA D 437 2.93 -10.22 6.85
CA ALA D 437 3.69 -11.37 7.34
C ALA D 437 2.90 -12.23 8.30
N ASP D 438 1.60 -11.97 8.47
CA ASP D 438 0.78 -12.79 9.34
C ASP D 438 0.83 -14.25 8.92
N GLY D 439 1.08 -15.13 9.88
CA GLY D 439 1.27 -16.53 9.59
C GLY D 439 2.67 -16.90 9.16
N GLY D 440 3.61 -15.96 9.17
CA GLY D 440 4.96 -16.23 8.74
C GLY D 440 6.01 -15.52 9.59
N VAL D 441 7.04 -15.00 8.92
CA VAL D 441 8.18 -14.38 9.58
C VAL D 441 8.40 -13.00 8.99
N VAL D 442 8.71 -12.02 9.84
CA VAL D 442 9.13 -10.70 9.41
C VAL D 442 10.57 -10.50 9.88
N CYS D 443 11.46 -10.24 8.93
CA CYS D 443 12.88 -10.03 9.21
C CYS D 443 13.15 -8.53 9.24
N ILE D 444 13.54 -8.02 10.41
CA ILE D 444 13.78 -6.60 10.61
C ILE D 444 15.29 -6.42 10.73
N ASP D 445 15.93 -5.97 9.67
CA ASP D 445 17.35 -5.65 9.68
C ASP D 445 17.55 -4.23 10.20
N GLU D 446 18.77 -3.96 10.64
CA GLU D 446 19.12 -2.64 11.19
C GLU D 446 18.15 -2.26 12.31
N PHE D 447 17.87 -3.22 13.20
CA PHE D 447 16.89 -3.01 14.25
C PHE D 447 17.29 -1.88 15.19
N ASP D 448 18.59 -1.66 15.36
CA ASP D 448 19.05 -0.60 16.26
C ASP D 448 18.79 0.79 15.70
N LYS D 449 18.76 0.93 14.37
CA LYS D 449 18.54 2.24 13.75
C LYS D 449 17.09 2.70 13.84
N MET D 450 16.17 1.83 14.26
CA MET D 450 14.77 2.21 14.33
C MET D 450 14.55 3.24 15.44
N ARG D 451 13.65 4.19 15.19
CA ARG D 451 13.30 5.19 16.19
C ARG D 451 12.55 4.55 17.34
N GLU D 452 12.71 5.14 18.53
CA GLU D 452 12.10 4.57 19.72
C GLU D 452 10.57 4.57 19.62
N ASP D 453 10.00 5.63 19.06
CA ASP D 453 8.55 5.67 18.89
C ASP D 453 8.06 4.62 17.92
N ASP D 454 8.87 4.31 16.89
CA ASP D 454 8.50 3.26 15.96
C ASP D 454 8.70 1.87 16.56
N ARG D 455 9.78 1.67 17.32
CA ARG D 455 10.01 0.38 17.95
C ARG D 455 8.89 0.04 18.92
N VAL D 456 8.44 1.03 19.69
CA VAL D 456 7.43 0.81 20.71
C VAL D 456 6.09 0.37 20.12
N ALA D 457 5.83 0.68 18.86
CA ALA D 457 4.58 0.31 18.23
C ALA D 457 4.45 -1.19 18.00
N ILE D 458 5.52 -1.94 18.20
CA ILE D 458 5.54 -3.37 17.89
C ILE D 458 5.28 -4.24 19.11
N HIS D 459 5.19 -3.65 20.31
CA HIS D 459 5.11 -4.43 21.53
C HIS D 459 3.86 -5.30 21.54
N GLU D 460 2.70 -4.73 21.20
CA GLU D 460 1.47 -5.51 21.23
C GLU D 460 1.51 -6.64 20.21
N ALA D 461 1.98 -6.37 19.00
CA ALA D 461 2.00 -7.40 17.97
C ALA D 461 2.94 -8.54 18.32
N MET D 462 4.01 -8.26 19.07
CA MET D 462 5.01 -9.29 19.35
C MET D 462 4.52 -10.29 20.39
N GLU D 463 3.60 -9.90 21.26
CA GLU D 463 3.14 -10.76 22.34
C GLU D 463 1.67 -11.14 22.19
N GLN D 464 0.77 -10.17 22.09
CA GLN D 464 -0.65 -10.46 21.92
C GLN D 464 -1.00 -10.87 20.49
N GLN D 465 -0.13 -10.58 19.53
CA GLN D 465 -0.32 -11.00 18.14
C GLN D 465 -1.54 -10.37 17.51
N THR D 466 -1.89 -9.16 17.95
CA THR D 466 -2.96 -8.39 17.36
C THR D 466 -2.48 -6.96 17.15
N ILE D 467 -3.23 -6.21 16.35
CA ILE D 467 -2.99 -4.78 16.16
C ILE D 467 -4.30 -4.06 16.43
N SER D 468 -4.31 -3.21 17.46
CA SER D 468 -5.49 -2.44 17.83
C SER D 468 -5.38 -1.05 17.24
N ILE D 469 -6.44 -0.62 16.55
CA ILE D 469 -6.49 0.68 15.90
C ILE D 469 -7.73 1.41 16.38
N ALA D 470 -7.56 2.68 16.76
CA ALA D 470 -8.68 3.57 17.09
C ALA D 470 -8.34 4.94 16.51
N LYS D 471 -8.71 5.16 15.26
CA LYS D 471 -8.33 6.38 14.55
C LYS D 471 -9.35 6.70 13.47
N ALA D 472 -9.71 7.95 13.34
CA ALA D 472 -10.50 8.46 12.26
C ALA D 472 -11.81 7.71 12.12
N GLY D 473 -12.44 7.36 13.21
CA GLY D 473 -13.64 6.64 13.23
C GLY D 473 -13.60 5.18 13.00
N ILE D 474 -12.40 4.61 12.93
CA ILE D 474 -12.21 3.17 12.77
C ILE D 474 -11.75 2.59 14.10
N THR D 475 -12.47 1.60 14.61
CA THR D 475 -12.09 0.87 15.81
C THR D 475 -12.14 -0.62 15.48
N THR D 476 -10.98 -1.23 15.27
CA THR D 476 -10.91 -2.60 14.82
C THR D 476 -9.65 -3.25 15.37
N THR D 477 -9.55 -4.57 15.21
CA THR D 477 -8.40 -5.34 15.63
C THR D 477 -8.02 -6.32 14.52
N LEU D 478 -6.74 -6.36 14.19
CA LEU D 478 -6.22 -7.22 13.12
C LEU D 478 -5.35 -8.32 13.71
N ASN D 479 -5.10 -9.35 12.89
CA ASN D 479 -4.22 -10.43 13.26
C ASN D 479 -2.80 -10.14 12.80
N SER D 480 -1.83 -10.42 13.66
CA SER D 480 -0.42 -10.23 13.35
C SER D 480 0.40 -11.39 13.89
N ARG D 481 -0.05 -12.62 13.64
CA ARG D 481 0.61 -13.82 14.16
C ARG D 481 1.87 -14.10 13.34
N CYS D 482 2.94 -13.38 13.66
CA CYS D 482 4.19 -13.51 12.93
C CYS D 482 5.36 -13.60 13.91
N SER D 483 6.45 -14.19 13.43
CA SER D 483 7.69 -14.30 14.17
C SER D 483 8.62 -13.17 13.76
N VAL D 484 9.28 -12.56 14.74
CA VAL D 484 10.21 -11.46 14.50
C VAL D 484 11.63 -12.00 14.54
N LEU D 485 12.37 -11.79 13.45
CA LEU D 485 13.78 -12.10 13.37
C LEU D 485 14.53 -10.80 13.14
N ALA D 486 15.25 -10.33 14.15
CA ALA D 486 15.86 -9.01 14.11
C ALA D 486 17.38 -9.12 14.18
N ALA D 487 18.05 -8.18 13.54
CA ALA D 487 19.50 -8.06 13.58
C ALA D 487 19.87 -6.63 13.92
N ALA D 488 20.96 -6.46 14.66
CA ALA D 488 21.39 -5.13 15.06
C ALA D 488 22.87 -5.15 15.42
N ASN D 489 23.46 -3.97 15.45
CA ASN D 489 24.81 -3.76 15.95
C ASN D 489 24.77 -3.24 17.38
N SER D 490 25.89 -3.36 18.06
CA SER D 490 26.00 -2.86 19.42
C SER D 490 26.17 -1.35 19.42
N VAL D 491 26.14 -0.77 20.62
CA VAL D 491 26.11 0.69 20.74
C VAL D 491 27.38 1.32 20.17
N PHE D 492 28.54 0.73 20.47
CA PHE D 492 29.82 1.28 20.05
C PHE D 492 30.33 0.67 18.74
N GLY D 493 29.45 0.07 17.95
CA GLY D 493 29.87 -0.52 16.69
C GLY D 493 30.35 -1.95 16.86
N ARG D 494 31.44 -2.13 17.60
CA ARG D 494 31.94 -3.45 17.97
C ARG D 494 31.74 -3.65 19.46
N TRP D 495 31.40 -4.87 19.84
CA TRP D 495 31.19 -5.18 21.25
C TRP D 495 32.48 -4.98 22.04
N ASP D 496 32.42 -4.11 23.04
CA ASP D 496 33.55 -3.82 23.91
C ASP D 496 33.29 -4.47 25.26
N GLU D 497 34.16 -5.40 25.66
CA GLU D 497 33.95 -6.13 26.90
C GLU D 497 34.05 -5.22 28.12
N THR D 498 34.80 -4.12 28.02
CA THR D 498 34.97 -3.25 29.18
C THR D 498 33.71 -2.43 29.44
N LYS D 499 33.00 -2.02 28.39
CA LYS D 499 31.82 -1.18 28.57
C LYS D 499 30.70 -1.93 29.27
N GLY D 500 30.69 -3.25 29.20
CA GLY D 500 29.68 -4.04 29.88
C GLY D 500 28.26 -3.76 29.42
N GLU D 501 27.38 -3.38 30.35
CA GLU D 501 25.97 -3.22 30.04
C GLU D 501 25.71 -2.04 29.10
N ASP D 502 26.70 -1.17 28.89
CA ASP D 502 26.52 -0.05 27.97
C ASP D 502 26.48 -0.50 26.52
N ASN D 503 26.82 -1.75 26.23
CA ASN D 503 26.80 -2.22 24.85
C ASN D 503 25.38 -2.33 24.32
N ILE D 504 24.41 -2.57 25.19
CA ILE D 504 23.03 -2.77 24.80
C ILE D 504 22.23 -1.53 25.14
N ASP D 505 21.40 -1.08 24.21
CA ASP D 505 20.59 0.12 24.38
C ASP D 505 19.09 -0.15 24.48
N PHE D 506 18.65 -1.36 24.12
CA PHE D 506 17.22 -1.64 24.11
C PHE D 506 16.65 -1.69 25.52
N MET D 507 15.37 -1.35 25.63
CA MET D 507 14.70 -1.35 26.92
C MET D 507 14.42 -2.77 27.38
N PRO D 508 14.20 -2.98 28.68
CA PRO D 508 13.84 -4.33 29.14
C PRO D 508 12.54 -4.83 28.55
N THR D 509 11.59 -3.95 28.26
CA THR D 509 10.30 -4.39 27.74
C THR D 509 10.44 -5.08 26.40
N ILE D 510 11.23 -4.51 25.49
CA ILE D 510 11.40 -5.13 24.18
C ILE D 510 12.24 -6.39 24.29
N LEU D 511 13.27 -6.37 25.12
CA LEU D 511 14.17 -7.52 25.20
C LEU D 511 13.50 -8.73 25.80
N SER D 512 12.55 -8.54 26.71
CA SER D 512 11.83 -9.67 27.29
C SER D 512 10.90 -10.34 26.28
N ARG D 513 10.64 -9.70 25.14
CA ARG D 513 9.77 -10.28 24.12
C ARG D 513 10.53 -11.14 23.13
N PHE D 514 11.83 -11.33 23.32
CA PHE D 514 12.64 -12.17 22.44
C PHE D 514 12.92 -13.50 23.13
N ASP D 515 12.57 -14.58 22.45
CA ASP D 515 12.81 -15.92 23.01
C ASP D 515 14.30 -16.19 23.18
N MET D 516 15.10 -15.80 22.19
CA MET D 516 16.53 -16.07 22.20
C MET D 516 17.26 -14.82 21.77
N ILE D 517 18.32 -14.46 22.48
CA ILE D 517 19.15 -13.31 22.15
C ILE D 517 20.58 -13.79 21.97
N PHE D 518 21.13 -13.61 20.78
CA PHE D 518 22.48 -14.03 20.46
C PHE D 518 23.39 -12.81 20.45
N ILE D 519 24.44 -12.83 21.25
CA ILE D 519 25.49 -11.81 21.19
C ILE D 519 26.58 -12.36 20.30
N VAL D 520 26.74 -11.79 19.11
CA VAL D 520 27.67 -12.28 18.10
C VAL D 520 28.95 -11.48 18.20
N LYS D 521 30.04 -12.16 18.54
CA LYS D 521 31.35 -11.53 18.71
C LYS D 521 32.31 -12.11 17.68
N ASP D 522 32.92 -11.23 16.89
CA ASP D 522 33.83 -11.67 15.82
C ASP D 522 35.18 -12.01 16.45
N GLU D 523 35.30 -13.27 16.86
CA GLU D 523 36.50 -13.73 17.56
C GLU D 523 37.62 -14.02 16.56
N HIS D 524 38.79 -13.44 16.82
CA HIS D 524 39.95 -13.55 15.95
C HIS D 524 40.76 -14.77 16.38
N ASN D 525 40.89 -15.75 15.49
CA ASN D 525 41.70 -16.93 15.74
C ASN D 525 42.39 -17.36 14.45
N GLU D 526 43.67 -17.70 14.56
CA GLU D 526 44.44 -18.08 13.37
C GLU D 526 43.79 -19.25 12.65
N GLU D 527 43.41 -20.29 13.40
CA GLU D 527 42.94 -21.51 12.76
C GLU D 527 41.58 -21.31 12.09
N ARG D 528 40.64 -20.66 12.78
CA ARG D 528 39.33 -20.46 12.21
C ARG D 528 39.38 -19.49 11.03
N ASP D 529 40.22 -18.46 11.12
CA ASP D 529 40.30 -17.47 10.05
C ASP D 529 40.81 -18.08 8.76
N VAL D 530 41.80 -18.98 8.85
CA VAL D 530 42.27 -19.65 7.65
C VAL D 530 41.17 -20.50 7.03
N MET D 531 40.43 -21.22 7.88
CA MET D 531 39.34 -22.05 7.36
C MET D 531 38.26 -21.20 6.70
N LEU D 532 37.90 -20.07 7.32
CA LEU D 532 36.86 -19.22 6.75
C LEU D 532 37.30 -18.63 5.41
N ALA D 533 38.55 -18.21 5.31
CA ALA D 533 39.02 -17.61 4.06
C ALA D 533 38.97 -18.62 2.91
N LYS D 534 39.38 -19.86 3.17
CA LYS D 534 39.32 -20.88 2.13
C LYS D 534 37.88 -21.16 1.72
N HIS D 535 36.97 -21.17 2.69
CA HIS D 535 35.56 -21.37 2.38
C HIS D 535 35.02 -20.25 1.49
N VAL D 536 35.38 -19.01 1.79
CA VAL D 536 34.86 -17.88 1.04
C VAL D 536 35.41 -17.86 -0.38
N ILE D 537 36.70 -18.15 -0.53
CA ILE D 537 37.28 -18.19 -1.88
C ILE D 537 36.63 -19.30 -2.69
N THR D 538 36.54 -20.50 -2.12
CA THR D 538 35.90 -21.60 -2.83
C THR D 538 34.47 -21.27 -3.19
N LEU D 539 33.78 -20.50 -2.36
CA LEU D 539 32.42 -20.10 -2.66
C LEU D 539 32.37 -19.18 -3.89
N HIS D 540 33.35 -18.29 -4.02
CA HIS D 540 33.36 -17.38 -5.16
C HIS D 540 33.78 -18.10 -6.44
N VAL D 541 34.72 -19.03 -6.36
CA VAL D 541 35.09 -19.81 -7.53
C VAL D 541 33.94 -20.72 -7.95
N SER D 542 33.22 -21.27 -6.98
CA SER D 542 32.15 -22.22 -7.29
C SER D 542 30.95 -21.55 -7.96
N ALA D 543 30.90 -20.22 -7.97
CA ALA D 543 29.78 -19.54 -8.63
C ALA D 543 29.70 -19.90 -10.10
N LEU D 544 30.83 -20.25 -10.72
CA LEU D 544 30.83 -20.68 -12.10
C LEU D 544 30.35 -22.12 -12.25
N THR D 545 30.55 -22.95 -11.23
CA THR D 545 30.20 -24.36 -11.34
C THR D 545 28.70 -24.52 -11.55
N GLN D 546 28.33 -25.49 -12.39
CA GLN D 546 26.93 -25.81 -12.57
C GLN D 546 26.36 -26.44 -11.30
N THR D 547 25.14 -26.04 -10.94
CA THR D 547 24.59 -26.40 -9.65
C THR D 547 24.50 -27.92 -9.51
N GLN D 548 24.83 -28.42 -8.32
CA GLN D 548 24.75 -29.84 -8.01
C GLN D 548 24.13 -30.02 -6.63
N ALA D 549 23.52 -31.19 -6.42
CA ALA D 549 22.89 -31.49 -5.16
C ALA D 549 23.93 -31.92 -4.12
N VAL D 550 23.56 -31.75 -2.85
CA VAL D 550 24.40 -32.13 -1.72
C VAL D 550 23.67 -33.20 -0.93
N GLU D 551 24.38 -34.29 -0.63
CA GLU D 551 23.71 -35.48 -0.10
C GLU D 551 23.05 -35.22 1.24
N GLY D 552 23.70 -34.45 2.11
CA GLY D 552 23.25 -34.27 3.48
C GLY D 552 22.32 -33.10 3.70
N GLU D 553 21.84 -32.44 2.66
CA GLU D 553 21.01 -31.25 2.79
C GLU D 553 19.71 -31.42 2.04
N ILE D 554 18.79 -30.48 2.32
CA ILE D 554 17.51 -30.39 1.63
C ILE D 554 17.52 -29.08 0.85
N ASP D 555 17.11 -29.14 -0.42
CA ASP D 555 17.06 -27.93 -1.22
C ASP D 555 16.01 -26.97 -0.66
N LEU D 556 16.17 -25.69 -0.98
CA LEU D 556 15.31 -24.67 -0.38
C LEU D 556 13.85 -24.90 -0.73
N ALA D 557 13.58 -25.27 -1.98
CA ALA D 557 12.19 -25.45 -2.41
C ALA D 557 11.50 -26.54 -1.59
N LYS D 558 12.18 -27.67 -1.37
CA LYS D 558 11.58 -28.75 -0.58
C LYS D 558 11.49 -28.38 0.88
N LEU D 559 12.54 -27.77 1.43
CA LEU D 559 12.50 -27.36 2.83
C LEU D 559 11.37 -26.38 3.08
N LYS D 560 11.13 -25.47 2.13
CA LYS D 560 10.03 -24.53 2.25
C LYS D 560 8.69 -25.26 2.32
N LYS D 561 8.51 -26.28 1.48
CA LYS D 561 7.26 -27.04 1.49
C LYS D 561 7.15 -27.90 2.73
N PHE D 562 8.27 -28.46 3.19
CA PHE D 562 8.26 -29.29 4.39
C PHE D 562 7.85 -28.47 5.62
N ILE D 563 8.34 -27.24 5.72
CA ILE D 563 7.98 -26.39 6.85
C ILE D 563 6.48 -26.12 6.85
N ALA D 564 5.93 -25.76 5.68
CA ALA D 564 4.51 -25.47 5.60
C ALA D 564 3.67 -26.69 5.97
N TYR D 565 4.12 -27.88 5.56
CA TYR D 565 3.37 -29.09 5.87
C TYR D 565 3.34 -29.36 7.37
N CYS D 566 4.50 -29.24 8.03
CA CYS D 566 4.56 -29.53 9.46
C CYS D 566 3.74 -28.55 10.28
N ARG D 567 3.75 -27.27 9.90
CA ARG D 567 3.02 -26.27 10.68
C ARG D 567 1.52 -26.50 10.65
N VAL D 568 1.01 -27.09 9.58
CA VAL D 568 -0.44 -27.33 9.49
C VAL D 568 -0.83 -28.65 10.14
N LYS D 569 0.10 -29.60 10.23
CA LYS D 569 -0.26 -30.97 10.58
C LYS D 569 -0.05 -31.29 12.05
N CYS D 570 0.93 -30.66 12.71
CA CYS D 570 1.37 -31.07 14.04
C CYS D 570 1.45 -29.88 14.97
N GLY D 571 0.67 -29.92 16.04
CA GLY D 571 0.88 -29.06 17.19
C GLY D 571 1.21 -29.88 18.41
N PRO D 572 2.47 -29.89 18.83
CA PRO D 572 2.88 -30.74 19.96
C PRO D 572 2.51 -30.13 21.31
N ARG D 573 2.66 -30.96 22.35
CA ARG D 573 2.53 -30.55 23.73
C ARG D 573 3.68 -31.15 24.52
N LEU D 574 4.00 -30.51 25.64
CA LEU D 574 5.01 -31.07 26.54
C LEU D 574 4.46 -32.29 27.25
N SER D 575 5.31 -33.30 27.42
CA SER D 575 4.95 -34.44 28.23
C SER D 575 5.09 -34.10 29.71
N ALA D 576 4.32 -34.81 30.54
CA ALA D 576 4.34 -34.54 31.97
C ALA D 576 5.74 -34.67 32.55
N GLU D 577 6.55 -35.59 32.02
CA GLU D 577 7.90 -35.76 32.51
C GLU D 577 8.80 -34.61 32.05
N ALA D 578 8.60 -34.14 30.82
CA ALA D 578 9.38 -33.02 30.32
C ALA D 578 9.06 -31.74 31.08
N ALA D 579 7.82 -31.57 31.53
CA ALA D 579 7.45 -30.38 32.28
C ALA D 579 8.16 -30.31 33.62
N GLU D 580 8.28 -31.45 34.31
CA GLU D 580 8.97 -31.46 35.60
C GLU D 580 10.43 -31.07 35.44
N LYS D 581 11.09 -31.58 34.39
CA LYS D 581 12.48 -31.21 34.15
C LYS D 581 12.60 -29.72 33.88
N LEU D 582 11.69 -29.16 33.10
CA LEU D 582 11.75 -27.73 32.79
C LEU D 582 11.51 -26.87 34.02
N LYS D 583 10.56 -27.27 34.87
CA LYS D 583 10.24 -26.47 36.04
C LYS D 583 11.45 -26.30 36.95
N ASN D 584 12.19 -27.39 37.19
CA ASN D 584 13.30 -27.33 38.12
C ASN D 584 14.44 -26.48 37.59
N ARG D 585 14.72 -26.57 36.29
CA ARG D 585 15.81 -25.79 35.72
C ARG D 585 15.45 -24.30 35.67
N TYR D 586 14.18 -23.97 35.47
CA TYR D 586 13.77 -22.57 35.46
C TYR D 586 14.02 -21.91 36.81
N ILE D 587 13.72 -22.61 37.89
CA ILE D 587 13.94 -22.05 39.22
C ILE D 587 15.42 -21.79 39.45
N ILE D 588 16.28 -22.73 39.05
CA ILE D 588 17.71 -22.51 39.19
C ILE D 588 18.15 -21.30 38.38
N MET D 589 17.66 -21.19 37.14
CA MET D 589 18.05 -20.07 36.29
C MET D 589 17.65 -18.74 36.90
N ARG D 590 16.46 -18.67 37.51
CA ARG D 590 16.03 -17.42 38.12
C ARG D 590 16.91 -17.05 39.30
N SER D 591 17.27 -18.03 40.14
CA SER D 591 18.13 -17.73 41.28
C SER D 591 19.50 -17.24 40.83
N GLY D 592 20.07 -17.88 39.80
CA GLY D 592 21.36 -17.44 39.30
C GLY D 592 21.33 -16.03 38.75
N ALA D 593 20.27 -15.70 38.01
CA ALA D 593 20.13 -14.33 37.50
C ALA D 593 19.96 -13.34 38.64
N ARG D 594 19.17 -13.70 39.66
CA ARG D 594 18.98 -12.82 40.81
C ARG D 594 20.28 -12.62 41.56
N GLN D 595 21.04 -13.70 41.78
CA GLN D 595 22.32 -13.59 42.47
C GLN D 595 23.30 -12.73 41.68
N HIS D 596 23.34 -12.91 40.36
CA HIS D 596 24.29 -12.18 39.54
C HIS D 596 24.04 -10.67 39.61
N GLU D 597 22.77 -10.26 39.58
CA GLU D 597 22.46 -8.84 39.66
C GLU D 597 22.85 -8.26 41.01
N ARG D 598 22.61 -9.01 42.09
CA ARG D 598 22.98 -8.54 43.42
C ARG D 598 24.48 -8.32 43.53
N ASP D 599 25.28 -9.28 43.04
CA ASP D 599 26.73 -9.15 43.14
C ASP D 599 27.25 -7.99 42.31
N SER D 600 26.70 -7.80 41.10
CA SER D 600 27.16 -6.74 40.22
C SER D 600 26.61 -5.38 40.59
N ASP D 601 25.59 -5.32 41.44
CA ASP D 601 24.95 -4.09 41.90
C ASP D 601 24.26 -3.32 40.78
N ARG D 602 24.13 -3.91 39.59
CA ARG D 602 23.43 -3.32 38.47
C ARG D 602 22.42 -4.31 37.95
N ARG D 603 21.19 -3.84 37.72
CA ARG D 603 20.10 -4.70 37.18
C ARG D 603 20.51 -5.02 35.75
N SER D 604 20.53 -6.30 35.36
CA SER D 604 21.07 -6.67 34.07
C SER D 604 20.15 -6.21 32.93
N SER D 605 20.76 -6.00 31.77
CA SER D 605 20.01 -5.58 30.59
C SER D 605 19.10 -6.68 30.08
N ILE D 606 19.49 -7.94 30.23
CA ILE D 606 18.74 -9.08 29.73
C ILE D 606 17.90 -9.61 30.89
N PRO D 607 16.57 -9.51 30.83
CA PRO D 607 15.73 -10.06 31.90
C PRO D 607 15.40 -11.53 31.68
N ILE D 608 15.10 -12.20 32.79
CA ILE D 608 14.69 -13.60 32.80
C ILE D 608 13.33 -13.63 33.48
N THR D 609 12.26 -13.76 32.70
CA THR D 609 10.90 -13.65 33.21
C THR D 609 10.11 -14.91 32.85
N VAL D 610 8.82 -14.89 33.16
CA VAL D 610 7.94 -15.99 32.77
C VAL D 610 7.93 -16.15 31.25
N ARG D 611 8.11 -15.06 30.51
CA ARG D 611 8.17 -15.15 29.06
C ARG D 611 9.30 -16.05 28.61
N GLN D 612 10.41 -16.04 29.35
CA GLN D 612 11.54 -16.90 28.99
C GLN D 612 11.26 -18.36 29.32
N LEU D 613 10.41 -18.62 30.32
CA LEU D 613 9.96 -19.98 30.58
C LEU D 613 9.09 -20.48 29.43
N GLU D 614 8.15 -19.66 28.96
CA GLU D 614 7.31 -20.05 27.84
C GLU D 614 8.11 -20.14 26.55
N ALA D 615 9.20 -19.38 26.44
CA ALA D 615 10.06 -19.47 25.27
C ALA D 615 10.69 -20.85 25.16
N ILE D 616 11.12 -21.41 26.29
CA ILE D 616 11.72 -22.73 26.27
C ILE D 616 10.68 -23.78 25.89
N VAL D 617 9.43 -23.58 26.33
CA VAL D 617 8.34 -24.48 25.91
C VAL D 617 8.17 -24.43 24.40
N ARG D 618 8.18 -23.23 23.82
CA ARG D 618 8.00 -23.11 22.37
C ARG D 618 9.12 -23.79 21.61
N ILE D 619 10.36 -23.62 22.06
CA ILE D 619 11.49 -24.21 21.36
C ILE D 619 11.44 -25.72 21.43
N ALA D 620 11.02 -26.26 22.58
CA ALA D 620 10.87 -27.70 22.70
C ALA D 620 9.80 -28.24 21.75
N GLU D 621 8.68 -27.52 21.64
CA GLU D 621 7.62 -27.94 20.74
C GLU D 621 8.05 -27.87 19.29
N ALA D 622 8.85 -26.86 18.94
CA ALA D 622 9.34 -26.76 17.57
C ALA D 622 10.19 -27.97 17.21
N LEU D 623 11.05 -28.41 18.15
CA LEU D 623 11.89 -29.57 17.89
C LEU D 623 11.04 -30.83 17.67
N SER D 624 9.97 -30.98 18.44
CA SER D 624 9.06 -32.11 18.22
C SER D 624 8.34 -31.97 16.88
N LYS D 625 7.90 -30.76 16.55
CA LYS D 625 7.17 -30.56 15.29
C LYS D 625 8.01 -30.96 14.09
N MET D 626 9.33 -30.83 14.18
CA MET D 626 10.21 -31.26 13.11
C MET D 626 10.07 -32.76 12.86
N LYS D 627 9.88 -33.54 13.93
CA LYS D 627 9.77 -34.98 13.85
C LYS D 627 8.32 -35.45 13.74
N LEU D 628 7.36 -34.54 13.65
CA LEU D 628 5.94 -34.87 13.58
C LEU D 628 5.53 -35.74 14.77
N GLN D 629 5.98 -35.34 15.96
CA GLN D 629 5.70 -36.06 17.19
C GLN D 629 4.68 -35.30 18.03
N PRO D 630 3.60 -35.95 18.48
CA PRO D 630 2.57 -35.20 19.21
C PRO D 630 3.03 -34.70 20.57
N PHE D 631 4.06 -35.29 21.17
CA PHE D 631 4.49 -34.92 22.52
C PHE D 631 5.98 -34.64 22.52
N ALA D 632 6.35 -33.52 23.14
CA ALA D 632 7.76 -33.18 23.32
C ALA D 632 8.33 -33.94 24.50
N THR D 633 9.52 -34.50 24.31
CA THR D 633 10.15 -35.38 25.28
C THR D 633 11.15 -34.61 26.14
N GLU D 634 11.83 -35.35 27.02
CA GLU D 634 12.87 -34.74 27.85
C GLU D 634 14.08 -34.35 27.00
N ALA D 635 14.39 -35.12 25.96
CA ALA D 635 15.50 -34.76 25.09
C ALA D 635 15.21 -33.45 24.36
N ASP D 636 13.95 -33.23 23.97
CA ASP D 636 13.59 -31.96 23.34
C ASP D 636 13.80 -30.81 24.30
N VAL D 637 13.41 -30.97 25.57
CA VAL D 637 13.62 -29.92 26.55
C VAL D 637 15.11 -29.73 26.81
N GLU D 638 15.88 -30.81 26.81
CA GLU D 638 17.32 -30.70 27.01
C GLU D 638 17.96 -29.87 25.92
N GLU D 639 17.60 -30.13 24.66
CA GLU D 639 18.13 -29.34 23.55
C GLU D 639 17.63 -27.89 23.63
N ALA D 640 16.37 -27.70 24.00
CA ALA D 640 15.84 -26.34 24.13
C ALA D 640 16.59 -25.57 25.22
N LEU D 641 16.91 -26.23 26.33
CA LEU D 641 17.66 -25.57 27.39
C LEU D 641 19.09 -25.28 26.98
N ARG D 642 19.69 -26.15 26.17
CA ARG D 642 21.04 -25.89 25.67
C ARG D 642 21.05 -24.68 24.75
N LEU D 643 20.04 -24.56 23.89
CA LEU D 643 19.96 -23.40 23.01
C LEU D 643 19.78 -22.12 23.82
N PHE D 644 18.92 -22.16 24.84
CA PHE D 644 18.72 -21.01 25.71
C PHE D 644 20.03 -20.64 26.42
N GLN D 645 20.77 -21.64 26.88
CA GLN D 645 22.02 -21.37 27.60
C GLN D 645 23.00 -20.64 26.71
N VAL D 646 23.16 -21.11 25.46
CA VAL D 646 24.16 -20.53 24.58
C VAL D 646 23.74 -19.14 24.12
N SER D 647 22.43 -18.86 24.08
CA SER D 647 21.96 -17.60 23.54
C SER D 647 21.71 -16.54 24.60
N THR D 648 20.74 -16.76 25.49
CA THR D 648 20.24 -15.69 26.34
C THR D 648 20.92 -15.65 27.70
N LEU D 649 21.16 -16.82 28.31
CA LEU D 649 21.90 -16.85 29.57
C LEU D 649 23.32 -16.35 29.38
N ASP D 650 23.94 -16.69 28.26
CA ASP D 650 25.27 -16.17 27.97
C ASP D 650 25.26 -14.64 27.89
N ALA D 651 24.23 -14.08 27.24
CA ALA D 651 24.10 -12.63 27.21
C ALA D 651 23.85 -12.06 28.59
N ALA D 652 22.99 -12.71 29.37
CA ALA D 652 22.60 -12.16 30.67
C ALA D 652 23.72 -12.28 31.70
N LEU D 653 24.72 -13.11 31.43
CA LEU D 653 25.84 -13.28 32.35
C LEU D 653 27.17 -13.12 31.61
N GLU E 17 -18.37 47.26 -49.18
CA GLU E 17 -18.28 47.14 -47.73
C GLU E 17 -18.18 48.52 -47.09
N VAL E 18 -18.94 48.73 -46.02
CA VAL E 18 -18.92 50.01 -45.33
C VAL E 18 -17.50 50.27 -44.84
N ARG E 19 -17.07 51.53 -44.93
CA ARG E 19 -15.70 51.92 -44.65
C ARG E 19 -15.67 52.88 -43.46
N ASP E 20 -14.77 52.60 -42.52
CA ASP E 20 -14.61 53.44 -41.33
C ASP E 20 -13.70 54.61 -41.67
N GLU E 21 -14.30 55.80 -41.85
CA GLU E 21 -13.53 56.95 -42.35
C GLU E 21 -12.44 57.36 -41.37
N VAL E 22 -12.76 57.39 -40.08
CA VAL E 22 -11.81 57.87 -39.08
C VAL E 22 -10.56 56.98 -39.07
N ALA E 23 -10.76 55.67 -39.06
CA ALA E 23 -9.62 54.75 -38.99
C ALA E 23 -8.75 54.86 -40.22
N GLU E 24 -9.35 54.99 -41.41
CA GLU E 24 -8.56 55.12 -42.62
C GLU E 24 -7.77 56.43 -42.63
N LYS E 25 -8.38 57.51 -42.17
CA LYS E 25 -7.64 58.77 -42.08
C LYS E 25 -6.47 58.63 -41.12
N CYS E 26 -6.70 57.97 -39.98
CA CYS E 26 -5.61 57.74 -39.03
C CYS E 26 -4.49 56.93 -39.67
N GLN E 27 -4.85 55.89 -40.43
CA GLN E 27 -3.84 55.08 -41.10
C GLN E 27 -3.00 55.94 -42.05
N LYS E 28 -3.67 56.75 -42.88
CA LYS E 28 -2.93 57.56 -43.84
C LYS E 28 -2.01 58.53 -43.13
N LEU E 29 -2.51 59.21 -42.10
CA LEU E 29 -1.69 60.18 -41.39
C LEU E 29 -0.53 59.52 -40.65
N PHE E 30 -0.76 58.32 -40.10
CA PHE E 30 0.33 57.62 -39.43
C PHE E 30 1.40 57.18 -40.42
N LEU E 31 0.99 56.74 -41.61
CA LEU E 31 1.98 56.44 -42.64
C LEU E 31 2.79 57.67 -42.99
N ASP E 32 2.12 58.81 -43.13
CA ASP E 32 2.85 60.06 -43.38
C ASP E 32 3.83 60.36 -42.26
N PHE E 33 3.40 60.18 -41.00
CA PHE E 33 4.28 60.46 -39.88
C PHE E 33 5.52 59.56 -39.91
N LEU E 34 5.31 58.26 -40.15
CA LEU E 34 6.44 57.34 -40.22
C LEU E 34 7.39 57.73 -41.34
N GLU E 35 6.86 58.13 -42.49
CA GLU E 35 7.72 58.44 -43.63
C GLU E 35 8.49 59.75 -43.41
N GLU E 36 7.84 60.76 -42.84
CA GLU E 36 8.35 62.12 -42.91
C GLU E 36 9.00 62.64 -41.63
N PHE E 37 8.61 62.14 -40.46
CA PHE E 37 9.11 62.74 -39.22
C PHE E 37 10.62 62.71 -39.19
N GLN E 38 11.21 63.83 -38.77
CA GLN E 38 12.64 64.05 -38.84
C GLN E 38 13.23 64.11 -37.45
N SER E 39 14.40 63.51 -37.27
CA SER E 39 15.12 63.59 -36.00
C SER E 39 15.90 64.90 -35.94
N SER E 40 16.66 65.07 -34.86
CA SER E 40 17.50 66.26 -34.73
C SER E 40 18.58 66.28 -35.81
N ASP E 41 19.17 65.13 -36.11
CA ASP E 41 20.26 65.05 -37.07
C ASP E 41 19.80 65.26 -38.51
N GLY E 42 18.50 65.27 -38.76
CA GLY E 42 17.97 65.49 -40.10
C GLY E 42 17.62 64.23 -40.85
N GLU E 43 17.97 63.05 -40.33
CA GLU E 43 17.55 61.81 -40.94
C GLU E 43 16.13 61.45 -40.51
N ILE E 44 15.52 60.50 -41.21
CA ILE E 44 14.21 59.99 -40.82
C ILE E 44 14.40 59.08 -39.61
N LYS E 45 13.78 59.45 -38.49
CA LYS E 45 14.04 58.76 -37.23
C LYS E 45 13.65 57.29 -37.33
N TYR E 46 12.47 57.00 -37.89
CA TYR E 46 11.90 55.67 -37.81
C TYR E 46 12.22 54.79 -39.00
N LEU E 47 12.77 55.35 -40.09
CA LEU E 47 13.25 54.51 -41.17
C LEU E 47 14.39 53.61 -40.69
N GLN E 48 15.33 54.17 -39.96
CA GLN E 48 16.47 53.38 -39.47
C GLN E 48 16.03 52.35 -38.46
N LEU E 49 15.00 52.65 -37.67
CA LEU E 49 14.48 51.67 -36.72
C LEU E 49 13.72 50.56 -37.43
N ALA E 50 12.86 50.91 -38.40
CA ALA E 50 12.15 49.90 -39.16
C ALA E 50 13.11 49.02 -39.94
N GLU E 51 14.29 49.54 -40.28
CA GLU E 51 15.28 48.71 -40.95
C GLU E 51 15.67 47.50 -40.12
N GLU E 52 15.46 47.55 -38.80
CA GLU E 52 15.78 46.41 -37.95
C GLU E 52 14.72 45.32 -38.00
N LEU E 53 13.52 45.62 -38.51
CA LEU E 53 12.42 44.68 -38.52
C LEU E 53 12.57 43.60 -39.57
N ILE E 54 13.71 43.53 -40.26
CA ILE E 54 13.95 42.43 -41.20
C ILE E 54 14.34 41.14 -40.50
N ARG E 55 14.68 41.20 -39.22
CA ARG E 55 15.05 39.99 -38.52
C ARG E 55 13.79 39.19 -38.14
N PRO E 56 13.88 37.85 -38.13
CA PRO E 56 12.68 37.07 -37.79
C PRO E 56 12.17 37.30 -36.38
N GLU E 57 13.05 37.60 -35.43
CA GLU E 57 12.60 37.73 -34.03
C GLU E 57 11.98 39.09 -33.75
N ARG E 58 12.16 40.07 -34.62
CA ARG E 58 11.69 41.42 -34.39
C ARG E 58 10.41 41.66 -35.17
N ASN E 59 9.35 42.09 -34.47
CA ASN E 59 8.09 42.39 -35.11
C ASN E 59 7.43 43.66 -34.59
N THR E 60 8.02 44.33 -33.60
CA THR E 60 7.41 45.50 -32.97
C THR E 60 8.28 46.73 -33.20
N LEU E 61 7.62 47.86 -33.44
CA LEU E 61 8.28 49.16 -33.54
C LEU E 61 7.85 50.02 -32.38
N VAL E 62 8.81 50.66 -31.72
CA VAL E 62 8.55 51.54 -30.58
C VAL E 62 8.54 52.97 -31.09
N VAL E 63 7.43 53.68 -30.86
CA VAL E 63 7.25 55.04 -31.34
C VAL E 63 7.01 55.95 -30.13
N SER E 64 7.80 57.01 -30.04
CA SER E 64 7.62 57.99 -28.97
C SER E 64 6.36 58.80 -29.23
N PHE E 65 5.51 58.94 -28.20
CA PHE E 65 4.29 59.70 -28.36
C PHE E 65 4.56 61.19 -28.48
N VAL E 66 5.69 61.66 -27.93
CA VAL E 66 6.02 63.08 -28.02
C VAL E 66 6.36 63.45 -29.46
N ASP E 67 7.08 62.56 -30.16
CA ASP E 67 7.37 62.82 -31.58
C ASP E 67 6.09 62.94 -32.38
N LEU E 68 5.15 62.02 -32.15
CA LEU E 68 3.88 62.06 -32.86
C LEU E 68 3.10 63.31 -32.52
N GLU E 69 3.11 63.71 -31.25
CA GLU E 69 2.41 64.93 -30.86
C GLU E 69 3.01 66.15 -31.55
N GLN E 70 4.34 66.21 -31.65
CA GLN E 70 4.97 67.30 -32.38
C GLN E 70 4.58 67.29 -33.85
N PHE E 71 4.57 66.12 -34.47
CA PHE E 71 4.29 66.04 -35.90
C PHE E 71 2.85 66.47 -36.21
N ASN E 72 1.89 65.96 -35.46
CA ASN E 72 0.48 66.21 -35.77
C ASN E 72 -0.33 66.03 -34.49
N GLN E 73 -0.89 67.12 -33.98
CA GLN E 73 -1.62 67.05 -32.71
C GLN E 73 -3.00 66.43 -32.89
N GLN E 74 -3.67 66.72 -34.00
CA GLN E 74 -4.98 66.10 -34.24
C GLN E 74 -4.84 64.59 -34.38
N LEU E 75 -3.81 64.11 -35.06
CA LEU E 75 -3.58 62.67 -35.16
C LEU E 75 -3.36 62.07 -33.77
N SER E 76 -2.55 62.72 -32.95
CA SER E 76 -2.29 62.20 -31.61
C SER E 76 -3.56 62.15 -30.78
N THR E 77 -4.38 63.20 -30.85
CA THR E 77 -5.64 63.20 -30.10
C THR E 77 -6.57 62.10 -30.59
N THR E 78 -6.69 61.93 -31.90
CA THR E 78 -7.55 60.89 -32.43
C THR E 78 -7.08 59.51 -31.98
N ILE E 79 -5.76 59.28 -32.01
CA ILE E 79 -5.23 58.00 -31.57
C ILE E 79 -5.53 57.79 -30.09
N GLN E 80 -5.33 58.82 -29.27
CA GLN E 80 -5.60 58.68 -27.84
C GLN E 80 -7.06 58.34 -27.58
N GLU E 81 -7.99 58.98 -28.30
CA GLU E 81 -9.40 58.78 -28.00
C GLU E 81 -9.97 57.52 -28.65
N GLU E 82 -9.37 57.02 -29.73
CA GLU E 82 -9.88 55.84 -30.43
C GLU E 82 -8.79 54.80 -30.63
N PHE E 83 -7.92 54.62 -29.62
CA PHE E 83 -6.82 53.69 -29.73
C PHE E 83 -7.28 52.28 -30.10
N TYR E 84 -8.23 51.73 -29.35
CA TYR E 84 -8.64 50.35 -29.62
C TYR E 84 -9.24 50.24 -31.02
N ARG E 85 -10.00 51.25 -31.43
CA ARG E 85 -10.62 51.21 -32.74
C ARG E 85 -9.59 51.26 -33.85
N VAL E 86 -8.55 52.08 -33.71
CA VAL E 86 -7.67 52.38 -34.84
C VAL E 86 -6.35 51.61 -34.80
N TYR E 87 -6.06 50.88 -33.72
CA TYR E 87 -4.77 50.21 -33.63
C TYR E 87 -4.50 49.25 -34.79
N PRO E 88 -5.45 48.40 -35.22
CA PRO E 88 -5.18 47.54 -36.37
C PRO E 88 -4.74 48.32 -37.60
N TYR E 89 -5.34 49.49 -37.83
CA TYR E 89 -4.97 50.29 -38.99
C TYR E 89 -3.58 50.88 -38.85
N LEU E 90 -3.17 51.25 -37.64
CA LEU E 90 -1.79 51.67 -37.43
C LEU E 90 -0.82 50.53 -37.72
N CYS E 91 -1.16 49.32 -37.29
CA CYS E 91 -0.32 48.17 -37.61
C CYS E 91 -0.26 47.94 -39.12
N ARG E 92 -1.38 48.12 -39.81
CA ARG E 92 -1.38 48.01 -41.27
C ARG E 92 -0.48 49.06 -41.91
N ALA E 93 -0.51 50.29 -41.38
CA ALA E 93 0.36 51.33 -41.88
C ALA E 93 1.82 50.95 -41.68
N LEU E 94 2.17 50.38 -40.53
CA LEU E 94 3.53 49.90 -40.32
C LEU E 94 3.90 48.83 -41.33
N LYS E 95 2.97 47.90 -41.58
CA LYS E 95 3.19 46.86 -42.59
C LYS E 95 3.51 47.48 -43.95
N THR E 96 2.73 48.49 -44.34
CA THR E 96 3.01 49.18 -45.61
C THR E 96 4.38 49.84 -45.58
N PHE E 97 4.72 50.49 -44.47
CA PHE E 97 6.00 51.19 -44.38
C PHE E 97 7.17 50.22 -44.46
N VAL E 98 6.97 48.96 -44.09
CA VAL E 98 8.03 47.96 -44.17
C VAL E 98 8.00 47.17 -45.48
N LYS E 99 6.94 47.30 -46.28
CA LYS E 99 6.73 46.40 -47.40
C LYS E 99 7.88 46.45 -48.41
N ASP E 100 8.55 47.60 -48.52
CA ASP E 100 9.53 47.76 -49.59
C ASP E 100 10.65 46.73 -49.50
N ARG E 101 11.18 46.49 -48.30
CA ARG E 101 12.30 45.59 -48.15
C ARG E 101 11.89 44.16 -48.53
N LYS E 102 12.79 43.49 -49.26
CA LYS E 102 12.47 42.20 -49.85
C LYS E 102 12.45 41.07 -48.83
N GLU E 103 13.15 41.23 -47.71
CA GLU E 103 13.38 40.10 -46.81
C GLU E 103 12.14 39.72 -46.01
N ILE E 104 11.14 40.61 -45.96
CA ILE E 104 9.97 40.33 -45.12
C ILE E 104 9.04 39.36 -45.87
N PRO E 105 8.66 38.24 -45.26
CA PRO E 105 7.59 37.42 -45.85
C PRO E 105 6.27 38.17 -45.88
N LEU E 106 5.42 37.82 -46.85
CA LEU E 106 4.10 38.42 -46.91
C LEU E 106 3.25 38.06 -45.71
N ALA E 107 3.59 37.00 -44.99
CA ALA E 107 2.76 36.54 -43.88
C ALA E 107 3.12 37.19 -42.56
N LYS E 108 4.26 37.88 -42.46
CA LYS E 108 4.69 38.44 -41.20
C LYS E 108 3.73 39.53 -40.74
N ASP E 109 3.53 39.59 -39.43
CA ASP E 109 2.71 40.63 -38.80
C ASP E 109 3.59 41.57 -38.00
N PHE E 110 3.23 42.85 -38.00
CA PHE E 110 3.98 43.88 -37.31
C PHE E 110 3.07 44.63 -36.37
N TYR E 111 3.62 45.07 -35.25
CA TYR E 111 2.87 45.72 -34.18
C TYR E 111 3.58 47.01 -33.77
N VAL E 112 2.79 47.97 -33.30
CA VAL E 112 3.29 49.28 -32.91
C VAL E 112 3.20 49.41 -31.39
N ALA E 113 4.25 49.97 -30.79
CA ALA E 113 4.29 50.28 -29.38
C ALA E 113 4.46 51.78 -29.19
N PHE E 114 3.87 52.32 -28.14
CA PHE E 114 3.93 53.75 -27.85
C PHE E 114 4.62 53.95 -26.50
N GLN E 115 5.71 54.72 -26.51
CA GLN E 115 6.66 54.71 -25.41
C GLN E 115 6.35 55.74 -24.33
N ASP E 116 6.36 57.03 -24.67
CA ASP E 116 6.40 58.11 -23.69
C ASP E 116 5.06 58.84 -23.69
N LEU E 117 4.11 58.34 -22.92
CA LEU E 117 2.84 59.02 -22.75
C LEU E 117 2.97 60.02 -21.62
N PRO E 118 2.76 61.32 -21.87
CA PRO E 118 3.08 62.30 -20.82
C PRO E 118 2.32 62.10 -19.52
N THR E 119 1.05 61.71 -19.59
CA THR E 119 0.21 61.61 -18.40
C THR E 119 0.10 60.17 -17.93
N ARG E 120 -0.06 60.01 -16.61
CA ARG E 120 -0.19 58.71 -15.98
C ARG E 120 -1.48 58.66 -15.16
N HIS E 121 -2.05 57.45 -15.06
CA HIS E 121 -3.24 57.21 -14.28
C HIS E 121 -2.95 56.15 -13.22
N LYS E 122 -3.73 56.19 -12.14
CA LYS E 122 -3.64 55.20 -11.09
C LYS E 122 -4.52 54.01 -11.41
N ILE E 123 -4.17 52.85 -10.84
CA ILE E 123 -4.92 51.63 -11.11
C ILE E 123 -6.37 51.78 -10.69
N ARG E 124 -6.63 52.59 -9.67
CA ARG E 124 -8.01 52.84 -9.24
C ARG E 124 -8.69 53.93 -10.06
N GLU E 125 -8.01 54.49 -11.05
CA GLU E 125 -8.62 55.41 -12.00
C GLU E 125 -9.07 54.72 -13.27
N LEU E 126 -8.94 53.39 -13.35
CA LEU E 126 -9.30 52.64 -14.55
C LEU E 126 -10.78 52.29 -14.49
N THR E 127 -11.59 53.23 -14.96
CA THR E 127 -13.05 53.11 -14.92
C THR E 127 -13.57 52.79 -16.31
N SER E 128 -14.91 52.67 -16.41
CA SER E 128 -15.51 52.34 -17.69
C SER E 128 -15.28 53.41 -18.74
N SER E 129 -15.16 54.68 -18.32
CA SER E 129 -14.95 55.74 -19.28
C SER E 129 -13.59 55.65 -19.96
N ARG E 130 -12.68 54.86 -19.43
CA ARG E 130 -11.36 54.69 -20.03
C ARG E 130 -11.30 53.52 -21.00
N ILE E 131 -12.41 52.80 -21.21
CA ILE E 131 -12.38 51.65 -22.09
C ILE E 131 -12.10 52.08 -23.52
N GLY E 132 -11.04 51.53 -24.11
CA GLY E 132 -10.70 51.82 -25.48
C GLY E 132 -9.74 52.98 -25.68
N LEU E 133 -9.37 53.70 -24.64
CA LEU E 133 -8.45 54.81 -24.75
C LEU E 133 -7.03 54.37 -24.46
N LEU E 134 -6.07 55.16 -24.95
CA LEU E 134 -4.66 54.91 -24.66
C LEU E 134 -4.31 55.42 -23.28
N THR E 135 -3.67 54.57 -22.47
CA THR E 135 -3.43 54.88 -21.07
C THR E 135 -2.05 54.37 -20.68
N ARG E 136 -1.51 54.95 -19.60
CA ARG E 136 -0.27 54.49 -18.98
C ARG E 136 -0.49 54.33 -17.50
N ILE E 137 -0.01 53.20 -16.95
CA ILE E 137 -0.14 52.89 -15.52
C ILE E 137 1.19 52.36 -15.02
N SER E 138 1.30 52.30 -13.69
CA SER E 138 2.44 51.71 -13.00
C SER E 138 1.96 50.63 -12.06
N GLY E 139 2.72 49.56 -11.92
CA GLY E 139 2.34 48.50 -11.01
C GLY E 139 3.50 47.56 -10.74
N GLN E 140 3.34 46.80 -9.66
CA GLN E 140 4.33 45.79 -9.27
C GLN E 140 3.83 44.42 -9.73
N VAL E 141 4.65 43.72 -10.51
CA VAL E 141 4.26 42.43 -11.05
C VAL E 141 4.24 41.40 -9.94
N VAL E 142 3.12 40.68 -9.82
CA VAL E 142 2.99 39.63 -8.82
C VAL E 142 3.18 38.25 -9.44
N ARG E 143 2.70 38.00 -10.61
CA ARG E 143 2.73 36.72 -11.25
C ARG E 143 2.83 36.81 -12.76
N THR E 144 3.56 35.95 -13.40
CA THR E 144 3.69 35.76 -14.80
C THR E 144 3.32 34.36 -15.21
N HIS E 145 2.59 34.18 -16.27
CA HIS E 145 2.10 32.96 -16.82
C HIS E 145 2.88 32.52 -18.02
N PRO E 146 2.85 31.22 -18.39
CA PRO E 146 3.55 30.75 -19.57
C PRO E 146 3.02 31.39 -20.86
N VAL E 147 3.87 31.49 -21.86
CA VAL E 147 3.64 32.00 -23.17
C VAL E 147 2.79 31.03 -23.96
N HIS E 148 1.84 31.49 -24.72
CA HIS E 148 0.93 30.79 -25.57
C HIS E 148 0.90 31.36 -26.97
N PRO E 149 0.56 30.55 -27.97
CA PRO E 149 0.16 31.11 -29.27
C PRO E 149 -1.32 31.41 -29.34
N GLU E 150 -1.70 32.62 -29.76
CA GLU E 150 -3.08 33.05 -29.78
C GLU E 150 -3.49 33.32 -31.23
N LEU E 151 -4.61 32.75 -31.65
CA LEU E 151 -5.10 32.92 -33.01
C LEU E 151 -5.69 34.31 -33.17
N VAL E 152 -5.28 35.02 -34.22
CA VAL E 152 -5.79 36.36 -34.51
C VAL E 152 -6.64 36.38 -35.77
N SER E 153 -6.28 35.59 -36.78
CA SER E 153 -7.08 35.48 -37.99
C SER E 153 -6.98 34.06 -38.52
N GLY E 154 -8.12 33.39 -38.62
CA GLY E 154 -8.17 32.00 -39.03
C GLY E 154 -8.40 31.85 -40.53
N THR E 155 -7.80 30.81 -41.10
CA THR E 155 -8.06 30.39 -42.46
C THR E 155 -8.84 29.09 -42.41
N PHE E 156 -9.96 29.03 -43.13
CA PHE E 156 -10.86 27.89 -43.07
C PHE E 156 -11.11 27.34 -44.47
N LEU E 157 -11.32 26.04 -44.53
CA LEU E 157 -11.80 25.36 -45.72
C LEU E 157 -13.29 25.08 -45.57
N CYS E 158 -14.06 25.35 -46.61
CA CYS E 158 -15.47 25.03 -46.66
C CYS E 158 -15.62 23.59 -47.12
N LEU E 159 -16.32 22.78 -46.33
CA LEU E 159 -16.46 21.36 -46.65
C LEU E 159 -17.48 21.13 -47.77
N ASP E 160 -18.44 22.03 -47.92
CA ASP E 160 -19.43 21.88 -48.98
C ASP E 160 -18.83 22.13 -50.36
N CYS E 161 -18.08 23.22 -50.52
CA CYS E 161 -17.60 23.64 -51.82
C CYS E 161 -16.09 23.65 -51.95
N GLN E 162 -15.35 23.39 -50.88
CA GLN E 162 -13.89 23.37 -50.89
C GLN E 162 -13.29 24.74 -51.14
N THR E 163 -14.05 25.80 -50.92
CA THR E 163 -13.51 27.16 -51.03
C THR E 163 -12.73 27.50 -49.77
N VAL E 164 -11.69 28.33 -49.94
CA VAL E 164 -10.81 28.72 -48.86
C VAL E 164 -11.20 30.12 -48.41
N ILE E 165 -11.56 30.25 -47.13
CA ILE E 165 -11.89 31.54 -46.52
C ILE E 165 -10.71 31.97 -45.67
N ARG E 166 -10.30 33.22 -45.80
CA ARG E 166 -9.16 33.75 -45.08
C ARG E 166 -9.55 35.00 -44.31
N ASP E 167 -8.75 35.31 -43.29
CA ASP E 167 -8.90 36.54 -42.51
C ASP E 167 -10.23 36.58 -41.76
N VAL E 168 -10.50 35.52 -41.00
CA VAL E 168 -11.66 35.46 -40.13
C VAL E 168 -11.24 35.98 -38.76
N GLU E 169 -11.82 37.11 -38.35
CA GLU E 169 -11.43 37.74 -37.10
C GLU E 169 -11.97 36.97 -35.90
N GLN E 170 -11.21 37.01 -34.81
CA GLN E 170 -11.56 36.32 -33.58
C GLN E 170 -11.91 37.35 -32.51
N GLN E 171 -12.94 37.06 -31.72
CA GLN E 171 -13.40 37.96 -30.66
C GLN E 171 -13.52 37.17 -29.36
N PHE E 172 -12.39 36.97 -28.69
CA PHE E 172 -12.33 36.39 -27.35
C PHE E 172 -12.79 34.94 -27.31
N LYS E 173 -13.30 34.40 -28.38
CA LYS E 173 -13.89 33.12 -28.51
C LYS E 173 -13.57 32.54 -29.86
N TYR E 174 -13.26 31.29 -29.96
CA TYR E 174 -12.97 30.61 -31.19
C TYR E 174 -14.11 30.80 -32.16
N THR E 175 -13.93 31.59 -33.21
CA THR E 175 -15.00 31.92 -34.14
C THR E 175 -14.70 31.31 -35.50
N GLN E 176 -15.70 30.69 -36.09
CA GLN E 176 -15.64 30.16 -37.45
C GLN E 176 -16.36 31.10 -38.39
N PRO E 177 -16.23 30.90 -39.71
CA PRO E 177 -16.88 31.80 -40.65
C PRO E 177 -18.40 31.77 -40.48
N ASN E 178 -19.02 32.95 -40.64
CA ASN E 178 -20.47 33.06 -40.50
C ASN E 178 -21.18 32.52 -41.74
N ILE E 179 -20.74 32.94 -42.92
CA ILE E 179 -21.27 32.46 -44.19
C ILE E 179 -20.09 32.13 -45.10
N CYS E 180 -20.30 31.15 -45.98
CA CYS E 180 -19.27 30.81 -46.95
C CYS E 180 -19.07 31.97 -47.93
N ARG E 181 -17.82 32.16 -48.34
CA ARG E 181 -17.51 33.26 -49.25
C ARG E 181 -18.26 33.10 -50.57
N ASN E 182 -18.33 31.89 -51.10
CA ASN E 182 -18.93 31.67 -52.39
C ASN E 182 -20.38 32.13 -52.40
N PRO E 183 -20.80 32.98 -53.34
CA PRO E 183 -22.21 33.39 -53.36
C PRO E 183 -23.17 32.23 -53.52
N VAL E 184 -22.80 31.21 -54.29
CA VAL E 184 -23.68 30.07 -54.51
C VAL E 184 -23.81 29.24 -53.23
N CYS E 185 -22.71 29.06 -52.52
CA CYS E 185 -22.74 28.27 -51.29
C CYS E 185 -23.60 28.95 -50.23
N ALA E 186 -24.37 28.13 -49.50
CA ALA E 186 -25.22 28.63 -48.42
C ALA E 186 -24.83 28.05 -47.07
N ASN E 187 -23.60 27.55 -46.96
CA ASN E 187 -23.17 26.86 -45.75
C ASN E 187 -23.05 27.83 -44.57
N ARG E 188 -23.43 27.35 -43.39
CA ARG E 188 -23.29 28.13 -42.16
C ARG E 188 -22.70 27.35 -40.99
N ARG E 189 -22.40 26.06 -41.14
CA ARG E 189 -22.07 25.23 -39.98
C ARG E 189 -20.81 24.41 -40.13
N ARG E 190 -20.38 24.07 -41.36
CA ARG E 190 -19.32 23.10 -41.58
C ARG E 190 -18.09 23.79 -42.17
N PHE E 191 -17.03 23.91 -41.37
CA PHE E 191 -15.76 24.45 -41.84
C PHE E 191 -14.63 23.72 -41.13
N LEU E 192 -13.44 23.81 -41.66
CA LEU E 192 -12.23 23.21 -41.18
C LEU E 192 -11.12 24.22 -40.99
N LEU E 193 -10.52 24.33 -39.85
CA LEU E 193 -9.43 25.20 -39.56
C LEU E 193 -8.12 24.65 -40.05
N ASP E 194 -7.34 25.41 -40.75
CA ASP E 194 -6.05 25.09 -41.29
C ASP E 194 -4.98 25.89 -40.58
N THR E 195 -4.23 25.32 -39.68
CA THR E 195 -3.29 26.00 -38.84
C THR E 195 -2.17 26.63 -39.64
N ASN E 196 -1.75 25.96 -40.72
CA ASN E 196 -0.53 26.38 -41.41
C ASN E 196 -0.71 27.72 -42.10
N LYS E 197 -1.93 28.08 -42.48
CA LYS E 197 -2.21 29.35 -43.13
C LYS E 197 -2.95 30.32 -42.22
N SER E 198 -3.10 30.00 -40.93
CA SER E 198 -3.67 30.93 -39.97
C SER E 198 -2.57 31.77 -39.35
N ARG E 199 -2.97 32.84 -38.67
CA ARG E 199 -2.04 33.80 -38.08
C ARG E 199 -2.15 33.77 -36.57
N PHE E 200 -1.00 33.63 -35.91
CA PHE E 200 -0.92 33.57 -34.46
C PHE E 200 0.00 34.68 -33.95
N VAL E 201 -0.19 35.01 -32.68
CA VAL E 201 0.63 36.00 -31.99
C VAL E 201 1.03 35.43 -30.65
N ASP E 202 2.22 35.79 -30.17
CA ASP E 202 2.62 35.40 -28.84
C ASP E 202 1.75 36.11 -27.80
N PHE E 203 1.40 35.43 -26.75
CA PHE E 203 0.46 35.81 -25.75
C PHE E 203 0.97 35.48 -24.37
N GLN E 204 0.92 36.37 -23.42
CA GLN E 204 1.27 36.17 -22.06
C GLN E 204 0.36 36.92 -21.12
N LYS E 205 -0.13 36.33 -20.08
CA LYS E 205 -0.94 36.88 -19.04
C LYS E 205 -0.12 37.13 -17.80
N VAL E 206 -0.07 38.33 -17.29
CA VAL E 206 0.57 38.71 -16.08
C VAL E 206 -0.42 39.33 -15.12
N ARG E 207 -0.18 39.17 -13.81
CA ARG E 207 -1.01 39.76 -12.78
C ARG E 207 -0.15 40.73 -11.99
N ILE E 208 -0.57 42.00 -11.95
CA ILE E 208 0.17 43.06 -11.28
C ILE E 208 -0.64 43.59 -10.11
N GLN E 209 0.03 44.38 -9.28
CA GLN E 209 -0.52 44.88 -8.03
C GLN E 209 -0.15 46.36 -7.90
N GLU E 210 -0.87 47.06 -7.03
CA GLU E 210 -0.52 48.44 -6.73
C GLU E 210 0.81 48.51 -6.01
N THR E 211 1.62 49.51 -6.37
CA THR E 211 2.87 49.72 -5.67
C THR E 211 2.61 50.26 -4.27
N GLN E 212 3.58 50.06 -3.37
CA GLN E 212 3.40 50.50 -1.99
C GLN E 212 3.22 52.01 -1.91
N ALA E 213 3.83 52.76 -2.83
CA ALA E 213 3.65 54.20 -2.85
C ALA E 213 2.22 54.58 -3.22
N GLU E 214 1.61 53.82 -4.13
CA GLU E 214 0.28 54.16 -4.61
C GLU E 214 -0.83 53.62 -3.72
N LEU E 215 -0.55 52.61 -2.91
CA LEU E 215 -1.59 51.96 -2.13
C LEU E 215 -2.20 52.96 -1.15
N PRO E 216 -3.51 53.21 -1.20
CA PRO E 216 -4.12 54.13 -0.24
C PRO E 216 -3.99 53.62 1.18
N ARG E 217 -3.96 54.56 2.13
CA ARG E 217 -3.76 54.22 3.53
C ARG E 217 -4.88 53.32 4.02
N GLY E 218 -4.50 52.23 4.70
CA GLY E 218 -5.48 51.32 5.28
C GLY E 218 -6.39 50.69 4.25
N SER E 219 -5.84 50.24 3.12
CA SER E 219 -6.63 49.67 2.03
C SER E 219 -5.96 48.39 1.54
N ILE E 220 -6.78 47.41 1.22
CA ILE E 220 -6.27 46.15 0.64
C ILE E 220 -5.80 46.42 -0.79
N PRO E 221 -4.65 45.89 -1.22
CA PRO E 221 -4.17 46.18 -2.58
C PRO E 221 -5.14 45.71 -3.64
N ARG E 222 -5.21 46.47 -4.72
CA ARG E 222 -6.06 46.17 -5.86
C ARG E 222 -5.20 45.60 -6.98
N SER E 223 -5.62 44.47 -7.53
CA SER E 223 -4.84 43.74 -8.52
C SER E 223 -5.43 43.90 -9.91
N LEU E 224 -4.59 43.70 -10.92
CA LEU E 224 -5.00 43.89 -12.31
C LEU E 224 -4.40 42.80 -13.18
N GLU E 225 -5.13 42.43 -14.22
CA GLU E 225 -4.69 41.48 -15.23
C GLU E 225 -4.20 42.24 -16.46
N VAL E 226 -2.98 41.94 -16.89
CA VAL E 226 -2.36 42.57 -18.04
C VAL E 226 -2.05 41.49 -19.07
N ILE E 227 -2.25 41.80 -20.35
CA ILE E 227 -1.95 40.88 -21.43
C ILE E 227 -0.83 41.49 -22.26
N LEU E 228 0.27 40.76 -22.39
CA LEU E 228 1.39 41.14 -23.23
C LEU E 228 1.36 40.31 -24.51
N ARG E 229 1.78 40.93 -25.61
CA ARG E 229 1.73 40.28 -26.91
C ARG E 229 3.01 40.55 -27.67
N ALA E 230 3.33 39.63 -28.58
CA ALA E 230 4.47 39.77 -29.51
C ALA E 230 5.74 39.92 -28.68
N GLU E 231 6.56 40.94 -28.92
CA GLU E 231 7.85 41.06 -28.25
C GLU E 231 7.72 41.30 -26.76
N ALA E 232 6.59 41.82 -26.30
CA ALA E 232 6.43 42.19 -24.89
C ALA E 232 6.40 40.98 -23.96
N VAL E 233 6.27 39.77 -24.44
CA VAL E 233 6.18 38.59 -23.65
C VAL E 233 7.49 38.29 -22.99
N GLU E 234 7.51 37.88 -21.75
CA GLU E 234 8.67 37.55 -20.97
C GLU E 234 9.57 38.72 -20.70
N SER E 235 9.03 39.93 -20.69
CA SER E 235 9.83 41.13 -20.46
C SER E 235 9.62 41.72 -19.06
N ALA E 236 8.66 41.21 -18.29
CA ALA E 236 8.44 41.65 -16.93
C ALA E 236 8.48 40.45 -16.01
N GLN E 237 9.12 40.62 -14.86
CA GLN E 237 9.33 39.55 -13.90
C GLN E 237 8.63 39.88 -12.59
N ALA E 238 8.19 38.84 -11.89
CA ALA E 238 7.48 39.02 -10.63
C ALA E 238 8.37 39.76 -9.62
N GLY E 239 7.80 40.78 -8.98
CA GLY E 239 8.52 41.63 -8.07
C GLY E 239 9.03 42.92 -8.70
N ASP E 240 9.06 43.01 -10.02
CA ASP E 240 9.50 44.22 -10.69
C ASP E 240 8.40 45.29 -10.64
N LYS E 241 8.84 46.55 -10.64
CA LYS E 241 7.95 47.69 -10.72
C LYS E 241 8.03 48.25 -12.13
N CYS E 242 6.91 48.21 -12.84
CA CYS E 242 6.91 48.43 -14.28
C CYS E 242 5.84 49.45 -14.68
N ASP E 243 6.13 50.14 -15.78
CA ASP E 243 5.20 51.05 -16.44
C ASP E 243 4.63 50.33 -17.65
N PHE E 244 3.31 50.27 -17.73
CA PHE E 244 2.58 49.65 -18.83
C PHE E 244 1.84 50.71 -19.62
N THR E 245 2.02 50.72 -20.93
CA THR E 245 1.26 51.58 -21.83
C THR E 245 0.42 50.71 -22.74
N GLY E 246 -0.88 51.01 -22.81
CA GLY E 246 -1.81 50.22 -23.58
C GLY E 246 -3.23 50.71 -23.50
N THR E 247 -4.18 49.80 -23.33
CA THR E 247 -5.59 50.19 -23.30
C THR E 247 -6.36 49.25 -22.37
N LEU E 248 -7.44 49.77 -21.83
CA LEU E 248 -8.35 49.01 -20.96
C LEU E 248 -9.52 48.52 -21.79
N ILE E 249 -9.80 47.22 -21.70
CA ILE E 249 -10.86 46.58 -22.48
C ILE E 249 -11.72 45.74 -21.55
N VAL E 250 -12.83 45.26 -22.08
CA VAL E 250 -13.71 44.31 -21.40
C VAL E 250 -13.53 42.95 -22.05
N VAL E 251 -13.55 41.90 -21.23
CA VAL E 251 -13.41 40.53 -21.70
C VAL E 251 -14.65 39.77 -21.25
N PRO E 252 -15.48 39.26 -22.18
CA PRO E 252 -16.71 38.57 -21.78
C PRO E 252 -16.41 37.20 -21.18
N ASP E 253 -17.38 36.64 -20.52
CA ASP E 253 -17.38 35.33 -19.96
C ASP E 253 -17.51 34.32 -21.08
N VAL E 254 -16.44 33.80 -21.59
CA VAL E 254 -16.39 32.92 -22.71
C VAL E 254 -17.16 31.65 -22.46
N SER E 255 -17.22 31.19 -21.24
CA SER E 255 -17.83 29.97 -20.85
C SER E 255 -19.30 29.91 -21.18
N LYS E 256 -19.95 31.02 -21.37
CA LYS E 256 -21.34 31.16 -21.64
C LYS E 256 -21.69 31.17 -23.11
N LEU E 257 -20.77 31.48 -23.98
CA LEU E 257 -20.97 31.66 -25.38
C LEU E 257 -20.87 30.36 -26.14
N SER E 258 -21.79 30.08 -27.02
CA SER E 258 -21.87 28.95 -27.88
C SER E 258 -21.77 29.35 -29.34
N THR E 259 -20.97 28.71 -30.12
CA THR E 259 -20.70 28.94 -31.50
C THR E 259 -20.82 27.67 -32.32
N PRO E 260 -21.05 27.76 -33.63
CA PRO E 260 -21.18 26.55 -34.43
C PRO E 260 -20.06 25.57 -34.27
N GLY E 261 -18.84 26.02 -34.17
CA GLY E 261 -17.71 25.20 -33.99
C GLY E 261 -17.33 24.86 -32.59
N ALA E 262 -17.82 25.61 -31.63
CA ALA E 262 -17.54 25.51 -30.23
C ALA E 262 -18.79 25.60 -29.39
N ARG E 263 -19.13 24.53 -28.70
CA ARG E 263 -20.22 24.49 -27.70
C ARG E 263 -19.85 25.34 -26.48
N ALA E 264 -20.84 25.73 -25.69
CA ALA E 264 -20.69 26.40 -24.45
C ALA E 264 -20.12 25.47 -23.40
N GLU E 265 -19.23 25.93 -22.57
CA GLU E 265 -18.53 25.23 -21.54
C GLU E 265 -18.95 25.69 -20.17
N THR E 266 -19.29 24.78 -19.26
CA THR E 266 -19.76 25.15 -17.91
C THR E 266 -18.64 25.79 -17.08
N GLU E 279 -25.70 39.58 -12.09
CA GLU E 279 -26.09 38.96 -13.35
C GLU E 279 -25.42 39.66 -14.51
N GLY E 280 -25.79 39.26 -15.73
CA GLY E 280 -25.26 39.88 -16.93
C GLY E 280 -26.35 40.23 -17.92
N ILE E 281 -25.99 40.37 -19.19
CA ILE E 281 -26.97 40.67 -20.22
C ILE E 281 -27.61 39.38 -20.72
N ARG E 282 -28.81 39.46 -21.22
CA ARG E 282 -29.61 38.42 -21.77
C ARG E 282 -29.97 38.72 -23.21
N GLY E 283 -30.29 37.69 -23.98
CA GLY E 283 -30.95 37.86 -25.25
C GLY E 283 -30.13 37.54 -26.48
N LEU E 284 -28.83 37.30 -26.35
CA LEU E 284 -28.04 36.92 -27.51
C LEU E 284 -28.35 35.48 -27.91
N ARG E 285 -28.29 35.23 -29.23
CA ARG E 285 -28.56 33.88 -29.72
C ARG E 285 -27.52 32.89 -29.21
N ALA E 286 -26.27 33.27 -29.13
CA ALA E 286 -25.19 32.48 -28.62
C ALA E 286 -25.30 32.22 -27.13
N LEU E 287 -26.15 32.91 -26.42
CA LEU E 287 -26.35 32.83 -25.02
C LEU E 287 -27.41 31.85 -24.59
N GLY E 288 -28.30 31.44 -25.44
CA GLY E 288 -29.39 30.64 -25.07
C GLY E 288 -30.23 31.28 -24.03
N VAL E 289 -30.36 30.71 -22.87
CA VAL E 289 -31.00 31.23 -21.71
C VAL E 289 -30.04 31.74 -20.66
N ARG E 290 -28.78 31.89 -20.96
CA ARG E 290 -27.71 32.23 -20.07
C ARG E 290 -27.44 33.71 -20.02
N ASP E 291 -26.66 34.17 -19.09
CA ASP E 291 -26.23 35.51 -18.86
C ASP E 291 -24.77 35.70 -19.17
N LEU E 292 -24.39 36.90 -19.60
CA LEU E 292 -23.01 37.22 -19.96
C LEU E 292 -22.52 38.36 -19.08
N SER E 293 -21.50 38.09 -18.28
CA SER E 293 -20.82 39.10 -17.48
C SER E 293 -19.52 39.51 -18.17
N TYR E 294 -18.94 40.60 -17.68
CA TYR E 294 -17.71 41.14 -18.21
C TYR E 294 -16.74 41.43 -17.08
N ARG E 295 -15.45 41.44 -17.41
CA ARG E 295 -14.41 41.83 -16.47
C ARG E 295 -13.37 42.67 -17.20
N LEU E 296 -12.70 43.54 -16.46
CA LEU E 296 -11.78 44.50 -17.04
C LEU E 296 -10.37 43.96 -17.00
N VAL E 297 -9.68 43.99 -18.15
CA VAL E 297 -8.28 43.63 -18.23
C VAL E 297 -7.57 44.71 -19.03
N PHE E 298 -6.26 44.82 -18.82
CA PHE E 298 -5.43 45.82 -19.47
C PHE E 298 -4.64 45.17 -20.59
N LEU E 299 -4.71 45.75 -21.77
CA LEU E 299 -4.05 45.23 -22.96
C LEU E 299 -2.85 46.13 -23.26
N ALA E 300 -1.66 45.69 -22.87
CA ALA E 300 -0.47 46.53 -22.88
C ALA E 300 0.29 46.34 -24.18
N CYS E 301 0.60 47.44 -24.85
CA CYS E 301 1.44 47.42 -26.03
C CYS E 301 2.91 47.69 -25.71
N CYS E 302 3.20 48.33 -24.57
CA CYS E 302 4.58 48.62 -24.20
C CYS E 302 4.78 48.37 -22.71
N VAL E 303 5.92 47.79 -22.36
CA VAL E 303 6.32 47.57 -20.98
C VAL E 303 7.71 48.16 -20.79
N ALA E 304 7.92 48.86 -19.68
CA ALA E 304 9.23 49.41 -19.36
C ALA E 304 9.43 49.34 -17.87
N PRO E 305 10.68 49.37 -17.39
CA PRO E 305 10.91 49.54 -15.95
C PRO E 305 10.56 50.96 -15.51
N THR E 306 9.91 51.06 -14.36
CA THR E 306 9.45 52.36 -13.88
C THR E 306 10.62 53.29 -13.63
N ASN E 307 11.66 52.79 -12.96
CA ASN E 307 12.89 53.54 -12.75
C ASN E 307 14.03 52.82 -13.44
N PRO E 308 14.46 53.26 -14.64
CA PRO E 308 15.49 52.51 -15.37
C PRO E 308 16.87 52.64 -14.73
N GLU E 319 27.97 37.03 -24.01
CA GLU E 319 28.43 37.24 -25.38
C GLU E 319 29.23 38.54 -25.49
N GLN E 320 29.58 39.11 -24.34
CA GLN E 320 30.30 40.37 -24.32
C GLN E 320 31.75 40.17 -24.72
N THR E 321 32.35 41.24 -25.25
CA THR E 321 33.76 41.28 -25.57
C THR E 321 34.23 42.73 -25.47
N ALA E 322 35.55 42.91 -25.37
CA ALA E 322 36.09 44.25 -25.17
C ALA E 322 35.61 45.20 -26.26
N GLU E 323 35.63 44.76 -27.52
CA GLU E 323 35.21 45.63 -28.61
C GLU E 323 33.75 46.02 -28.48
N SER E 324 32.89 45.06 -28.14
CA SER E 324 31.47 45.36 -28.00
C SER E 324 31.22 46.30 -26.83
N ILE E 325 31.93 46.10 -25.72
CA ILE E 325 31.85 47.02 -24.59
C ILE E 325 32.23 48.42 -25.03
N LYS E 326 33.31 48.54 -25.79
CA LYS E 326 33.69 49.85 -26.32
C LYS E 326 32.59 50.44 -27.18
N ASN E 327 32.00 49.62 -28.05
CA ASN E 327 30.98 50.12 -28.97
C ASN E 327 29.76 50.64 -28.22
N GLN E 328 29.36 49.95 -27.14
CA GLN E 328 28.21 50.43 -26.38
C GLN E 328 28.43 51.83 -25.82
N MET E 329 29.67 52.22 -25.61
CA MET E 329 29.98 53.51 -25.00
C MET E 329 30.02 54.62 -26.04
N THR E 330 29.78 55.84 -25.59
CA THR E 330 29.96 57.01 -26.43
C THR E 330 31.43 57.40 -26.47
N VAL E 331 31.76 58.34 -27.37
CA VAL E 331 33.16 58.71 -27.56
C VAL E 331 33.73 59.34 -26.30
N LYS E 332 32.97 60.22 -25.65
CA LYS E 332 33.45 60.84 -24.43
C LYS E 332 33.76 59.80 -23.36
N GLU E 333 32.85 58.84 -23.20
CA GLU E 333 33.07 57.79 -22.21
C GLU E 333 34.28 56.95 -22.56
N TRP E 334 34.48 56.65 -23.85
CA TRP E 334 35.63 55.84 -24.22
C TRP E 334 36.94 56.56 -23.94
N GLU E 335 37.03 57.85 -24.27
CA GLU E 335 38.27 58.56 -23.95
C GLU E 335 38.46 58.68 -22.44
N LYS E 336 37.38 58.82 -21.67
CA LYS E 336 37.52 58.82 -20.22
C LYS E 336 38.07 57.48 -19.73
N VAL E 337 37.57 56.37 -20.28
CA VAL E 337 38.05 55.05 -19.88
C VAL E 337 39.52 54.90 -20.24
N PHE E 338 39.92 55.36 -21.43
CA PHE E 338 41.32 55.28 -21.83
C PHE E 338 42.20 56.11 -20.90
N GLU E 339 41.76 57.32 -20.56
CA GLU E 339 42.53 58.15 -19.63
C GLU E 339 42.67 57.46 -18.29
N MET E 340 41.60 56.84 -17.80
CA MET E 340 41.68 56.09 -16.56
C MET E 340 42.70 54.96 -16.68
N SER E 341 42.70 54.26 -17.82
CA SER E 341 43.64 53.17 -18.02
C SER E 341 45.09 53.67 -18.05
N GLN E 342 45.29 54.92 -18.47
CA GLN E 342 46.64 55.46 -18.57
C GLN E 342 47.11 56.13 -17.28
N ASP E 343 46.22 56.44 -16.36
CA ASP E 343 46.61 57.15 -15.15
C ASP E 343 47.57 56.30 -14.34
N LYS E 344 48.68 56.92 -13.92
CA LYS E 344 49.71 56.18 -13.19
C LYS E 344 49.41 56.04 -11.70
N ASN E 345 48.45 56.81 -11.19
CA ASN E 345 48.00 56.69 -9.80
C ASN E 345 46.63 56.04 -9.71
N LEU E 346 46.31 55.14 -10.64
CA LEU E 346 44.95 54.62 -10.74
C LEU E 346 44.55 53.85 -9.50
N TYR E 347 45.45 53.02 -8.97
CA TYR E 347 45.16 52.18 -7.78
C TYR E 347 44.67 53.06 -6.64
N HIS E 348 45.40 54.13 -6.29
CA HIS E 348 45.03 55.01 -5.18
C HIS E 348 43.80 55.84 -5.50
N ASN E 349 43.71 56.39 -6.72
CA ASN E 349 42.56 57.20 -7.07
C ASN E 349 41.28 56.39 -7.00
N LEU E 350 41.31 55.16 -7.53
CA LEU E 350 40.13 54.29 -7.44
C LEU E 350 39.78 53.99 -5.99
N CYS E 351 40.80 53.69 -5.17
CA CYS E 351 40.54 53.39 -3.77
C CYS E 351 39.85 54.55 -3.07
N THR E 352 40.35 55.77 -3.27
CA THR E 352 39.75 56.92 -2.61
C THR E 352 38.36 57.22 -3.16
N SER E 353 38.18 57.08 -4.49
CA SER E 353 36.87 57.37 -5.08
C SER E 353 35.80 56.41 -4.59
N LEU E 354 36.15 55.13 -4.44
CA LEU E 354 35.13 54.14 -4.07
C LEU E 354 34.66 54.34 -2.63
N PHE E 355 35.57 54.69 -1.72
CA PHE E 355 35.28 54.79 -0.29
C PHE E 355 35.70 56.17 0.21
N PRO E 356 34.89 57.20 -0.05
CA PRO E 356 35.23 58.54 0.40
C PRO E 356 34.85 58.85 1.84
N THR E 357 33.82 58.17 2.36
CA THR E 357 33.35 58.50 3.71
C THR E 357 34.21 57.84 4.79
N ILE E 358 35.02 56.85 4.43
CA ILE E 358 35.80 56.11 5.42
C ILE E 358 37.18 56.74 5.54
N HIS E 359 37.63 56.90 6.77
CA HIS E 359 38.91 57.54 7.09
C HIS E 359 39.91 56.47 7.48
N GLY E 360 41.04 56.42 6.78
CA GLY E 360 42.04 55.40 7.04
C GLY E 360 41.68 54.08 6.36
N ASN E 361 42.32 53.02 6.84
CA ASN E 361 42.08 51.65 6.37
C ASN E 361 42.31 51.54 4.86
N ASP E 362 43.50 51.98 4.43
CA ASP E 362 43.82 51.96 3.01
C ASP E 362 43.97 50.53 2.49
N GLU E 363 44.57 49.65 3.30
CA GLU E 363 44.78 48.27 2.87
C GLU E 363 43.45 47.57 2.62
N VAL E 364 42.45 47.82 3.48
CA VAL E 364 41.15 47.19 3.30
C VAL E 364 40.53 47.65 1.99
N LYS E 365 40.66 48.93 1.66
CA LYS E 365 40.14 49.44 0.40
C LYS E 365 40.84 48.78 -0.78
N ARG E 366 42.16 48.62 -0.69
CA ARG E 366 42.88 47.96 -1.77
C ARG E 366 42.41 46.52 -1.96
N GLY E 367 42.22 45.80 -0.86
CA GLY E 367 41.74 44.44 -0.95
C GLY E 367 40.35 44.34 -1.57
N VAL E 368 39.44 45.22 -1.15
CA VAL E 368 38.08 45.19 -1.70
C VAL E 368 38.09 45.54 -3.18
N LEU E 369 38.94 46.49 -3.58
CA LEU E 369 39.05 46.81 -5.00
C LEU E 369 39.53 45.59 -5.80
N LEU E 370 40.57 44.91 -5.32
CA LEU E 370 41.05 43.74 -6.02
C LEU E 370 39.97 42.67 -6.09
N MET E 371 39.17 42.53 -5.04
CA MET E 371 38.04 41.61 -5.10
C MET E 371 37.07 42.02 -6.20
N LEU E 372 36.82 43.32 -6.34
CA LEU E 372 35.88 43.77 -7.36
C LEU E 372 36.39 43.49 -8.77
N PHE E 373 37.71 43.57 -8.99
CA PHE E 373 38.22 43.28 -10.33
C PHE E 373 38.22 41.79 -10.63
N GLY E 374 38.64 40.95 -9.68
CA GLY E 374 38.52 39.52 -9.82
C GLY E 374 39.64 38.89 -10.64
N GLY E 375 39.69 37.55 -10.57
CA GLY E 375 40.64 36.78 -11.33
C GLY E 375 40.02 36.16 -12.57
N VAL E 376 40.76 35.23 -13.18
CA VAL E 376 40.39 34.61 -14.43
C VAL E 376 39.90 33.18 -14.13
N PRO E 377 38.61 32.91 -14.17
CA PRO E 377 38.15 31.52 -14.03
C PRO E 377 38.55 30.67 -15.23
N LYS E 378 38.87 29.41 -14.95
CA LYS E 378 39.41 28.51 -15.96
C LYS E 378 38.75 27.15 -15.82
N THR E 379 38.79 26.39 -16.91
CA THR E 379 38.32 25.01 -16.94
C THR E 379 39.44 24.10 -17.42
N THR E 380 39.56 22.93 -16.79
CA THR E 380 40.62 21.99 -17.13
C THR E 380 40.21 21.14 -18.33
N GLY E 381 41.19 20.38 -18.83
CA GLY E 381 40.92 19.51 -19.97
C GLY E 381 39.91 18.43 -19.67
N GLU E 382 39.85 17.98 -18.43
CA GLU E 382 38.91 16.94 -18.02
C GLU E 382 37.55 17.47 -17.62
N GLY E 383 37.34 18.79 -17.66
CA GLY E 383 36.04 19.38 -17.40
C GLY E 383 35.85 19.95 -16.02
N THR E 384 36.87 19.99 -15.19
CA THR E 384 36.76 20.58 -13.86
C THR E 384 37.10 22.07 -13.91
N SER E 385 36.64 22.79 -12.90
CA SER E 385 36.72 24.25 -12.86
C SER E 385 37.74 24.71 -11.83
N LEU E 386 38.48 25.75 -12.19
CA LEU E 386 39.40 26.43 -11.28
C LEU E 386 38.80 27.79 -10.93
N ARG E 387 38.53 28.00 -9.64
CA ARG E 387 37.86 29.22 -9.21
C ARG E 387 38.69 30.45 -9.55
N GLY E 388 38.02 31.49 -10.01
CA GLY E 388 38.67 32.75 -10.33
C GLY E 388 38.20 33.91 -9.47
N ASP E 389 37.16 33.69 -8.67
CA ASP E 389 36.62 34.73 -7.82
C ASP E 389 37.43 34.84 -6.51
N ILE E 390 37.32 36.00 -5.88
CA ILE E 390 38.11 36.35 -4.70
C ILE E 390 37.16 36.61 -3.54
N ASN E 391 37.47 36.03 -2.39
CA ASN E 391 36.71 36.25 -1.17
C ASN E 391 37.55 37.03 -0.18
N VAL E 392 36.92 37.96 0.55
CA VAL E 392 37.60 38.82 1.50
C VAL E 392 36.81 38.83 2.81
N CYS E 393 37.52 38.84 3.93
CA CYS E 393 36.90 38.89 5.24
C CYS E 393 37.45 40.07 6.04
N ILE E 394 36.56 40.77 6.74
CA ILE E 394 36.91 41.91 7.57
C ILE E 394 36.40 41.62 8.98
N VAL E 395 37.32 41.49 9.92
CA VAL E 395 36.99 41.29 11.34
C VAL E 395 37.19 42.62 12.03
N GLY E 396 36.18 43.08 12.77
CA GLY E 396 36.19 44.44 13.29
C GLY E 396 35.65 44.53 14.69
N ASP E 397 36.09 45.58 15.38
CA ASP E 397 35.49 45.99 16.63
C ASP E 397 34.15 46.67 16.36
N PRO E 398 33.30 46.79 17.38
CA PRO E 398 32.01 47.45 17.18
C PRO E 398 32.18 48.87 16.64
N SER E 399 31.31 49.24 15.70
CA SER E 399 31.26 50.59 15.16
C SER E 399 32.61 50.99 14.54
N THR E 400 33.17 50.09 13.74
CA THR E 400 34.44 50.33 13.05
C THR E 400 34.28 50.48 11.55
N ALA E 401 33.04 50.60 11.05
CA ALA E 401 32.71 50.90 9.67
C ALA E 401 32.84 49.71 8.72
N LYS E 402 32.82 48.48 9.21
CA LYS E 402 32.80 47.34 8.29
C LYS E 402 31.49 47.29 7.51
N SER E 403 30.36 47.55 8.19
CA SER E 403 29.10 47.69 7.48
C SER E 403 29.18 48.78 6.43
N GLN E 404 29.96 49.84 6.68
CA GLN E 404 30.12 50.90 5.69
C GLN E 404 30.80 50.37 4.44
N PHE E 405 31.84 49.54 4.60
CA PHE E 405 32.49 48.91 3.45
C PHE E 405 31.47 48.09 2.66
N LEU E 406 30.71 47.24 3.37
CA LEU E 406 29.76 46.40 2.68
C LEU E 406 28.71 47.23 1.93
N LYS E 407 28.24 48.31 2.54
CA LYS E 407 27.24 49.15 1.91
C LYS E 407 27.80 49.88 0.69
N HIS E 408 29.02 50.37 0.77
CA HIS E 408 29.64 51.03 -0.37
C HIS E 408 29.73 50.06 -1.55
N VAL E 409 30.21 48.84 -1.30
CA VAL E 409 30.30 47.87 -2.36
C VAL E 409 28.92 47.55 -2.92
N GLU E 410 27.94 47.40 -2.03
CA GLU E 410 26.59 47.03 -2.48
C GLU E 410 25.99 48.09 -3.39
N GLU E 411 26.12 49.36 -3.00
CA GLU E 411 25.56 50.49 -3.77
C GLU E 411 26.30 50.59 -5.11
N PHE E 412 27.61 50.35 -5.12
CA PHE E 412 28.40 50.51 -6.35
C PHE E 412 28.06 49.41 -7.36
N SER E 413 28.05 48.16 -6.92
CA SER E 413 28.02 47.05 -7.85
C SER E 413 26.65 46.94 -8.53
N PRO E 414 26.62 46.64 -9.84
CA PRO E 414 25.32 46.41 -10.48
C PRO E 414 24.62 45.16 -9.94
N ARG E 415 25.32 44.04 -9.88
CA ARG E 415 24.80 42.80 -9.33
C ARG E 415 25.45 42.57 -7.97
N ALA E 416 24.72 42.85 -6.91
CA ALA E 416 25.23 42.65 -5.55
C ALA E 416 24.07 42.43 -4.61
N VAL E 417 24.24 41.51 -3.67
CA VAL E 417 23.23 41.20 -2.67
C VAL E 417 23.84 41.44 -1.29
N TYR E 418 23.15 42.21 -0.46
CA TYR E 418 23.55 42.45 0.91
C TYR E 418 22.66 41.64 1.84
N THR E 419 23.26 40.88 2.74
CA THR E 419 22.51 39.99 3.61
C THR E 419 23.26 39.84 4.92
N SER E 420 22.62 39.13 5.86
CA SER E 420 23.17 38.88 7.17
C SER E 420 23.39 37.38 7.38
N GLY E 421 24.40 37.04 8.16
CA GLY E 421 24.65 35.64 8.48
C GLY E 421 23.46 34.99 9.16
N LYS E 422 22.82 35.71 10.07
CA LYS E 422 21.58 35.25 10.68
C LYS E 422 20.42 35.72 9.80
N ALA E 423 19.72 34.77 9.19
CA ALA E 423 18.77 35.08 8.13
C ALA E 423 17.33 34.95 8.63
N SER E 424 16.45 35.73 8.00
CA SER E 424 15.03 35.69 8.35
C SER E 424 14.32 34.49 7.74
N SER E 425 14.73 34.07 6.55
CA SER E 425 14.08 32.96 5.87
C SER E 425 14.84 31.66 6.12
N ALA E 426 14.17 30.54 5.81
CA ALA E 426 14.82 29.24 5.94
C ALA E 426 15.92 29.04 4.91
N ALA E 427 15.87 29.76 3.79
CA ALA E 427 16.92 29.63 2.78
C ALA E 427 18.27 30.04 3.33
N GLY E 428 18.33 31.16 4.04
CA GLY E 428 19.60 31.64 4.54
C GLY E 428 20.53 32.04 3.41
N LEU E 429 21.78 31.63 3.51
CA LEU E 429 22.76 31.92 2.47
C LEU E 429 22.75 30.88 1.35
N THR E 430 22.10 29.75 1.56
CA THR E 430 22.04 28.68 0.57
C THR E 430 20.59 28.28 0.33
N ALA E 431 20.36 27.19 -0.36
CA ALA E 431 18.99 26.78 -0.66
C ALA E 431 18.33 26.13 0.55
N ALA E 432 17.01 26.13 0.53
CA ALA E 432 16.19 25.36 1.47
C ALA E 432 15.12 24.62 0.70
N VAL E 433 14.56 23.58 1.32
CA VAL E 433 13.52 22.78 0.71
C VAL E 433 12.24 23.02 1.51
N VAL E 434 11.21 23.54 0.84
CA VAL E 434 9.95 23.86 1.50
C VAL E 434 8.82 23.20 0.73
N ARG E 435 7.75 22.86 1.39
CA ARG E 435 6.60 22.17 0.91
C ARG E 435 5.44 23.08 0.66
N ASP E 436 4.89 23.09 -0.54
CA ASP E 436 3.66 23.73 -0.88
C ASP E 436 2.50 22.97 -0.28
N GLU E 437 1.71 23.54 0.58
CA GLU E 437 0.69 22.88 1.32
C GLU E 437 -0.35 22.26 0.40
N GLU E 438 -0.83 23.01 -0.56
CA GLU E 438 -1.85 22.59 -1.47
C GLU E 438 -1.40 21.43 -2.33
N SER E 439 -0.30 21.58 -3.02
CA SER E 439 0.26 20.61 -3.89
C SER E 439 0.98 19.49 -3.17
N HIS E 440 1.42 19.71 -1.96
CA HIS E 440 2.26 18.85 -1.18
C HIS E 440 3.65 18.68 -1.75
N GLU E 441 3.98 19.30 -2.84
CA GLU E 441 5.23 19.20 -3.51
C GLU E 441 6.32 19.93 -2.77
N PHE E 442 7.56 19.46 -2.92
CA PHE E 442 8.73 20.09 -2.33
C PHE E 442 9.44 20.91 -3.39
N VAL E 443 9.86 22.13 -3.01
CA VAL E 443 10.48 23.07 -3.94
C VAL E 443 11.67 23.73 -3.27
N ILE E 444 12.56 24.25 -4.12
CA ILE E 444 13.75 24.98 -3.66
C ILE E 444 13.38 26.44 -3.41
N GLU E 445 13.78 26.95 -2.25
CA GLU E 445 13.78 28.37 -1.96
C GLU E 445 15.23 28.83 -1.96
N ALA E 446 15.53 29.84 -2.78
CA ALA E 446 16.91 30.27 -3.00
C ALA E 446 17.40 31.14 -1.86
N GLY E 447 18.69 30.98 -1.52
CA GLY E 447 19.34 31.80 -0.53
C GLY E 447 20.12 32.94 -1.16
N ALA E 448 20.87 33.63 -0.31
CA ALA E 448 21.59 34.83 -0.75
C ALA E 448 22.65 34.50 -1.78
N LEU E 449 23.42 33.44 -1.57
CA LEU E 449 24.50 33.12 -2.50
C LEU E 449 23.96 32.71 -3.86
N MET E 450 22.76 32.14 -3.90
CA MET E 450 22.13 31.83 -5.18
C MET E 450 21.66 33.09 -5.89
N LEU E 451 21.05 34.01 -5.15
CA LEU E 451 20.56 35.25 -5.75
C LEU E 451 21.71 36.13 -6.23
N ALA E 452 22.91 35.96 -5.67
CA ALA E 452 24.06 36.75 -6.04
C ALA E 452 24.93 36.06 -7.09
N ASP E 453 24.42 35.02 -7.74
CA ASP E 453 25.22 34.29 -8.71
C ASP E 453 25.72 35.23 -9.81
N ASN E 454 27.00 35.10 -10.14
CA ASN E 454 27.69 35.95 -11.11
C ASN E 454 27.89 37.38 -10.61
N GLY E 455 27.81 37.60 -9.30
CA GLY E 455 27.98 38.93 -8.75
C GLY E 455 28.74 38.95 -7.45
N VAL E 456 28.35 39.83 -6.54
CA VAL E 456 28.99 39.98 -5.23
C VAL E 456 27.96 39.74 -4.15
N CYS E 457 28.34 38.99 -3.13
CA CYS E 457 27.53 38.78 -1.95
C CYS E 457 28.23 39.38 -0.76
N CYS E 458 27.62 40.43 -0.19
CA CYS E 458 28.09 41.03 1.05
C CYS E 458 27.34 40.40 2.20
N ILE E 459 28.07 39.73 3.08
CA ILE E 459 27.49 39.00 4.20
C ILE E 459 27.96 39.68 5.49
N ASP E 460 27.00 40.15 6.28
CA ASP E 460 27.26 40.80 7.55
C ASP E 460 26.95 39.83 8.67
N GLU E 461 27.70 39.95 9.76
CA GLU E 461 27.58 39.03 10.89
C GLU E 461 27.87 37.60 10.42
N PHE E 462 28.97 37.45 9.69
CA PHE E 462 29.31 36.17 9.09
C PHE E 462 29.54 35.08 10.14
N ASP E 463 29.75 35.46 11.40
CA ASP E 463 30.00 34.50 12.46
C ASP E 463 28.71 33.98 13.10
N LYS E 464 27.55 34.49 12.72
CA LYS E 464 26.28 34.04 13.28
C LYS E 464 25.57 33.01 12.42
N MET E 465 26.22 32.52 11.36
CA MET E 465 25.61 31.52 10.49
C MET E 465 25.15 30.32 11.29
N ASP E 466 24.19 29.58 10.73
CA ASP E 466 23.75 28.32 11.32
C ASP E 466 24.54 27.16 10.72
N VAL E 467 24.36 25.98 11.32
CA VAL E 467 25.20 24.84 10.97
C VAL E 467 24.95 24.38 9.53
N ARG E 468 23.69 24.40 9.09
CA ARG E 468 23.38 24.01 7.72
C ARG E 468 24.12 24.90 6.73
N ASP E 469 23.98 26.22 6.89
CA ASP E 469 24.71 27.15 6.04
C ASP E 469 26.22 26.97 6.18
N GLN E 470 26.68 26.70 7.40
CA GLN E 470 28.11 26.53 7.63
C GLN E 470 28.67 25.37 6.81
N VAL E 471 27.96 24.24 6.81
CA VAL E 471 28.43 23.09 6.04
C VAL E 471 28.31 23.35 4.54
N ALA E 472 27.21 23.97 4.10
CA ALA E 472 27.03 24.20 2.67
C ALA E 472 28.02 25.21 2.12
N ILE E 473 28.50 26.13 2.96
CA ILE E 473 29.34 27.20 2.46
C ILE E 473 30.71 26.69 2.03
N HIS E 474 31.16 25.54 2.52
CA HIS E 474 32.38 24.94 2.00
C HIS E 474 32.31 24.79 0.49
N GLU E 475 31.32 24.02 0.03
CA GLU E 475 31.13 23.82 -1.40
C GLU E 475 30.81 25.14 -2.10
N ALA E 476 29.97 25.97 -1.50
CA ALA E 476 29.61 27.22 -2.16
C ALA E 476 30.84 28.08 -2.42
N MET E 477 31.75 28.16 -1.46
CA MET E 477 32.91 29.03 -1.58
C MET E 477 33.99 28.45 -2.47
N GLU E 478 34.21 27.13 -2.45
CA GLU E 478 35.28 26.55 -3.26
C GLU E 478 34.76 26.04 -4.61
N GLN E 479 33.76 25.16 -4.59
CA GLN E 479 33.26 24.59 -5.83
C GLN E 479 32.29 25.53 -6.53
N GLN E 480 31.76 26.53 -5.84
CA GLN E 480 30.83 27.49 -6.42
C GLN E 480 29.53 26.81 -6.87
N THR E 481 29.16 25.74 -6.19
CA THR E 481 27.90 25.04 -6.43
C THR E 481 27.29 24.65 -5.10
N ILE E 482 25.98 24.41 -5.12
CA ILE E 482 25.25 23.94 -3.95
C ILE E 482 24.46 22.70 -4.38
N SER E 483 24.70 21.58 -3.70
CA SER E 483 24.12 20.30 -4.09
C SER E 483 23.08 19.87 -3.06
N ILE E 484 21.92 19.45 -3.55
CA ILE E 484 20.81 19.04 -2.70
C ILE E 484 20.27 17.70 -3.19
N THR E 485 20.11 16.76 -2.27
CA THR E 485 19.40 15.50 -2.51
C THR E 485 18.45 15.29 -1.34
N LYS E 486 17.25 15.85 -1.43
CA LYS E 486 16.26 15.75 -0.38
C LYS E 486 14.94 15.28 -1.00
N ALA E 487 13.94 15.08 -0.14
CA ALA E 487 12.65 14.58 -0.59
C ALA E 487 12.10 15.46 -1.72
N GLY E 488 12.00 14.88 -2.91
CA GLY E 488 11.42 15.58 -4.05
C GLY E 488 12.35 16.52 -4.77
N VAL E 489 13.60 16.65 -4.34
CA VAL E 489 14.53 17.61 -4.93
C VAL E 489 15.89 16.94 -5.11
N LYS E 490 16.44 17.05 -6.32
CA LYS E 490 17.78 16.58 -6.63
C LYS E 490 18.39 17.61 -7.57
N ALA E 491 19.30 18.44 -7.08
CA ALA E 491 19.72 19.59 -7.85
C ALA E 491 21.16 19.99 -7.54
N THR E 492 21.81 20.55 -8.56
CA THR E 492 23.06 21.29 -8.41
C THR E 492 22.81 22.72 -8.87
N LEU E 493 23.02 23.68 -7.97
CA LEU E 493 22.67 25.07 -8.19
C LEU E 493 23.93 25.91 -8.24
N ASN E 494 23.93 26.93 -9.10
CA ASN E 494 25.11 27.75 -9.31
C ASN E 494 25.25 28.81 -8.23
N ALA E 495 26.48 28.99 -7.75
CA ALA E 495 26.81 30.02 -6.76
C ALA E 495 28.12 30.68 -7.10
N ARG E 496 28.33 31.02 -8.38
CA ARG E 496 29.58 31.66 -8.79
C ARG E 496 29.62 33.09 -8.29
N THR E 497 30.10 33.30 -7.07
CA THR E 497 30.01 34.58 -6.39
C THR E 497 31.35 34.95 -5.78
N SER E 498 31.54 36.24 -5.58
CA SER E 498 32.61 36.77 -4.75
C SER E 498 32.01 37.21 -3.43
N ILE E 499 32.57 36.72 -2.33
CA ILE E 499 32.01 36.97 -1.00
C ILE E 499 32.84 38.00 -0.28
N LEU E 500 32.18 39.04 0.23
CA LEU E 500 32.78 40.02 1.12
C LEU E 500 32.08 39.88 2.47
N ALA E 501 32.82 39.44 3.49
CA ALA E 501 32.24 39.10 4.77
C ALA E 501 32.70 40.05 5.86
N ALA E 502 31.81 40.31 6.82
CA ALA E 502 32.11 41.12 7.99
C ALA E 502 31.84 40.30 9.24
N ALA E 503 32.78 40.32 10.18
CA ALA E 503 32.70 39.47 11.36
C ALA E 503 33.11 40.24 12.60
N ASN E 504 32.60 39.76 13.74
CA ASN E 504 32.90 40.24 15.08
C ASN E 504 33.84 39.27 15.79
N PRO E 505 34.72 39.75 16.65
CA PRO E 505 35.54 38.84 17.46
C PRO E 505 34.68 38.10 18.50
N ILE E 506 35.22 36.97 18.96
CA ILE E 506 34.43 36.10 19.84
C ILE E 506 34.05 36.83 21.11
N SER E 507 35.01 37.55 21.72
CA SER E 507 34.74 38.24 22.97
C SER E 507 33.93 39.52 22.79
N GLY E 508 33.77 39.99 21.56
CA GLY E 508 33.17 41.27 21.31
C GLY E 508 34.16 42.41 21.25
N HIS E 509 35.43 42.17 21.60
CA HIS E 509 36.50 43.15 21.47
C HIS E 509 37.75 42.42 21.02
N TYR E 510 38.47 43.00 20.06
CA TYR E 510 39.65 42.34 19.53
C TYR E 510 40.79 42.38 20.53
N ASP E 511 41.43 41.24 20.74
CA ASP E 511 42.53 41.10 21.70
C ASP E 511 43.82 40.98 20.89
N ARG E 512 44.62 42.05 20.91
CA ARG E 512 45.84 42.06 20.10
C ARG E 512 46.82 40.99 20.55
N SER E 513 46.80 40.63 21.83
CA SER E 513 47.74 39.62 22.33
C SER E 513 47.53 38.28 21.63
N LYS E 514 46.28 37.93 21.33
CA LYS E 514 45.99 36.70 20.64
C LYS E 514 46.12 36.88 19.14
N SER E 515 46.12 35.76 18.42
CA SER E 515 46.13 35.78 16.97
C SER E 515 44.71 35.99 16.43
N LEU E 516 44.62 36.29 15.14
CA LEU E 516 43.31 36.46 14.52
C LEU E 516 42.52 35.16 14.59
N LYS E 517 43.18 34.03 14.35
CA LYS E 517 42.51 32.74 14.48
C LYS E 517 41.95 32.55 15.89
N GLN E 518 42.61 33.13 16.90
CA GLN E 518 42.16 33.00 18.28
C GLN E 518 41.03 33.97 18.63
N ASN E 519 40.77 34.96 17.79
CA ASN E 519 39.77 35.97 18.09
C ASN E 519 38.41 35.69 17.46
N ILE E 520 38.37 34.92 16.38
CA ILE E 520 37.13 34.64 15.67
C ILE E 520 36.77 33.17 15.85
N ASN E 521 35.50 32.86 15.60
CA ASN E 521 34.98 31.51 15.74
C ASN E 521 34.90 30.77 14.41
N LEU E 522 35.45 31.32 13.34
CA LEU E 522 35.51 30.61 12.07
C LEU E 522 36.47 29.44 12.14
N SER E 523 36.07 28.31 11.57
CA SER E 523 36.92 27.14 11.54
C SER E 523 38.06 27.32 10.54
N ALA E 524 39.11 26.52 10.71
CA ALA E 524 40.25 26.61 9.81
C ALA E 524 39.88 26.31 8.36
N PRO E 525 39.08 25.28 8.05
CA PRO E 525 38.70 25.07 6.64
C PRO E 525 37.99 26.25 6.03
N ILE E 526 37.13 26.93 6.79
CA ILE E 526 36.46 28.12 6.26
C ILE E 526 37.47 29.24 6.05
N MET E 527 38.41 29.40 6.98
CA MET E 527 39.39 30.47 6.86
C MET E 527 40.30 30.25 5.65
N SER E 528 40.59 28.99 5.32
CA SER E 528 41.42 28.72 4.15
C SER E 528 40.74 29.11 2.86
N ARG E 529 39.42 29.25 2.88
CA ARG E 529 38.67 29.60 1.67
C ARG E 529 38.65 31.11 1.40
N PHE E 530 39.16 31.92 2.33
CA PHE E 530 39.22 33.36 2.14
C PHE E 530 40.59 33.76 1.60
N ASP E 531 40.59 34.61 0.59
CA ASP E 531 41.85 35.06 0.00
C ASP E 531 42.56 36.07 0.89
N LEU E 532 41.80 36.98 1.50
CA LEU E 532 42.37 38.05 2.31
C LEU E 532 41.58 38.21 3.61
N PHE E 533 42.31 38.52 4.68
CA PHE E 533 41.76 38.85 5.98
C PHE E 533 42.24 40.23 6.40
N PHE E 534 41.35 41.03 6.94
CA PHE E 534 41.68 42.35 7.45
C PHE E 534 41.10 42.51 8.85
N ILE E 535 41.74 43.32 9.68
CA ILE E 535 41.26 43.65 11.01
C ILE E 535 41.06 45.16 11.12
N LEU E 536 39.99 45.55 11.79
CA LEU E 536 39.71 46.94 12.12
C LEU E 536 39.61 47.05 13.64
N VAL E 537 40.59 47.72 14.24
CA VAL E 537 40.70 47.82 15.69
C VAL E 537 40.32 49.23 16.10
N ASP E 538 39.52 49.34 17.16
CA ASP E 538 39.20 50.62 17.75
C ASP E 538 40.44 51.18 18.43
N GLU E 539 41.09 52.14 17.80
CA GLU E 539 42.27 52.79 18.36
C GLU E 539 41.82 53.88 19.31
N CYS E 540 41.98 53.64 20.62
CA CYS E 540 41.57 54.62 21.62
C CYS E 540 42.55 55.79 21.63
N ASN E 541 42.52 56.53 20.52
CA ASN E 541 43.44 57.62 20.25
C ASN E 541 42.64 58.89 20.04
N GLU E 542 43.09 59.99 20.66
CA GLU E 542 42.40 61.26 20.51
C GLU E 542 42.43 61.76 19.08
N VAL E 543 43.57 61.63 18.40
CA VAL E 543 43.70 62.17 17.04
C VAL E 543 42.77 61.44 16.08
N THR E 544 42.72 60.11 16.18
CA THR E 544 41.81 59.35 15.34
C THR E 544 40.36 59.71 15.62
N ASP E 545 40.01 59.87 16.90
CA ASP E 545 38.65 60.26 17.24
C ASP E 545 38.30 61.61 16.64
N TYR E 546 39.25 62.54 16.72
CA TYR E 546 39.04 63.92 16.18
C TYR E 546 38.88 63.87 14.67
N ALA E 547 39.63 63.01 13.97
CA ALA E 547 39.52 62.89 12.53
C ALA E 547 38.18 62.26 12.13
N ILE E 548 37.78 61.19 12.81
CA ILE E 548 36.53 60.52 12.47
C ILE E 548 35.34 61.43 12.74
N ALA E 549 35.34 62.12 13.89
CA ALA E 549 34.23 63.01 14.20
C ALA E 549 34.14 64.13 13.17
N ARG E 550 35.27 64.71 12.79
CA ARG E 550 35.24 65.77 11.78
C ARG E 550 34.71 65.24 10.46
N ARG E 551 35.13 64.03 10.05
CA ARG E 551 34.64 63.48 8.80
C ARG E 551 33.13 63.30 8.83
N ILE E 552 32.60 62.71 9.90
CA ILE E 552 31.17 62.45 9.98
C ILE E 552 30.39 63.77 9.96
N VAL E 553 30.83 64.72 10.78
CA VAL E 553 30.10 65.98 10.87
C VAL E 553 30.19 66.75 9.56
N ASP E 554 31.33 66.69 8.87
CA ASP E 554 31.45 67.35 7.58
C ASP E 554 30.53 66.71 6.55
N LEU E 555 30.44 65.37 6.55
CA LEU E 555 29.52 64.71 5.64
C LEU E 555 28.08 65.15 5.88
N HIS E 556 27.70 65.31 7.16
CA HIS E 556 26.32 65.72 7.43
C HIS E 556 26.09 67.20 7.16
N SER E 557 27.09 68.04 7.41
CA SER E 557 26.90 69.48 7.28
C SER E 557 26.76 69.89 5.82
N ARG E 558 27.56 69.29 4.94
CA ARG E 558 27.56 69.61 3.51
C ARG E 558 27.53 68.27 2.77
N ILE E 559 26.33 67.77 2.48
CA ILE E 559 26.21 66.45 1.86
C ILE E 559 26.88 66.47 0.48
N GLU E 560 26.59 67.48 -0.32
CA GLU E 560 27.13 67.56 -1.67
C GLU E 560 28.60 67.97 -1.68
N GLU E 561 28.98 68.92 -0.81
CA GLU E 561 30.33 69.49 -0.88
C GLU E 561 31.38 68.55 -0.29
N SER E 562 31.00 67.70 0.66
CA SER E 562 31.97 66.87 1.35
C SER E 562 32.69 65.93 0.40
N ILE E 563 31.95 65.35 -0.55
CA ILE E 563 32.48 64.28 -1.40
C ILE E 563 33.32 64.89 -2.51
N ASP E 564 34.52 64.35 -2.70
CA ASP E 564 35.42 64.76 -3.78
C ASP E 564 36.06 63.50 -4.35
N ARG E 565 35.57 63.06 -5.50
CA ARG E 565 36.05 61.85 -6.16
C ARG E 565 36.85 62.23 -7.40
N VAL E 566 38.04 61.65 -7.53
CA VAL E 566 38.81 61.83 -8.76
C VAL E 566 38.05 61.29 -9.95
N TYR E 567 37.28 60.23 -9.75
CA TYR E 567 36.47 59.62 -10.79
C TYR E 567 35.05 59.42 -10.27
N SER E 568 34.08 59.68 -11.13
CA SER E 568 32.69 59.48 -10.76
C SER E 568 32.35 57.99 -10.75
N LEU E 569 31.31 57.64 -9.99
CA LEU E 569 30.95 56.23 -9.86
C LEU E 569 30.57 55.63 -11.21
N ASP E 570 29.89 56.40 -12.06
CA ASP E 570 29.57 55.90 -13.40
C ASP E 570 30.84 55.64 -14.20
N ASP E 571 31.83 56.53 -14.08
CA ASP E 571 33.10 56.31 -14.75
C ASP E 571 33.73 54.99 -14.30
N ILE E 572 33.70 54.72 -12.99
CA ILE E 572 34.30 53.51 -12.47
C ILE E 572 33.51 52.29 -12.91
N ARG E 573 32.18 52.40 -12.97
CA ARG E 573 31.38 51.27 -13.44
C ARG E 573 31.71 50.92 -14.88
N ARG E 574 31.82 51.94 -15.74
CA ARG E 574 32.20 51.69 -17.12
C ARG E 574 33.61 51.12 -17.22
N TYR E 575 34.54 51.65 -16.43
CA TYR E 575 35.92 51.17 -16.49
C TYR E 575 36.01 49.73 -16.02
N LEU E 576 35.27 49.37 -14.96
CA LEU E 576 35.27 47.99 -14.49
C LEU E 576 34.66 47.06 -15.53
N LEU E 577 33.57 47.50 -16.16
CA LEU E 577 32.97 46.69 -17.22
C LEU E 577 33.97 46.45 -18.35
N PHE E 578 34.72 47.48 -18.73
CA PHE E 578 35.75 47.30 -19.76
C PHE E 578 36.87 46.38 -19.28
N ALA E 579 37.31 46.54 -18.03
CA ALA E 579 38.50 45.83 -17.57
C ALA E 579 38.22 44.35 -17.32
N ARG E 580 36.99 44.00 -16.97
CA ARG E 580 36.68 42.59 -16.75
C ARG E 580 36.74 41.77 -18.03
N GLN E 581 36.85 42.41 -19.20
CA GLN E 581 36.96 41.67 -20.45
C GLN E 581 38.38 41.23 -20.75
N PHE E 582 39.37 41.69 -19.99
CA PHE E 582 40.74 41.26 -20.18
C PHE E 582 41.01 40.00 -19.38
N LYS E 583 41.80 39.11 -19.96
CA LYS E 583 42.16 37.83 -19.34
C LYS E 583 43.69 37.72 -19.38
N PRO E 584 44.38 38.42 -18.50
CA PRO E 584 45.85 38.47 -18.61
C PRO E 584 46.48 37.09 -18.48
N LYS E 585 47.55 36.88 -19.25
CA LYS E 585 48.27 35.63 -19.28
C LYS E 585 49.49 35.70 -18.37
N ILE E 586 49.72 34.61 -17.63
CA ILE E 586 50.84 34.53 -16.71
C ILE E 586 52.11 34.27 -17.51
N SER E 587 53.11 35.13 -17.33
CA SER E 587 54.37 34.99 -18.02
C SER E 587 55.31 34.05 -17.26
N LYS E 588 56.45 33.75 -17.89
CA LYS E 588 57.41 32.83 -17.28
C LYS E 588 58.05 33.44 -16.03
N GLU E 589 58.41 34.72 -16.08
CA GLU E 589 59.06 35.35 -14.94
C GLU E 589 58.10 35.43 -13.76
N SER E 590 56.84 35.76 -14.04
CA SER E 590 55.82 35.70 -12.99
C SER E 590 55.67 34.29 -12.46
N GLU E 591 55.80 33.29 -13.33
CA GLU E 591 55.75 31.90 -12.90
C GLU E 591 56.84 31.62 -11.86
N ASP E 592 58.08 31.99 -12.19
CA ASP E 592 59.19 31.75 -11.27
C ASP E 592 58.97 32.49 -9.95
N PHE E 593 58.53 33.74 -10.03
CA PHE E 593 58.33 34.51 -8.80
C PHE E 593 57.26 33.87 -7.93
N ILE E 594 56.14 33.45 -8.53
CA ILE E 594 55.07 32.84 -7.77
C ILE E 594 55.54 31.55 -7.11
N VAL E 595 56.30 30.74 -7.85
CA VAL E 595 56.79 29.48 -7.29
C VAL E 595 57.70 29.75 -6.10
N GLU E 596 58.62 30.72 -6.25
CA GLU E 596 59.52 31.04 -5.15
C GLU E 596 58.77 31.56 -3.94
N GLN E 597 57.78 32.43 -4.16
CA GLN E 597 57.01 32.97 -3.03
C GLN E 597 56.25 31.87 -2.31
N TYR E 598 55.67 30.92 -3.05
CA TYR E 598 54.96 29.83 -2.40
C TYR E 598 55.93 28.96 -1.59
N LYS E 599 57.11 28.67 -2.15
CA LYS E 599 58.09 27.90 -1.39
C LYS E 599 58.46 28.63 -0.11
N HIS E 600 58.66 29.95 -0.19
CA HIS E 600 58.99 30.71 1.00
C HIS E 600 57.88 30.66 2.03
N LEU E 601 56.64 30.81 1.59
CA LEU E 601 55.52 30.78 2.54
C LEU E 601 55.41 29.43 3.23
N ARG E 602 55.58 28.34 2.48
CA ARG E 602 55.50 27.03 3.10
C ARG E 602 56.65 26.78 4.06
N GLN E 603 57.87 27.17 3.68
CA GLN E 603 59.00 26.99 4.58
C GLN E 603 58.84 27.81 5.85
N ARG E 604 58.28 29.02 5.73
CA ARG E 604 58.09 29.86 6.90
C ARG E 604 57.16 29.20 7.91
N ASP E 605 56.06 28.63 7.45
CA ASP E 605 55.08 28.03 8.34
C ASP E 605 55.65 26.82 9.07
N SER E 613 44.74 25.13 13.73
CA SER E 613 45.17 24.17 12.72
C SER E 613 45.40 24.85 11.39
N TRP E 614 45.61 26.16 11.41
CA TRP E 614 45.84 26.91 10.19
C TRP E 614 47.18 26.51 9.58
N ARG E 615 47.19 26.40 8.25
CA ARG E 615 48.40 26.02 7.53
C ARG E 615 48.34 26.63 6.14
N ILE E 616 49.52 26.76 5.52
CA ILE E 616 49.61 27.19 4.13
C ILE E 616 49.34 26.00 3.24
N THR E 617 48.26 26.06 2.46
CA THR E 617 47.87 25.01 1.54
C THR E 617 48.04 25.50 0.11
N VAL E 618 47.67 24.65 -0.85
CA VAL E 618 47.65 25.04 -2.25
C VAL E 618 46.65 26.18 -2.48
N ARG E 619 45.69 26.33 -1.57
CA ARG E 619 44.72 27.42 -1.70
C ARG E 619 45.40 28.77 -1.64
N GLN E 620 46.46 28.91 -0.82
CA GLN E 620 47.21 30.15 -0.79
C GLN E 620 47.90 30.41 -2.13
N LEU E 621 48.43 29.36 -2.74
CA LEU E 621 49.06 29.51 -4.05
C LEU E 621 48.05 29.99 -5.09
N GLU E 622 46.88 29.37 -5.12
CA GLU E 622 45.87 29.79 -6.09
C GLU E 622 45.33 31.18 -5.78
N SER E 623 45.24 31.54 -4.49
CA SER E 623 44.85 32.90 -4.13
C SER E 623 45.87 33.92 -4.62
N MET E 624 47.16 33.58 -4.51
CA MET E 624 48.19 34.48 -5.03
C MET E 624 48.05 34.64 -6.54
N ILE E 625 47.79 33.53 -7.25
CA ILE E 625 47.58 33.61 -8.69
C ILE E 625 46.40 34.53 -9.00
N ARG E 626 45.29 34.35 -8.27
CA ARG E 626 44.10 35.16 -8.52
C ARG E 626 44.37 36.64 -8.28
N LEU E 627 45.08 36.95 -7.19
CA LEU E 627 45.36 38.35 -6.88
C LEU E 627 46.27 38.97 -7.93
N SER E 628 47.25 38.21 -8.42
CA SER E 628 48.10 38.74 -9.49
C SER E 628 47.30 39.00 -10.74
N GLU E 629 46.39 38.08 -11.09
CA GLU E 629 45.54 38.30 -12.26
C GLU E 629 44.69 39.55 -12.09
N ALA E 630 44.13 39.75 -10.90
CA ALA E 630 43.31 40.93 -10.65
C ALA E 630 44.14 42.20 -10.74
N MET E 631 45.36 42.18 -10.21
CA MET E 631 46.24 43.34 -10.30
C MET E 631 46.53 43.69 -11.76
N ALA E 632 46.80 42.69 -12.59
CA ALA E 632 47.02 42.95 -14.01
C ALA E 632 45.76 43.49 -14.67
N ARG E 633 44.61 42.89 -14.35
CA ARG E 633 43.35 43.35 -14.92
C ARG E 633 43.07 44.81 -14.58
N MET E 634 43.49 45.23 -13.39
CA MET E 634 43.21 46.60 -12.95
C MET E 634 43.74 47.64 -13.93
N HIS E 635 44.82 47.32 -14.64
CA HIS E 635 45.42 48.22 -15.62
C HIS E 635 45.11 47.81 -17.06
N CYS E 636 44.06 47.02 -17.27
CA CYS E 636 43.65 46.61 -18.61
C CYS E 636 44.82 46.03 -19.38
N CYS E 637 45.59 45.19 -18.71
CA CYS E 637 46.81 44.62 -19.27
C CYS E 637 46.59 43.17 -19.67
N ASP E 638 47.39 42.72 -20.65
CA ASP E 638 47.23 41.41 -21.24
C ASP E 638 48.19 40.37 -20.69
N GLU E 639 49.15 40.75 -19.85
CA GLU E 639 50.09 39.81 -19.27
C GLU E 639 50.32 40.16 -17.81
N VAL E 640 50.45 39.15 -16.98
CA VAL E 640 50.74 39.33 -15.56
C VAL E 640 52.25 39.52 -15.43
N GLN E 641 52.68 40.74 -15.19
CA GLN E 641 54.08 41.07 -15.02
C GLN E 641 54.51 40.88 -13.58
N PRO E 642 55.82 40.78 -13.32
CA PRO E 642 56.28 40.55 -11.94
C PRO E 642 55.81 41.61 -10.95
N LYS E 643 55.62 42.85 -11.38
CA LYS E 643 55.19 43.90 -10.47
C LYS E 643 53.84 43.57 -9.83
N HIS E 644 52.91 43.06 -10.64
CA HIS E 644 51.61 42.67 -10.11
C HIS E 644 51.75 41.56 -9.07
N VAL E 645 52.64 40.60 -9.34
CA VAL E 645 52.88 39.53 -8.38
C VAL E 645 53.45 40.10 -7.09
N LYS E 646 54.36 41.07 -7.19
CA LYS E 646 54.93 41.68 -6.00
C LYS E 646 53.86 42.33 -5.14
N GLU E 647 52.97 43.11 -5.77
CA GLU E 647 51.91 43.76 -5.00
C GLU E 647 50.97 42.74 -4.37
N ALA E 648 50.56 41.74 -5.14
CA ALA E 648 49.65 40.72 -4.61
C ALA E 648 50.30 39.98 -3.45
N PHE E 649 51.59 39.66 -3.57
CA PHE E 649 52.27 38.97 -2.49
C PHE E 649 52.41 39.85 -1.26
N ARG E 650 52.62 41.15 -1.44
CA ARG E 650 52.62 42.04 -0.30
C ARG E 650 51.31 41.95 0.46
N LEU E 651 50.19 42.09 -0.25
CA LEU E 651 48.89 42.03 0.41
C LEU E 651 48.68 40.69 1.10
N LEU E 652 48.95 39.60 0.38
CA LEU E 652 48.67 38.27 0.91
C LEU E 652 49.59 37.92 2.07
N ASN E 653 50.85 38.34 2.00
CA ASN E 653 51.79 38.08 3.08
C ASN E 653 51.36 38.81 4.35
N LYS E 654 50.89 40.04 4.23
CA LYS E 654 50.41 40.81 5.40
C LYS E 654 49.13 40.16 5.91
N SER E 655 48.31 39.54 5.05
CA SER E 655 47.13 38.80 5.53
C SER E 655 47.54 37.55 6.31
N ILE E 656 48.48 36.78 5.77
CA ILE E 656 48.88 35.53 6.41
C ILE E 656 49.55 35.81 7.76
N ILE E 657 50.47 36.78 7.79
CA ILE E 657 51.14 37.10 9.05
C ILE E 657 50.12 37.55 10.07
N ARG E 658 49.15 38.38 9.67
CA ARG E 658 48.11 38.81 10.58
C ARG E 658 47.29 37.63 11.09
N VAL E 659 47.09 36.63 10.25
CA VAL E 659 46.39 35.42 10.69
C VAL E 659 47.21 34.68 11.74
N GLU E 660 48.52 34.62 11.55
CA GLU E 660 49.36 33.77 12.39
C GLU E 660 49.70 34.43 13.72
N THR E 661 50.40 35.56 13.68
CA THR E 661 50.96 36.14 14.89
C THR E 661 50.01 37.16 15.50
N PRO E 662 50.14 37.42 16.82
CA PRO E 662 49.34 38.46 17.49
C PRO E 662 49.41 39.81 16.78
N LYS F 4 -63.35 12.02 1.94
CA LYS F 4 -64.38 12.84 2.55
C LYS F 4 -64.66 14.06 1.69
N ASP F 5 -65.89 14.55 1.73
CA ASP F 5 -66.24 15.77 1.02
C ASP F 5 -65.79 16.96 1.87
N TYR F 6 -64.95 17.82 1.30
CA TYR F 6 -64.35 18.88 2.08
C TYR F 6 -65.28 20.08 2.28
N ALA F 7 -66.41 20.13 1.57
CA ALA F 7 -67.37 21.20 1.80
C ALA F 7 -68.00 21.11 3.18
N LEU F 8 -68.38 19.90 3.60
CA LEU F 8 -68.92 19.74 4.95
C LEU F 8 -67.88 20.09 6.00
N GLU F 9 -66.63 19.69 5.78
CA GLU F 9 -65.57 20.03 6.72
C GLU F 9 -65.38 21.54 6.80
N LYS F 10 -65.43 22.23 5.65
CA LYS F 10 -65.31 23.68 5.67
C LYS F 10 -66.46 24.32 6.43
N GLU F 11 -67.68 23.83 6.21
CA GLU F 11 -68.82 24.37 6.95
C GLU F 11 -68.64 24.16 8.45
N LYS F 12 -68.16 22.98 8.84
CA LYS F 12 -67.94 22.69 10.26
C LYS F 12 -66.87 23.59 10.86
N VAL F 13 -65.81 23.86 10.09
CA VAL F 13 -64.75 24.75 10.57
C VAL F 13 -65.30 26.16 10.75
N LYS F 14 -66.08 26.64 9.77
CA LYS F 14 -66.74 27.94 9.93
C LYS F 14 -67.59 27.97 11.19
N LYS F 15 -68.35 26.90 11.42
CA LYS F 15 -69.21 26.83 12.60
C LYS F 15 -68.38 26.98 13.88
N PHE F 16 -67.30 26.20 13.98
CA PHE F 16 -66.46 26.29 15.17
C PHE F 16 -65.92 27.70 15.35
N LEU F 17 -65.41 28.30 14.28
CA LEU F 17 -64.87 29.65 14.39
C LEU F 17 -65.93 30.63 14.87
N GLN F 18 -67.16 30.48 14.39
CA GLN F 18 -68.18 31.48 14.65
C GLN F 18 -68.76 31.36 16.06
N GLU F 19 -69.23 30.17 16.44
CA GLU F 19 -70.00 30.06 17.67
C GLU F 19 -69.23 29.48 18.85
N PHE F 20 -67.90 29.43 18.80
CA PHE F 20 -67.14 28.99 19.96
C PHE F 20 -66.93 30.16 20.92
N TYR F 21 -67.32 29.96 22.17
CA TYR F 21 -67.18 30.96 23.21
C TYR F 21 -66.48 30.33 24.40
N GLN F 22 -65.60 31.07 25.03
CA GLN F 22 -64.82 30.58 26.16
C GLN F 22 -64.89 31.57 27.31
N ASP F 23 -64.90 31.04 28.52
CA ASP F 23 -64.98 31.84 29.73
C ASP F 23 -63.68 32.64 29.88
N ASP F 24 -63.76 33.93 29.61
CA ASP F 24 -62.60 34.80 29.77
C ASP F 24 -62.39 35.12 31.25
N GLU F 25 -61.20 35.62 31.56
CA GLU F 25 -60.86 35.88 32.97
C GLU F 25 -61.87 36.83 33.60
N LEU F 26 -62.25 37.89 32.89
CA LEU F 26 -63.19 38.89 33.41
C LEU F 26 -64.58 38.77 32.79
N GLY F 27 -64.67 38.75 31.45
CA GLY F 27 -65.97 38.74 30.81
C GLY F 27 -66.79 37.51 31.14
N LYS F 28 -66.13 36.35 31.19
CA LYS F 28 -66.76 35.07 31.53
C LYS F 28 -67.59 34.52 30.37
N LYS F 29 -67.70 35.28 29.27
CA LYS F 29 -68.31 34.75 28.06
C LYS F 29 -67.86 35.64 26.90
N GLN F 30 -66.86 35.19 26.16
CA GLN F 30 -66.36 35.91 25.00
C GLN F 30 -66.10 34.93 23.87
N PHE F 31 -66.32 35.40 22.64
CA PHE F 31 -66.05 34.59 21.46
C PHE F 31 -64.57 34.69 21.14
N LYS F 32 -63.84 33.60 21.40
CA LYS F 32 -62.39 33.64 21.34
C LYS F 32 -61.90 33.98 19.94
N TYR F 33 -62.54 33.44 18.91
CA TYR F 33 -62.07 33.60 17.54
C TYR F 33 -62.86 34.63 16.75
N GLY F 34 -64.07 34.97 17.16
CA GLY F 34 -64.78 36.07 16.50
C GLY F 34 -64.08 37.39 16.68
N ASN F 35 -63.56 37.65 17.88
CA ASN F 35 -62.82 38.89 18.11
C ASN F 35 -61.57 38.94 17.24
N GLN F 36 -60.85 37.83 17.14
CA GLN F 36 -59.66 37.80 16.30
C GLN F 36 -60.02 37.93 14.83
N LEU F 37 -61.18 37.40 14.42
CA LEU F 37 -61.64 37.61 13.05
C LEU F 37 -61.88 39.09 12.80
N VAL F 38 -62.48 39.78 13.77
CA VAL F 38 -62.67 41.22 13.64
C VAL F 38 -61.33 41.92 13.48
N ARG F 39 -60.37 41.55 14.31
CA ARG F 39 -59.05 42.17 14.24
C ARG F 39 -58.38 41.92 12.90
N LEU F 40 -58.47 40.68 12.39
CA LEU F 40 -57.89 40.37 11.08
C LEU F 40 -58.59 41.15 9.98
N ALA F 41 -59.92 41.30 10.09
CA ALA F 41 -60.65 42.08 9.11
C ALA F 41 -60.18 43.52 9.08
N HIS F 42 -59.95 44.11 10.25
CA HIS F 42 -59.44 45.48 10.32
C HIS F 42 -57.92 45.55 10.20
N ARG F 43 -57.23 44.42 10.19
CA ARG F 43 -55.79 44.36 9.98
C ARG F 43 -54.98 44.92 11.15
N GLU F 44 -55.50 44.76 12.36
CA GLU F 44 -54.69 44.95 13.57
C GLU F 44 -53.96 43.68 13.97
N GLN F 45 -54.18 42.58 13.25
CA GLN F 45 -53.56 41.30 13.56
C GLN F 45 -53.21 40.60 12.26
N VAL F 46 -52.16 39.79 12.30
CA VAL F 46 -51.69 39.05 11.13
C VAL F 46 -51.91 37.55 11.28
N ALA F 47 -51.42 36.97 12.36
CA ALA F 47 -51.43 35.52 12.54
C ALA F 47 -52.56 35.11 13.48
N LEU F 48 -53.28 34.07 13.10
CA LEU F 48 -54.30 33.45 13.93
C LEU F 48 -53.83 32.07 14.34
N TYR F 49 -53.87 31.79 15.64
CA TYR F 49 -53.42 30.53 16.21
C TYR F 49 -54.65 29.79 16.74
N VAL F 50 -55.01 28.70 16.08
CA VAL F 50 -56.14 27.88 16.50
C VAL F 50 -55.63 26.83 17.48
N ASP F 51 -56.18 26.86 18.70
CA ASP F 51 -55.84 25.87 19.73
C ASP F 51 -56.73 24.66 19.51
N LEU F 52 -56.11 23.49 19.32
CA LEU F 52 -56.89 22.29 19.01
C LEU F 52 -57.56 21.72 20.25
N ASP F 53 -57.21 22.20 21.45
CA ASP F 53 -57.98 21.82 22.63
C ASP F 53 -59.40 22.37 22.56
N ASP F 54 -59.56 23.59 22.06
CA ASP F 54 -60.89 24.15 21.88
C ASP F 54 -61.71 23.32 20.91
N VAL F 55 -61.11 22.94 19.77
CA VAL F 55 -61.81 22.09 18.82
C VAL F 55 -62.14 20.75 19.46
N ALA F 56 -61.23 20.22 20.29
CA ALA F 56 -61.47 18.95 20.93
C ALA F 56 -62.67 19.01 21.86
N GLU F 57 -62.84 20.13 22.56
CA GLU F 57 -64.01 20.27 23.43
C GLU F 57 -65.30 19.96 22.68
N ASP F 58 -65.45 20.48 21.46
CA ASP F 58 -66.68 20.30 20.71
C ASP F 58 -66.72 18.95 20.01
N ASP F 59 -65.74 18.66 19.16
CA ASP F 59 -65.73 17.43 18.39
C ASP F 59 -64.31 16.87 18.25
N PRO F 60 -63.98 15.82 19.02
CA PRO F 60 -62.63 15.23 18.90
C PRO F 60 -62.32 14.64 17.54
N GLU F 61 -63.34 14.20 16.79
CA GLU F 61 -63.08 13.57 15.51
C GLU F 61 -62.42 14.53 14.54
N LEU F 62 -62.83 15.79 14.56
CA LEU F 62 -62.21 16.78 13.67
C LEU F 62 -60.76 17.02 14.07
N VAL F 63 -60.47 17.02 15.37
CA VAL F 63 -59.08 17.15 15.80
C VAL F 63 -58.25 15.98 15.30
N ASP F 64 -58.80 14.77 15.38
CA ASP F 64 -58.10 13.61 14.82
C ASP F 64 -57.85 13.80 13.34
N SER F 65 -58.88 14.21 12.60
CA SER F 65 -58.71 14.41 11.16
C SER F 65 -57.63 15.43 10.87
N ILE F 66 -57.61 16.53 11.63
CA ILE F 66 -56.61 17.56 11.42
C ILE F 66 -55.22 17.00 11.68
N CYS F 67 -55.07 16.22 12.75
CA CYS F 67 -53.76 15.71 13.10
C CYS F 67 -53.26 14.68 12.09
N GLU F 68 -54.17 13.94 11.44
CA GLU F 68 -53.74 12.98 10.43
C GLU F 68 -53.30 13.64 9.13
N ASN F 69 -53.98 14.71 8.72
CA ASN F 69 -53.82 15.31 7.39
C ASN F 69 -53.69 16.83 7.50
N ALA F 70 -52.76 17.27 8.35
CA ALA F 70 -52.76 18.67 8.81
C ALA F 70 -52.68 19.66 7.65
N ARG F 71 -51.84 19.39 6.65
CA ARG F 71 -51.62 20.36 5.53
C ARG F 71 -52.94 20.63 4.80
N ARG F 72 -53.86 19.66 4.73
CA ARG F 72 -55.16 19.86 4.11
C ARG F 72 -56.03 20.79 4.96
N TYR F 73 -56.09 20.52 6.26
CA TYR F 73 -56.97 21.29 7.12
C TYR F 73 -56.45 22.68 7.37
N ALA F 74 -55.15 22.91 7.21
CA ALA F 74 -54.64 24.28 7.25
C ALA F 74 -55.27 25.10 6.13
N LYS F 75 -55.29 24.55 4.91
CA LYS F 75 -55.94 25.24 3.80
C LYS F 75 -57.43 25.41 4.06
N LEU F 76 -58.08 24.38 4.60
CA LEU F 76 -59.52 24.49 4.85
C LEU F 76 -59.82 25.61 5.85
N PHE F 77 -59.05 25.68 6.94
CA PHE F 77 -59.24 26.74 7.92
C PHE F 77 -58.95 28.11 7.32
N ALA F 78 -57.89 28.21 6.50
CA ALA F 78 -57.57 29.48 5.89
C ALA F 78 -58.70 29.95 4.97
N ASP F 79 -59.26 29.04 4.20
CA ASP F 79 -60.38 29.40 3.33
C ASP F 79 -61.59 29.84 4.14
N ALA F 80 -61.89 29.14 5.22
CA ALA F 80 -63.01 29.54 6.07
C ALA F 80 -62.80 30.94 6.62
N VAL F 81 -61.58 31.23 7.11
CA VAL F 81 -61.30 32.56 7.67
C VAL F 81 -61.42 33.63 6.59
N GLN F 82 -60.89 33.35 5.40
CA GLN F 82 -60.96 34.33 4.33
C GLN F 82 -62.40 34.62 3.93
N GLU F 83 -63.25 33.59 3.93
CA GLU F 83 -64.65 33.82 3.61
C GLU F 83 -65.39 34.54 4.73
N LEU F 84 -64.97 34.35 5.98
CA LEU F 84 -65.66 35.00 7.08
C LEU F 84 -65.23 36.46 7.27
N LEU F 85 -64.03 36.82 6.84
CA LEU F 85 -63.52 38.17 7.09
C LEU F 85 -64.46 39.26 6.62
N PRO F 86 -65.00 39.23 5.41
CA PRO F 86 -65.91 40.31 4.99
C PRO F 86 -67.08 40.53 5.94
N GLN F 87 -67.62 39.46 6.51
CA GLN F 87 -68.81 39.60 7.35
C GLN F 87 -68.48 40.22 8.70
N TYR F 88 -67.23 40.17 9.13
CA TYR F 88 -66.82 40.69 10.42
C TYR F 88 -66.24 42.10 10.33
N LYS F 89 -66.15 42.67 9.13
CA LYS F 89 -65.58 44.00 8.95
C LYS F 89 -66.60 45.05 9.36
N GLU F 90 -66.14 46.04 10.14
CA GLU F 90 -66.98 47.13 10.62
C GLU F 90 -66.63 48.46 9.96
N ARG F 91 -65.34 48.78 9.86
CA ARG F 91 -64.90 50.06 9.35
C ARG F 91 -63.81 49.84 8.32
N GLU F 92 -63.45 50.91 7.62
CA GLU F 92 -62.40 50.82 6.61
C GLU F 92 -61.02 50.76 7.26
N VAL F 93 -60.06 50.25 6.51
CA VAL F 93 -58.69 50.13 7.00
C VAL F 93 -58.04 51.51 7.03
N VAL F 94 -57.40 51.82 8.14
CA VAL F 94 -56.86 53.17 8.33
C VAL F 94 -55.78 53.48 7.31
N ASN F 95 -54.86 52.54 7.11
CA ASN F 95 -53.66 52.78 6.31
C ASN F 95 -53.50 51.70 5.25
N LYS F 96 -53.28 52.14 4.01
CA LYS F 96 -53.11 51.24 2.87
C LYS F 96 -51.67 51.34 2.39
N ASP F 97 -50.96 50.22 2.41
CA ASP F 97 -49.56 50.19 2.01
C ASP F 97 -49.45 49.86 0.52
N VAL F 98 -48.24 49.54 0.08
CA VAL F 98 -47.95 49.46 -1.35
C VAL F 98 -48.84 48.41 -2.02
N LEU F 99 -49.01 47.26 -1.36
CA LEU F 99 -49.82 46.20 -1.96
C LEU F 99 -51.26 46.65 -2.18
N ASP F 100 -51.84 47.33 -1.19
CA ASP F 100 -53.22 47.79 -1.33
C ASP F 100 -53.36 48.81 -2.45
N VAL F 101 -52.39 49.72 -2.57
CA VAL F 101 -52.44 50.71 -3.64
C VAL F 101 -52.34 50.00 -4.99
N TYR F 102 -51.47 49.00 -5.09
CA TYR F 102 -51.43 48.20 -6.31
C TYR F 102 -52.77 47.55 -6.61
N ILE F 103 -53.40 46.98 -5.59
CA ILE F 103 -54.68 46.30 -5.79
C ILE F 103 -55.72 47.28 -6.32
N GLU F 104 -55.83 48.44 -5.68
CA GLU F 104 -56.84 49.42 -6.07
C GLU F 104 -56.60 49.92 -7.50
N HIS F 105 -55.36 50.21 -7.85
CA HIS F 105 -55.03 50.69 -9.18
C HIS F 105 -55.25 49.57 -10.20
N GLN F 125 -58.10 36.48 -13.46
CA GLN F 125 -58.58 36.95 -12.17
C GLN F 125 -57.54 36.77 -11.08
N TYR F 126 -57.67 37.53 -10.00
CA TYR F 126 -56.73 37.43 -8.90
C TYR F 126 -56.83 36.05 -8.25
N PRO F 127 -55.71 35.41 -7.94
CA PRO F 127 -55.77 34.21 -7.09
C PRO F 127 -56.25 34.57 -5.69
N ALA F 128 -56.94 33.61 -5.06
CA ALA F 128 -57.46 33.86 -3.72
C ALA F 128 -56.36 34.14 -2.71
N GLU F 129 -55.13 33.71 -3.00
CA GLU F 129 -54.03 33.87 -2.05
C GLU F 129 -53.28 35.18 -2.22
N LEU F 130 -53.58 35.94 -3.28
CA LEU F 130 -52.93 37.24 -3.46
C LEU F 130 -53.51 38.28 -2.51
N MET F 131 -54.81 38.21 -2.24
CA MET F 131 -55.47 39.14 -1.33
C MET F 131 -55.33 38.75 0.12
N ARG F 132 -54.93 37.52 0.42
CA ARG F 132 -54.77 37.10 1.80
C ARG F 132 -53.64 37.87 2.46
N ARG F 133 -53.89 38.39 3.66
CA ARG F 133 -52.87 39.10 4.42
C ARG F 133 -52.65 38.51 5.80
N PHE F 134 -53.40 37.49 6.18
CA PHE F 134 -53.25 36.82 7.46
C PHE F 134 -52.55 35.48 7.28
N GLU F 135 -52.27 34.83 8.40
CA GLU F 135 -51.68 33.50 8.42
C GLU F 135 -52.45 32.65 9.43
N LEU F 136 -52.52 31.35 9.17
CA LEU F 136 -53.22 30.40 10.08
C LEU F 136 -52.24 29.32 10.54
N TYR F 137 -52.21 29.04 11.85
CA TYR F 137 -51.35 28.03 12.45
C TYR F 137 -52.17 27.24 13.47
N PHE F 138 -51.67 26.06 13.81
CA PHE F 138 -52.31 25.19 14.78
C PHE F 138 -51.47 25.13 16.05
N GLN F 139 -52.16 25.16 17.19
CA GLN F 139 -51.54 24.97 18.51
C GLN F 139 -51.85 23.55 18.95
N GLY F 140 -50.88 22.66 18.79
CA GLY F 140 -51.12 21.24 18.90
C GLY F 140 -51.89 20.86 20.14
N PRO F 141 -52.64 19.76 20.08
CA PRO F 141 -53.44 19.36 21.24
C PRO F 141 -52.56 18.94 22.40
N SER F 142 -53.07 19.12 23.62
CA SER F 142 -52.37 18.67 24.79
C SER F 142 -52.33 17.15 24.92
N SER F 143 -53.16 16.44 24.17
CA SER F 143 -53.13 14.97 24.19
C SER F 143 -51.94 14.42 23.43
N ASN F 144 -51.43 15.14 22.43
CA ASN F 144 -50.26 14.72 21.67
C ASN F 144 -49.02 15.10 22.45
N LYS F 145 -48.49 14.16 23.23
CA LYS F 145 -47.30 14.43 23.99
C LYS F 145 -46.10 14.60 23.06
N PRO F 146 -45.10 15.39 23.46
CA PRO F 146 -43.97 15.68 22.57
C PRO F 146 -43.12 14.46 22.31
N ARG F 147 -42.33 14.55 21.25
CA ARG F 147 -41.45 13.48 20.81
C ARG F 147 -40.02 14.00 20.75
N VAL F 148 -39.07 13.08 20.78
CA VAL F 148 -37.70 13.40 20.44
C VAL F 148 -37.54 13.22 18.93
N ILE F 149 -36.47 13.81 18.38
CA ILE F 149 -36.31 13.84 16.93
C ILE F 149 -36.22 12.44 16.35
N ARG F 150 -35.79 11.45 17.13
CA ARG F 150 -35.76 10.08 16.64
C ARG F 150 -37.15 9.51 16.40
N GLU F 151 -38.10 9.79 17.28
CA GLU F 151 -39.44 9.20 17.18
C GLU F 151 -40.28 9.83 16.09
N VAL F 152 -39.76 10.79 15.32
CA VAL F 152 -40.47 11.36 14.18
C VAL F 152 -40.02 10.55 12.96
N ARG F 153 -40.86 9.59 12.56
CA ARG F 153 -40.49 8.59 11.56
C ARG F 153 -41.46 8.66 10.37
N ALA F 154 -41.32 7.70 9.46
CA ALA F 154 -42.07 7.72 8.22
C ALA F 154 -43.58 7.63 8.43
N ASP F 155 -44.03 7.10 9.56
CA ASP F 155 -45.47 7.06 9.82
C ASP F 155 -46.03 8.42 10.16
N SER F 156 -45.19 9.41 10.42
CA SER F 156 -45.63 10.76 10.76
C SER F 156 -45.65 11.71 9.57
N VAL F 157 -45.30 11.24 8.38
CA VAL F 157 -45.24 12.14 7.23
C VAL F 157 -46.62 12.72 6.96
N GLY F 158 -46.70 14.03 6.89
CA GLY F 158 -47.94 14.72 6.65
C GLY F 158 -48.82 14.92 7.86
N LYS F 159 -48.32 14.63 9.06
CA LYS F 159 -49.10 14.74 10.29
C LYS F 159 -48.55 15.85 11.16
N LEU F 160 -49.36 16.26 12.14
CA LEU F 160 -48.99 17.32 13.07
C LEU F 160 -48.34 16.70 14.29
N VAL F 161 -47.10 17.11 14.56
CA VAL F 161 -46.31 16.55 15.66
C VAL F 161 -45.64 17.69 16.42
N THR F 162 -45.30 17.42 17.67
CA THR F 162 -44.58 18.35 18.53
C THR F 162 -43.23 17.75 18.88
N VAL F 163 -42.16 18.53 18.67
CA VAL F 163 -40.80 18.05 18.80
C VAL F 163 -40.01 19.01 19.67
N ARG F 164 -39.16 18.46 20.55
CA ARG F 164 -38.33 19.24 21.44
C ARG F 164 -36.85 19.09 21.06
N GLY F 165 -36.10 20.15 21.24
CA GLY F 165 -34.68 20.12 20.92
C GLY F 165 -34.02 21.44 21.26
N ILE F 166 -32.75 21.54 20.87
CA ILE F 166 -31.97 22.77 21.03
C ILE F 166 -31.75 23.35 19.64
N VAL F 167 -31.92 24.66 19.52
CA VAL F 167 -31.61 25.34 18.26
C VAL F 167 -30.11 25.48 18.13
N THR F 168 -29.57 25.01 17.00
CA THR F 168 -28.14 25.08 16.76
C THR F 168 -27.77 26.07 15.65
N ARG F 169 -28.66 26.44 14.78
CA ARG F 169 -28.44 27.33 13.69
C ARG F 169 -29.72 28.01 13.24
N VAL F 170 -29.66 29.32 13.00
CA VAL F 170 -30.78 30.07 12.47
C VAL F 170 -30.26 30.95 11.34
N SER F 171 -31.11 31.19 10.35
CA SER F 171 -30.75 32.00 9.20
C SER F 171 -31.41 33.37 9.30
N GLU F 172 -30.76 34.35 8.67
CA GLU F 172 -31.34 35.67 8.55
C GLU F 172 -32.68 35.58 7.81
N VAL F 173 -33.63 36.42 8.21
CA VAL F 173 -34.93 36.43 7.56
C VAL F 173 -34.79 36.89 6.12
N LYS F 174 -35.42 36.19 5.20
CA LYS F 174 -35.35 36.45 3.77
C LYS F 174 -36.75 36.45 3.18
N PRO F 175 -36.93 37.06 2.01
CA PRO F 175 -38.25 37.06 1.38
C PRO F 175 -38.49 35.84 0.50
N LYS F 176 -39.64 35.19 0.68
CA LYS F 176 -40.05 34.06 -0.14
C LYS F 176 -41.30 34.45 -0.91
N MET F 177 -41.33 34.13 -2.19
CA MET F 177 -42.46 34.51 -3.03
C MET F 177 -43.61 33.52 -2.86
N VAL F 178 -44.80 34.05 -2.65
CA VAL F 178 -46.02 33.25 -2.55
C VAL F 178 -46.83 33.32 -3.85
N VAL F 179 -47.01 34.53 -4.38
CA VAL F 179 -47.70 34.73 -5.65
C VAL F 179 -46.87 35.68 -6.49
N ALA F 180 -46.50 35.24 -7.69
CA ALA F 180 -45.74 36.06 -8.63
C ALA F 180 -46.69 36.74 -9.61
N THR F 181 -46.53 38.04 -9.78
CA THR F 181 -47.40 38.84 -10.64
C THR F 181 -46.59 39.40 -11.79
N TYR F 182 -47.10 39.23 -13.01
CA TYR F 182 -46.45 39.72 -14.22
C TYR F 182 -47.36 40.71 -14.94
N THR F 183 -46.75 41.52 -15.79
CA THR F 183 -47.47 42.45 -16.65
C THR F 183 -46.92 42.34 -18.06
N CYS F 184 -47.81 42.26 -19.04
CA CYS F 184 -47.42 42.20 -20.44
C CYS F 184 -47.24 43.61 -20.98
N ASP F 185 -46.06 43.87 -21.56
CA ASP F 185 -45.76 45.22 -22.02
C ASP F 185 -46.69 45.67 -23.14
N GLN F 186 -47.08 44.75 -24.01
CA GLN F 186 -47.89 45.10 -25.18
C GLN F 186 -49.37 45.29 -24.80
N CYS F 187 -50.01 44.24 -24.29
CA CYS F 187 -51.43 44.30 -23.97
C CYS F 187 -51.72 44.86 -22.58
N GLY F 188 -50.71 45.04 -21.75
CA GLY F 188 -50.92 45.61 -20.43
C GLY F 188 -51.78 44.79 -19.49
N ALA F 189 -52.02 43.53 -19.79
CA ALA F 189 -52.79 42.68 -18.89
C ALA F 189 -51.92 42.16 -17.77
N GLU F 190 -52.56 41.59 -16.76
CA GLU F 190 -51.89 41.08 -15.58
C GLU F 190 -52.06 39.56 -15.51
N THR F 191 -50.97 38.87 -15.17
CA THR F 191 -50.96 37.43 -15.01
C THR F 191 -50.41 37.08 -13.63
N TYR F 192 -50.89 35.98 -13.08
CA TYR F 192 -50.56 35.56 -11.72
C TYR F 192 -50.09 34.12 -11.71
N GLN F 193 -49.12 33.82 -10.83
CA GLN F 193 -48.50 32.50 -10.77
C GLN F 193 -48.31 32.11 -9.30
N PRO F 194 -49.33 31.55 -8.67
CA PRO F 194 -49.15 31.07 -7.30
C PRO F 194 -48.07 30.01 -7.22
N ILE F 195 -47.27 30.06 -6.16
CA ILE F 195 -46.08 29.24 -6.01
C ILE F 195 -46.21 28.43 -4.73
N GLN F 196 -45.97 27.11 -4.84
CA GLN F 196 -46.07 26.21 -3.70
C GLN F 196 -44.94 25.19 -3.69
N SER F 197 -43.77 25.57 -4.18
CA SER F 197 -42.63 24.67 -4.30
C SER F 197 -41.37 25.44 -3.92
N PRO F 198 -40.31 24.73 -3.51
CA PRO F 198 -39.04 25.43 -3.24
C PRO F 198 -38.45 26.12 -4.45
N THR F 199 -38.83 25.77 -5.66
CA THR F 199 -38.45 26.36 -6.89
C THR F 199 -39.63 26.47 -7.82
N PHE F 200 -39.60 27.35 -8.78
CA PHE F 200 -40.63 27.56 -9.74
C PHE F 200 -40.10 27.97 -11.09
N MET F 201 -40.91 27.88 -12.10
CA MET F 201 -40.65 28.20 -13.47
C MET F 201 -41.23 29.54 -13.80
N PRO F 202 -40.46 30.61 -14.01
CA PRO F 202 -41.04 31.89 -14.36
C PRO F 202 -41.71 31.89 -15.71
N LEU F 203 -42.77 32.68 -15.84
CA LEU F 203 -43.45 32.83 -17.12
C LEU F 203 -42.75 33.86 -17.97
N ILE F 204 -42.82 33.73 -19.27
CA ILE F 204 -42.15 34.50 -20.27
C ILE F 204 -43.08 35.25 -21.20
N MET F 205 -43.92 34.51 -21.91
CA MET F 205 -44.73 35.05 -22.99
C MET F 205 -46.18 35.21 -22.56
N CYS F 206 -46.77 36.33 -22.92
CA CYS F 206 -48.10 36.67 -22.45
C CYS F 206 -49.11 35.63 -22.92
N PRO F 207 -49.98 35.13 -22.04
CA PRO F 207 -51.04 34.20 -22.46
C PRO F 207 -52.38 34.86 -22.78
N SER F 208 -52.45 36.19 -22.80
CA SER F 208 -53.71 36.87 -23.06
C SER F 208 -54.18 36.62 -24.49
N GLN F 209 -55.49 36.72 -24.68
CA GLN F 209 -56.05 36.50 -26.01
C GLN F 209 -55.51 37.50 -27.01
N GLU F 210 -55.48 38.79 -26.64
CA GLU F 210 -55.04 39.82 -27.59
C GLU F 210 -53.64 39.51 -28.11
N CYS F 211 -52.70 39.20 -27.21
CA CYS F 211 -51.36 38.86 -27.64
C CYS F 211 -51.34 37.56 -28.44
N GLN F 212 -52.24 36.63 -28.11
CA GLN F 212 -52.28 35.30 -28.77
C GLN F 212 -52.87 35.42 -30.18
N THR F 213 -53.89 36.26 -30.39
CA THR F 213 -54.56 36.41 -31.71
C THR F 213 -53.54 36.94 -32.71
N ASN F 214 -52.68 37.87 -32.30
CA ASN F 214 -51.60 38.43 -33.15
C ASN F 214 -50.34 37.59 -32.94
N GLY F 218 -46.15 39.57 -26.88
CA GLY F 218 -45.63 40.34 -25.76
C GLY F 218 -44.82 39.50 -24.79
N ARG F 219 -43.96 40.16 -24.03
CA ARG F 219 -43.13 39.50 -23.03
C ARG F 219 -43.63 39.85 -21.62
N LEU F 220 -43.62 38.86 -20.75
CA LEU F 220 -44.00 39.05 -19.36
C LEU F 220 -42.79 39.46 -18.53
N TYR F 221 -43.02 40.38 -17.61
CA TYR F 221 -41.98 40.82 -16.68
C TYR F 221 -42.52 40.85 -15.26
N LEU F 222 -41.73 40.30 -14.34
CA LEU F 222 -42.15 40.20 -12.95
C LEU F 222 -42.26 41.58 -12.32
N GLN F 223 -43.39 41.82 -11.64
CA GLN F 223 -43.64 43.08 -10.93
C GLN F 223 -43.54 42.82 -9.44
N THR F 224 -42.44 43.27 -8.84
CA THR F 224 -42.21 43.03 -7.41
C THR F 224 -43.25 43.71 -6.56
N ARG F 225 -43.80 44.84 -7.01
CA ARG F 225 -44.78 45.57 -6.21
C ARG F 225 -46.12 44.84 -6.17
N GLY F 226 -46.48 44.12 -7.23
CA GLY F 226 -47.72 43.40 -7.26
C GLY F 226 -47.67 41.98 -6.75
N SER F 227 -46.47 41.46 -6.49
CA SER F 227 -46.32 40.13 -5.95
C SER F 227 -46.47 40.14 -4.43
N ARG F 228 -46.74 38.97 -3.87
CA ARG F 228 -46.84 38.79 -2.43
C ARG F 228 -45.66 37.96 -1.94
N PHE F 229 -44.93 38.50 -0.97
CA PHE F 229 -43.83 37.81 -0.31
C PHE F 229 -44.23 37.47 1.12
N ILE F 230 -43.40 36.64 1.76
CA ILE F 230 -43.56 36.32 3.16
C ILE F 230 -42.18 36.17 3.79
N LYS F 231 -42.10 36.50 5.08
CA LYS F 231 -40.86 36.30 5.81
C LYS F 231 -40.55 34.82 5.91
N PHE F 232 -39.30 34.46 5.64
CA PHE F 232 -38.87 33.07 5.63
C PHE F 232 -37.60 32.91 6.45
N GLN F 233 -37.48 31.78 7.13
CA GLN F 233 -36.32 31.50 7.97
C GLN F 233 -36.11 29.99 8.03
N GLU F 234 -34.83 29.58 8.06
CA GLU F 234 -34.46 28.18 8.18
C GLU F 234 -33.60 27.99 9.42
N MET F 235 -33.89 26.96 10.20
CA MET F 235 -33.14 26.69 11.42
C MET F 235 -32.93 25.18 11.59
N LYS F 236 -31.93 24.82 12.37
CA LYS F 236 -31.61 23.40 12.69
C LYS F 236 -31.89 23.18 14.17
N MET F 237 -32.50 22.07 14.54
CA MET F 237 -32.74 21.62 15.91
C MET F 237 -31.91 20.37 16.18
N GLN F 238 -31.59 20.11 17.41
CA GLN F 238 -30.80 19.02 17.90
C GLN F 238 -31.44 18.35 19.09
N GLU F 239 -31.10 17.08 19.30
CA GLU F 239 -31.62 16.35 20.44
C GLU F 239 -30.91 16.74 21.73
N HIS F 240 -31.64 16.66 22.83
CA HIS F 240 -31.05 16.83 24.15
C HIS F 240 -30.09 15.67 24.45
N SER F 241 -28.96 15.99 25.08
CA SER F 241 -27.97 14.96 25.36
C SER F 241 -28.53 13.88 26.26
N ASP F 242 -29.31 14.26 27.28
CA ASP F 242 -29.85 13.30 28.22
C ASP F 242 -30.87 12.35 27.60
N GLN F 243 -31.32 12.62 26.38
CA GLN F 243 -32.31 11.77 25.72
C GLN F 243 -31.72 10.85 24.68
N VAL F 244 -30.46 11.03 24.31
CA VAL F 244 -29.84 10.15 23.30
C VAL F 244 -29.69 8.76 23.88
N PRO F 245 -29.94 7.70 23.12
CA PRO F 245 -29.75 6.34 23.66
C PRO F 245 -28.27 6.04 23.90
N VAL F 246 -28.04 4.95 24.64
CA VAL F 246 -26.69 4.60 25.06
C VAL F 246 -25.83 4.35 23.84
N GLY F 247 -24.66 4.99 23.80
CA GLY F 247 -23.70 4.80 22.74
C GLY F 247 -24.16 5.28 21.37
N ASN F 248 -24.92 6.36 21.33
CA ASN F 248 -25.44 6.94 20.10
C ASN F 248 -25.01 8.40 19.97
N ILE F 249 -25.29 8.99 18.85
CA ILE F 249 -25.00 10.35 18.47
C ILE F 249 -26.28 11.11 18.28
N PRO F 250 -26.44 12.32 18.83
CA PRO F 250 -27.72 13.04 18.66
C PRO F 250 -28.04 13.30 17.19
N ARG F 251 -29.33 13.23 16.87
CA ARG F 251 -29.83 13.52 15.54
C ARG F 251 -30.37 14.95 15.49
N SER F 252 -30.56 15.47 14.30
CA SER F 252 -31.01 16.80 14.01
C SER F 252 -32.12 16.81 12.99
N ILE F 253 -32.95 17.85 13.03
CA ILE F 253 -34.03 18.03 12.08
C ILE F 253 -33.98 19.46 11.56
N THR F 254 -34.49 19.67 10.35
CA THR F 254 -34.56 20.98 9.73
C THR F 254 -35.96 21.54 9.89
N VAL F 255 -36.05 22.78 10.36
CA VAL F 255 -37.33 23.46 10.58
C VAL F 255 -37.39 24.67 9.68
N LEU F 256 -38.44 24.77 8.87
CA LEU F 256 -38.68 25.92 8.02
C LEU F 256 -39.75 26.78 8.64
N VAL F 257 -39.45 28.07 8.84
CA VAL F 257 -40.31 28.99 9.56
C VAL F 257 -40.73 30.11 8.62
N GLU F 258 -41.99 30.53 8.71
CA GLU F 258 -42.54 31.53 7.82
C GLU F 258 -43.35 32.56 8.60
N GLY F 259 -43.43 33.76 8.06
CA GLY F 259 -44.39 34.74 8.55
C GLY F 259 -44.07 35.20 9.96
N GLU F 260 -45.08 35.12 10.82
CA GLU F 260 -45.01 35.65 12.18
C GLU F 260 -44.33 34.70 13.14
N ASN F 261 -43.90 33.53 12.69
CA ASN F 261 -43.13 32.62 13.53
C ASN F 261 -41.64 32.87 13.44
N THR F 262 -41.21 33.90 12.70
CA THR F 262 -39.80 34.19 12.56
C THR F 262 -39.29 35.05 13.71
N ARG F 263 -37.97 35.09 13.85
CA ARG F 263 -37.29 35.89 14.87
C ARG F 263 -37.67 35.48 16.29
N ILE F 264 -38.19 34.27 16.48
CA ILE F 264 -38.52 33.78 17.80
C ILE F 264 -37.40 32.92 18.38
N ALA F 265 -36.80 32.06 17.56
CA ALA F 265 -35.77 31.13 18.02
C ALA F 265 -34.39 31.69 17.70
N GLN F 266 -33.45 31.49 18.61
CA GLN F 266 -32.06 31.85 18.44
C GLN F 266 -31.20 30.63 18.72
N PRO F 267 -29.95 30.62 18.24
CA PRO F 267 -29.06 29.49 18.57
C PRO F 267 -28.91 29.37 20.08
N GLY F 268 -29.06 28.13 20.57
CA GLY F 268 -28.84 27.81 21.95
C GLY F 268 -30.11 27.65 22.78
N ASP F 269 -31.24 28.20 22.35
CA ASP F 269 -32.45 28.10 23.15
C ASP F 269 -33.06 26.72 23.04
N HIS F 270 -33.83 26.36 24.07
CA HIS F 270 -34.57 25.10 24.11
C HIS F 270 -36.00 25.40 23.70
N VAL F 271 -36.47 24.73 22.64
CA VAL F 271 -37.73 25.06 22.02
C VAL F 271 -38.59 23.81 21.89
N SER F 272 -39.90 24.02 21.82
CA SER F 272 -40.86 22.98 21.48
C SER F 272 -41.59 23.45 20.22
N VAL F 273 -41.42 22.70 19.14
CA VAL F 273 -41.90 23.10 17.83
C VAL F 273 -43.07 22.21 17.44
N THR F 274 -44.23 22.81 17.23
CA THR F 274 -45.38 22.14 16.65
C THR F 274 -45.39 22.42 15.15
N GLY F 275 -45.54 21.38 14.36
CA GLY F 275 -45.45 21.54 12.92
C GLY F 275 -45.81 20.28 12.19
N ILE F 276 -45.57 20.29 10.88
CA ILE F 276 -45.95 19.21 9.98
C ILE F 276 -44.68 18.61 9.40
N PHE F 277 -44.59 17.28 9.46
CA PHE F 277 -43.42 16.55 8.99
C PHE F 277 -43.62 16.21 7.52
N LEU F 278 -42.78 16.77 6.65
CA LEU F 278 -42.99 16.69 5.21
C LEU F 278 -41.69 16.36 4.50
N PRO F 279 -41.77 15.73 3.33
CA PRO F 279 -40.58 15.52 2.50
C PRO F 279 -40.25 16.72 1.63
N ILE F 280 -39.00 16.89 1.33
CA ILE F 280 -38.46 17.92 0.50
C ILE F 280 -38.59 17.56 -0.96
N LEU F 281 -39.23 18.36 -1.76
CA LEU F 281 -39.46 18.16 -3.16
C LEU F 281 -38.24 18.54 -3.97
N ARG F 282 -37.79 17.62 -4.82
CA ARG F 282 -36.69 17.94 -5.73
C ARG F 282 -37.29 18.58 -6.97
N THR F 283 -36.46 19.13 -7.83
CA THR F 283 -36.85 19.81 -9.02
C THR F 283 -35.88 19.61 -10.16
N GLY F 284 -36.32 19.77 -11.37
CA GLY F 284 -35.54 19.64 -12.52
C GLY F 284 -35.15 18.23 -12.85
N PHE F 285 -33.97 18.01 -13.42
CA PHE F 285 -33.46 16.66 -13.70
C PHE F 285 -33.20 15.85 -12.43
N ARG F 286 -32.94 16.51 -11.30
CA ARG F 286 -32.72 15.86 -10.01
C ARG F 286 -33.94 15.07 -9.50
N GLN F 287 -35.17 15.30 -9.98
CA GLN F 287 -36.29 14.45 -9.75
C GLN F 287 -36.06 13.08 -10.34
N VAL F 288 -35.60 13.01 -11.55
CA VAL F 288 -35.39 11.80 -12.28
C VAL F 288 -34.29 10.97 -11.68
N VAL F 289 -33.13 11.59 -11.40
CA VAL F 289 -31.94 10.86 -10.95
C VAL F 289 -32.13 10.23 -9.57
N GLN F 290 -32.73 10.94 -8.62
CA GLN F 290 -33.00 10.48 -7.29
C GLN F 290 -34.16 9.51 -7.27
N GLY F 291 -34.11 8.48 -6.50
CA GLY F 291 -35.09 7.49 -6.41
C GLY F 291 -36.28 7.81 -5.55
N LEU F 292 -36.74 6.88 -4.76
CA LEU F 292 -37.87 7.00 -3.89
C LEU F 292 -37.56 7.55 -2.53
N LEU F 293 -36.32 7.81 -2.20
CA LEU F 293 -35.86 8.39 -1.00
C LEU F 293 -35.98 9.89 -1.01
N SER F 294 -36.27 10.49 0.14
CA SER F 294 -36.42 11.93 0.24
C SER F 294 -35.86 12.42 1.56
N GLU F 295 -35.34 13.62 1.59
CA GLU F 295 -35.04 14.37 2.74
C GLU F 295 -36.30 14.94 3.35
N THR F 296 -36.26 15.27 4.64
CA THR F 296 -37.44 15.73 5.34
C THR F 296 -37.17 17.07 6.01
N TYR F 297 -38.24 17.71 6.45
CA TYR F 297 -38.16 18.94 7.23
C TYR F 297 -39.45 19.07 8.03
N LEU F 298 -39.42 19.95 9.01
CA LEU F 298 -40.58 20.26 9.83
C LEU F 298 -41.09 21.65 9.45
N GLU F 299 -42.34 21.73 9.03
CA GLU F 299 -42.96 23.00 8.69
C GLU F 299 -43.55 23.61 9.96
N ALA F 300 -42.91 24.65 10.46
CA ALA F 300 -43.25 25.19 11.78
C ALA F 300 -44.63 25.82 11.78
N HIS F 301 -45.39 25.51 12.82
CA HIS F 301 -46.67 26.16 13.10
C HIS F 301 -46.68 26.96 14.39
N ARG F 302 -45.97 26.50 15.41
CA ARG F 302 -45.89 27.22 16.68
C ARG F 302 -44.56 26.88 17.32
N ILE F 303 -43.81 27.90 17.72
CA ILE F 303 -42.51 27.74 18.36
C ILE F 303 -42.61 28.30 19.76
N VAL F 304 -42.34 27.47 20.76
CA VAL F 304 -42.41 27.84 22.17
C VAL F 304 -41.03 27.67 22.77
N LYS F 305 -40.52 28.73 23.40
CA LYS F 305 -39.22 28.69 24.03
C LYS F 305 -39.34 28.18 25.46
N MET F 306 -38.38 27.34 25.86
CA MET F 306 -38.37 26.76 27.20
C MET F 306 -37.00 26.94 27.85
N GLU F 322 -44.16 40.50 51.67
CA GLU F 322 -42.83 41.00 51.25
C GLU F 322 -41.75 40.02 51.74
N GLU F 323 -42.00 38.71 51.60
CA GLU F 323 -41.02 37.67 51.98
C GLU F 323 -39.77 37.80 51.11
N LEU F 324 -39.95 38.07 49.82
CA LEU F 324 -38.82 38.23 48.87
C LEU F 324 -37.99 39.42 49.32
N ARG F 325 -38.66 40.51 49.73
CA ARG F 325 -37.97 41.72 50.24
C ARG F 325 -37.24 41.33 51.52
N GLN F 326 -37.87 40.51 52.35
CA GLN F 326 -37.29 40.08 53.65
C GLN F 326 -35.98 39.33 53.40
N ILE F 327 -35.96 38.46 52.38
CA ILE F 327 -34.74 37.70 52.04
C ILE F 327 -33.68 38.72 51.64
N ALA F 328 -34.03 39.74 50.87
CA ALA F 328 -33.08 40.78 50.42
C ALA F 328 -32.68 41.66 51.62
N GLU F 329 -33.57 41.90 52.57
CA GLU F 329 -33.34 42.83 53.70
C GLU F 329 -32.22 42.46 54.69
N GLU F 330 -32.06 41.18 55.08
CA GLU F 330 -31.13 40.79 56.17
C GLU F 330 -30.06 39.79 55.79
N ASP F 331 -28.79 40.04 56.16
CA ASP F 331 -27.66 39.09 55.94
C ASP F 331 -27.78 38.44 54.56
N PHE F 332 -28.27 39.15 53.56
CA PHE F 332 -28.53 38.57 52.22
C PHE F 332 -27.22 38.25 51.49
N TYR F 333 -26.11 38.93 51.74
CA TYR F 333 -24.86 38.58 51.07
C TYR F 333 -24.36 37.22 51.54
N GLU F 334 -24.40 36.97 52.85
CA GLU F 334 -23.96 35.68 53.37
C GLU F 334 -24.86 34.55 52.86
N LYS F 335 -26.16 34.79 52.83
CA LYS F 335 -27.10 33.76 52.41
C LYS F 335 -26.90 33.39 50.95
N LEU F 336 -26.71 34.39 50.09
CA LEU F 336 -26.56 34.11 48.66
C LEU F 336 -25.25 33.39 48.37
N ALA F 337 -24.16 33.81 49.03
CA ALA F 337 -22.87 33.17 48.80
C ALA F 337 -22.90 31.72 49.24
N ALA F 338 -23.49 31.45 50.41
CA ALA F 338 -23.59 30.08 50.90
C ALA F 338 -24.42 29.20 49.98
N SER F 339 -25.26 29.79 49.14
CA SER F 339 -26.12 29.04 48.25
C SER F 339 -25.43 28.62 46.96
N ILE F 340 -24.17 28.98 46.77
CA ILE F 340 -23.40 28.58 45.60
C ILE F 340 -22.89 27.16 45.83
N ALA F 341 -23.37 26.22 45.03
CA ALA F 341 -22.96 24.82 45.10
C ALA F 341 -22.98 24.32 46.55
N PRO F 342 -24.17 24.20 47.16
CA PRO F 342 -24.22 23.77 48.56
C PRO F 342 -23.64 22.39 48.79
N GLU F 343 -23.62 21.53 47.77
CA GLU F 343 -23.03 20.21 47.90
C GLU F 343 -21.51 20.25 48.07
N ILE F 344 -20.88 21.41 47.87
CA ILE F 344 -19.47 21.59 48.13
C ILE F 344 -19.31 22.15 49.55
N TYR F 345 -18.21 21.77 50.20
CA TYR F 345 -17.98 22.09 51.60
C TYR F 345 -16.71 22.91 51.76
N GLY F 346 -16.81 23.99 52.53
CA GLY F 346 -15.65 24.64 53.10
C GLY F 346 -15.06 25.81 52.33
N HIS F 347 -15.52 26.07 51.12
CA HIS F 347 -14.97 27.17 50.32
C HIS F 347 -15.80 28.44 50.49
N GLU F 348 -15.94 28.91 51.73
CA GLU F 348 -16.85 30.01 52.00
C GLU F 348 -16.42 31.29 51.29
N ASP F 349 -15.13 31.64 51.38
CA ASP F 349 -14.67 32.91 50.83
C ASP F 349 -14.54 32.85 49.32
N VAL F 350 -14.16 31.70 48.77
CA VAL F 350 -14.14 31.54 47.32
C VAL F 350 -15.55 31.70 46.77
N LYS F 351 -16.54 31.12 47.45
CA LYS F 351 -17.92 31.25 47.01
C LYS F 351 -18.38 32.70 47.03
N LYS F 352 -17.92 33.46 48.03
CA LYS F 352 -18.25 34.88 48.07
C LYS F 352 -17.64 35.63 46.89
N ALA F 353 -16.40 35.28 46.52
CA ALA F 353 -15.77 35.92 45.38
C ALA F 353 -16.51 35.60 44.09
N LEU F 354 -16.98 34.37 43.93
CA LEU F 354 -17.68 33.99 42.71
C LEU F 354 -19.00 34.74 42.56
N LEU F 355 -19.64 35.09 43.67
CA LEU F 355 -20.88 35.85 43.60
C LEU F 355 -20.63 37.25 43.04
N LEU F 356 -19.50 37.86 43.40
CA LEU F 356 -19.15 39.17 42.85
C LEU F 356 -18.94 39.08 41.35
N LEU F 357 -18.28 38.01 40.87
CA LEU F 357 -18.09 37.83 39.45
C LEU F 357 -19.42 37.72 38.71
N LEU F 358 -20.47 37.26 39.41
CA LEU F 358 -21.78 37.16 38.78
C LEU F 358 -22.45 38.52 38.62
N VAL F 359 -22.37 39.39 39.62
CA VAL F 359 -22.98 40.71 39.51
C VAL F 359 -22.15 41.61 38.61
N GLY F 360 -20.83 41.62 38.80
CA GLY F 360 -19.91 42.07 37.78
C GLY F 360 -19.42 43.50 37.88
N GLY F 361 -19.81 44.25 38.90
CA GLY F 361 -19.34 45.61 39.05
C GLY F 361 -20.01 46.59 38.10
N VAL F 362 -19.81 47.87 38.39
CA VAL F 362 -20.44 48.95 37.62
C VAL F 362 -19.70 49.14 36.31
N ASP F 363 -20.47 49.36 35.24
CA ASP F 363 -19.91 49.44 33.89
C ASP F 363 -19.58 50.86 33.45
N GLN F 364 -20.09 51.88 34.14
CA GLN F 364 -19.97 53.26 33.71
C GLN F 364 -19.21 54.06 34.76
N SER F 365 -18.49 55.07 34.30
CA SER F 365 -17.87 56.04 35.19
C SER F 365 -18.95 56.97 35.73
N PRO F 366 -18.60 57.86 36.66
CA PRO F 366 -19.61 58.77 37.20
C PRO F 366 -20.22 59.70 36.16
N ARG F 367 -19.56 59.88 35.00
CA ARG F 367 -20.05 60.78 33.97
C ARG F 367 -20.70 60.03 32.80
N GLY F 368 -20.92 58.73 32.92
CA GLY F 368 -21.49 57.96 31.84
C GLY F 368 -20.51 57.38 30.86
N MET F 369 -19.22 57.69 31.00
CA MET F 369 -18.21 57.07 30.15
C MET F 369 -18.13 55.58 30.46
N LYS F 370 -17.98 54.77 29.42
CA LYS F 370 -17.91 53.33 29.60
C LYS F 370 -16.57 52.93 30.21
N ILE F 371 -16.63 52.09 31.24
CA ILE F 371 -15.44 51.51 31.85
C ILE F 371 -15.69 50.02 32.07
N ARG F 372 -14.61 49.27 32.24
CA ARG F 372 -14.71 47.82 32.35
C ARG F 372 -15.14 47.44 33.76
N GLY F 373 -16.25 46.70 33.86
CA GLY F 373 -16.75 46.26 35.14
C GLY F 373 -16.47 44.79 35.39
N ASN F 374 -16.37 44.01 34.32
CA ASN F 374 -16.17 42.57 34.43
C ASN F 374 -15.01 42.26 35.37
N ILE F 375 -15.21 41.26 36.23
CA ILE F 375 -14.24 40.84 37.22
C ILE F 375 -13.72 39.47 36.83
N ASN F 376 -12.40 39.32 36.81
CA ASN F 376 -11.75 38.07 36.41
C ASN F 376 -11.15 37.40 37.65
N ILE F 377 -11.40 36.10 37.80
CA ILE F 377 -10.93 35.31 38.92
C ILE F 377 -10.26 34.05 38.40
N CYS F 378 -9.16 33.66 39.02
CA CYS F 378 -8.47 32.42 38.69
C CYS F 378 -8.28 31.60 39.95
N LEU F 379 -8.72 30.34 39.92
CA LEU F 379 -8.61 29.42 41.04
C LEU F 379 -7.47 28.45 40.75
N MET F 380 -6.37 28.62 41.48
CA MET F 380 -5.21 27.74 41.37
C MET F 380 -5.13 26.85 42.59
N GLY F 381 -5.00 25.55 42.37
CA GLY F 381 -4.93 24.63 43.50
C GLY F 381 -4.57 23.23 43.05
N ASP F 382 -4.33 22.39 44.05
CA ASP F 382 -3.97 20.99 43.82
C ASP F 382 -5.22 20.18 43.51
N PRO F 383 -5.05 18.97 42.97
CA PRO F 383 -6.20 18.23 42.43
C PRO F 383 -7.24 17.90 43.48
N GLY F 384 -8.48 17.74 43.01
CA GLY F 384 -9.58 17.30 43.84
C GLY F 384 -9.95 18.25 44.96
N VAL F 385 -10.06 19.53 44.66
CA VAL F 385 -10.54 20.52 45.61
C VAL F 385 -11.81 21.22 45.11
N ALA F 386 -12.52 20.58 44.18
CA ALA F 386 -13.82 21.04 43.70
C ALA F 386 -13.72 22.26 42.79
N LYS F 387 -12.59 22.43 42.09
CA LYS F 387 -12.49 23.52 41.13
C LYS F 387 -13.45 23.31 39.96
N SER F 388 -13.43 22.11 39.36
CA SER F 388 -14.31 21.83 38.25
C SER F 388 -15.78 21.82 38.67
N GLN F 389 -16.06 21.36 39.89
CA GLN F 389 -17.43 21.38 40.38
C GLN F 389 -17.92 22.82 40.54
N LEU F 390 -17.07 23.71 41.05
CA LEU F 390 -17.48 25.10 41.19
C LEU F 390 -17.69 25.77 39.83
N LEU F 391 -16.79 25.51 38.88
CA LEU F 391 -16.96 26.06 37.55
C LEU F 391 -18.23 25.51 36.90
N SER F 392 -18.48 24.22 37.04
CA SER F 392 -19.69 23.63 36.48
C SER F 392 -20.94 24.27 37.07
N TYR F 393 -20.90 24.59 38.36
CA TYR F 393 -22.06 25.22 38.98
C TYR F 393 -22.30 26.60 38.38
N ILE F 394 -21.25 27.40 38.22
CA ILE F 394 -21.40 28.77 37.74
C ILE F 394 -21.94 28.78 36.32
N ASP F 395 -21.53 27.80 35.51
CA ASP F 395 -22.07 27.71 34.16
C ASP F 395 -23.57 27.49 34.17
N ARG F 396 -24.06 26.61 35.05
CA ARG F 396 -25.48 26.31 35.07
C ARG F 396 -26.29 27.48 35.60
N LEU F 397 -25.73 28.23 36.56
CA LEU F 397 -26.43 29.37 37.13
C LEU F 397 -26.43 30.57 36.21
N ALA F 398 -25.33 30.82 35.52
CA ALA F 398 -25.22 32.02 34.71
C ALA F 398 -26.25 32.00 33.58
N PRO F 399 -26.93 33.12 33.31
CA PRO F 399 -27.93 33.12 32.24
C PRO F 399 -27.30 32.89 30.87
N ARG F 400 -26.20 33.58 30.61
CA ARG F 400 -25.43 33.40 29.38
C ARG F 400 -24.01 33.02 29.77
N SER F 401 -23.57 31.84 29.35
CA SER F 401 -22.28 31.34 29.77
C SER F 401 -21.84 30.22 28.83
N GLN F 402 -20.54 29.92 28.87
CA GLN F 402 -19.97 28.83 28.09
C GLN F 402 -18.87 28.17 28.90
N TYR F 403 -18.90 26.85 28.99
CA TYR F 403 -17.88 26.07 29.67
C TYR F 403 -16.99 25.42 28.62
N THR F 404 -15.67 25.56 28.81
CA THR F 404 -14.70 25.01 27.89
C THR F 404 -13.55 24.40 28.67
N THR F 405 -12.87 23.45 28.03
CA THR F 405 -11.70 22.80 28.58
C THR F 405 -10.47 23.24 27.80
N GLY F 406 -9.30 22.99 28.39
CA GLY F 406 -8.06 23.42 27.77
C GLY F 406 -7.83 22.80 26.40
N ARG F 407 -8.28 21.56 26.22
CA ARG F 407 -8.07 20.85 24.96
C ARG F 407 -9.34 20.33 24.31
N GLY F 408 -10.51 20.58 24.91
CA GLY F 408 -11.76 20.18 24.28
C GLY F 408 -12.14 21.03 23.08
N SER F 409 -11.65 22.27 23.03
CA SER F 409 -11.95 23.17 21.93
C SER F 409 -10.84 24.19 21.79
N SER F 410 -10.53 24.59 20.60
CA SER F 410 -9.52 25.54 20.25
C SER F 410 -9.85 26.27 18.97
N GLY F 411 -9.32 27.44 18.76
CA GLY F 411 -9.54 28.22 17.61
C GLY F 411 -10.97 28.51 17.34
N GLY F 432 -13.99 30.54 19.99
CA GLY F 432 -15.35 30.69 19.54
C GLY F 432 -16.31 30.85 20.70
N ALA F 433 -16.06 30.11 21.78
CA ALA F 433 -16.95 30.16 22.94
C ALA F 433 -17.01 31.56 23.55
N LEU F 434 -15.95 32.34 23.38
CA LEU F 434 -15.93 33.69 23.97
C LEU F 434 -17.03 34.56 23.37
N VAL F 435 -17.26 34.46 22.07
CA VAL F 435 -18.28 35.28 21.42
C VAL F 435 -19.66 34.92 21.97
N LEU F 436 -19.97 33.63 22.09
CA LEU F 436 -21.25 33.23 22.63
C LEU F 436 -21.38 33.59 24.10
N ALA F 437 -20.27 33.86 24.80
CA ALA F 437 -20.30 34.25 26.19
C ALA F 437 -20.23 35.75 26.38
N ASP F 438 -20.41 36.53 25.32
CA ASP F 438 -20.41 37.98 25.45
C ASP F 438 -21.52 38.43 26.39
N GLN F 439 -21.18 39.35 27.28
CA GLN F 439 -22.07 39.78 28.36
C GLN F 439 -22.35 38.67 29.37
N GLY F 440 -21.54 37.61 29.35
CA GLY F 440 -21.75 36.45 30.20
C GLY F 440 -20.50 36.08 30.95
N VAL F 441 -20.32 34.77 31.14
CA VAL F 441 -19.19 34.22 31.88
C VAL F 441 -18.57 33.12 31.04
N CYS F 442 -17.24 33.13 30.93
CA CYS F 442 -16.50 32.09 30.22
C CYS F 442 -15.68 31.30 31.24
N CYS F 443 -16.12 30.08 31.51
CA CYS F 443 -15.45 29.20 32.47
C CYS F 443 -14.39 28.40 31.72
N ILE F 444 -13.13 28.66 32.00
CA ILE F 444 -12.00 28.01 31.33
C ILE F 444 -11.40 27.02 32.30
N ASP F 445 -11.71 25.73 32.10
CA ASP F 445 -11.15 24.68 32.92
C ASP F 445 -9.82 24.22 32.35
N GLU F 446 -8.94 23.75 33.23
CA GLU F 446 -7.59 23.32 32.84
C GLU F 446 -6.87 24.47 32.13
N PHE F 447 -6.84 25.62 32.81
CA PHE F 447 -6.39 26.86 32.18
C PHE F 447 -4.92 26.80 31.76
N ASP F 448 -4.13 25.92 32.36
CA ASP F 448 -2.71 25.84 32.03
C ASP F 448 -2.42 24.78 30.96
N LYS F 449 -3.45 24.17 30.38
CA LYS F 449 -3.28 23.19 29.31
C LYS F 449 -3.46 23.78 27.92
N MET F 450 -3.77 25.07 27.81
CA MET F 450 -4.05 25.66 26.51
C MET F 450 -2.77 25.95 25.75
N ALA F 451 -2.92 26.15 24.44
CA ALA F 451 -1.80 26.49 23.59
C ALA F 451 -1.55 28.00 23.60
N GLU F 452 -0.46 28.41 22.95
CA GLU F 452 -0.13 29.83 22.90
C GLU F 452 -1.21 30.63 22.17
N ALA F 453 -1.72 30.09 21.06
CA ALA F 453 -2.75 30.82 20.32
C ALA F 453 -3.97 31.07 21.20
N ASP F 454 -4.41 30.04 21.94
CA ASP F 454 -5.54 30.21 22.83
C ASP F 454 -5.22 31.21 23.94
N ARG F 455 -3.97 31.20 24.42
CA ARG F 455 -3.58 32.13 25.48
C ARG F 455 -3.64 33.57 24.99
N THR F 456 -3.19 33.82 23.76
CA THR F 456 -3.22 35.18 23.22
C THR F 456 -4.64 35.70 23.14
N ALA F 457 -5.58 34.86 22.72
CA ALA F 457 -6.98 35.28 22.64
C ALA F 457 -7.51 35.68 24.01
N ILE F 458 -7.21 34.88 25.04
CA ILE F 458 -7.70 35.20 26.38
C ILE F 458 -7.08 36.49 26.88
N HIS F 459 -5.80 36.70 26.58
CA HIS F 459 -5.13 37.92 27.01
C HIS F 459 -5.79 39.16 26.41
N GLU F 460 -6.17 39.09 25.13
CA GLU F 460 -6.72 40.25 24.47
C GLU F 460 -8.14 40.52 24.93
N VAL F 461 -8.86 39.48 25.36
CA VAL F 461 -10.21 39.66 25.86
C VAL F 461 -10.19 40.38 27.21
N MET F 462 -9.27 40.00 28.08
CA MET F 462 -9.16 40.66 29.38
C MET F 462 -8.64 42.09 29.24
N GLU F 463 -8.16 42.46 28.06
CA GLU F 463 -7.67 43.81 27.80
C GLU F 463 -8.68 44.68 27.07
N GLN F 464 -9.15 44.25 25.90
CA GLN F 464 -10.02 45.07 25.07
C GLN F 464 -11.47 44.64 25.04
N GLN F 465 -11.81 43.46 25.59
CA GLN F 465 -13.19 42.98 25.56
C GLN F 465 -13.70 42.79 24.13
N THR F 466 -12.82 42.34 23.24
CA THR F 466 -13.18 42.07 21.86
C THR F 466 -12.25 40.97 21.35
N ILE F 467 -12.65 40.36 20.24
CA ILE F 467 -11.86 39.33 19.58
C ILE F 467 -11.65 39.75 18.13
N SER F 468 -10.39 39.76 17.70
CA SER F 468 -10.01 40.19 16.36
C SER F 468 -9.62 38.97 15.53
N ILE F 469 -10.18 38.87 14.33
CA ILE F 469 -9.89 37.78 13.41
C ILE F 469 -9.46 38.38 12.08
N ALA F 470 -8.65 37.62 11.34
CA ALA F 470 -8.11 38.08 10.06
C ALA F 470 -8.24 36.95 9.06
N LYS F 471 -9.19 37.09 8.14
CA LYS F 471 -9.40 36.10 7.07
C LYS F 471 -8.56 36.52 5.88
N ALA F 472 -7.30 36.07 5.87
CA ALA F 472 -6.37 36.37 4.78
C ALA F 472 -6.25 37.88 4.54
N GLY F 473 -6.11 38.63 5.62
CA GLY F 473 -5.96 40.07 5.56
C GLY F 473 -7.23 40.85 5.76
N ILE F 474 -8.40 40.21 5.71
CA ILE F 474 -9.67 40.87 5.94
C ILE F 474 -9.92 40.82 7.45
N LEU F 475 -9.70 41.95 8.12
CA LEU F 475 -9.84 42.01 9.56
C LEU F 475 -11.31 42.13 9.96
N THR F 476 -11.59 41.72 11.20
CA THR F 476 -12.92 41.83 11.77
C THR F 476 -12.79 41.77 13.28
N THR F 477 -13.66 42.52 13.96
CA THR F 477 -13.64 42.60 15.42
C THR F 477 -15.00 42.17 15.95
N LEU F 478 -14.99 41.28 16.93
CA LEU F 478 -16.22 40.78 17.55
C LEU F 478 -16.22 41.16 19.03
N ASN F 479 -17.43 41.36 19.56
CA ASN F 479 -17.57 41.72 20.96
C ASN F 479 -17.28 40.51 21.84
N ALA F 480 -16.43 40.71 22.84
CA ALA F 480 -16.07 39.68 23.81
C ALA F 480 -16.13 40.25 25.22
N ARG F 481 -17.17 41.01 25.56
CA ARG F 481 -17.34 41.66 26.90
C ARG F 481 -17.81 40.63 27.92
N CYS F 482 -16.94 39.70 28.32
CA CYS F 482 -17.24 38.56 29.16
C CYS F 482 -16.27 38.49 30.33
N SER F 483 -16.71 37.84 31.40
CA SER F 483 -15.88 37.61 32.57
C SER F 483 -15.16 36.27 32.44
N ILE F 484 -13.96 36.20 32.99
CA ILE F 484 -13.09 35.04 32.87
C ILE F 484 -12.94 34.40 34.24
N LEU F 485 -13.36 33.14 34.35
CA LEU F 485 -13.18 32.33 35.56
C LEU F 485 -12.34 31.12 35.16
N ALA F 486 -11.08 31.13 35.59
CA ALA F 486 -10.12 30.11 35.19
C ALA F 486 -9.76 29.21 36.36
N ALA F 487 -9.48 27.95 36.04
CA ALA F 487 -9.01 26.96 37.00
C ALA F 487 -7.74 26.33 36.49
N ALA F 488 -6.73 26.23 37.35
CA ALA F 488 -5.43 25.71 36.94
C ALA F 488 -4.81 24.91 38.07
N ASN F 489 -3.95 23.97 37.69
CA ASN F 489 -3.15 23.20 38.63
C ASN F 489 -1.74 23.76 38.66
N PRO F 490 -1.19 24.11 39.83
CA PRO F 490 0.19 24.57 39.86
C PRO F 490 1.14 23.50 39.35
N ALA F 491 2.16 23.93 38.63
CA ALA F 491 3.10 23.00 38.01
C ALA F 491 3.79 22.14 39.06
N GLN F 506 2.78 27.51 36.04
CA GLN F 506 3.86 28.16 35.30
C GLN F 506 3.33 29.06 34.20
N LEU F 507 2.07 29.49 34.35
CA LEU F 507 1.49 30.39 33.38
C LEU F 507 2.23 31.73 33.39
N PRO F 508 2.25 32.44 32.26
CA PRO F 508 3.03 33.68 32.21
C PRO F 508 2.50 34.72 33.17
N ALA F 509 3.43 35.52 33.73
CA ALA F 509 3.04 36.54 34.69
C ALA F 509 2.18 37.61 34.04
N ALA F 510 2.42 37.90 32.76
CA ALA F 510 1.61 38.88 32.06
C ALA F 510 0.13 38.53 32.08
N LEU F 511 -0.19 37.25 32.22
CA LEU F 511 -1.58 36.81 32.25
C LEU F 511 -2.13 36.81 33.67
N LEU F 512 -1.29 36.49 34.67
CA LEU F 512 -1.78 36.35 36.03
C LEU F 512 -2.06 37.70 36.67
N SER F 513 -1.30 38.73 36.29
CA SER F 513 -1.51 40.05 36.86
C SER F 513 -2.82 40.68 36.42
N ARG F 514 -3.42 40.18 35.33
CA ARG F 514 -4.67 40.74 34.85
C ARG F 514 -5.87 40.31 35.69
N PHE F 515 -5.76 39.23 36.45
CA PHE F 515 -6.88 38.76 37.24
C PHE F 515 -7.06 39.63 38.48
N ASP F 516 -8.30 40.06 38.72
CA ASP F 516 -8.58 40.85 39.92
C ASP F 516 -8.33 40.06 41.19
N LEU F 517 -8.71 38.79 41.20
CA LEU F 517 -8.50 37.92 42.37
C LEU F 517 -7.77 36.67 41.93
N LEU F 518 -6.64 36.38 42.56
CA LEU F 518 -5.89 35.16 42.33
C LEU F 518 -5.95 34.34 43.62
N TRP F 519 -6.74 33.28 43.60
CA TRP F 519 -6.99 32.47 44.79
C TRP F 519 -6.20 31.18 44.69
N LEU F 520 -5.34 30.94 45.67
CA LEU F 520 -4.56 29.70 45.74
C LEU F 520 -5.26 28.80 46.75
N ILE F 521 -6.00 27.80 46.26
CA ILE F 521 -6.69 26.80 47.13
C ILE F 521 -5.68 25.72 47.47
N GLN F 522 -5.27 25.62 48.74
CA GLN F 522 -4.32 24.59 49.22
C GLN F 522 -5.03 23.73 50.27
N ASP F 523 -5.01 22.41 50.10
CA ASP F 523 -5.67 21.47 51.04
C ASP F 523 -4.58 20.82 51.89
N ARG F 524 -4.29 21.38 53.07
CA ARG F 524 -3.34 20.75 53.97
C ARG F 524 -4.06 19.80 54.89
N PRO F 525 -3.66 18.53 54.98
CA PRO F 525 -4.42 17.59 55.80
C PRO F 525 -4.46 18.01 57.27
N ASP F 526 -5.62 17.82 57.89
CA ASP F 526 -5.85 18.18 59.32
C ASP F 526 -6.96 17.22 59.74
N ARG F 527 -6.93 16.60 60.91
CA ARG F 527 -7.88 15.54 61.23
C ARG F 527 -9.31 16.07 61.31
N ASP F 528 -9.54 17.10 62.14
CA ASP F 528 -10.91 17.53 62.39
C ASP F 528 -11.59 18.03 61.12
N ASN F 529 -10.87 18.83 60.32
CA ASN F 529 -11.45 19.33 59.08
C ASN F 529 -11.70 18.20 58.09
N ASP F 530 -10.75 17.26 57.98
CA ASP F 530 -10.96 16.12 57.09
C ASP F 530 -12.13 15.28 57.55
N LEU F 531 -12.32 15.16 58.87
CA LEU F 531 -13.48 14.45 59.40
C LEU F 531 -14.77 15.16 59.02
N ARG F 532 -14.79 16.49 59.13
CA ARG F 532 -16.00 17.24 58.80
C ARG F 532 -16.31 17.16 57.31
N LEU F 533 -15.29 17.28 56.46
CA LEU F 533 -15.53 17.17 55.03
C LEU F 533 -16.09 15.80 54.67
N ALA F 534 -15.53 14.74 55.27
CA ALA F 534 -16.00 13.39 54.98
C ALA F 534 -17.44 13.22 55.41
N GLN F 535 -17.81 13.77 56.57
CA GLN F 535 -19.19 13.67 57.03
C GLN F 535 -20.14 14.34 56.04
N HIS F 536 -19.74 15.48 55.49
CA HIS F 536 -20.56 16.16 54.49
C HIS F 536 -20.72 15.30 53.24
N ILE F 537 -19.62 14.78 52.71
CA ILE F 537 -19.68 14.06 51.45
C ILE F 537 -20.47 12.77 51.60
N THR F 538 -20.28 12.04 52.70
CA THR F 538 -21.01 10.80 52.90
C THR F 538 -22.52 11.05 52.96
N TYR F 539 -22.92 12.15 53.60
CA TYR F 539 -24.34 12.49 53.65
C TYR F 539 -24.89 12.73 52.25
N VAL F 540 -24.13 13.44 51.40
CA VAL F 540 -24.59 13.71 50.04
C VAL F 540 -24.78 12.42 49.27
N HIS F 541 -23.83 11.49 49.40
CA HIS F 541 -23.97 10.19 48.76
C HIS F 541 -25.13 9.41 49.36
N GLN F 542 -25.41 9.61 50.65
CA GLN F 542 -26.46 8.86 51.33
C GLN F 542 -27.85 9.37 50.98
N HIS F 543 -28.00 10.68 50.76
CA HIS F 543 -29.31 11.29 50.57
C HIS F 543 -29.43 12.08 49.27
N SER F 544 -28.35 12.21 48.49
CA SER F 544 -28.38 12.95 47.24
C SER F 544 -28.72 14.43 47.45
N ARG F 545 -28.42 14.95 48.65
CA ARG F 545 -28.55 16.38 48.93
C ARG F 545 -27.62 16.70 50.08
N GLN F 546 -27.35 18.00 50.25
CA GLN F 546 -26.45 18.43 51.30
C GLN F 546 -27.10 18.23 52.68
N PRO F 547 -26.30 18.04 53.72
CA PRO F 547 -26.87 17.93 55.06
C PRO F 547 -27.59 19.22 55.42
N PRO F 548 -28.64 19.12 56.24
CA PRO F 548 -29.42 20.33 56.57
C PRO F 548 -28.59 21.32 57.38
N SER F 549 -28.89 22.60 57.17
CA SER F 549 -28.26 23.68 57.91
C SER F 549 -29.35 24.62 58.42
N GLN F 550 -28.94 25.61 59.20
CA GLN F 550 -29.91 26.51 59.82
C GLN F 550 -30.68 27.30 58.77
N PHE F 551 -29.99 27.78 57.73
CA PHE F 551 -30.62 28.52 56.65
C PHE F 551 -30.66 27.65 55.40
N GLU F 552 -31.83 27.60 54.77
CA GLU F 552 -32.02 26.75 53.61
C GLU F 552 -31.47 27.43 52.35
N PRO F 553 -30.64 26.74 51.56
CA PRO F 553 -30.16 27.33 50.31
C PRO F 553 -31.31 27.64 49.36
N LEU F 554 -31.11 28.66 48.53
CA LEU F 554 -32.10 29.08 47.56
C LEU F 554 -31.90 28.35 46.24
N ASP F 555 -33.00 28.03 45.58
CA ASP F 555 -32.95 27.30 44.32
C ASP F 555 -32.41 28.18 43.20
N MET F 556 -31.91 27.53 42.16
CA MET F 556 -31.34 28.25 41.02
C MET F 556 -32.37 29.16 40.36
N LYS F 557 -33.59 28.66 40.18
CA LYS F 557 -34.66 29.47 39.59
C LYS F 557 -34.77 30.80 40.29
N LEU F 558 -34.66 30.80 41.61
CA LEU F 558 -34.84 31.99 42.44
C LEU F 558 -33.56 32.78 42.59
N MET F 559 -32.41 32.13 42.48
CA MET F 559 -31.14 32.86 42.60
C MET F 559 -30.88 33.72 41.38
N ARG F 560 -31.31 33.24 40.20
CA ARG F 560 -31.09 33.99 38.93
C ARG F 560 -31.98 35.23 38.90
N ARG F 561 -33.07 35.28 39.68
CA ARG F 561 -33.91 36.47 39.73
C ARG F 561 -33.23 37.60 40.51
N TYR F 562 -32.74 37.29 41.72
CA TYR F 562 -32.04 38.31 42.50
C TYR F 562 -30.78 38.80 41.79
N ILE F 563 -30.04 37.90 41.15
CA ILE F 563 -28.82 38.31 40.46
C ILE F 563 -29.16 39.30 39.36
N ALA F 564 -30.20 39.00 38.58
CA ALA F 564 -30.62 39.93 37.54
C ALA F 564 -31.13 41.24 38.12
N MET F 565 -31.92 41.16 39.19
CA MET F 565 -32.47 42.37 39.80
C MET F 565 -31.36 43.27 40.33
N CYS F 566 -30.37 42.68 41.00
CA CYS F 566 -29.26 43.49 41.52
C CYS F 566 -28.51 44.17 40.39
N ARG F 567 -28.34 43.47 39.26
CA ARG F 567 -27.50 43.97 38.17
C ARG F 567 -28.04 45.26 37.57
N GLU F 568 -29.31 45.60 37.82
CA GLU F 568 -29.88 46.80 37.23
C GLU F 568 -29.31 48.07 37.85
N LYS F 569 -28.98 48.03 39.14
CA LYS F 569 -28.44 49.22 39.80
C LYS F 569 -27.06 49.57 39.26
N GLN F 570 -26.74 50.86 39.30
CA GLN F 570 -25.46 51.39 38.83
C GLN F 570 -24.89 52.31 39.90
N PRO F 571 -24.50 51.77 41.05
CA PRO F 571 -24.00 52.62 42.13
C PRO F 571 -22.67 53.28 41.79
N MET F 572 -22.43 54.43 42.41
CA MET F 572 -21.24 55.23 42.16
C MET F 572 -20.44 55.43 43.44
N VAL F 573 -19.16 55.72 43.27
CA VAL F 573 -18.21 55.88 44.37
C VAL F 573 -18.11 57.37 44.68
N PRO F 574 -18.34 57.80 45.92
CA PRO F 574 -18.29 59.23 46.23
C PRO F 574 -16.88 59.79 46.22
N GLU F 575 -16.81 61.13 46.18
CA GLU F 575 -15.57 61.85 46.44
C GLU F 575 -14.95 61.46 47.78
N SER F 576 -15.77 61.33 48.82
CA SER F 576 -15.21 61.23 50.17
C SER F 576 -14.30 60.02 50.33
N LEU F 577 -14.68 58.88 49.77
CA LEU F 577 -13.90 57.67 49.97
C LEU F 577 -12.53 57.72 49.31
N ALA F 578 -12.26 58.71 48.47
CA ALA F 578 -11.01 58.73 47.72
C ALA F 578 -9.79 58.56 48.64
N ASP F 579 -9.74 59.32 49.72
CA ASP F 579 -8.58 59.25 50.61
C ASP F 579 -8.50 57.89 51.29
N TYR F 580 -9.63 57.33 51.71
CA TYR F 580 -9.61 56.07 52.43
C TYR F 580 -9.15 54.92 51.53
N ILE F 581 -9.71 54.85 50.32
CA ILE F 581 -9.29 53.81 49.37
C ILE F 581 -7.81 53.93 49.09
N THR F 582 -7.32 55.16 48.98
CA THR F 582 -5.89 55.38 48.76
C THR F 582 -5.07 54.81 49.91
N ALA F 583 -5.51 55.03 51.15
CA ALA F 583 -4.77 54.54 52.30
C ALA F 583 -4.68 53.02 52.29
N ALA F 584 -5.75 52.35 51.88
CA ALA F 584 -5.72 50.89 51.78
C ALA F 584 -4.72 50.44 50.71
N TYR F 585 -4.66 51.15 49.59
CA TYR F 585 -3.78 50.72 48.50
C TYR F 585 -2.32 50.71 48.95
N VAL F 586 -1.87 51.75 49.64
CA VAL F 586 -0.48 51.80 50.06
C VAL F 586 -0.19 50.71 51.09
N GLU F 587 -1.17 50.42 51.95
CA GLU F 587 -1.00 49.34 52.92
C GLU F 587 -0.82 48.00 52.22
N MET F 588 -1.62 47.74 51.18
CA MET F 588 -1.43 46.53 50.40
C MET F 588 -0.07 46.52 49.72
N ARG F 589 0.34 47.66 49.15
CA ARG F 589 1.62 47.71 48.46
C ARG F 589 2.77 47.45 49.42
N ARG F 590 2.72 48.03 50.62
CA ARG F 590 3.81 47.83 51.57
C ARG F 590 3.96 46.37 51.94
N GLU F 591 2.85 45.68 52.18
CA GLU F 591 2.91 44.26 52.52
C GLU F 591 3.51 43.45 51.39
N ALA F 592 3.13 43.75 50.15
CA ALA F 592 3.67 43.00 49.01
C ALA F 592 5.17 43.13 48.92
N TRP F 593 5.71 44.35 49.10
CA TRP F 593 7.15 44.52 49.07
C TRP F 593 7.82 43.80 50.23
N ALA F 594 7.16 43.76 51.39
CA ALA F 594 7.73 43.09 52.55
C ALA F 594 7.69 41.57 52.39
N SER F 595 6.64 41.06 51.74
CA SER F 595 6.50 39.61 51.60
C SER F 595 7.64 39.00 50.80
N LYS F 596 8.11 39.69 49.76
CA LYS F 596 9.15 39.19 48.86
C LYS F 596 8.70 37.95 48.11
N ASP F 597 7.38 37.75 47.98
CA ASP F 597 6.84 36.69 47.15
C ASP F 597 6.44 37.25 45.79
N ALA F 598 5.97 36.37 44.92
CA ALA F 598 5.59 36.77 43.56
C ALA F 598 4.14 37.25 43.52
N THR F 599 3.80 38.19 44.39
CA THR F 599 2.49 38.82 44.32
C THR F 599 2.47 39.87 43.22
N TYR F 600 1.28 40.14 42.70
CA TYR F 600 1.08 41.01 41.55
C TYR F 600 0.35 42.28 41.96
N THR F 601 0.71 42.85 43.10
CA THR F 601 0.14 44.11 43.54
C THR F 601 0.80 45.25 42.77
N SER F 602 0.01 45.94 41.96
CA SER F 602 0.51 47.04 41.13
C SER F 602 -0.56 48.13 41.10
N ALA F 603 -0.37 49.11 40.21
CA ALA F 603 -1.39 50.13 40.03
C ALA F 603 -2.72 49.50 39.63
N ARG F 604 -2.68 48.37 38.92
CA ARG F 604 -3.91 47.68 38.55
C ARG F 604 -4.74 47.31 39.78
N THR F 605 -4.09 47.10 40.92
CA THR F 605 -4.81 46.70 42.12
C THR F 605 -5.76 47.80 42.58
N LEU F 606 -5.35 49.07 42.47
CA LEU F 606 -6.22 50.16 42.89
C LEU F 606 -7.54 50.12 42.15
N LEU F 607 -7.51 49.98 40.83
CA LEU F 607 -8.75 49.88 40.06
C LEU F 607 -9.56 48.68 40.50
N ALA F 608 -8.90 47.61 40.95
CA ALA F 608 -9.63 46.41 41.36
C ALA F 608 -10.43 46.65 42.62
N ILE F 609 -9.92 47.48 43.54
CA ILE F 609 -10.66 47.79 44.75
C ILE F 609 -11.99 48.45 44.40
N LEU F 610 -11.95 49.41 43.47
CA LEU F 610 -13.18 50.07 43.06
C LEU F 610 -14.14 49.09 42.41
N ARG F 611 -13.63 48.22 41.53
CA ARG F 611 -14.50 47.30 40.81
C ARG F 611 -15.24 46.37 41.76
N LEU F 612 -14.52 45.79 42.72
CA LEU F 612 -15.16 44.91 43.69
C LEU F 612 -16.09 45.69 44.61
N SER F 613 -15.69 46.89 45.01
CA SER F 613 -16.51 47.68 45.93
C SER F 613 -17.87 47.99 45.32
N THR F 614 -17.91 48.30 44.03
CA THR F 614 -19.19 48.60 43.39
C THR F 614 -20.03 47.34 43.21
N ALA F 615 -19.38 46.20 42.99
CA ALA F 615 -20.13 44.93 42.91
C ALA F 615 -20.80 44.61 44.25
N LEU F 616 -20.08 44.83 45.35
CA LEU F 616 -20.66 44.57 46.67
C LEU F 616 -21.85 45.48 46.93
N ALA F 617 -21.74 46.75 46.53
CA ALA F 617 -22.87 47.67 46.69
C ALA F 617 -24.06 47.22 45.85
N ARG F 618 -23.80 46.76 44.62
CA ARG F 618 -24.90 46.33 43.78
C ARG F 618 -25.67 45.17 44.40
N LEU F 619 -25.00 44.36 45.23
CA LEU F 619 -25.71 43.36 46.02
C LEU F 619 -26.60 44.00 47.07
N ARG F 620 -26.05 44.93 47.82
CA ARG F 620 -26.80 45.60 48.90
C ARG F 620 -27.94 46.43 48.32
N VAL F 624 -25.30 53.94 46.09
CA VAL F 624 -24.11 54.68 46.52
C VAL F 624 -23.26 53.80 47.44
N VAL F 625 -21.99 53.65 47.08
CA VAL F 625 -21.06 52.82 47.83
C VAL F 625 -20.81 53.46 49.19
N GLU F 626 -20.55 52.62 50.18
CA GLU F 626 -20.28 53.06 51.54
C GLU F 626 -19.03 52.35 52.06
N LYS F 627 -18.57 52.81 53.23
CA LYS F 627 -17.32 52.30 53.78
C LYS F 627 -17.37 50.81 54.07
N GLU F 628 -18.57 50.25 54.27
CA GLU F 628 -18.65 48.83 54.58
C GLU F 628 -18.37 47.97 53.36
N ASP F 629 -18.71 48.46 52.16
CA ASP F 629 -18.38 47.73 50.95
C ASP F 629 -16.90 47.75 50.66
N VAL F 630 -16.22 48.85 51.00
CA VAL F 630 -14.78 48.92 50.80
C VAL F 630 -14.07 47.99 51.79
N ASN F 631 -14.59 47.89 53.02
CA ASN F 631 -13.98 47.00 53.99
C ASN F 631 -14.10 45.55 53.55
N GLU F 632 -15.28 45.15 53.05
CA GLU F 632 -15.45 43.79 52.55
C GLU F 632 -14.56 43.53 51.35
N ALA F 633 -14.49 44.49 50.42
CA ALA F 633 -13.64 44.33 49.25
C ALA F 633 -12.18 44.17 49.67
N ILE F 634 -11.72 44.99 50.62
CA ILE F 634 -10.35 44.86 51.09
C ILE F 634 -10.12 43.49 51.71
N ARG F 635 -11.00 43.10 52.62
CA ARG F 635 -10.81 41.82 53.33
C ARG F 635 -10.77 40.66 52.35
N LEU F 636 -11.68 40.66 51.37
CA LEU F 636 -11.73 39.56 50.41
C LEU F 636 -10.43 39.47 49.62
N MET F 637 -9.81 40.61 49.32
CA MET F 637 -8.61 40.60 48.48
C MET F 637 -7.38 40.15 49.26
N GLU F 638 -7.17 40.68 50.47
CA GLU F 638 -6.00 40.26 51.24
C GLU F 638 -6.09 38.78 51.57
N MET F 639 -7.29 38.28 51.83
CA MET F 639 -7.46 36.85 52.04
C MET F 639 -7.14 36.07 50.78
N SER F 640 -7.25 36.71 49.62
CA SER F 640 -6.89 36.05 48.37
C SER F 640 -5.37 35.97 48.21
N LYS F 641 -4.65 37.01 48.60
CA LYS F 641 -3.21 37.04 48.41
C LYS F 641 -2.47 36.14 49.40
N ASP F 642 -3.20 35.39 50.23
CA ASP F 642 -2.59 34.40 51.10
C ASP F 642 -2.88 33.00 50.59
N PHE G 2 -9.04 -45.19 36.12
CA PHE G 2 -9.18 -46.63 36.36
C PHE G 2 -8.49 -47.42 35.26
N CYS G 3 -9.18 -47.56 34.13
CA CYS G 3 -8.73 -48.42 33.03
C CYS G 3 -7.92 -47.64 32.00
N GLU G 4 -7.21 -46.60 32.43
CA GLU G 4 -6.48 -45.75 31.50
C GLU G 4 -5.20 -46.40 31.01
N LYS G 5 -4.58 -47.26 31.83
CA LYS G 5 -3.38 -47.96 31.38
C LYS G 5 -3.70 -48.94 30.25
N ALA G 6 -4.78 -49.70 30.42
CA ALA G 6 -5.23 -50.57 29.34
C ALA G 6 -5.64 -49.76 28.12
N MET G 7 -6.17 -48.56 28.34
CA MET G 7 -6.48 -47.68 27.23
C MET G 7 -5.21 -47.25 26.50
N GLU G 8 -4.11 -47.04 27.23
CA GLU G 8 -2.84 -46.77 26.57
C GLU G 8 -2.40 -47.97 25.74
N LEU G 9 -2.55 -49.17 26.30
CA LEU G 9 -2.23 -50.38 25.55
C LEU G 9 -2.98 -50.40 24.23
N ILE G 10 -4.29 -50.14 24.27
CA ILE G 10 -5.10 -50.17 23.06
C ILE G 10 -4.69 -49.07 22.10
N ARG G 11 -4.45 -47.86 22.62
CA ARG G 11 -4.14 -46.73 21.75
C ARG G 11 -2.83 -46.96 21.01
N GLU G 12 -1.84 -47.58 21.65
CA GLU G 12 -0.59 -47.85 20.97
C GLU G 12 -0.83 -48.63 19.69
N LEU G 13 -1.63 -49.70 19.76
CA LEU G 13 -1.90 -50.50 18.57
C LEU G 13 -2.78 -49.74 17.58
N HIS G 14 -3.78 -49.01 18.08
CA HIS G 14 -4.67 -48.30 17.16
C HIS G 14 -3.90 -47.30 16.31
N ARG G 15 -2.83 -46.71 16.87
CA ARG G 15 -2.09 -45.68 16.16
C ARG G 15 -1.29 -46.21 14.99
N ALA G 16 -1.21 -47.54 14.82
CA ALA G 16 -0.45 -48.17 13.76
C ALA G 16 -1.38 -49.12 13.01
N PRO G 17 -2.27 -48.59 12.17
CA PRO G 17 -3.25 -49.43 11.47
C PRO G 17 -2.74 -50.15 10.24
N GLU G 18 -1.44 -50.22 10.02
CA GLU G 18 -0.87 -50.89 8.85
C GLU G 18 -0.30 -52.26 9.19
N GLY G 19 -0.43 -52.72 10.42
CA GLY G 19 -0.06 -54.07 10.80
C GLY G 19 1.34 -54.24 11.32
N GLN G 20 2.12 -53.17 11.46
CA GLN G 20 3.46 -53.32 12.01
C GLN G 20 3.38 -53.71 13.49
N LEU G 21 4.38 -54.47 13.93
CA LEU G 21 4.42 -54.97 15.29
C LEU G 21 5.28 -54.06 16.15
N PRO G 22 4.73 -53.34 17.12
CA PRO G 22 5.57 -52.60 18.06
C PRO G 22 6.18 -53.53 19.09
N ALA G 23 7.07 -52.98 19.90
CA ALA G 23 7.66 -53.75 20.98
C ALA G 23 6.60 -54.11 22.00
N PHE G 24 6.68 -55.34 22.52
CA PHE G 24 5.72 -55.79 23.51
C PHE G 24 5.76 -54.89 24.73
N ASN G 25 4.58 -54.44 25.17
CA ASN G 25 4.47 -53.48 26.25
C ASN G 25 4.41 -54.22 27.59
N GLU G 26 5.59 -54.68 28.03
CA GLU G 26 5.66 -55.47 29.26
C GLU G 26 5.21 -54.65 30.47
N ASP G 27 5.71 -53.41 30.58
CA ASP G 27 5.40 -52.62 31.77
C ASP G 27 3.92 -52.26 31.83
N GLY G 28 3.32 -51.93 30.68
CA GLY G 28 1.89 -51.65 30.67
C GLY G 28 1.06 -52.84 31.08
N LEU G 29 1.42 -54.03 30.58
CA LEU G 29 0.71 -55.24 30.96
C LEU G 29 0.83 -55.52 32.44
N ARG G 30 2.03 -55.36 33.00
CA ARG G 30 2.22 -55.58 34.42
C ARG G 30 1.42 -54.57 35.24
N GLN G 31 1.38 -53.31 34.79
CA GLN G 31 0.57 -52.31 35.47
C GLN G 31 -0.90 -52.72 35.49
N VAL G 32 -1.41 -53.18 34.34
CA VAL G 32 -2.82 -53.56 34.28
C VAL G 32 -3.09 -54.72 35.22
N LEU G 33 -2.19 -55.70 35.25
CA LEU G 33 -2.40 -56.85 36.13
C LEU G 33 -2.35 -56.44 37.61
N GLU G 34 -1.44 -55.54 37.96
CA GLU G 34 -1.37 -55.06 39.34
C GLU G 34 -2.65 -54.33 39.73
N GLU G 35 -3.14 -53.47 38.84
CA GLU G 35 -4.41 -52.79 39.11
C GLU G 35 -5.54 -53.78 39.30
N MET G 36 -5.57 -54.83 38.48
CA MET G 36 -6.62 -55.82 38.61
C MET G 36 -6.55 -56.51 39.97
N LYS G 37 -5.35 -56.84 40.42
CA LYS G 37 -5.20 -57.46 41.73
C LYS G 37 -5.68 -56.52 42.84
N ALA G 38 -5.32 -55.25 42.75
CA ALA G 38 -5.76 -54.30 43.77
C ALA G 38 -7.29 -54.20 43.81
N LEU G 39 -7.91 -54.08 42.64
CA LEU G 39 -9.37 -54.03 42.58
C LEU G 39 -9.97 -55.29 43.19
N TYR G 40 -9.40 -56.46 42.88
CA TYR G 40 -9.95 -57.70 43.40
C TYR G 40 -9.88 -57.74 44.91
N GLU G 41 -8.76 -57.30 45.49
CA GLU G 41 -8.63 -57.31 46.94
C GLU G 41 -9.65 -56.38 47.60
N GLN G 42 -9.79 -55.17 47.06
CA GLN G 42 -10.77 -54.25 47.64
C GLN G 42 -12.18 -54.83 47.56
N ASN G 43 -12.52 -55.43 46.41
CA ASN G 43 -13.83 -56.05 46.27
C ASN G 43 -14.00 -57.18 47.26
N GLN G 44 -12.94 -57.96 47.51
CA GLN G 44 -13.04 -59.07 48.44
C GLN G 44 -13.34 -58.57 49.85
N SER G 45 -12.66 -57.51 50.27
CA SER G 45 -12.94 -56.94 51.58
C SER G 45 -14.38 -56.44 51.64
N ASP G 46 -14.84 -55.75 50.59
CA ASP G 46 -16.21 -55.25 50.58
C ASP G 46 -17.21 -56.38 50.66
N VAL G 47 -16.97 -57.47 49.92
CA VAL G 47 -17.88 -58.60 49.91
C VAL G 47 -17.94 -59.25 51.28
N ASN G 48 -16.78 -59.43 51.92
CA ASN G 48 -16.76 -60.01 53.25
C ASN G 48 -17.55 -59.14 54.23
N GLU G 49 -17.36 -57.82 54.16
CA GLU G 49 -18.11 -56.94 55.05
C GLU G 49 -19.61 -57.00 54.76
N ALA G 50 -19.98 -57.08 53.48
CA ALA G 50 -21.39 -57.15 53.13
C ALA G 50 -22.02 -58.41 53.71
N LYS G 51 -21.31 -59.53 53.63
CA LYS G 51 -21.83 -60.75 54.27
C LYS G 51 -21.92 -60.57 55.79
N SER G 52 -20.88 -60.01 56.40
CA SER G 52 -20.79 -60.00 57.85
C SER G 52 -21.82 -59.09 58.48
N GLY G 53 -21.90 -57.85 58.03
CA GLY G 53 -22.74 -56.83 58.64
C GLY G 53 -24.05 -56.56 57.95
N GLY G 54 -24.31 -57.19 56.80
CA GLY G 54 -25.56 -56.94 56.10
C GLY G 54 -25.73 -55.51 55.64
N ARG G 55 -24.65 -54.90 55.15
CA ARG G 55 -24.71 -53.54 54.61
C ARG G 55 -25.04 -53.61 53.12
N SER G 56 -26.23 -53.14 52.76
CA SER G 56 -26.63 -53.16 51.35
C SER G 56 -25.93 -52.06 50.55
N ASP G 57 -25.59 -50.95 51.20
CA ASP G 57 -25.09 -49.78 50.47
C ASP G 57 -23.80 -50.08 49.72
N LEU G 58 -23.10 -51.16 50.06
CA LEU G 58 -21.84 -51.48 49.40
C LEU G 58 -22.02 -52.17 48.06
N ILE G 59 -23.21 -52.68 47.76
CA ILE G 59 -23.40 -53.45 46.52
C ILE G 59 -23.08 -52.63 45.29
N PRO G 60 -23.53 -51.38 45.14
CA PRO G 60 -23.13 -50.61 43.96
C PRO G 60 -21.63 -50.50 43.79
N THR G 61 -20.89 -50.35 44.89
CA THR G 61 -19.43 -50.28 44.78
C THR G 61 -18.85 -51.59 44.29
N ILE G 62 -19.37 -52.71 44.77
CA ILE G 62 -18.91 -54.00 44.29
C ILE G 62 -19.17 -54.15 42.80
N LYS G 63 -20.34 -53.74 42.34
CA LYS G 63 -20.65 -53.81 40.92
C LYS G 63 -19.70 -52.94 40.11
N PHE G 64 -19.41 -51.73 40.61
CA PHE G 64 -18.53 -50.82 39.91
C PHE G 64 -17.15 -51.44 39.75
N ARG G 65 -16.60 -52.01 40.83
CA ARG G 65 -15.29 -52.63 40.76
C ARG G 65 -15.29 -53.84 39.83
N HIS G 66 -16.35 -54.63 39.86
CA HIS G 66 -16.43 -55.79 38.97
C HIS G 66 -16.43 -55.36 37.51
N CYS G 67 -17.18 -54.30 37.18
CA CYS G 67 -17.18 -53.79 35.81
C CYS G 67 -15.80 -53.30 35.41
N SER G 68 -15.10 -52.63 36.33
CA SER G 68 -13.74 -52.17 36.02
C SER G 68 -12.81 -53.35 35.74
N LEU G 69 -12.93 -54.42 36.53
CA LEU G 69 -12.12 -55.61 36.29
C LEU G 69 -12.40 -56.20 34.92
N LEU G 70 -13.67 -56.31 34.56
CA LEU G 70 -14.03 -56.85 33.25
C LEU G 70 -13.46 -55.97 32.14
N ARG G 71 -13.50 -54.65 32.31
CA ARG G 71 -12.96 -53.77 31.29
C ARG G 71 -11.46 -53.98 31.12
N ASN G 72 -10.73 -54.10 32.23
CA ASN G 72 -9.30 -54.35 32.14
C ASN G 72 -9.02 -55.65 31.41
N ARG G 73 -9.77 -56.71 31.74
CA ARG G 73 -9.58 -57.98 31.06
C ARG G 73 -9.82 -57.84 29.56
N ARG G 74 -10.89 -57.16 29.18
CA ARG G 74 -11.22 -57.01 27.76
C ARG G 74 -10.10 -56.31 27.02
N CYS G 75 -9.59 -55.23 27.58
CA CYS G 75 -8.53 -54.49 26.90
C CYS G 75 -7.27 -55.34 26.76
N THR G 76 -6.89 -56.05 27.83
CA THR G 76 -5.72 -56.91 27.76
C THR G 76 -5.86 -57.94 26.64
N VAL G 77 -6.99 -58.65 26.62
CA VAL G 77 -7.17 -59.73 25.66
C VAL G 77 -7.19 -59.17 24.24
N ALA G 78 -7.87 -58.04 24.03
CA ALA G 78 -7.90 -57.45 22.71
C ALA G 78 -6.50 -57.08 22.23
N TYR G 79 -5.70 -56.47 23.11
CA TYR G 79 -4.33 -56.12 22.76
C TYR G 79 -3.54 -57.34 22.33
N LEU G 80 -3.58 -58.39 23.15
CA LEU G 80 -2.81 -59.60 22.84
C LEU G 80 -3.29 -60.23 21.53
N TYR G 81 -4.59 -60.29 21.30
CA TYR G 81 -5.12 -60.92 20.10
C TYR G 81 -4.74 -60.15 18.84
N ASP G 82 -4.79 -58.81 18.89
CA ASP G 82 -4.39 -58.03 17.74
C ASP G 82 -2.91 -58.24 17.43
N ARG G 83 -2.08 -58.32 18.46
CA ARG G 83 -0.68 -58.65 18.23
C ARG G 83 -0.55 -60.00 17.54
N LEU G 84 -1.34 -60.99 17.97
CA LEU G 84 -1.29 -62.30 17.33
C LEU G 84 -1.66 -62.22 15.86
N LEU G 85 -2.65 -61.39 15.53
CA LEU G 85 -3.04 -61.24 14.12
C LEU G 85 -1.89 -60.68 13.30
N ARG G 86 -1.21 -59.67 13.82
CA ARG G 86 -0.06 -59.11 13.09
C ARG G 86 1.04 -60.15 12.91
N ILE G 87 1.33 -60.91 13.96
CA ILE G 87 2.34 -61.95 13.87
C ILE G 87 1.95 -62.98 12.81
N ARG G 88 0.67 -63.37 12.79
CA ARG G 88 0.22 -64.32 11.79
C ARG G 88 0.44 -63.78 10.38
N ALA G 89 0.12 -62.51 10.16
CA ALA G 89 0.37 -61.91 8.85
C ALA G 89 1.84 -61.99 8.47
N LEU G 90 2.74 -61.90 9.46
CA LEU G 90 4.17 -61.99 9.13
C LEU G 90 4.50 -63.26 8.36
N ARG G 91 3.91 -64.39 8.75
CA ARG G 91 4.24 -65.66 8.10
C ARG G 91 3.89 -65.63 6.61
N TRP G 92 2.73 -65.09 6.26
CA TRP G 92 2.31 -65.07 4.88
C TRP G 92 2.95 -63.96 4.09
N GLU G 93 3.48 -62.92 4.75
CA GLU G 93 4.08 -61.83 4.01
C GLU G 93 5.58 -62.04 3.77
N TYR G 94 6.30 -62.53 4.76
CA TYR G 94 7.75 -62.73 4.62
C TYR G 94 8.13 -64.19 4.36
N GLY G 95 7.77 -65.10 5.27
CA GLY G 95 8.12 -66.49 5.10
C GLY G 95 8.27 -67.18 6.43
N SER G 96 8.83 -68.39 6.37
CA SER G 96 8.94 -69.23 7.56
C SER G 96 10.04 -68.76 8.51
N VAL G 97 11.06 -68.08 8.00
CA VAL G 97 12.18 -67.62 8.81
C VAL G 97 12.09 -66.11 8.92
N LEU G 98 12.00 -65.62 10.12
CA LEU G 98 11.78 -64.19 10.29
C LEU G 98 13.10 -63.43 10.41
N PRO G 99 13.15 -62.20 9.90
CA PRO G 99 14.30 -61.34 10.20
C PRO G 99 14.45 -61.11 11.69
N ASN G 100 15.70 -60.97 12.13
CA ASN G 100 15.97 -60.75 13.54
C ASN G 100 15.39 -59.42 14.01
N ALA G 101 15.40 -58.41 13.16
CA ALA G 101 14.76 -57.14 13.49
C ALA G 101 13.33 -57.35 13.95
N LEU G 102 12.56 -58.14 13.20
CA LEU G 102 11.17 -58.39 13.57
C LEU G 102 11.09 -59.29 14.81
N ARG G 103 11.96 -60.29 14.89
CA ARG G 103 12.00 -61.15 16.07
C ARG G 103 12.20 -60.34 17.34
N PHE G 104 12.90 -59.21 17.26
CA PHE G 104 13.23 -58.45 18.47
C PHE G 104 11.96 -57.93 19.16
N HIS G 105 10.96 -57.51 18.39
CA HIS G 105 9.77 -56.92 18.98
C HIS G 105 8.91 -57.96 19.68
N MET G 106 8.93 -59.20 19.21
CA MET G 106 8.04 -60.22 19.74
C MET G 106 8.48 -60.67 21.13
N ALA G 107 7.51 -61.02 21.96
CA ALA G 107 7.79 -61.68 23.22
C ALA G 107 8.11 -63.15 22.98
N ALA G 108 8.72 -63.79 23.98
CA ALA G 108 9.08 -65.18 23.84
C ALA G 108 7.85 -66.06 23.64
N GLU G 109 6.78 -65.79 24.39
CA GLU G 109 5.55 -66.56 24.22
C GLU G 109 4.98 -66.35 22.82
N GLU G 110 5.09 -65.14 22.29
CA GLU G 110 4.65 -64.90 20.92
C GLU G 110 5.48 -65.70 19.93
N MET G 111 6.78 -65.83 20.18
CA MET G 111 7.61 -66.66 19.30
C MET G 111 7.18 -68.12 19.37
N GLU G 112 6.84 -68.61 20.56
CA GLU G 112 6.35 -69.97 20.67
C GLU G 112 5.05 -70.14 19.88
N TRP G 113 4.13 -69.17 19.98
CA TRP G 113 2.89 -69.24 19.21
C TRP G 113 3.19 -69.26 17.72
N PHE G 114 4.10 -68.41 17.26
CA PHE G 114 4.44 -68.36 15.85
C PHE G 114 5.03 -69.69 15.38
N ASN G 115 5.90 -70.29 16.17
CA ASN G 115 6.49 -71.56 15.78
C ASN G 115 5.43 -72.66 15.68
N ASN G 116 4.52 -72.69 16.65
CA ASN G 116 3.44 -73.69 16.59
C ASN G 116 2.58 -73.49 15.35
N TYR G 117 2.22 -72.24 15.05
CA TYR G 117 1.39 -71.97 13.88
C TYR G 117 2.12 -72.37 12.61
N LYS G 118 3.41 -72.07 12.53
CA LYS G 118 4.21 -72.42 11.36
C LYS G 118 4.21 -73.94 11.15
N ARG G 119 4.39 -74.69 12.24
CA ARG G 119 4.37 -76.14 12.13
C ARG G 119 3.01 -76.64 11.64
N SER G 120 1.93 -76.09 12.18
CA SER G 120 0.60 -76.52 11.76
C SER G 120 0.35 -76.23 10.29
N LEU G 121 0.76 -75.04 9.84
CA LEU G 121 0.58 -74.69 8.43
C LEU G 121 1.39 -75.61 7.53
N ALA G 122 2.62 -75.94 7.93
CA ALA G 122 3.42 -76.87 7.15
C ALA G 122 2.75 -78.22 7.05
N THR G 123 2.21 -78.72 8.17
CA THR G 123 1.53 -80.01 8.15
C THR G 123 0.34 -79.99 7.18
N TYR G 124 -0.49 -78.95 7.28
CA TYR G 124 -1.66 -78.88 6.41
C TYR G 124 -1.23 -78.83 4.95
N MET G 125 -0.25 -77.99 4.63
CA MET G 125 0.20 -77.89 3.25
C MET G 125 0.77 -79.20 2.74
N ARG G 126 1.42 -79.97 3.62
CA ARG G 126 1.95 -81.26 3.23
C ARG G 126 0.83 -82.27 2.98
N SER G 127 -0.31 -82.12 3.64
CA SER G 127 -1.36 -83.13 3.57
C SER G 127 -2.22 -83.04 2.32
N LEU G 128 -2.06 -82.01 1.49
CA LEU G 128 -3.00 -81.80 0.39
C LEU G 128 -2.80 -82.79 -0.75
N GLY G 129 -1.55 -83.06 -1.13
CA GLY G 129 -1.23 -83.80 -2.32
C GLY G 129 -0.53 -85.12 -2.04
N GLY G 130 -0.25 -85.83 -3.14
CA GLY G 130 0.38 -87.14 -3.01
C GLY G 130 1.78 -87.06 -2.44
N ASP G 131 2.59 -86.14 -2.95
CA ASP G 131 3.97 -85.98 -2.50
C ASP G 131 4.29 -84.50 -2.35
N GLU G 132 4.67 -84.10 -1.15
CA GLU G 132 5.04 -82.72 -0.85
C GLU G 132 3.82 -81.81 -0.80
N GLY G 133 2.65 -82.33 -1.17
CA GLY G 133 1.45 -81.54 -1.17
C GLY G 133 1.58 -80.32 -2.06
N LEU G 134 0.95 -79.23 -1.61
CA LEU G 134 0.88 -77.99 -2.35
C LEU G 134 1.20 -76.84 -1.40
N ASP G 135 2.19 -76.03 -1.75
CA ASP G 135 2.61 -74.92 -0.89
C ASP G 135 1.80 -73.70 -1.31
N ILE G 136 0.67 -73.49 -0.62
CA ILE G 136 -0.27 -72.44 -0.98
C ILE G 136 0.18 -71.07 -0.56
N THR G 137 1.37 -70.93 0.02
CA THR G 137 1.95 -69.62 0.25
C THR G 137 2.52 -69.01 -1.02
N GLN G 138 2.70 -69.81 -2.07
CA GLN G 138 3.13 -69.32 -3.37
C GLN G 138 1.92 -69.05 -4.26
N ASP G 139 2.17 -68.50 -5.44
CA ASP G 139 1.12 -68.19 -6.41
C ASP G 139 0.11 -67.21 -5.81
N MET G 140 0.61 -66.06 -5.39
CA MET G 140 -0.22 -65.06 -4.76
C MET G 140 -0.95 -64.16 -5.75
N LYS G 141 -0.49 -64.12 -6.99
CA LYS G 141 -1.10 -63.32 -8.04
C LYS G 141 -1.34 -64.19 -9.27
N PRO G 142 -2.30 -63.84 -10.11
CA PRO G 142 -2.53 -64.63 -11.33
C PRO G 142 -1.28 -64.64 -12.19
N PRO G 143 -0.96 -65.79 -12.79
CA PRO G 143 0.27 -65.86 -13.60
C PRO G 143 0.05 -65.31 -15.00
N LYS G 144 1.10 -64.69 -15.53
CA LYS G 144 1.08 -64.18 -16.90
C LYS G 144 2.08 -64.91 -17.78
N SER G 145 3.36 -64.92 -17.41
CA SER G 145 4.41 -65.50 -18.23
C SER G 145 5.15 -66.57 -17.44
N LEU G 146 5.70 -67.54 -18.17
CA LEU G 146 6.44 -68.61 -17.52
C LEU G 146 7.77 -68.11 -16.97
N TYR G 147 8.44 -67.22 -17.70
CA TYR G 147 9.73 -66.67 -17.31
C TYR G 147 9.60 -65.16 -17.09
N ILE G 148 10.48 -64.64 -16.23
CA ILE G 148 10.53 -63.22 -15.93
C ILE G 148 11.98 -62.78 -15.79
N GLU G 149 12.18 -61.47 -15.90
CA GLU G 149 13.48 -60.85 -15.70
C GLU G 149 13.53 -60.24 -14.30
N VAL G 150 14.61 -60.53 -13.57
CA VAL G 150 14.77 -60.09 -12.20
C VAL G 150 16.11 -59.39 -12.05
N ARG G 151 16.13 -58.33 -11.26
CA ARG G 151 17.34 -57.60 -10.93
C ARG G 151 17.61 -57.71 -9.43
N CYS G 152 18.85 -57.95 -9.06
CA CYS G 152 19.23 -58.11 -7.67
C CYS G 152 19.32 -56.74 -6.99
N LEU G 153 18.51 -56.54 -5.95
CA LEU G 153 18.52 -55.28 -5.21
C LEU G 153 19.57 -55.26 -4.10
N LYS G 154 20.13 -56.41 -3.75
CA LYS G 154 21.13 -56.49 -2.71
C LYS G 154 21.94 -57.76 -2.93
N ASP G 155 23.11 -57.81 -2.31
CA ASP G 155 23.95 -59.00 -2.39
C ASP G 155 23.32 -60.11 -1.56
N TYR G 156 23.20 -61.29 -2.16
CA TYR G 156 22.55 -62.43 -1.54
C TYR G 156 23.32 -63.73 -1.65
N GLY G 157 24.24 -63.85 -2.61
CA GLY G 157 25.07 -65.03 -2.69
C GLY G 157 24.46 -66.12 -3.56
N GLU G 158 24.88 -67.35 -3.30
CA GLU G 158 24.42 -68.46 -4.12
C GLU G 158 22.91 -68.66 -3.99
N PHE G 159 22.26 -68.95 -5.11
CA PHE G 159 20.83 -69.19 -5.15
C PHE G 159 20.59 -70.35 -6.11
N GLU G 160 19.96 -71.41 -5.60
CA GLU G 160 19.86 -72.64 -6.36
C GLU G 160 18.72 -72.56 -7.37
N VAL G 161 19.05 -72.73 -8.65
CA VAL G 161 18.03 -72.76 -9.69
C VAL G 161 17.47 -74.16 -9.84
N ASP G 162 18.34 -75.11 -10.19
CA ASP G 162 18.06 -76.53 -10.11
C ASP G 162 19.08 -77.16 -9.17
N ASP G 163 18.81 -78.40 -8.74
CA ASP G 163 19.73 -79.07 -7.84
C ASP G 163 21.15 -79.06 -8.40
N GLY G 164 21.27 -79.27 -9.71
CA GLY G 164 22.60 -79.27 -10.31
C GLY G 164 23.26 -77.90 -10.33
N THR G 165 22.50 -76.85 -10.64
CA THR G 165 23.05 -75.55 -10.99
C THR G 165 22.52 -74.47 -10.06
N SER G 166 23.40 -73.53 -9.70
CA SER G 166 23.05 -72.35 -8.93
C SER G 166 23.58 -71.12 -9.64
N VAL G 167 23.11 -69.96 -9.21
CA VAL G 167 23.54 -68.67 -9.75
C VAL G 167 23.83 -67.73 -8.60
N LEU G 168 24.85 -66.89 -8.77
CA LEU G 168 25.25 -65.96 -7.73
C LEU G 168 24.47 -64.65 -7.86
N LEU G 169 23.76 -64.29 -6.79
CA LEU G 169 23.00 -63.05 -6.73
C LEU G 169 23.90 -61.96 -6.17
N LYS G 170 24.27 -61.02 -7.04
CA LYS G 170 25.00 -59.81 -6.67
C LYS G 170 24.25 -58.60 -7.19
N LYS G 171 24.39 -57.48 -6.48
CA LYS G 171 23.56 -56.32 -6.76
C LYS G 171 23.71 -55.86 -8.20
N ASN G 172 22.58 -55.50 -8.80
CA ASN G 172 22.50 -54.90 -10.13
C ASN G 172 22.85 -55.89 -11.25
N SER G 173 22.87 -57.18 -10.96
CA SER G 173 22.87 -58.19 -12.01
C SER G 173 21.43 -58.55 -12.37
N GLN G 174 21.24 -59.06 -13.58
CA GLN G 174 19.93 -59.40 -14.09
C GLN G 174 19.90 -60.84 -14.55
N HIS G 175 18.80 -61.52 -14.28
CA HIS G 175 18.62 -62.93 -14.59
C HIS G 175 17.25 -63.16 -15.21
N PHE G 176 17.20 -64.04 -16.20
CA PHE G 176 15.95 -64.46 -16.83
C PHE G 176 15.63 -65.85 -16.31
N LEU G 177 14.62 -65.96 -15.45
CA LEU G 177 14.40 -67.14 -14.66
C LEU G 177 12.91 -67.50 -14.63
N PRO G 178 12.58 -68.75 -14.33
CA PRO G 178 11.17 -69.11 -14.12
C PRO G 178 10.56 -68.34 -12.95
N ARG G 179 9.30 -67.96 -13.10
CA ARG G 179 8.64 -67.12 -12.11
C ARG G 179 8.50 -67.81 -10.76
N TRP G 180 8.20 -69.11 -10.78
CA TRP G 180 7.93 -69.82 -9.54
C TRP G 180 9.16 -69.98 -8.66
N LYS G 181 10.36 -69.77 -9.21
CA LYS G 181 11.57 -69.81 -8.40
C LYS G 181 11.95 -68.43 -7.86
N CYS G 182 11.36 -67.36 -8.38
CA CYS G 182 11.72 -66.01 -8.01
C CYS G 182 10.64 -65.31 -7.20
N GLU G 183 9.42 -65.85 -7.16
CA GLU G 183 8.33 -65.17 -6.49
C GLU G 183 8.66 -64.85 -5.03
N GLN G 184 9.20 -65.84 -4.31
CA GLN G 184 9.44 -65.65 -2.88
C GLN G 184 10.48 -64.57 -2.62
N LEU G 185 11.57 -64.59 -3.38
CA LEU G 185 12.60 -63.57 -3.19
C LEU G 185 12.12 -62.19 -3.62
N ILE G 186 11.22 -62.12 -4.60
CA ILE G 186 10.64 -60.84 -4.96
C ILE G 186 9.78 -60.31 -3.83
N ARG G 187 8.96 -61.18 -3.22
CA ARG G 187 8.10 -60.72 -2.13
C ARG G 187 8.90 -60.29 -0.91
N GLN G 188 10.11 -60.81 -0.74
CA GLN G 188 10.96 -60.43 0.39
C GLN G 188 11.79 -59.19 0.13
N GLY G 189 11.70 -58.59 -1.05
CA GLY G 189 12.49 -57.42 -1.34
C GLY G 189 13.91 -57.70 -1.75
N VAL G 190 14.24 -58.94 -2.08
CA VAL G 190 15.59 -59.28 -2.53
C VAL G 190 15.76 -59.09 -4.03
N LEU G 191 14.74 -59.42 -4.81
CA LEU G 191 14.77 -59.24 -6.26
C LEU G 191 13.70 -58.24 -6.66
N GLU G 192 13.89 -57.64 -7.84
CA GLU G 192 12.93 -56.73 -8.43
C GLU G 192 12.53 -57.24 -9.81
N HIS G 193 11.24 -57.21 -10.10
CA HIS G 193 10.71 -57.70 -11.37
C HIS G 193 10.79 -56.61 -12.43
N ILE G 194 11.58 -56.85 -13.48
CA ILE G 194 11.79 -55.88 -14.55
C ILE G 194 10.82 -56.18 -15.67
N LEU G 195 10.00 -55.18 -16.03
CA LEU G 195 9.12 -55.25 -17.18
C LEU G 195 9.67 -54.35 -18.28
N SER G 196 9.75 -54.89 -19.49
CA SER G 196 10.26 -54.13 -20.62
C SER G 196 9.24 -54.07 -21.75
N MET H 1 -12.29 -59.75 -4.87
CA MET H 1 -11.77 -59.81 -6.28
C MET H 1 -11.15 -58.49 -6.69
N ASP H 2 -9.97 -58.56 -7.31
CA ASP H 2 -9.30 -57.39 -7.88
C ASP H 2 -9.36 -57.48 -9.40
N ALA H 3 -8.85 -56.43 -10.06
CA ALA H 3 -8.95 -56.34 -11.51
C ALA H 3 -8.09 -57.39 -12.21
N ALA H 4 -6.94 -57.74 -11.64
CA ALA H 4 -6.09 -58.75 -12.24
C ALA H 4 -6.81 -60.09 -12.32
N GLU H 5 -7.64 -60.40 -11.33
CA GLU H 5 -8.37 -61.67 -11.35
C GLU H 5 -9.52 -61.66 -12.36
N VAL H 6 -10.19 -60.51 -12.52
CA VAL H 6 -11.19 -60.41 -13.58
C VAL H 6 -10.53 -60.57 -14.94
N GLU H 7 -9.33 -59.99 -15.10
CA GLU H 7 -8.59 -60.20 -16.35
C GLU H 7 -8.20 -61.66 -16.54
N PHE H 8 -7.85 -62.33 -15.44
CA PHE H 8 -7.56 -63.76 -15.51
C PHE H 8 -8.77 -64.52 -16.04
N LEU H 9 -9.95 -64.21 -15.52
CA LEU H 9 -11.17 -64.85 -16.03
C LEU H 9 -11.39 -64.51 -17.51
N ALA H 10 -11.17 -63.26 -17.88
CA ALA H 10 -11.37 -62.84 -19.26
C ALA H 10 -10.43 -63.56 -20.22
N GLU H 11 -9.25 -63.94 -19.73
CA GLU H 11 -8.26 -64.57 -20.59
C GLU H 11 -8.66 -65.97 -21.04
N LYS H 12 -9.75 -66.52 -20.52
CA LYS H 12 -10.22 -67.82 -20.95
C LYS H 12 -11.10 -67.76 -22.20
N GLU H 13 -11.42 -66.56 -22.68
CA GLU H 13 -12.22 -66.44 -23.89
C GLU H 13 -11.43 -66.86 -25.12
N LEU H 14 -12.15 -67.36 -26.12
CA LEU H 14 -11.53 -67.88 -27.33
C LEU H 14 -11.38 -66.79 -28.38
N VAL H 15 -10.21 -66.76 -29.02
CA VAL H 15 -9.94 -65.87 -30.14
C VAL H 15 -9.28 -66.70 -31.23
N THR H 16 -9.11 -66.09 -32.40
CA THR H 16 -8.54 -66.76 -33.56
C THR H 16 -7.16 -66.19 -33.86
N ILE H 17 -6.22 -67.09 -34.17
CA ILE H 17 -4.86 -66.71 -34.52
C ILE H 17 -4.43 -67.46 -35.78
N ILE H 18 -3.47 -66.89 -36.48
CA ILE H 18 -2.79 -67.55 -37.58
C ILE H 18 -1.34 -67.80 -37.13
N PRO H 19 -0.95 -69.04 -36.87
CA PRO H 19 0.44 -69.31 -36.46
C PRO H 19 1.38 -69.35 -37.65
N ASN H 20 2.67 -69.20 -37.33
CA ASN H 20 3.74 -69.43 -38.30
C ASN H 20 4.56 -70.67 -37.95
N PHE H 21 3.98 -71.61 -37.20
CA PHE H 21 4.64 -72.84 -36.81
C PHE H 21 3.69 -74.00 -37.01
N SER H 22 4.24 -75.21 -36.93
CA SER H 22 3.47 -76.44 -37.04
C SER H 22 3.51 -77.17 -35.70
N LEU H 23 2.34 -77.66 -35.27
CA LEU H 23 2.23 -78.35 -34.00
C LEU H 23 1.06 -79.33 -34.08
N ASP H 24 1.21 -80.47 -33.42
CA ASP H 24 0.13 -81.44 -33.36
C ASP H 24 -0.92 -80.99 -32.34
N LYS H 25 -2.07 -81.64 -32.40
CA LYS H 25 -3.15 -81.32 -31.47
C LYS H 25 -2.67 -81.47 -30.03
N ILE H 26 -3.00 -80.49 -29.19
CA ILE H 26 -2.59 -80.47 -27.79
C ILE H 26 -3.80 -80.84 -26.93
N TYR H 27 -3.60 -81.79 -26.02
CA TYR H 27 -4.67 -82.26 -25.15
C TYR H 27 -4.51 -81.59 -23.78
N LEU H 28 -4.95 -80.33 -23.72
CA LEU H 28 -4.94 -79.59 -22.47
C LEU H 28 -6.05 -80.09 -21.56
N ILE H 29 -5.85 -79.89 -20.25
CA ILE H 29 -6.89 -80.24 -19.29
C ILE H 29 -8.17 -79.47 -19.58
N GLY H 30 -8.04 -78.20 -19.96
CA GLY H 30 -9.20 -77.40 -20.29
C GLY H 30 -9.93 -77.88 -21.52
N GLY H 31 -9.19 -78.39 -22.49
CA GLY H 31 -9.78 -78.88 -23.73
C GLY H 31 -8.79 -78.87 -24.86
N ASP H 32 -9.11 -79.64 -25.89
CA ASP H 32 -8.21 -79.80 -27.03
C ASP H 32 -8.02 -78.48 -27.76
N LEU H 33 -6.80 -78.26 -28.23
CA LEU H 33 -6.49 -77.14 -29.10
C LEU H 33 -6.01 -77.71 -30.43
N GLY H 34 -6.77 -77.48 -31.48
CA GLY H 34 -6.60 -78.17 -32.74
C GLY H 34 -5.20 -78.03 -33.29
N PRO H 35 -4.89 -78.81 -34.33
CA PRO H 35 -3.56 -78.75 -34.92
C PRO H 35 -3.24 -77.34 -35.44
N PHE H 36 -1.99 -76.96 -35.31
CA PHE H 36 -1.52 -75.65 -35.77
C PHE H 36 -0.76 -75.83 -37.08
N ASN H 37 -1.18 -75.07 -38.10
CA ASN H 37 -0.57 -75.14 -39.41
C ASN H 37 -0.24 -73.72 -39.87
N PRO H 38 0.96 -73.47 -40.39
CA PRO H 38 1.30 -72.10 -40.80
C PRO H 38 0.30 -71.55 -41.80
N GLY H 39 -0.16 -70.33 -41.57
CA GLY H 39 -1.01 -69.62 -42.48
C GLY H 39 -2.50 -69.89 -42.33
N LEU H 40 -2.89 -70.87 -41.50
CA LEU H 40 -4.29 -71.23 -41.35
C LEU H 40 -4.82 -70.77 -39.99
N PRO H 41 -6.09 -70.38 -39.90
CA PRO H 41 -6.62 -69.90 -38.63
C PRO H 41 -6.97 -71.03 -37.67
N VAL H 42 -6.87 -70.73 -36.38
CA VAL H 42 -7.19 -71.68 -35.33
C VAL H 42 -7.65 -70.91 -34.09
N GLU H 43 -8.54 -71.53 -33.32
CA GLU H 43 -9.12 -70.91 -32.14
C GLU H 43 -8.38 -71.38 -30.88
N VAL H 44 -7.96 -70.42 -30.07
CA VAL H 44 -7.26 -70.71 -28.83
C VAL H 44 -7.70 -69.74 -27.74
N PRO H 45 -7.45 -70.07 -26.47
CA PRO H 45 -7.76 -69.12 -25.40
C PRO H 45 -6.91 -67.87 -25.49
N LEU H 46 -7.44 -66.78 -24.94
CA LEU H 46 -6.80 -65.47 -25.10
C LEU H 46 -5.40 -65.45 -24.48
N TRP H 47 -5.20 -66.14 -23.36
CA TRP H 47 -3.89 -66.13 -22.72
C TRP H 47 -2.84 -66.75 -23.63
N LEU H 48 -3.17 -67.87 -24.27
CA LEU H 48 -2.21 -68.48 -25.19
C LEU H 48 -1.98 -67.60 -26.41
N ALA H 49 -3.03 -66.93 -26.89
CA ALA H 49 -2.88 -66.04 -28.03
C ALA H 49 -1.90 -64.91 -27.71
N ILE H 50 -2.08 -64.28 -26.54
CA ILE H 50 -1.20 -63.19 -26.15
C ILE H 50 0.23 -63.70 -25.98
N ASN H 51 0.39 -64.86 -25.35
CA ASN H 51 1.73 -65.40 -25.16
C ASN H 51 2.41 -65.67 -26.50
N LEU H 52 1.70 -66.32 -27.42
CA LEU H 52 2.29 -66.63 -28.71
C LEU H 52 2.61 -65.36 -29.50
N LYS H 53 1.76 -64.34 -29.41
CA LYS H 53 2.06 -63.08 -30.06
C LYS H 53 3.32 -62.45 -29.47
N GLN H 54 3.46 -62.48 -28.15
CA GLN H 54 4.64 -61.88 -27.53
C GLN H 54 5.91 -62.62 -27.90
N ARG H 55 5.82 -63.90 -28.27
CA ARG H 55 6.97 -64.68 -28.67
C ARG H 55 7.18 -64.71 -30.17
N GLN H 56 6.41 -63.93 -30.94
CA GLN H 56 6.56 -63.84 -32.38
C GLN H 56 6.27 -65.18 -33.05
N LYS H 57 5.14 -65.79 -32.70
CA LYS H 57 4.74 -67.07 -33.24
C LYS H 57 3.39 -67.05 -33.94
N CYS H 58 2.64 -65.95 -33.88
CA CYS H 58 1.29 -65.92 -34.40
C CYS H 58 0.91 -64.49 -34.73
N ARG H 59 -0.15 -64.35 -35.52
CA ARG H 59 -0.79 -63.08 -35.80
C ARG H 59 -2.25 -63.17 -35.38
N LEU H 60 -2.71 -62.16 -34.65
CA LEU H 60 -4.06 -62.19 -34.09
C LEU H 60 -5.08 -61.65 -35.09
N LEU H 61 -6.30 -62.15 -34.99
CA LEU H 61 -7.41 -61.67 -35.80
C LEU H 61 -8.46 -61.00 -34.92
N PRO H 62 -8.98 -59.85 -35.32
CA PRO H 62 -9.97 -59.18 -34.47
C PRO H 62 -11.23 -60.02 -34.36
N PRO H 63 -11.89 -59.99 -33.21
CA PRO H 63 -13.19 -60.65 -33.09
C PRO H 63 -14.21 -60.01 -34.02
N GLU H 64 -15.26 -60.78 -34.32
CA GLU H 64 -16.27 -60.31 -35.26
C GLU H 64 -16.90 -59.00 -34.80
N TRP H 65 -17.13 -58.87 -33.50
CA TRP H 65 -17.79 -57.67 -32.97
C TRP H 65 -16.87 -56.47 -32.89
N MET H 66 -15.56 -56.64 -33.10
CA MET H 66 -14.62 -55.54 -33.07
C MET H 66 -14.59 -54.83 -34.42
N ASP H 67 -15.77 -54.35 -34.82
CA ASP H 67 -15.97 -53.68 -36.10
C ASP H 67 -16.54 -52.30 -35.85
N VAL H 68 -16.04 -51.30 -36.58
CA VAL H 68 -16.36 -49.91 -36.27
C VAL H 68 -17.85 -49.65 -36.46
N GLU H 69 -18.45 -50.16 -37.54
CA GLU H 69 -19.86 -49.92 -37.77
C GLU H 69 -20.71 -50.54 -36.67
N LYS H 70 -20.45 -51.81 -36.35
CA LYS H 70 -21.19 -52.49 -35.30
C LYS H 70 -21.00 -51.78 -33.96
N LEU H 71 -19.76 -51.40 -33.64
CA LEU H 71 -19.50 -50.74 -32.37
C LEU H 71 -20.19 -49.39 -32.28
N GLU H 72 -20.24 -48.65 -33.39
CA GLU H 72 -20.95 -47.37 -33.38
C GLU H 72 -22.44 -47.57 -33.14
N LYS H 73 -23.03 -48.57 -33.80
CA LYS H 73 -24.44 -48.87 -33.53
C LYS H 73 -24.65 -49.23 -32.07
N MET H 74 -23.75 -50.05 -31.51
CA MET H 74 -23.89 -50.47 -30.11
C MET H 74 -23.77 -49.28 -29.16
N ARG H 75 -22.81 -48.37 -29.42
CA ARG H 75 -22.67 -47.20 -28.56
C ARG H 75 -23.91 -46.33 -28.62
N ASP H 76 -24.45 -46.12 -29.83
CA ASP H 76 -25.65 -45.31 -29.95
C ASP H 76 -26.82 -45.94 -29.21
N HIS H 77 -26.97 -47.27 -29.34
CA HIS H 77 -28.05 -47.95 -28.64
C HIS H 77 -27.87 -47.83 -27.12
N GLU H 78 -26.65 -47.99 -26.63
CA GLU H 78 -26.40 -47.86 -25.20
C GLU H 78 -26.73 -46.47 -24.70
N ARG H 79 -26.41 -45.45 -25.50
CA ARG H 79 -26.74 -44.08 -25.09
C ARG H 79 -28.24 -43.82 -25.13
N LYS H 80 -28.97 -44.45 -26.04
CA LYS H 80 -30.40 -44.18 -26.15
C LYS H 80 -31.19 -44.81 -25.01
N GLU H 81 -30.79 -45.99 -24.54
CA GLU H 81 -31.60 -46.74 -23.60
C GLU H 81 -31.39 -46.25 -22.17
N GLU H 82 -32.21 -46.80 -21.26
CA GLU H 82 -32.19 -46.44 -19.85
C GLU H 82 -31.49 -47.46 -18.99
N THR H 83 -31.63 -48.74 -19.29
CA THR H 83 -30.95 -49.80 -18.57
C THR H 83 -29.67 -50.20 -19.30
N PHE H 84 -29.02 -51.25 -18.83
CA PHE H 84 -27.84 -51.78 -19.51
C PHE H 84 -28.26 -52.64 -20.69
N THR H 85 -27.61 -52.45 -21.81
CA THR H 85 -27.91 -53.27 -22.98
C THR H 85 -26.97 -54.46 -23.04
N PRO H 86 -27.35 -55.54 -23.72
CA PRO H 86 -26.46 -56.71 -23.80
C PRO H 86 -25.20 -56.38 -24.58
N MET H 87 -24.05 -56.81 -24.05
CA MET H 87 -22.75 -56.47 -24.60
C MET H 87 -22.26 -57.57 -25.54
N PRO H 88 -21.41 -57.23 -26.50
CA PRO H 88 -20.91 -58.27 -27.43
C PRO H 88 -20.15 -59.38 -26.73
N SER H 89 -19.44 -59.07 -25.66
CA SER H 89 -18.69 -60.05 -24.89
C SER H 89 -18.87 -59.76 -23.41
N PRO H 90 -18.84 -60.80 -22.56
CA PRO H 90 -18.89 -60.55 -21.12
C PRO H 90 -17.60 -59.96 -20.55
N TYR H 91 -16.57 -59.79 -21.39
CA TYR H 91 -15.32 -59.18 -20.98
C TYR H 91 -14.84 -58.22 -22.06
N TYR H 92 -15.76 -57.41 -22.59
CA TYR H 92 -15.43 -56.57 -23.74
C TYR H 92 -14.31 -55.59 -23.41
N MET H 93 -14.32 -55.03 -22.20
CA MET H 93 -13.30 -54.06 -21.83
C MET H 93 -11.92 -54.72 -21.74
N GLU H 94 -11.84 -55.88 -21.07
CA GLU H 94 -10.56 -56.56 -20.92
C GLU H 94 -10.06 -57.07 -22.26
N LEU H 95 -10.95 -57.64 -23.08
CA LEU H 95 -10.53 -58.11 -24.39
C LEU H 95 -10.02 -56.95 -25.22
N THR H 96 -10.72 -55.82 -25.22
CA THR H 96 -10.27 -54.66 -25.96
C THR H 96 -8.89 -54.22 -25.49
N LYS H 97 -8.71 -54.09 -24.17
CA LYS H 97 -7.43 -53.63 -23.65
C LYS H 97 -6.31 -54.55 -24.09
N LEU H 98 -6.46 -55.85 -23.86
CA LEU H 98 -5.39 -56.79 -24.17
C LEU H 98 -5.09 -56.81 -25.67
N LEU H 99 -6.13 -56.97 -26.49
CA LEU H 99 -5.91 -57.10 -27.92
C LEU H 99 -5.31 -55.83 -28.50
N LEU H 100 -5.81 -54.66 -28.12
CA LEU H 100 -5.30 -53.43 -28.71
C LEU H 100 -3.94 -53.06 -28.15
N ASN H 101 -3.62 -53.46 -26.92
CA ASN H 101 -2.29 -53.15 -26.39
C ASN H 101 -1.23 -54.05 -27.01
N HIS H 102 -1.58 -55.30 -27.33
CA HIS H 102 -0.57 -56.24 -27.78
C HIS H 102 -0.55 -56.49 -29.29
N ALA H 103 -1.60 -56.12 -30.02
CA ALA H 103 -1.68 -56.49 -31.44
C ALA H 103 -2.29 -55.39 -32.29
N SER H 104 -2.06 -54.12 -31.95
CA SER H 104 -2.62 -53.04 -32.75
C SER H 104 -2.13 -53.13 -34.20
N ASP H 105 -0.94 -53.66 -34.41
CA ASP H 105 -0.44 -53.84 -35.77
C ASP H 105 -1.30 -54.82 -36.57
N ASN H 106 -2.08 -55.66 -35.89
CA ASN H 106 -2.90 -56.65 -36.57
C ASN H 106 -4.35 -56.21 -36.72
N ILE H 107 -4.79 -55.19 -36.00
CA ILE H 107 -6.19 -54.78 -35.97
C ILE H 107 -6.29 -53.39 -36.61
N PRO H 108 -6.77 -53.29 -37.85
CA PRO H 108 -6.98 -51.96 -38.43
C PRO H 108 -8.04 -51.16 -37.69
N LYS H 109 -7.83 -49.84 -37.64
CA LYS H 109 -8.76 -48.91 -37.02
C LYS H 109 -8.85 -49.12 -35.51
N ALA H 110 -7.71 -49.45 -34.90
CA ALA H 110 -7.70 -49.74 -33.46
C ALA H 110 -8.03 -48.51 -32.63
N ASP H 111 -7.61 -47.32 -33.07
CA ASP H 111 -7.89 -46.11 -32.30
C ASP H 111 -9.39 -45.84 -32.21
N GLU H 112 -10.10 -45.99 -33.33
CA GLU H 112 -11.55 -45.78 -33.31
C GLU H 112 -12.22 -46.81 -32.42
N ILE H 113 -11.78 -48.06 -32.48
CA ILE H 113 -12.34 -49.11 -31.65
C ILE H 113 -12.15 -48.78 -30.18
N ARG H 114 -10.95 -48.36 -29.81
CA ARG H 114 -10.68 -48.01 -28.43
C ARG H 114 -11.57 -46.86 -27.96
N THR H 115 -11.74 -45.84 -28.80
CA THR H 115 -12.58 -44.71 -28.42
C THR H 115 -14.03 -45.12 -28.25
N LEU H 116 -14.55 -45.96 -29.14
CA LEU H 116 -15.93 -46.40 -29.02
C LEU H 116 -16.14 -47.24 -27.77
N VAL H 117 -15.20 -48.14 -27.46
CA VAL H 117 -15.31 -48.94 -26.25
C VAL H 117 -15.25 -48.05 -25.01
N LYS H 118 -14.42 -47.01 -25.05
CA LYS H 118 -14.36 -46.07 -23.94
C LYS H 118 -15.69 -45.35 -23.76
N ASP H 119 -16.33 -44.95 -24.87
CA ASP H 119 -17.63 -44.30 -24.78
C ASP H 119 -18.65 -45.21 -24.12
N MET H 120 -18.71 -46.47 -24.55
CA MET H 120 -19.63 -47.42 -23.95
C MET H 120 -19.36 -47.59 -22.47
N TRP H 121 -18.08 -47.73 -22.10
CA TRP H 121 -17.72 -47.90 -20.70
C TRP H 121 -18.19 -46.71 -19.87
N ASP H 122 -17.98 -45.49 -20.36
CA ASP H 122 -18.37 -44.31 -19.60
C ASP H 122 -19.88 -44.28 -19.40
N THR H 123 -20.64 -44.55 -20.46
CA THR H 123 -22.09 -44.53 -20.32
C THR H 123 -22.56 -45.55 -19.30
N ARG H 124 -22.02 -46.77 -19.36
CA ARG H 124 -22.46 -47.81 -18.44
C ARG H 124 -22.06 -47.51 -17.00
N ILE H 125 -20.87 -46.92 -16.80
CA ILE H 125 -20.46 -46.56 -15.45
C ILE H 125 -21.41 -45.51 -14.88
N ALA H 126 -21.82 -44.55 -15.71
CA ALA H 126 -22.78 -43.56 -15.24
C ALA H 126 -24.12 -44.18 -14.89
N LYS H 127 -24.57 -45.15 -15.69
CA LYS H 127 -25.82 -45.84 -15.36
C LYS H 127 -25.71 -46.57 -14.03
N LEU H 128 -24.56 -47.21 -13.77
CA LEU H 128 -24.36 -47.90 -12.50
C LEU H 128 -24.35 -46.91 -11.34
N ARG H 129 -23.75 -45.73 -11.54
CA ARG H 129 -23.79 -44.70 -10.50
C ARG H 129 -25.22 -44.29 -10.18
N VAL H 130 -26.03 -44.09 -11.23
CA VAL H 130 -27.44 -43.74 -11.01
C VAL H 130 -28.14 -44.85 -10.25
N SER H 131 -27.85 -46.11 -10.59
CA SER H 131 -28.48 -47.23 -9.91
C SER H 131 -28.13 -47.23 -8.43
N ALA H 132 -26.87 -47.02 -8.09
CA ALA H 132 -26.47 -47.01 -6.68
C ALA H 132 -27.14 -45.87 -5.92
N ASP H 133 -27.15 -44.67 -6.52
CA ASP H 133 -27.80 -43.54 -5.86
C ASP H 133 -29.28 -43.81 -5.64
N SER H 134 -29.96 -44.40 -6.63
CA SER H 134 -31.37 -44.73 -6.46
C SER H 134 -31.57 -45.78 -5.38
N PHE H 135 -30.68 -46.78 -5.32
CA PHE H 135 -30.80 -47.81 -4.30
C PHE H 135 -30.75 -47.20 -2.90
N VAL H 136 -29.77 -46.32 -2.66
CA VAL H 136 -29.65 -45.76 -1.32
C VAL H 136 -30.76 -44.76 -1.03
N ARG H 137 -31.05 -43.87 -1.99
CA ARG H 137 -31.99 -42.78 -1.73
C ARG H 137 -33.41 -43.30 -1.51
N GLN H 138 -33.83 -44.32 -2.25
CA GLN H 138 -35.17 -44.85 -2.15
C GLN H 138 -35.29 -45.98 -1.13
N GLN H 139 -34.20 -46.38 -0.49
CA GLN H 139 -34.20 -47.45 0.51
C GLN H 139 -34.79 -48.74 -0.08
N GLU H 140 -34.11 -49.27 -1.08
CA GLU H 140 -34.46 -50.55 -1.66
C GLU H 140 -33.82 -51.68 -0.86
N ALA H 141 -34.39 -52.88 -1.02
CA ALA H 141 -33.81 -54.09 -0.44
C ALA H 141 -33.23 -55.02 -1.49
N HIS H 142 -33.47 -54.77 -2.76
CA HIS H 142 -33.04 -55.65 -3.84
C HIS H 142 -33.00 -54.84 -5.12
N ALA H 143 -32.19 -55.29 -6.07
CA ALA H 143 -32.10 -54.62 -7.35
C ALA H 143 -31.80 -55.65 -8.44
N LYS H 144 -32.14 -55.30 -9.67
CA LYS H 144 -31.87 -56.12 -10.83
C LYS H 144 -30.87 -55.39 -11.72
N LEU H 145 -29.77 -56.05 -12.05
CA LEU H 145 -28.72 -55.48 -12.89
C LEU H 145 -28.39 -56.47 -14.00
N ASP H 146 -29.20 -56.49 -15.04
CA ASP H 146 -28.99 -57.43 -16.15
C ASP H 146 -28.10 -56.80 -17.21
N ASN H 147 -27.28 -57.64 -17.84
CA ASN H 147 -26.39 -57.24 -18.92
C ASN H 147 -25.21 -56.42 -18.41
N LEU H 148 -24.92 -56.50 -17.12
CA LEU H 148 -23.78 -55.82 -16.52
C LEU H 148 -22.63 -56.81 -16.40
N THR H 149 -21.44 -56.40 -16.83
CA THR H 149 -20.30 -57.30 -16.88
C THR H 149 -19.57 -57.32 -15.54
N LEU H 150 -18.74 -58.36 -15.37
CA LEU H 150 -18.04 -58.55 -14.10
C LEU H 150 -17.11 -57.39 -13.79
N MET H 151 -16.39 -56.90 -14.80
CA MET H 151 -15.46 -55.80 -14.56
C MET H 151 -16.20 -54.54 -14.12
N GLU H 152 -17.39 -54.31 -14.68
CA GLU H 152 -18.17 -53.14 -14.30
C GLU H 152 -18.63 -53.21 -12.85
N ILE H 153 -19.10 -54.39 -12.44
CA ILE H 153 -19.51 -54.58 -11.05
C ILE H 153 -18.32 -54.41 -10.12
N ASN H 154 -17.19 -55.00 -10.49
CA ASN H 154 -16.03 -55.02 -9.60
C ASN H 154 -15.43 -53.63 -9.41
N THR H 155 -15.73 -52.69 -10.31
CA THR H 155 -15.10 -51.37 -10.23
C THR H 155 -15.54 -50.61 -8.98
N SER H 156 -16.79 -50.83 -8.53
CA SER H 156 -17.28 -50.15 -7.33
C SER H 156 -18.12 -51.06 -6.45
N GLY H 157 -18.02 -52.38 -6.60
CA GLY H 157 -18.91 -53.28 -5.87
C GLY H 157 -18.67 -53.25 -4.37
N THR H 158 -17.41 -53.27 -3.95
CA THR H 158 -17.11 -53.34 -2.52
C THR H 158 -17.67 -52.14 -1.77
N PHE H 159 -17.47 -50.94 -2.33
CA PHE H 159 -18.01 -49.74 -1.70
C PHE H 159 -19.52 -49.82 -1.55
N LEU H 160 -20.22 -50.18 -2.62
CA LEU H 160 -21.67 -50.22 -2.58
C LEU H 160 -22.16 -51.25 -1.58
N THR H 161 -21.56 -52.42 -1.55
CA THR H 161 -22.00 -53.46 -0.63
C THR H 161 -21.74 -53.07 0.82
N GLN H 162 -20.59 -52.45 1.10
CA GLN H 162 -20.32 -52.00 2.47
C GLN H 162 -21.32 -50.93 2.90
N ALA H 163 -21.61 -49.98 2.02
CA ALA H 163 -22.59 -48.95 2.33
C ALA H 163 -23.95 -49.58 2.60
N LEU H 164 -24.35 -50.56 1.78
CA LEU H 164 -25.65 -51.20 1.98
C LEU H 164 -25.69 -51.98 3.29
N ASN H 165 -24.59 -52.63 3.67
CA ASN H 165 -24.55 -53.32 4.95
C ASN H 165 -24.76 -52.35 6.11
N HIS H 166 -24.05 -51.23 6.08
CA HIS H 166 -24.24 -50.23 7.13
C HIS H 166 -25.67 -49.72 7.15
N MET H 167 -26.23 -49.43 5.96
CA MET H 167 -27.59 -48.89 5.90
C MET H 167 -28.59 -49.90 6.44
N TYR H 168 -28.42 -51.18 6.13
CA TYR H 168 -29.32 -52.20 6.65
C TYR H 168 -29.26 -52.25 8.17
N LYS H 169 -28.05 -52.21 8.73
CA LYS H 169 -27.94 -52.22 10.18
C LYS H 169 -28.63 -51.00 10.80
N LEU H 170 -28.50 -49.84 10.15
CA LEU H 170 -29.20 -48.65 10.64
C LEU H 170 -30.72 -48.77 10.48
N ARG H 171 -31.20 -49.49 9.46
CA ARG H 171 -32.62 -49.72 9.30
C ARG H 171 -33.19 -50.70 10.30
N THR H 172 -32.38 -51.59 10.86
CA THR H 172 -32.86 -52.60 11.80
C THR H 172 -32.37 -52.36 13.22
N ASN H 173 -32.26 -51.09 13.63
CA ASN H 173 -31.77 -50.77 14.96
C ASN H 173 -32.79 -51.11 16.04
N LEU H 174 -34.06 -50.80 15.80
CA LEU H 174 -35.05 -50.80 16.88
C LEU H 174 -35.56 -52.19 17.22
N GLN H 175 -35.30 -53.19 16.39
CA GLN H 175 -35.76 -54.54 16.66
C GLN H 175 -35.04 -55.10 17.89
N PRO H 176 -35.77 -55.52 18.94
CA PRO H 176 -35.08 -56.18 20.05
C PRO H 176 -34.86 -57.67 19.80
N ALA I 4 -2.49 -59.30 4.39
CA ALA I 4 -2.98 -60.47 5.10
C ALA I 4 -3.22 -60.17 6.58
N TYR I 5 -3.19 -58.90 6.95
CA TYR I 5 -3.54 -58.46 8.30
C TYR I 5 -4.91 -57.79 8.23
N PHE I 6 -5.86 -58.34 8.99
CA PHE I 6 -7.21 -57.80 9.04
C PHE I 6 -7.65 -57.73 10.49
N ARG I 7 -7.66 -56.51 11.03
CA ARG I 7 -8.10 -56.30 12.39
C ARG I 7 -9.54 -56.77 12.57
N VAL I 8 -9.90 -57.05 13.82
CA VAL I 8 -11.28 -57.41 14.13
C VAL I 8 -12.16 -56.19 13.82
N GLU I 9 -13.27 -56.44 13.14
CA GLU I 9 -14.09 -55.35 12.63
C GLU I 9 -15.06 -54.86 13.68
N SER I 10 -15.55 -53.64 13.47
CA SER I 10 -16.47 -53.03 14.42
C SER I 10 -17.84 -53.69 14.35
N GLY I 11 -18.48 -53.81 15.51
CA GLY I 11 -19.84 -54.31 15.59
C GLY I 11 -20.74 -53.35 16.32
N ALA I 12 -20.42 -52.05 16.25
CA ALA I 12 -21.14 -51.06 17.03
C ALA I 12 -22.53 -50.77 16.49
N LEU I 13 -22.76 -50.99 15.19
CA LEU I 13 -24.07 -50.78 14.61
C LEU I 13 -25.03 -51.93 14.89
N GLY I 14 -24.54 -53.05 15.40
CA GLY I 14 -25.38 -54.18 15.72
C GLY I 14 -25.92 -54.09 17.13
N PRO I 15 -26.64 -55.13 17.56
CA PRO I 15 -27.18 -55.13 18.92
C PRO I 15 -26.11 -55.04 19.99
N GLU I 16 -24.93 -55.63 19.75
CA GLU I 16 -23.84 -55.61 20.70
C GLU I 16 -22.55 -55.34 19.95
N GLU I 17 -21.60 -54.70 20.62
CA GLU I 17 -20.31 -54.41 20.03
C GLU I 17 -19.39 -55.63 20.14
N ASN I 18 -18.35 -55.64 19.31
CA ASN I 18 -17.44 -56.78 19.22
C ASN I 18 -16.42 -56.73 20.34
N PHE I 19 -16.23 -57.86 21.03
CA PHE I 19 -15.38 -57.91 22.21
C PHE I 19 -13.94 -57.54 21.88
N LEU I 20 -13.43 -58.00 20.74
CA LEU I 20 -12.02 -57.84 20.40
C LEU I 20 -11.78 -56.70 19.42
N SER I 21 -12.72 -55.78 19.26
CA SER I 21 -12.60 -54.69 18.32
C SER I 21 -11.97 -53.47 19.01
N LEU I 22 -10.81 -53.04 18.49
CA LEU I 22 -10.15 -51.86 19.04
C LEU I 22 -11.02 -50.62 18.88
N ASP I 23 -11.67 -50.49 17.72
CA ASP I 23 -12.54 -49.34 17.49
C ASP I 23 -13.66 -49.29 18.52
N ASP I 24 -14.26 -50.44 18.83
CA ASP I 24 -15.35 -50.46 19.79
C ASP I 24 -14.87 -50.09 21.19
N ILE I 25 -13.67 -50.53 21.57
CA ILE I 25 -13.12 -50.18 22.87
C ILE I 25 -12.89 -48.68 22.97
N LEU I 26 -12.29 -48.09 21.93
CA LEU I 26 -12.09 -46.64 21.92
C LEU I 26 -13.43 -45.91 21.95
N MET I 27 -14.42 -46.41 21.20
CA MET I 27 -15.73 -45.75 21.18
C MET I 27 -16.38 -45.78 22.55
N SER I 28 -16.35 -46.93 23.22
CA SER I 28 -16.96 -47.05 24.53
C SER I 28 -16.16 -46.35 25.61
N HIS I 29 -14.93 -45.92 25.32
CA HIS I 29 -14.21 -45.07 26.26
C HIS I 29 -14.86 -43.70 26.44
N GLU I 30 -15.67 -43.24 25.49
CA GLU I 30 -16.22 -41.90 25.54
C GLU I 30 -17.29 -41.78 26.62
N LYS I 31 -17.40 -40.56 27.14
CA LYS I 31 -18.24 -40.29 28.33
C LYS I 31 -19.72 -40.11 28.01
N LEU I 32 -20.53 -40.02 29.04
CA LEU I 32 -21.97 -39.95 28.93
C LEU I 32 -22.59 -39.45 30.23
N PRO I 33 -23.34 -38.35 30.22
CA PRO I 33 -23.90 -37.82 31.47
C PRO I 33 -24.88 -38.80 32.12
N VAL I 34 -24.81 -38.89 33.45
CA VAL I 34 -25.67 -39.77 34.23
C VAL I 34 -26.12 -39.04 35.49
N ARG I 35 -27.17 -39.55 36.11
CA ARG I 35 -27.62 -39.10 37.42
C ARG I 35 -27.69 -40.31 38.35
N THR I 36 -27.11 -40.17 39.54
CA THR I 36 -26.97 -41.29 40.45
C THR I 36 -28.24 -41.45 41.28
N GLU I 37 -28.82 -42.64 41.27
CA GLU I 37 -30.07 -42.93 41.94
C GLU I 37 -29.90 -43.66 43.26
N THR I 38 -28.67 -43.78 43.76
CA THR I 38 -28.44 -44.41 45.06
C THR I 38 -27.10 -43.93 45.59
N ALA I 39 -27.01 -43.78 46.91
CA ALA I 39 -25.74 -43.44 47.53
C ALA I 39 -24.73 -44.52 47.21
N MET I 40 -23.48 -44.11 46.95
CA MET I 40 -22.44 -45.01 46.44
C MET I 40 -21.23 -44.89 47.36
N PRO I 41 -21.18 -45.66 48.45
CA PRO I 41 -20.09 -45.50 49.41
C PRO I 41 -18.74 -45.96 48.89
N ARG I 42 -17.69 -45.39 49.48
CA ARG I 42 -16.31 -45.80 49.29
C ARG I 42 -15.77 -45.51 47.90
N LEU I 43 -16.50 -44.73 47.10
CA LEU I 43 -15.99 -44.28 45.81
C LEU I 43 -15.97 -42.77 45.70
N GLY I 44 -16.18 -42.05 46.80
CA GLY I 44 -16.18 -40.60 46.74
C GLY I 44 -14.86 -40.01 46.30
N ALA I 45 -13.75 -40.69 46.58
CA ALA I 45 -12.44 -40.19 46.16
C ALA I 45 -12.40 -39.97 44.65
N PHE I 46 -13.05 -40.83 43.88
CA PHE I 46 -12.90 -40.76 42.43
C PHE I 46 -13.85 -39.76 41.78
N PHE I 47 -14.75 -39.17 42.55
CA PHE I 47 -15.68 -38.17 42.01
C PHE I 47 -15.89 -37.03 43.00
N ASN I 58 -15.66 -42.13 52.08
CA ASN I 58 -16.14 -41.13 51.16
C ASN I 58 -17.19 -41.74 50.22
N ALA I 59 -18.37 -41.12 50.18
CA ALA I 59 -19.48 -41.63 49.41
C ALA I 59 -19.95 -40.59 48.40
N VAL I 60 -20.53 -41.07 47.31
CA VAL I 60 -21.12 -40.21 46.29
C VAL I 60 -22.61 -40.07 46.59
N PRO I 61 -23.11 -38.86 46.85
CA PRO I 61 -24.50 -38.73 47.31
C PRO I 61 -25.51 -39.08 46.23
N GLN I 62 -26.69 -39.49 46.69
CA GLN I 62 -27.81 -39.76 45.80
C GLN I 62 -28.16 -38.47 45.04
N GLY I 63 -28.56 -38.64 43.78
CA GLY I 63 -28.94 -37.52 42.96
C GLY I 63 -27.78 -36.75 42.34
N SER I 64 -26.55 -37.16 42.59
CA SER I 64 -25.40 -36.48 42.03
C SER I 64 -25.36 -36.65 40.52
N LYS I 65 -24.74 -35.69 39.83
CA LYS I 65 -24.61 -35.70 38.38
C LYS I 65 -23.16 -35.94 38.02
N LEU I 66 -22.91 -36.97 37.21
CA LEU I 66 -21.56 -37.36 36.83
C LEU I 66 -21.49 -37.63 35.34
N GLU I 67 -20.26 -37.67 34.84
CA GLU I 67 -19.97 -38.13 33.48
C GLU I 67 -19.18 -39.42 33.58
N LEU I 68 -19.70 -40.48 32.97
CA LEU I 68 -19.10 -41.80 33.05
C LEU I 68 -18.76 -42.32 31.66
N PRO I 69 -17.75 -43.17 31.52
CA PRO I 69 -17.52 -43.84 30.24
C PRO I 69 -18.70 -44.72 29.88
N LEU I 70 -18.95 -44.86 28.58
CA LEU I 70 -20.13 -45.59 28.13
C LEU I 70 -20.08 -47.04 28.62
N TRP I 71 -18.89 -47.65 28.66
CA TRP I 71 -18.80 -49.02 29.14
C TRP I 71 -19.19 -49.13 30.60
N LEU I 72 -18.81 -48.14 31.41
CA LEU I 72 -19.16 -48.16 32.82
C LEU I 72 -20.65 -47.90 33.02
N ALA I 73 -21.22 -46.98 32.25
CA ALA I 73 -22.65 -46.72 32.34
C ALA I 73 -23.46 -47.94 31.90
N LYS I 74 -23.00 -48.62 30.85
CA LYS I 74 -23.71 -49.82 30.33
C LYS I 74 -23.64 -50.91 31.41
N GLY I 75 -22.52 -51.02 32.14
CA GLY I 75 -22.39 -52.05 33.16
C GLY I 75 -23.33 -51.84 34.33
N LEU I 76 -23.48 -50.60 34.79
CA LEU I 76 -24.30 -50.32 35.96
C LEU I 76 -25.79 -50.16 35.64
N PHE I 77 -26.15 -49.99 34.38
CA PHE I 77 -27.53 -49.68 34.03
C PHE I 77 -28.41 -50.92 34.05
N ASP I 78 -29.60 -50.77 34.60
CA ASP I 78 -30.65 -51.77 34.53
C ASP I 78 -31.96 -51.05 34.23
N ASN I 79 -32.89 -51.77 33.61
CA ASN I 79 -34.09 -51.13 33.09
C ASN I 79 -34.90 -50.42 34.17
N LYS I 80 -34.85 -50.89 35.42
CA LYS I 80 -35.60 -50.27 36.50
C LYS I 80 -34.90 -49.09 37.14
N ARG I 81 -33.70 -48.74 36.69
CA ARG I 81 -33.00 -47.54 37.14
C ARG I 81 -32.76 -47.60 38.65
N ARG I 82 -31.96 -48.59 39.07
CA ARG I 82 -31.60 -48.75 40.47
C ARG I 82 -30.39 -47.89 40.83
N ILE I 83 -29.30 -48.06 40.08
CA ILE I 83 -28.03 -47.41 40.42
C ILE I 83 -27.93 -46.03 39.79
N LEU I 84 -28.31 -45.88 38.53
CA LEU I 84 -28.17 -44.60 37.85
C LEU I 84 -29.19 -44.51 36.73
N SER I 85 -29.42 -43.28 36.27
CA SER I 85 -30.22 -42.99 35.09
C SER I 85 -29.36 -42.24 34.09
N VAL I 86 -29.61 -42.47 32.81
CA VAL I 86 -28.75 -42.00 31.73
C VAL I 86 -29.46 -40.88 30.97
N GLU I 87 -28.72 -39.82 30.65
CA GLU I 87 -29.21 -38.73 29.83
C GLU I 87 -28.42 -38.69 28.52
N LEU I 88 -29.11 -38.32 27.44
CA LEU I 88 -28.48 -38.29 26.14
C LEU I 88 -27.52 -37.11 26.04
N PRO I 89 -26.40 -37.28 25.32
CA PRO I 89 -25.57 -36.11 24.99
C PRO I 89 -26.31 -35.14 24.09
N LYS I 90 -25.94 -33.86 24.18
CA LYS I 90 -26.63 -32.83 23.44
C LYS I 90 -26.66 -33.14 21.94
N ILE I 91 -25.65 -33.85 21.45
CA ILE I 91 -25.54 -34.10 20.01
C ILE I 91 -26.70 -34.94 19.50
N TYR I 92 -27.30 -35.76 20.35
CA TYR I 92 -28.38 -36.65 19.95
C TYR I 92 -29.74 -36.16 20.40
N GLN I 93 -29.84 -34.94 20.91
CA GLN I 93 -31.11 -34.39 21.36
C GLN I 93 -31.78 -33.60 20.23
N GLU I 94 -33.06 -33.28 20.43
CA GLU I 94 -33.87 -32.63 19.37
C GLU I 94 -33.17 -31.41 18.81
N GLY I 95 -32.50 -30.58 19.59
CA GLY I 95 -31.90 -29.37 19.04
C GLY I 95 -30.95 -29.66 17.90
N TRP I 96 -30.08 -30.66 18.08
CA TRP I 96 -29.15 -31.02 17.01
C TRP I 96 -29.79 -31.90 15.95
N ARG I 97 -30.80 -32.69 16.30
CA ARG I 97 -31.48 -33.49 15.29
C ARG I 97 -32.13 -32.60 14.24
N THR I 98 -32.66 -31.45 14.65
CA THR I 98 -33.25 -30.52 13.70
C THR I 98 -32.19 -29.91 12.79
N VAL I 99 -31.01 -29.62 13.33
CA VAL I 99 -29.92 -29.09 12.52
C VAL I 99 -29.51 -30.12 11.46
N PHE I 100 -29.44 -31.39 11.85
CA PHE I 100 -29.07 -32.43 10.90
C PHE I 100 -30.05 -32.51 9.73
N SER I 101 -31.34 -32.34 10.02
CA SER I 101 -32.35 -32.49 8.97
C SER I 101 -32.24 -31.39 7.92
N ALA I 102 -31.79 -30.20 8.31
CA ALA I 102 -31.72 -29.10 7.35
C ALA I 102 -30.78 -29.43 6.21
N ASP I 103 -29.55 -29.80 6.52
CA ASP I 103 -28.59 -30.27 5.54
C ASP I 103 -27.52 -31.10 6.22
N PRO I 104 -27.61 -32.44 6.18
CA PRO I 104 -26.61 -33.25 6.90
C PRO I 104 -25.21 -33.19 6.31
N ASN I 105 -25.02 -32.56 5.15
CA ASN I 105 -23.71 -32.58 4.51
C ASN I 105 -22.75 -31.55 5.11
N VAL I 106 -23.28 -30.57 5.86
CA VAL I 106 -22.43 -29.49 6.37
C VAL I 106 -22.01 -29.68 7.82
N VAL I 107 -22.55 -30.67 8.51
CA VAL I 107 -22.21 -30.92 9.91
C VAL I 107 -20.90 -31.70 9.97
N ASP I 108 -20.03 -31.33 10.90
CA ASP I 108 -18.73 -31.97 11.06
C ASP I 108 -18.87 -33.13 12.05
N LEU I 109 -19.01 -34.34 11.52
CA LEU I 109 -19.18 -35.50 12.37
C LEU I 109 -17.86 -35.99 12.97
N HIS I 110 -16.73 -35.51 12.47
CA HIS I 110 -15.45 -35.88 13.07
C HIS I 110 -15.27 -35.21 14.42
N LYS I 111 -15.58 -33.91 14.51
CA LYS I 111 -15.43 -33.18 15.76
C LYS I 111 -16.54 -33.55 16.75
N MET I 112 -17.74 -33.82 16.25
CA MET I 112 -18.87 -34.19 17.09
C MET I 112 -18.90 -35.69 17.36
N GLY I 113 -17.77 -36.22 17.84
CA GLY I 113 -17.66 -37.62 18.14
C GLY I 113 -17.13 -38.39 16.95
N PRO I 114 -15.88 -38.88 17.03
CA PRO I 114 -15.35 -39.66 15.90
C PRO I 114 -16.22 -40.85 15.54
N HIS I 115 -16.75 -41.55 16.53
CA HIS I 115 -17.66 -42.68 16.30
C HIS I 115 -19.10 -42.22 16.51
N PHE I 116 -19.55 -41.34 15.61
CA PHE I 116 -20.88 -40.76 15.75
C PHE I 116 -21.97 -41.81 15.59
N TYR I 117 -21.91 -42.61 14.52
CA TYR I 117 -22.94 -43.61 14.31
C TYR I 117 -22.83 -44.74 15.33
N GLY I 118 -21.62 -45.21 15.59
CA GLY I 118 -21.46 -46.29 16.55
C GLY I 118 -21.88 -45.91 17.95
N PHE I 119 -21.56 -44.69 18.37
CA PHE I 119 -21.98 -44.23 19.70
C PHE I 119 -23.49 -44.07 19.77
N GLY I 120 -24.09 -43.45 18.76
CA GLY I 120 -25.53 -43.29 18.76
C GLY I 120 -26.26 -44.60 18.72
N SER I 121 -25.71 -45.59 18.01
CA SER I 121 -26.34 -46.90 17.96
C SER I 121 -26.37 -47.55 19.33
N GLN I 122 -25.29 -47.42 20.09
CA GLN I 122 -25.21 -48.03 21.41
C GLN I 122 -26.03 -47.28 22.45
N LEU I 123 -26.45 -46.05 22.17
CA LEU I 123 -27.32 -45.32 23.09
C LEU I 123 -28.72 -45.90 23.14
N LEU I 124 -29.11 -46.69 22.13
CA LEU I 124 -30.45 -47.26 22.10
C LEU I 124 -30.63 -48.35 23.16
N HIS I 125 -29.55 -48.77 23.83
CA HIS I 125 -29.65 -49.79 24.85
C HIS I 125 -30.26 -49.27 26.15
N PHE I 126 -30.33 -47.96 26.32
CA PHE I 126 -30.79 -47.37 27.58
C PHE I 126 -32.28 -47.09 27.60
N ASP I 127 -33.02 -47.50 26.57
CA ASP I 127 -34.47 -47.41 26.53
C ASP I 127 -34.95 -46.01 26.91
N SER I 128 -34.53 -45.05 26.10
CA SER I 128 -35.01 -43.69 26.25
C SER I 128 -36.36 -43.54 25.55
N PRO I 129 -37.19 -42.60 26.00
CA PRO I 129 -38.43 -42.33 25.25
C PRO I 129 -38.17 -41.80 23.85
N GLU I 130 -36.98 -41.29 23.58
CA GLU I 130 -36.62 -40.72 22.28
C GLU I 130 -35.90 -41.72 21.39
N ASN I 131 -36.06 -43.02 21.65
CA ASN I 131 -35.32 -44.02 20.89
C ASN I 131 -35.70 -44.00 19.41
N ALA I 132 -37.00 -43.92 19.11
CA ALA I 132 -37.43 -43.91 17.72
C ALA I 132 -36.88 -42.69 16.99
N ASP I 133 -36.74 -41.57 17.69
CA ASP I 133 -36.24 -40.36 17.05
C ASP I 133 -34.73 -40.43 16.85
N ILE I 134 -33.99 -40.99 17.80
CA ILE I 134 -32.56 -41.18 17.60
C ILE I 134 -32.31 -42.10 16.42
N SER I 135 -33.05 -43.22 16.38
CA SER I 135 -32.88 -44.19 15.30
C SER I 135 -33.15 -43.56 13.95
N GLN I 136 -34.29 -42.87 13.81
CA GLN I 136 -34.66 -42.28 12.53
C GLN I 136 -33.66 -41.22 12.10
N SER I 137 -33.13 -40.45 13.05
CA SER I 137 -32.16 -39.41 12.71
C SER I 137 -30.87 -40.01 12.18
N LEU I 138 -30.39 -41.10 12.81
CA LEU I 138 -29.15 -41.71 12.37
C LEU I 138 -29.27 -42.23 10.94
N LEU I 139 -30.43 -42.82 10.61
CA LEU I 139 -30.63 -43.33 9.26
C LEU I 139 -30.68 -42.21 8.23
N GLN I 140 -31.46 -41.16 8.50
CA GLN I 140 -31.59 -40.08 7.54
C GLN I 140 -30.27 -39.35 7.34
N THR I 141 -29.50 -39.19 8.41
CA THR I 141 -28.19 -38.55 8.28
C THR I 141 -27.29 -39.35 7.35
N PHE I 142 -27.29 -40.68 7.50
CA PHE I 142 -26.48 -41.51 6.62
C PHE I 142 -26.96 -41.42 5.17
N ILE I 143 -28.28 -41.49 4.96
CA ILE I 143 -28.82 -41.40 3.60
C ILE I 143 -28.49 -40.05 2.98
N GLY I 144 -28.63 -38.98 3.76
CA GLY I 144 -28.43 -37.65 3.23
C GLY I 144 -26.98 -37.33 2.92
N ARG I 145 -26.04 -38.10 3.46
CA ARG I 145 -24.63 -37.89 3.25
C ARG I 145 -24.01 -38.90 2.28
N PHE I 146 -24.78 -39.86 1.79
CA PHE I 146 -24.21 -40.95 1.01
C PHE I 146 -23.64 -40.45 -0.33
N ARG I 147 -24.41 -39.61 -1.04
CA ARG I 147 -24.00 -39.24 -2.39
C ARG I 147 -22.68 -38.51 -2.39
N ARG I 148 -22.49 -37.58 -1.47
CA ARG I 148 -21.23 -36.85 -1.41
C ARG I 148 -20.06 -37.76 -1.07
N ILE I 149 -20.26 -38.69 -0.12
CA ILE I 149 -19.19 -39.62 0.22
C ILE I 149 -18.83 -40.50 -0.96
N MET I 150 -19.85 -41.01 -1.66
CA MET I 150 -19.58 -41.87 -2.82
C MET I 150 -18.86 -41.10 -3.92
N ASP I 151 -19.27 -39.87 -4.19
CA ASP I 151 -18.67 -39.11 -5.28
C ASP I 151 -17.23 -38.73 -4.96
N SER I 152 -17.00 -38.17 -3.77
CA SER I 152 -15.65 -37.74 -3.42
C SER I 152 -14.68 -38.92 -3.38
N SER I 153 -15.12 -40.05 -2.83
CA SER I 153 -14.23 -41.19 -2.68
C SER I 153 -13.87 -41.82 -4.02
N GLN I 154 -14.78 -41.79 -4.99
CA GLN I 154 -14.60 -42.47 -6.26
C GLN I 154 -14.07 -41.55 -7.37
N ASN I 155 -13.82 -40.27 -7.08
CA ASN I 155 -13.39 -39.33 -8.11
C ASN I 155 -12.22 -38.46 -7.71
N ALA I 156 -11.73 -38.55 -6.48
CA ALA I 156 -10.54 -37.82 -6.05
C ALA I 156 -9.34 -38.71 -6.29
N TYR I 157 -8.65 -38.50 -7.41
CA TYR I 157 -7.57 -39.38 -7.86
C TYR I 157 -6.24 -38.64 -7.76
N ASN I 158 -5.29 -39.24 -7.05
CA ASN I 158 -3.94 -38.71 -6.93
C ASN I 158 -3.96 -37.24 -6.48
N GLU I 159 -4.82 -36.97 -5.50
CA GLU I 159 -5.04 -35.63 -5.00
C GLU I 159 -5.00 -35.62 -3.48
N ASP I 160 -4.97 -34.42 -2.91
CA ASP I 160 -5.04 -34.26 -1.47
C ASP I 160 -6.49 -34.40 -1.01
N THR I 161 -6.74 -35.35 -0.12
CA THR I 161 -8.07 -35.64 0.38
C THR I 161 -8.31 -35.12 1.78
N SER I 162 -7.36 -34.39 2.35
CA SER I 162 -7.50 -33.94 3.73
C SER I 162 -8.76 -33.11 3.93
N ALA I 163 -9.12 -32.30 2.94
CA ALA I 163 -10.34 -31.52 3.03
C ALA I 163 -11.59 -32.34 2.74
N LEU I 164 -11.45 -33.50 2.09
CA LEU I 164 -12.61 -34.31 1.75
C LEU I 164 -13.02 -35.23 2.90
N VAL I 165 -12.07 -35.62 3.75
CA VAL I 165 -12.37 -36.48 4.90
C VAL I 165 -12.36 -35.71 6.20
N ALA I 166 -12.22 -34.38 6.15
CA ALA I 166 -12.10 -33.60 7.38
C ALA I 166 -13.34 -33.76 8.25
N ARG I 167 -14.52 -33.73 7.65
CA ARG I 167 -15.78 -33.73 8.38
C ARG I 167 -16.42 -35.10 8.48
N LEU I 168 -15.79 -36.15 7.96
CA LEU I 168 -16.35 -37.49 8.02
C LEU I 168 -16.00 -38.15 9.35
N ASP I 169 -16.92 -38.99 9.84
CA ASP I 169 -16.68 -39.73 11.06
C ASP I 169 -15.93 -41.04 10.75
N GLU I 170 -15.69 -41.84 11.79
CA GLU I 170 -14.86 -43.02 11.62
C GLU I 170 -15.47 -44.03 10.65
N MET I 171 -16.77 -44.27 10.79
CA MET I 171 -17.43 -45.22 9.89
C MET I 171 -17.41 -44.71 8.45
N GLU I 172 -17.63 -43.41 8.26
CA GLU I 172 -17.62 -42.85 6.91
C GLU I 172 -16.20 -42.87 6.32
N ARG I 173 -15.18 -42.67 7.15
CA ARG I 173 -13.81 -42.71 6.66
C ARG I 173 -13.43 -44.10 6.18
N GLY I 174 -14.02 -45.14 6.76
CA GLY I 174 -13.80 -46.48 6.25
C GLY I 174 -14.37 -46.66 4.85
N LEU I 175 -15.60 -46.16 4.63
CA LEU I 175 -16.19 -46.22 3.30
C LEU I 175 -15.36 -45.44 2.30
N PHE I 176 -14.88 -44.25 2.70
CA PHE I 176 -14.07 -43.44 1.80
C PHE I 176 -12.81 -44.18 1.39
N GLN I 177 -12.16 -44.87 2.33
CA GLN I 177 -10.97 -45.63 1.99
C GLN I 177 -11.28 -46.76 1.02
N THR I 178 -12.42 -47.44 1.21
CA THR I 178 -12.81 -48.48 0.28
C THR I 178 -13.04 -47.90 -1.12
N GLY I 179 -13.72 -46.75 -1.20
CA GLY I 179 -13.94 -46.14 -2.50
C GLY I 179 -12.65 -45.73 -3.19
N GLN I 180 -11.70 -45.19 -2.43
CA GLN I 180 -10.41 -44.84 -3.01
C GLN I 180 -9.67 -46.09 -3.48
N LYS I 181 -9.77 -47.19 -2.72
CA LYS I 181 -9.12 -48.43 -3.12
C LYS I 181 -9.66 -48.92 -4.46
N GLY I 182 -10.98 -48.86 -4.66
CA GLY I 182 -11.55 -49.29 -5.92
C GLY I 182 -11.10 -48.43 -7.08
N LEU I 183 -11.08 -47.11 -6.88
CA LEU I 183 -10.62 -46.21 -7.92
C LEU I 183 -9.15 -46.47 -8.26
N ASN I 184 -8.31 -46.65 -7.25
CA ASN I 184 -6.88 -46.83 -7.50
C ASN I 184 -6.60 -48.14 -8.21
N ASP I 185 -7.30 -49.22 -7.83
CA ASP I 185 -7.04 -50.51 -8.46
C ASP I 185 -7.32 -50.47 -9.95
N PHE I 186 -8.44 -49.87 -10.35
CA PHE I 186 -8.76 -49.82 -11.78
C PHE I 186 -7.76 -48.96 -12.54
N GLN I 187 -7.33 -47.84 -11.95
CA GLN I 187 -6.35 -46.98 -12.61
C GLN I 187 -5.03 -47.71 -12.80
N CYS I 188 -4.61 -48.48 -11.79
CA CYS I 188 -3.38 -49.26 -11.92
C CYS I 188 -3.51 -50.31 -13.01
N TRP I 189 -4.66 -50.99 -13.07
CA TRP I 189 -4.85 -52.02 -14.09
C TRP I 189 -4.82 -51.42 -15.49
N GLU I 190 -5.47 -50.28 -15.68
CA GLU I 190 -5.56 -49.70 -17.02
C GLU I 190 -4.20 -49.18 -17.48
N LYS I 191 -3.37 -48.71 -16.55
CA LYS I 191 -2.05 -48.21 -16.89
C LYS I 191 -1.01 -49.32 -17.01
N GLY I 192 -1.38 -50.58 -16.77
CA GLY I 192 -0.47 -51.68 -16.93
C GLY I 192 0.45 -51.92 -15.75
N GLN I 193 0.14 -51.37 -14.59
CA GLN I 193 0.96 -51.56 -13.40
C GLN I 193 0.50 -52.72 -12.53
N ALA I 194 -0.62 -53.36 -12.87
CA ALA I 194 -1.18 -54.41 -12.04
C ALA I 194 -0.56 -55.77 -12.27
N SER I 195 0.34 -55.89 -13.25
CA SER I 195 0.94 -57.18 -13.58
C SER I 195 2.32 -57.39 -12.97
N GLN I 196 2.99 -56.33 -12.53
CA GLN I 196 4.31 -56.49 -11.94
C GLN I 196 4.20 -57.16 -10.57
N ILE I 197 5.06 -58.13 -10.31
CA ILE I 197 5.18 -58.74 -8.99
C ILE I 197 6.03 -57.83 -8.11
N THR I 198 5.51 -57.47 -6.94
CA THR I 198 6.14 -56.47 -6.11
C THR I 198 6.36 -57.02 -4.70
N ALA I 199 7.22 -56.33 -3.96
CA ALA I 199 7.42 -56.66 -2.56
C ALA I 199 6.12 -56.47 -1.79
N SER I 200 5.91 -57.34 -0.80
CA SER I 200 4.68 -57.29 -0.02
C SER I 200 4.53 -55.93 0.66
N ASN I 201 3.28 -55.61 1.01
CA ASN I 201 3.00 -54.33 1.65
C ASN I 201 3.76 -54.19 2.96
N LEU I 202 3.74 -55.23 3.80
CA LEU I 202 4.44 -55.14 5.08
C LEU I 202 5.93 -54.98 4.87
N VAL I 203 6.51 -55.69 3.90
CA VAL I 203 7.93 -55.55 3.62
C VAL I 203 8.26 -54.12 3.23
N GLN I 204 7.42 -53.51 2.40
CA GLN I 204 7.66 -52.13 2.00
C GLN I 204 7.62 -51.18 3.19
N ASN I 205 6.63 -51.35 4.07
CA ASN I 205 6.51 -50.49 5.23
C ASN I 205 7.56 -50.79 6.30
N TYR I 206 8.20 -51.95 6.24
CA TYR I 206 9.22 -52.32 7.22
C TYR I 206 10.62 -51.92 6.74
N LYS I 207 10.96 -52.25 5.50
CA LYS I 207 12.31 -52.05 4.99
C LYS I 207 12.51 -50.73 4.26
N LYS I 208 11.45 -49.97 4.02
CA LYS I 208 11.54 -48.72 3.28
C LYS I 208 10.70 -47.63 3.94
N ARG I 209 10.66 -47.64 5.27
CA ARG I 209 9.92 -46.62 6.01
C ARG I 209 10.48 -46.49 7.42
N VAL J 20 -18.65 -89.77 -13.70
CA VAL J 20 -17.34 -89.14 -13.59
C VAL J 20 -17.29 -87.88 -14.46
N LEU J 21 -16.82 -86.79 -13.87
CA LEU J 21 -16.71 -85.54 -14.58
C LEU J 21 -15.57 -85.58 -15.60
N THR J 22 -15.77 -84.89 -16.71
CA THR J 22 -14.66 -84.62 -17.61
C THR J 22 -13.73 -83.62 -16.95
N PRO J 23 -12.44 -83.62 -17.32
CA PRO J 23 -11.51 -82.67 -16.68
C PRO J 23 -11.92 -81.21 -16.87
N ALA J 24 -12.46 -80.87 -18.04
CA ALA J 24 -12.89 -79.50 -18.28
C ALA J 24 -14.01 -79.11 -17.32
N GLU J 25 -14.99 -80.00 -17.13
CA GLU J 25 -16.05 -79.74 -16.17
C GLU J 25 -15.48 -79.60 -14.77
N LEU J 26 -14.46 -80.39 -14.45
CA LEU J 26 -13.82 -80.30 -13.15
C LEU J 26 -13.22 -78.90 -12.93
N ILE J 27 -12.53 -78.36 -13.94
CA ILE J 27 -11.99 -77.02 -13.81
C ILE J 27 -13.10 -76.00 -13.71
N GLU J 28 -14.20 -76.23 -14.43
CA GLU J 28 -15.34 -75.31 -14.34
C GLU J 28 -15.88 -75.25 -12.92
N ARG J 29 -16.05 -76.41 -12.29
CA ARG J 29 -16.53 -76.42 -10.91
C ARG J 29 -15.51 -75.82 -9.95
N LEU J 30 -14.22 -76.03 -10.22
CA LEU J 30 -13.19 -75.39 -9.40
C LEU J 30 -13.35 -73.88 -9.43
N GLU J 31 -13.53 -73.31 -10.62
CA GLU J 31 -13.69 -71.86 -10.73
C GLU J 31 -14.98 -71.38 -10.05
N GLN J 32 -16.06 -72.15 -10.20
CA GLN J 32 -17.32 -71.78 -9.55
C GLN J 32 -17.15 -71.73 -8.03
N ALA J 33 -16.53 -72.76 -7.44
CA ALA J 33 -16.30 -72.78 -6.01
C ALA J 33 -15.36 -71.65 -5.60
N TRP J 34 -14.35 -71.38 -6.42
CA TRP J 34 -13.44 -70.27 -6.15
C TRP J 34 -14.21 -68.97 -5.96
N MET J 35 -15.06 -68.63 -6.93
CA MET J 35 -15.77 -67.36 -6.84
C MET J 35 -16.79 -67.36 -5.69
N ASN J 36 -17.49 -68.48 -5.49
CA ASN J 36 -18.45 -68.55 -4.40
C ASN J 36 -17.77 -68.31 -3.06
N GLU J 37 -16.65 -68.99 -2.80
CA GLU J 37 -15.92 -68.78 -1.56
C GLU J 37 -15.39 -67.36 -1.48
N LYS J 38 -15.01 -66.77 -2.61
CA LYS J 38 -14.46 -65.43 -2.60
C LYS J 38 -15.49 -64.40 -2.16
N PHE J 39 -16.77 -64.60 -2.47
CA PHE J 39 -17.77 -63.61 -2.12
C PHE J 39 -18.70 -63.99 -0.98
N ALA J 40 -18.69 -65.23 -0.53
CA ALA J 40 -19.61 -65.61 0.54
C ALA J 40 -19.10 -65.08 1.88
N PRO J 41 -20.01 -64.63 2.77
CA PRO J 41 -19.56 -64.14 4.09
C PRO J 41 -19.20 -65.23 5.08
N GLU J 42 -19.45 -66.50 4.76
CA GLU J 42 -19.20 -67.60 5.67
C GLU J 42 -18.39 -68.68 4.97
N LEU J 43 -17.98 -69.68 5.74
CA LEU J 43 -17.31 -70.84 5.17
C LEU J 43 -18.34 -71.73 4.49
N LEU J 44 -18.15 -72.00 3.21
CA LEU J 44 -19.07 -72.82 2.44
C LEU J 44 -18.72 -74.29 2.63
N GLU J 45 -19.42 -75.15 1.89
CA GLU J 45 -19.27 -76.59 2.07
C GLU J 45 -17.97 -77.07 1.43
N SER J 46 -17.31 -78.01 2.09
CA SER J 46 -16.10 -78.59 1.56
C SER J 46 -16.40 -79.39 0.30
N LYS J 47 -15.42 -79.42 -0.61
CA LYS J 47 -15.53 -80.11 -1.89
C LYS J 47 -14.33 -81.02 -2.06
N PRO J 48 -14.26 -82.11 -1.30
CA PRO J 48 -13.07 -82.97 -1.37
C PRO J 48 -12.82 -83.55 -2.75
N GLU J 49 -13.88 -83.90 -3.47
CA GLU J 49 -13.71 -84.50 -4.79
C GLU J 49 -13.01 -83.55 -5.74
N ILE J 50 -13.42 -82.27 -5.76
CA ILE J 50 -12.79 -81.32 -6.66
C ILE J 50 -11.31 -81.19 -6.36
N VAL J 51 -10.96 -81.00 -5.09
CA VAL J 51 -9.56 -80.78 -4.72
C VAL J 51 -8.73 -82.00 -5.05
N GLU J 52 -9.21 -83.19 -4.67
CA GLU J 52 -8.46 -84.40 -4.93
C GLU J 52 -8.26 -84.62 -6.42
N CYS J 53 -9.32 -84.46 -7.20
CA CYS J 53 -9.23 -84.69 -8.64
C CYS J 53 -8.29 -83.69 -9.31
N VAL J 54 -8.33 -82.43 -8.88
CA VAL J 54 -7.46 -81.44 -9.50
C VAL J 54 -5.99 -81.72 -9.15
N MET J 55 -5.72 -82.07 -7.89
CA MET J 55 -4.35 -82.38 -7.53
C MET J 55 -3.85 -83.60 -8.31
N GLU J 56 -4.69 -84.61 -8.47
CA GLU J 56 -4.32 -85.79 -9.24
C GLU J 56 -4.05 -85.44 -10.70
N GLN J 57 -4.89 -84.57 -11.28
CA GLN J 57 -4.69 -84.16 -12.66
C GLN J 57 -3.35 -83.45 -12.82
N LEU J 58 -3.02 -82.56 -11.89
CA LEU J 58 -1.74 -81.88 -11.95
C LEU J 58 -0.59 -82.86 -11.86
N GLU J 59 -0.69 -83.84 -10.96
CA GLU J 59 0.38 -84.83 -10.82
C GLU J 59 0.56 -85.63 -12.11
N HIS J 60 -0.53 -86.09 -12.70
CA HIS J 60 -0.42 -86.84 -13.95
C HIS J 60 0.19 -85.99 -15.06
N MET J 61 -0.22 -84.72 -15.16
CA MET J 61 0.33 -83.88 -16.21
C MET J 61 1.82 -83.65 -16.00
N GLU J 62 2.25 -83.44 -14.75
CA GLU J 62 3.67 -83.31 -14.48
C GLU J 62 4.43 -84.55 -14.90
N GLU J 63 3.90 -85.73 -14.55
CA GLU J 63 4.55 -86.97 -14.94
C GLU J 63 4.66 -87.07 -16.45
N ASN J 64 3.57 -86.78 -17.16
CA ASN J 64 3.60 -86.88 -18.62
C ASN J 64 4.62 -85.93 -19.22
N LEU J 65 4.69 -84.70 -18.72
CA LEU J 65 5.67 -83.75 -19.23
C LEU J 65 7.09 -84.24 -18.95
N ARG J 66 7.30 -84.94 -17.84
CA ARG J 66 8.62 -85.48 -17.57
C ARG J 66 9.09 -86.41 -18.68
N ARG J 67 8.16 -87.03 -19.40
CA ARG J 67 8.52 -87.88 -20.53
C ARG J 67 8.80 -87.09 -21.81
N ALA J 68 8.55 -85.79 -21.83
CA ALA J 68 8.68 -85.00 -23.04
C ALA J 68 10.01 -84.26 -23.06
N LYS J 69 10.42 -83.86 -24.25
CA LYS J 69 11.66 -83.11 -24.44
C LYS J 69 11.50 -81.68 -23.95
N ARG J 70 12.61 -81.09 -23.52
CA ARG J 70 12.56 -79.79 -22.86
C ARG J 70 12.28 -78.66 -23.85
N GLU J 71 12.77 -78.77 -25.08
CA GLU J 71 12.73 -77.65 -26.01
C GLU J 71 11.34 -77.37 -26.56
N ASP J 72 10.39 -78.29 -26.37
CA ASP J 72 9.13 -78.22 -27.10
C ASP J 72 8.30 -76.99 -26.72
N LEU J 73 7.56 -76.49 -27.71
CA LEU J 73 6.52 -75.51 -27.45
C LEU J 73 5.38 -76.12 -26.64
N LYS J 74 5.07 -77.38 -26.92
CA LYS J 74 3.95 -78.05 -26.24
C LYS J 74 4.18 -78.09 -24.73
N VAL J 75 5.43 -78.34 -24.31
CA VAL J 75 5.72 -78.40 -22.89
C VAL J 75 5.47 -77.06 -22.23
N SER J 76 5.88 -75.96 -22.87
CA SER J 76 5.65 -74.64 -22.31
C SER J 76 4.17 -74.34 -22.21
N ILE J 77 3.39 -74.71 -23.24
CA ILE J 77 1.96 -74.44 -23.21
C ILE J 77 1.30 -75.23 -22.06
N HIS J 78 1.68 -76.50 -21.93
CA HIS J 78 1.15 -77.32 -20.84
C HIS J 78 1.50 -76.71 -19.49
N GLN J 79 2.73 -76.24 -19.34
CA GLN J 79 3.14 -75.66 -18.07
C GLN J 79 2.35 -74.40 -17.75
N MET J 80 2.09 -73.56 -18.76
CA MET J 80 1.27 -72.37 -18.53
C MET J 80 -0.13 -72.76 -18.04
N GLU J 81 -0.75 -73.75 -18.69
CA GLU J 81 -2.08 -74.16 -18.24
C GLU J 81 -2.05 -74.70 -16.81
N MET J 82 -1.03 -75.50 -16.49
CA MET J 82 -0.91 -76.01 -15.14
C MET J 82 -0.74 -74.88 -14.13
N GLU J 83 0.01 -73.83 -14.51
CA GLU J 83 0.17 -72.69 -13.63
C GLU J 83 -1.16 -72.02 -13.34
N ARG J 84 -2.00 -71.86 -14.37
CA ARG J 84 -3.31 -71.26 -14.15
C ARG J 84 -4.14 -72.11 -13.17
N ILE J 85 -4.17 -73.42 -13.40
CA ILE J 85 -4.96 -74.29 -12.53
C ILE J 85 -4.44 -74.23 -11.11
N ARG J 86 -3.11 -74.27 -10.95
CA ARG J 86 -2.51 -74.22 -9.63
C ARG J 86 -2.84 -72.93 -8.91
N TYR J 87 -2.80 -71.80 -9.64
CA TYR J 87 -3.14 -70.54 -9.01
C TYR J 87 -4.57 -70.55 -8.49
N VAL J 88 -5.51 -71.06 -9.30
CA VAL J 88 -6.90 -71.05 -8.86
C VAL J 88 -7.07 -71.91 -7.60
N LEU J 89 -6.48 -73.11 -7.61
CA LEU J 89 -6.62 -73.99 -6.45
C LEU J 89 -5.99 -73.37 -5.21
N SER J 90 -4.80 -72.78 -5.35
CA SER J 90 -4.14 -72.18 -4.21
C SER J 90 -4.94 -71.02 -3.64
N SER J 91 -5.48 -70.17 -4.51
CA SER J 91 -6.27 -69.05 -4.04
C SER J 91 -7.52 -69.53 -3.30
N TYR J 92 -8.19 -70.55 -3.83
CA TYR J 92 -9.38 -71.09 -3.18
C TYR J 92 -9.04 -71.61 -1.79
N LEU J 93 -7.97 -72.39 -1.67
CA LEU J 93 -7.60 -72.95 -0.38
C LEU J 93 -7.16 -71.87 0.59
N ARG J 94 -6.48 -70.83 0.10
CA ARG J 94 -6.11 -69.71 0.96
C ARG J 94 -7.34 -69.00 1.51
N CYS J 95 -8.34 -68.79 0.66
CA CYS J 95 -9.58 -68.15 1.13
C CYS J 95 -10.24 -68.97 2.22
N ARG J 96 -10.32 -70.29 2.02
CA ARG J 96 -10.92 -71.15 3.03
C ARG J 96 -10.12 -71.09 4.33
N LEU J 97 -8.79 -71.09 4.25
CA LEU J 97 -7.97 -71.04 5.45
C LEU J 97 -8.16 -69.73 6.20
N MET J 98 -8.27 -68.62 5.45
CA MET J 98 -8.51 -67.33 6.10
C MET J 98 -9.83 -67.34 6.84
N LYS J 99 -10.88 -67.89 6.23
CA LYS J 99 -12.16 -67.97 6.92
C LYS J 99 -12.05 -68.85 8.17
N ILE J 100 -11.33 -69.96 8.08
CA ILE J 100 -11.20 -70.85 9.23
C ILE J 100 -10.51 -70.11 10.38
N GLU J 101 -9.43 -69.39 10.07
CA GLU J 101 -8.71 -68.68 11.12
C GLU J 101 -9.55 -67.57 11.72
N LYS J 102 -10.36 -66.89 10.90
CA LYS J 102 -11.12 -65.76 11.40
C LYS J 102 -12.22 -66.18 12.36
N PHE J 103 -12.82 -67.36 12.15
CA PHE J 103 -14.01 -67.77 12.89
C PHE J 103 -13.82 -69.11 13.62
N PHE J 104 -12.60 -69.43 14.02
CA PHE J 104 -12.30 -70.82 14.41
C PHE J 104 -13.25 -71.37 15.47
N PRO J 105 -13.60 -70.66 16.55
CA PRO J 105 -14.49 -71.29 17.54
C PRO J 105 -15.82 -71.70 16.97
N HIS J 106 -16.40 -70.88 16.09
CA HIS J 106 -17.71 -71.15 15.53
C HIS J 106 -17.64 -72.25 14.47
N VAL J 107 -16.58 -72.27 13.67
CA VAL J 107 -16.38 -73.37 12.74
C VAL J 107 -16.32 -74.69 13.49
N LEU J 108 -15.52 -74.74 14.56
CA LEU J 108 -15.40 -75.98 15.32
C LEU J 108 -16.70 -76.35 15.99
N GLU J 109 -17.44 -75.37 16.53
CA GLU J 109 -18.72 -75.67 17.14
C GLU J 109 -19.70 -76.25 16.14
N LYS J 110 -19.77 -75.65 14.94
CA LYS J 110 -20.67 -76.16 13.91
C LYS J 110 -20.29 -77.59 13.52
N GLU J 111 -19.00 -77.85 13.35
CA GLU J 111 -18.58 -79.20 12.99
C GLU J 111 -18.93 -80.20 14.09
N LYS J 112 -18.77 -79.79 15.35
CA LYS J 112 -18.97 -80.71 16.46
C LYS J 112 -20.40 -81.24 16.52
N THR J 113 -21.38 -80.38 16.24
CA THR J 113 -22.79 -80.72 16.40
C THR J 113 -23.48 -81.02 15.07
N ARG J 114 -22.72 -81.38 14.04
CA ARG J 114 -23.31 -81.59 12.72
C ARG J 114 -24.08 -82.90 12.68
N PRO J 115 -25.26 -82.93 12.07
CA PRO J 115 -25.93 -84.20 11.83
C PRO J 115 -25.16 -85.06 10.84
N GLU J 116 -25.38 -86.37 10.95
CA GLU J 116 -24.63 -87.31 10.12
C GLU J 116 -24.86 -87.07 8.64
N GLY J 117 -26.12 -86.90 8.24
CA GLY J 117 -26.42 -86.73 6.83
C GLY J 117 -25.91 -85.41 6.27
N GLU J 118 -25.97 -84.34 7.05
CA GLU J 118 -25.67 -83.03 6.53
C GLU J 118 -24.19 -82.95 6.12
N PRO J 119 -23.87 -82.30 5.00
CA PRO J 119 -22.46 -82.25 4.57
C PRO J 119 -21.62 -81.32 5.41
N SER J 120 -20.33 -81.63 5.49
CA SER J 120 -19.41 -80.90 6.34
C SER J 120 -18.87 -79.66 5.65
N SER J 121 -18.48 -78.68 6.45
CA SER J 121 -17.82 -77.48 5.97
C SER J 121 -16.31 -77.53 6.14
N LEU J 122 -15.77 -78.62 6.67
CA LEU J 122 -14.34 -78.79 6.86
C LEU J 122 -13.91 -80.13 6.30
N SER J 123 -12.78 -80.14 5.62
CA SER J 123 -12.10 -81.38 5.33
C SER J 123 -11.37 -81.87 6.58
N PRO J 124 -11.03 -83.15 6.65
CA PRO J 124 -10.32 -83.64 7.85
C PRO J 124 -9.06 -82.86 8.15
N GLU J 125 -8.31 -82.50 7.11
CA GLU J 125 -7.08 -81.74 7.30
C GLU J 125 -7.37 -80.33 7.80
N GLU J 126 -8.39 -79.69 7.24
CA GLU J 126 -8.80 -78.38 7.75
C GLU J 126 -9.26 -78.48 9.20
N LEU J 127 -9.95 -79.57 9.55
CA LEU J 127 -10.38 -79.75 10.92
C LEU J 127 -9.20 -79.87 11.87
N ALA J 128 -8.19 -80.66 11.49
CA ALA J 128 -7.00 -80.77 12.33
C ALA J 128 -6.31 -79.42 12.48
N PHE J 129 -6.19 -78.68 11.36
CA PHE J 129 -5.58 -77.35 11.42
C PHE J 129 -6.35 -76.44 12.37
N ALA J 130 -7.68 -76.45 12.29
CA ALA J 130 -8.49 -75.59 13.15
C ALA J 130 -8.34 -75.96 14.62
N ARG J 131 -8.33 -77.26 14.92
CA ARG J 131 -8.16 -77.68 16.30
C ARG J 131 -6.82 -77.23 16.85
N GLU J 132 -5.75 -77.38 16.04
CA GLU J 132 -4.44 -76.92 16.48
C GLU J 132 -4.42 -75.41 16.67
N PHE J 133 -5.06 -74.66 15.78
CA PHE J 133 -5.11 -73.21 15.91
C PHE J 133 -5.78 -72.81 17.21
N MET J 134 -6.92 -73.44 17.52
CA MET J 134 -7.64 -73.13 18.75
C MET J 134 -6.79 -73.43 19.97
N ALA J 135 -6.18 -74.62 20.02
CA ALA J 135 -5.38 -74.99 21.18
C ALA J 135 -4.20 -74.06 21.36
N ASN J 136 -3.52 -73.73 20.27
CA ASN J 136 -2.35 -72.85 20.34
C ASN J 136 -2.75 -71.47 20.88
N THR J 137 -3.82 -70.89 20.34
CA THR J 137 -4.23 -69.56 20.78
C THR J 137 -4.66 -69.58 22.25
N GLU J 138 -5.42 -70.59 22.65
CA GLU J 138 -5.87 -70.66 24.04
C GLU J 138 -4.70 -70.81 24.99
N SER J 139 -3.73 -71.67 24.65
CA SER J 139 -2.57 -71.85 25.52
C SER J 139 -1.77 -70.55 25.63
N TYR J 140 -1.61 -69.83 24.51
CA TYR J 140 -0.90 -68.56 24.57
C TYR J 140 -1.61 -67.59 25.49
N LEU J 141 -2.93 -67.43 25.32
CA LEU J 141 -3.66 -66.48 26.16
C LEU J 141 -3.57 -66.86 27.62
N LYS J 142 -3.68 -68.15 27.94
CA LYS J 142 -3.57 -68.57 29.32
C LYS J 142 -2.19 -68.28 29.89
N ASN J 143 -1.13 -68.57 29.12
CA ASN J 143 0.21 -68.47 29.68
C ASN J 143 0.71 -67.04 29.76
N VAL J 144 0.18 -66.13 28.95
CA VAL J 144 0.70 -64.77 28.94
C VAL J 144 0.00 -63.87 29.95
N ALA J 145 -1.33 -63.85 29.96
CA ALA J 145 -2.05 -62.94 30.83
C ALA J 145 -3.06 -63.60 31.75
N LEU J 146 -3.86 -64.56 31.27
CA LEU J 146 -5.03 -64.98 32.03
C LEU J 146 -4.65 -65.69 33.33
N LYS J 147 -3.50 -66.37 33.37
CA LYS J 147 -3.13 -67.07 34.60
C LYS J 147 -2.72 -66.10 35.70
N HIS J 148 -2.41 -64.86 35.36
CA HIS J 148 -2.04 -63.85 36.34
C HIS J 148 -3.19 -62.98 36.79
N MET J 149 -4.38 -63.20 36.25
CA MET J 149 -5.55 -62.43 36.63
C MET J 149 -6.19 -63.03 37.88
N PRO J 150 -7.10 -62.31 38.52
CA PRO J 150 -7.75 -62.84 39.73
C PRO J 150 -8.46 -64.14 39.44
N PRO J 151 -8.63 -65.00 40.45
CA PRO J 151 -9.08 -66.38 40.17
C PRO J 151 -10.37 -66.48 39.37
N ASN J 152 -11.34 -65.60 39.60
CA ASN J 152 -12.63 -65.71 38.95
C ASN J 152 -12.68 -65.05 37.58
N LEU J 153 -11.60 -64.40 37.15
CA LEU J 153 -11.52 -63.79 35.83
C LEU J 153 -10.64 -64.59 34.87
N GLN J 154 -10.30 -65.83 35.22
CA GLN J 154 -9.30 -66.58 34.47
C GLN J 154 -9.88 -67.27 33.24
N LYS J 155 -11.20 -67.37 33.12
CA LYS J 155 -11.82 -68.06 32.00
C LYS J 155 -12.42 -67.05 31.04
N VAL J 156 -11.93 -67.04 29.80
CA VAL J 156 -12.50 -66.26 28.71
C VAL J 156 -13.18 -67.23 27.75
N ASP J 157 -14.47 -67.02 27.52
CA ASP J 157 -15.23 -67.89 26.62
C ASP J 157 -14.97 -67.41 25.19
N LEU J 158 -14.07 -68.09 24.50
CA LEU J 158 -13.72 -67.70 23.13
C LEU J 158 -14.94 -67.71 22.21
N PHE J 159 -15.97 -68.49 22.55
CA PHE J 159 -17.16 -68.53 21.71
C PHE J 159 -17.82 -67.16 21.64
N ARG J 160 -17.80 -66.41 22.74
CA ARG J 160 -18.37 -65.07 22.76
C ARG J 160 -17.38 -63.98 22.38
N ALA J 161 -16.08 -64.24 22.54
CA ALA J 161 -15.09 -63.20 22.28
C ALA J 161 -14.84 -62.99 20.79
N VAL J 162 -15.01 -64.04 19.99
CA VAL J 162 -14.72 -63.97 18.55
C VAL J 162 -16.03 -63.70 17.80
N PRO J 163 -16.07 -62.71 16.92
CA PRO J 163 -17.33 -62.40 16.23
C PRO J 163 -17.73 -63.47 15.23
N LYS J 164 -19.04 -63.63 15.06
CA LYS J 164 -19.60 -64.59 14.12
C LYS J 164 -19.65 -64.03 12.72
N PRO J 165 -19.76 -64.88 11.70
CA PRO J 165 -19.99 -64.39 10.34
C PRO J 165 -21.28 -63.58 10.27
N ASP J 166 -21.23 -62.48 9.52
CA ASP J 166 -22.40 -61.62 9.33
C ASP J 166 -23.11 -62.07 8.07
N LEU J 167 -24.23 -62.77 8.22
CA LEU J 167 -24.94 -63.34 7.10
C LEU J 167 -25.88 -62.35 6.42
N ASP J 168 -25.96 -61.11 6.91
CA ASP J 168 -26.78 -60.08 6.31
C ASP J 168 -25.99 -59.21 5.34
N SER J 169 -24.93 -59.75 4.74
CA SER J 169 -24.15 -59.00 3.78
C SER J 169 -24.82 -59.02 2.41
N TYR J 170 -24.63 -57.94 1.65
CA TYR J 170 -25.18 -57.84 0.31
C TYR J 170 -24.19 -58.43 -0.70
N VAL J 171 -24.73 -59.17 -1.66
CA VAL J 171 -23.93 -59.85 -2.66
C VAL J 171 -24.55 -59.67 -4.03
N PHE J 172 -23.70 -59.73 -5.05
CA PHE J 172 -24.12 -59.80 -6.45
C PHE J 172 -24.15 -61.27 -6.87
N LEU J 173 -25.22 -61.68 -7.53
CA LEU J 173 -25.36 -63.06 -7.96
C LEU J 173 -25.90 -63.13 -9.38
N ARG J 174 -25.57 -64.22 -10.06
CA ARG J 174 -26.08 -64.56 -11.38
C ARG J 174 -26.86 -65.87 -11.28
N VAL J 175 -28.02 -65.92 -11.91
CA VAL J 175 -28.92 -67.06 -11.78
C VAL J 175 -28.51 -68.14 -12.78
N ARG J 176 -28.27 -69.34 -12.27
CA ARG J 176 -27.95 -70.49 -13.12
C ARG J 176 -29.20 -71.29 -13.49
N GLU J 177 -30.12 -71.45 -12.54
CA GLU J 177 -31.38 -72.15 -12.75
C GLU J 177 -32.52 -71.28 -12.22
N ARG J 178 -33.60 -71.20 -13.00
CA ARG J 178 -34.75 -70.34 -12.66
C ARG J 178 -35.31 -70.67 -11.28
N GLN J 179 -35.61 -69.65 -10.47
CA GLN J 179 -36.20 -69.81 -9.16
C GLN J 179 -37.40 -68.89 -9.05
N GLU J 180 -38.42 -69.35 -8.32
CA GLU J 180 -39.67 -68.61 -8.18
C GLU J 180 -40.00 -68.40 -6.71
N ASN J 181 -40.67 -67.29 -6.43
CA ASN J 181 -41.17 -66.97 -5.09
C ASN J 181 -40.03 -66.87 -4.09
N ILE J 182 -39.14 -65.91 -4.33
CA ILE J 182 -38.08 -65.58 -3.38
C ILE J 182 -38.54 -64.38 -2.56
N LEU J 183 -38.48 -64.52 -1.23
CA LEU J 183 -39.03 -63.53 -0.31
C LEU J 183 -37.98 -62.48 0.02
N VAL J 184 -38.18 -61.26 -0.45
CA VAL J 184 -37.34 -60.12 -0.11
C VAL J 184 -37.92 -59.45 1.12
N GLU J 185 -37.10 -59.29 2.16
CA GLU J 185 -37.49 -58.66 3.42
C GLU J 185 -36.67 -57.40 3.61
N PRO J 186 -37.23 -56.21 3.36
CA PRO J 186 -36.41 -55.00 3.45
C PRO J 186 -36.03 -54.62 4.87
N ASP J 187 -36.79 -55.03 5.86
CA ASP J 187 -36.55 -54.62 7.24
C ASP J 187 -37.19 -55.64 8.17
N THR J 188 -37.31 -55.28 9.45
CA THR J 188 -37.91 -56.19 10.43
C THR J 188 -39.41 -56.32 10.23
N ASP J 189 -40.06 -55.28 9.71
CA ASP J 189 -41.51 -55.32 9.52
C ASP J 189 -41.88 -56.34 8.46
N GLU J 190 -42.88 -57.16 8.76
CA GLU J 190 -43.33 -58.18 7.82
C GLU J 190 -44.13 -57.58 6.67
N GLN J 191 -44.92 -56.54 6.96
CA GLN J 191 -45.79 -55.99 5.93
C GLN J 191 -45.02 -55.47 4.73
N ARG J 192 -43.77 -55.07 4.94
CA ARG J 192 -42.96 -54.53 3.85
C ARG J 192 -42.35 -55.63 2.98
N ASP J 193 -42.34 -56.88 3.45
CA ASP J 193 -41.76 -57.97 2.68
C ASP J 193 -42.58 -58.24 1.42
N TYR J 194 -41.90 -58.60 0.34
CA TYR J 194 -42.58 -58.96 -0.90
C TYR J 194 -41.86 -60.14 -1.52
N VAL J 195 -42.26 -60.52 -2.74
CA VAL J 195 -41.76 -61.72 -3.38
C VAL J 195 -41.34 -61.38 -4.81
N ILE J 196 -40.34 -62.10 -5.32
CA ILE J 196 -39.83 -61.88 -6.66
C ILE J 196 -39.51 -63.22 -7.33
N ASP J 197 -39.16 -63.13 -8.61
CA ASP J 197 -38.75 -64.27 -9.42
C ASP J 197 -37.32 -64.06 -9.89
N LEU J 198 -36.54 -65.14 -9.95
CA LEU J 198 -35.18 -65.12 -10.47
C LEU J 198 -35.16 -65.90 -11.78
N GLU J 199 -34.89 -65.20 -12.88
CA GLU J 199 -34.86 -65.81 -14.21
C GLU J 199 -33.44 -66.21 -14.57
N LYS J 200 -33.33 -67.26 -15.39
CA LYS J 200 -32.01 -67.75 -15.78
C LYS J 200 -31.24 -66.67 -16.53
N GLY J 201 -29.98 -66.50 -16.15
CA GLY J 201 -29.12 -65.50 -16.76
C GLY J 201 -29.21 -64.12 -16.17
N SER J 202 -30.17 -63.87 -15.28
CA SER J 202 -30.33 -62.55 -14.71
C SER J 202 -29.35 -62.35 -13.54
N GLN J 203 -29.14 -61.09 -13.20
CA GLN J 203 -28.17 -60.71 -12.19
C GLN J 203 -28.84 -59.82 -11.16
N HIS J 204 -28.59 -60.11 -9.89
CA HIS J 204 -29.29 -59.45 -8.79
C HIS J 204 -28.32 -59.03 -7.70
N LEU J 205 -28.71 -58.01 -6.95
CA LEU J 205 -28.02 -57.54 -5.76
C LEU J 205 -28.95 -57.73 -4.58
N ILE J 206 -28.57 -58.55 -3.61
CA ILE J 206 -29.49 -58.97 -2.56
C ILE J 206 -28.70 -59.42 -1.35
N ARG J 207 -29.37 -59.46 -0.19
CA ARG J 207 -28.74 -59.95 1.03
C ARG J 207 -28.49 -61.45 0.93
N TYR J 208 -27.33 -61.87 1.46
CA TYR J 208 -26.91 -63.26 1.34
C TYR J 208 -27.84 -64.21 2.09
N LYS J 209 -28.37 -63.79 3.23
CA LYS J 209 -29.19 -64.67 4.04
C LYS J 209 -30.38 -65.20 3.26
N THR J 210 -30.95 -64.39 2.37
CA THR J 210 -32.14 -64.80 1.64
C THR J 210 -31.86 -65.91 0.65
N ILE J 211 -30.64 -65.97 0.10
CA ILE J 211 -30.33 -66.81 -1.05
C ILE J 211 -29.25 -67.85 -0.76
N ALA J 212 -28.84 -68.02 0.50
CA ALA J 212 -27.75 -68.93 0.81
C ALA J 212 -28.02 -70.36 0.38
N PRO J 213 -29.20 -70.94 0.60
CA PRO J 213 -29.45 -72.30 0.10
C PRO J 213 -29.31 -72.43 -1.39
N LEU J 214 -29.64 -71.38 -2.16
CA LEU J 214 -29.46 -71.42 -3.59
C LEU J 214 -27.98 -71.43 -3.97
N VAL J 215 -27.13 -70.78 -3.18
CA VAL J 215 -25.69 -70.89 -3.40
C VAL J 215 -25.22 -72.30 -3.07
N ALA J 216 -25.78 -72.89 -2.01
CA ALA J 216 -25.38 -74.25 -1.65
C ALA J 216 -25.74 -75.25 -2.75
N SER J 217 -26.95 -75.12 -3.32
CA SER J 217 -27.41 -76.10 -4.29
C SER J 217 -26.81 -75.88 -5.67
N GLY J 218 -26.29 -74.70 -5.95
CA GLY J 218 -25.77 -74.37 -7.26
C GLY J 218 -26.76 -73.68 -8.18
N ALA J 219 -27.88 -73.19 -7.64
CA ALA J 219 -28.85 -72.50 -8.48
C ALA J 219 -28.37 -71.09 -8.85
N VAL J 220 -27.50 -70.49 -8.03
CA VAL J 220 -26.98 -69.17 -8.30
C VAL J 220 -25.47 -69.21 -8.11
N GLN J 221 -24.79 -68.25 -8.74
CA GLN J 221 -23.35 -68.10 -8.68
C GLN J 221 -23.04 -66.71 -8.16
N LEU J 222 -22.23 -66.62 -7.11
CA LEU J 222 -21.86 -65.33 -6.55
C LEU J 222 -20.78 -64.69 -7.42
N ILE J 223 -20.99 -63.42 -7.76
CA ILE J 223 -20.06 -62.66 -8.58
C ILE J 223 -19.65 -61.41 -7.84
N MET K 1 39.02 -67.92 -33.34
CA MET K 1 38.56 -68.06 -34.74
C MET K 1 37.34 -67.20 -35.00
N PHE K 2 37.01 -67.02 -36.27
CA PHE K 2 35.83 -66.25 -36.68
C PHE K 2 34.65 -67.19 -36.90
N VAL K 3 33.46 -66.69 -36.61
CA VAL K 3 32.23 -67.43 -36.78
C VAL K 3 31.67 -67.10 -38.16
N SER K 4 31.39 -68.13 -38.96
CA SER K 4 30.84 -67.91 -40.29
C SER K 4 29.33 -67.72 -40.24
N ASP K 5 28.61 -68.69 -39.67
CA ASP K 5 27.15 -68.69 -39.63
C ASP K 5 26.71 -68.36 -38.21
N PHE K 6 26.15 -67.15 -38.03
CA PHE K 6 25.75 -66.74 -36.69
C PHE K 6 24.59 -67.56 -36.17
N ARG K 7 23.70 -68.03 -37.06
CA ARG K 7 22.58 -68.85 -36.62
C ARG K 7 23.06 -70.20 -36.11
N LYS K 8 23.90 -70.88 -36.88
CA LYS K 8 24.23 -72.27 -36.63
C LYS K 8 25.39 -72.43 -35.66
N GLU K 9 26.39 -71.56 -35.73
CA GLU K 9 27.57 -71.69 -34.88
C GLU K 9 27.42 -71.00 -33.53
N PHE K 10 26.57 -69.98 -33.42
CA PHE K 10 26.43 -69.24 -32.18
C PHE K 10 25.05 -69.39 -31.56
N TYR K 11 23.98 -69.02 -32.25
CA TYR K 11 22.68 -68.91 -31.58
C TYR K 11 22.08 -70.27 -31.29
N GLU K 12 22.16 -71.20 -32.23
CA GLU K 12 21.65 -72.54 -31.97
C GLU K 12 22.49 -73.27 -30.94
N VAL K 13 23.80 -72.97 -30.88
CA VAL K 13 24.65 -73.55 -29.85
C VAL K 13 24.23 -73.07 -28.47
N VAL K 14 23.95 -71.78 -28.34
CA VAL K 14 23.66 -71.19 -27.03
C VAL K 14 22.21 -71.35 -26.62
N GLN K 15 21.31 -71.59 -27.58
CA GLN K 15 19.87 -71.55 -27.30
C GLN K 15 19.50 -72.50 -26.16
N SER K 16 20.16 -73.64 -26.07
CA SER K 16 19.78 -74.68 -25.13
C SER K 16 20.54 -74.64 -23.81
N GLN K 17 21.40 -73.65 -23.61
CA GLN K 17 22.29 -73.60 -22.46
C GLN K 17 22.00 -72.37 -21.61
N ARG K 18 22.75 -72.24 -20.53
CA ARG K 18 22.75 -71.04 -19.70
C ARG K 18 23.97 -70.21 -20.04
N VAL K 19 23.77 -68.93 -20.28
CA VAL K 19 24.82 -68.07 -20.82
C VAL K 19 25.01 -66.86 -19.92
N LEU K 20 26.24 -66.37 -19.87
CA LEU K 20 26.59 -65.19 -19.08
C LEU K 20 26.98 -64.06 -20.02
N LEU K 21 26.35 -62.90 -19.87
CA LEU K 21 26.61 -61.74 -20.72
C LEU K 21 27.43 -60.70 -19.96
N PHE K 22 28.60 -60.37 -20.50
CA PHE K 22 29.42 -59.27 -20.01
C PHE K 22 29.23 -58.08 -20.95
N VAL K 23 28.60 -57.01 -20.46
CA VAL K 23 28.24 -55.86 -21.28
C VAL K 23 29.07 -54.66 -20.84
N ALA K 24 29.77 -54.04 -21.78
CA ALA K 24 30.57 -52.86 -21.51
C ALA K 24 29.70 -51.62 -21.44
N SER K 25 30.28 -50.52 -20.96
CA SER K 25 29.54 -49.29 -20.68
C SER K 25 29.72 -48.32 -21.84
N ASP K 26 29.00 -48.59 -22.93
CA ASP K 26 28.85 -47.63 -24.01
C ASP K 26 27.51 -47.90 -24.69
N VAL K 27 27.00 -46.89 -25.39
CA VAL K 27 25.62 -46.95 -25.89
C VAL K 27 25.48 -48.06 -26.91
N ASP K 28 26.47 -48.25 -27.77
CA ASP K 28 26.41 -49.31 -28.76
C ASP K 28 26.30 -50.67 -28.09
N ALA K 29 27.07 -50.88 -27.01
CA ALA K 29 26.98 -52.13 -26.25
C ALA K 29 25.60 -52.29 -25.65
N LEU K 30 25.02 -51.22 -25.12
CA LEU K 30 23.69 -51.31 -24.53
C LEU K 30 22.66 -51.70 -25.58
N CYS K 31 22.74 -51.13 -26.78
CA CYS K 31 21.78 -51.46 -27.82
C CYS K 31 21.94 -52.91 -28.29
N ALA K 32 23.19 -53.37 -28.42
CA ALA K 32 23.41 -54.77 -28.76
C ALA K 32 22.83 -55.69 -27.69
N CYS K 33 23.03 -55.34 -26.42
CA CYS K 33 22.47 -56.13 -25.33
C CYS K 33 20.95 -56.13 -25.38
N LYS K 34 20.35 -55.00 -25.75
CA LYS K 34 18.89 -54.93 -25.86
C LYS K 34 18.39 -55.90 -26.93
N ILE K 35 19.02 -55.89 -28.10
CA ILE K 35 18.59 -56.79 -29.18
C ILE K 35 18.73 -58.24 -28.74
N LEU K 36 19.89 -58.59 -28.18
CA LEU K 36 20.12 -59.96 -27.75
C LEU K 36 19.15 -60.38 -26.66
N GLN K 37 18.83 -59.47 -25.73
CA GLN K 37 17.88 -59.79 -24.68
C GLN K 37 16.50 -60.07 -25.26
N ALA K 38 16.07 -59.27 -26.23
CA ALA K 38 14.78 -59.55 -26.86
C ALA K 38 14.78 -60.93 -27.50
N LEU K 39 15.85 -61.26 -28.23
CA LEU K 39 15.92 -62.58 -28.84
C LEU K 39 15.86 -63.69 -27.80
N PHE K 40 16.65 -63.56 -26.73
CA PHE K 40 16.71 -64.61 -25.72
C PHE K 40 15.36 -64.78 -25.03
N GLN K 41 14.69 -63.68 -24.69
CA GLN K 41 13.40 -63.79 -24.03
C GLN K 41 12.33 -64.34 -24.96
N CYS K 42 12.49 -64.18 -26.28
CA CYS K 42 11.55 -64.85 -27.19
C CYS K 42 11.65 -66.36 -27.07
N ASP K 43 12.85 -66.90 -26.87
CA ASP K 43 13.11 -68.32 -26.94
C ASP K 43 13.30 -68.97 -25.57
N HIS K 44 13.01 -68.27 -24.48
CA HIS K 44 13.14 -68.81 -23.13
C HIS K 44 14.56 -69.30 -22.87
N VAL K 45 15.54 -68.48 -23.24
CA VAL K 45 16.95 -68.77 -22.96
C VAL K 45 17.28 -68.17 -21.61
N GLN K 46 17.77 -69.01 -20.69
CA GLN K 46 18.17 -68.54 -19.37
C GLN K 46 19.53 -67.87 -19.46
N TYR K 47 19.59 -66.59 -19.17
CA TYR K 47 20.82 -65.82 -19.28
C TYR K 47 21.02 -64.98 -18.02
N THR K 48 22.28 -64.63 -17.77
CA THR K 48 22.65 -63.70 -16.72
C THR K 48 23.42 -62.55 -17.35
N LEU K 49 23.09 -61.33 -16.96
CA LEU K 49 23.66 -60.13 -17.54
C LEU K 49 24.43 -59.38 -16.46
N VAL K 50 25.74 -59.20 -16.69
CA VAL K 50 26.62 -58.57 -15.71
C VAL K 50 27.25 -57.32 -16.33
N PRO K 51 26.93 -56.12 -15.86
CA PRO K 51 27.63 -54.93 -16.38
C PRO K 51 29.06 -54.86 -15.89
N VAL K 52 29.98 -54.60 -16.81
CA VAL K 52 31.39 -54.44 -16.50
C VAL K 52 31.89 -53.17 -17.16
N SER K 53 32.73 -52.42 -16.44
CA SER K 53 33.22 -51.14 -16.91
C SER K 53 34.70 -51.14 -17.24
N GLY K 54 35.45 -52.16 -16.84
CA GLY K 54 36.87 -52.18 -17.10
C GLY K 54 37.42 -53.59 -16.94
N TRP K 55 38.72 -53.71 -17.22
CA TRP K 55 39.36 -55.03 -17.20
C TRP K 55 39.33 -55.64 -15.81
N GLN K 56 39.57 -54.85 -14.77
CA GLN K 56 39.56 -55.40 -13.42
C GLN K 56 38.17 -55.90 -13.05
N GLU K 57 37.13 -55.14 -13.41
CA GLU K 57 35.77 -55.57 -13.13
C GLU K 57 35.43 -56.85 -13.87
N LEU K 58 35.85 -56.94 -15.14
CA LEU K 58 35.60 -58.15 -15.91
C LEU K 58 36.30 -59.36 -15.30
N GLU K 59 37.56 -59.19 -14.91
CA GLU K 59 38.31 -60.30 -14.32
C GLU K 59 37.68 -60.75 -13.01
N THR K 60 37.28 -59.79 -12.17
CA THR K 60 36.64 -60.14 -10.91
C THR K 60 35.34 -60.89 -11.14
N ALA K 61 34.51 -60.40 -12.07
CA ALA K 61 33.25 -61.07 -12.35
C ALA K 61 33.47 -62.48 -12.89
N PHE K 62 34.44 -62.64 -13.79
CA PHE K 62 34.71 -63.97 -14.31
C PHE K 62 35.15 -64.92 -13.20
N LEU K 63 36.02 -64.44 -12.31
CA LEU K 63 36.38 -65.26 -11.15
C LEU K 63 35.16 -65.64 -10.35
N GLU K 64 34.21 -64.72 -10.22
CA GLU K 64 33.01 -65.00 -9.43
C GLU K 64 32.10 -66.02 -10.11
N HIS K 65 32.12 -66.09 -11.45
CA HIS K 65 31.14 -66.90 -12.18
C HIS K 65 31.75 -68.06 -12.95
N LYS K 66 33.07 -68.21 -12.98
CA LYS K 66 33.66 -69.20 -13.89
C LYS K 66 33.19 -70.62 -13.59
N GLU K 67 32.83 -70.90 -12.34
CA GLU K 67 32.44 -72.26 -11.98
C GLU K 67 31.04 -72.62 -12.47
N GLN K 68 30.13 -71.65 -12.48
CA GLN K 68 28.72 -71.92 -12.71
C GLN K 68 28.28 -71.81 -14.17
N PHE K 69 29.17 -71.42 -15.07
CA PHE K 69 28.79 -71.23 -16.47
C PHE K 69 29.82 -71.87 -17.40
N HIS K 70 29.37 -72.21 -18.59
CA HIS K 70 30.23 -72.73 -19.63
C HIS K 70 30.20 -71.90 -20.91
N TYR K 71 29.27 -70.96 -21.03
CA TYR K 71 29.12 -70.15 -22.23
C TYR K 71 29.06 -68.69 -21.82
N PHE K 72 29.99 -67.90 -22.35
CA PHE K 72 30.08 -66.47 -22.07
C PHE K 72 29.98 -65.69 -23.37
N ILE K 73 29.24 -64.58 -23.33
CA ILE K 73 29.14 -63.65 -24.44
C ILE K 73 29.65 -62.31 -23.96
N LEU K 74 30.68 -61.80 -24.63
CA LEU K 74 31.26 -60.49 -24.33
C LEU K 74 30.79 -59.49 -25.38
N ILE K 75 30.18 -58.40 -24.96
CA ILE K 75 29.68 -57.37 -25.86
C ILE K 75 30.55 -56.13 -25.69
N ASN K 76 31.30 -55.80 -26.74
CA ASN K 76 32.16 -54.61 -26.77
C ASN K 76 33.26 -54.69 -25.72
N CYS K 77 33.93 -55.84 -25.66
CA CYS K 77 35.13 -56.00 -24.84
C CYS K 77 35.73 -57.37 -25.13
N GLY K 78 37.05 -57.45 -25.06
CA GLY K 78 37.76 -58.70 -25.12
C GLY K 78 38.42 -59.03 -26.44
N ALA K 79 38.18 -58.25 -27.50
CA ALA K 79 38.73 -58.61 -28.80
C ALA K 79 40.16 -58.15 -28.99
N ASN K 80 40.59 -57.09 -28.32
CA ASN K 80 41.91 -56.52 -28.56
C ASN K 80 42.97 -57.02 -27.59
N VAL K 81 42.64 -57.94 -26.70
CA VAL K 81 43.61 -58.52 -25.78
C VAL K 81 43.56 -60.04 -25.92
N ASP K 82 44.60 -60.69 -25.38
CA ASP K 82 44.67 -62.14 -25.37
C ASP K 82 43.80 -62.64 -24.23
N LEU K 83 42.55 -63.00 -24.56
CA LEU K 83 41.56 -63.30 -23.53
C LEU K 83 41.95 -64.52 -22.70
N LEU K 84 42.47 -65.56 -23.37
CA LEU K 84 42.79 -66.79 -22.65
C LEU K 84 43.91 -66.59 -21.65
N ASP K 85 44.70 -65.53 -21.79
CA ASP K 85 45.74 -65.24 -20.82
C ASP K 85 45.22 -64.41 -19.66
N ILE K 86 44.37 -63.44 -19.95
CA ILE K 86 43.83 -62.58 -18.90
C ILE K 86 42.88 -63.37 -18.00
N LEU K 87 42.09 -64.27 -18.58
CA LEU K 87 41.06 -64.96 -17.83
C LEU K 87 41.50 -66.32 -17.31
N GLN K 88 42.44 -66.98 -17.97
CA GLN K 88 42.92 -68.29 -17.56
C GLN K 88 41.77 -69.25 -17.29
N PRO K 89 40.92 -69.50 -18.28
CA PRO K 89 39.74 -70.34 -18.06
C PRO K 89 40.08 -71.82 -18.13
N ASP K 90 39.03 -72.65 -18.03
CA ASP K 90 39.16 -74.07 -18.27
C ASP K 90 39.07 -74.36 -19.77
N GLU K 91 39.52 -75.55 -20.14
CA GLU K 91 39.57 -75.91 -21.56
C GLU K 91 38.18 -76.03 -22.17
N ASP K 92 37.15 -76.30 -21.35
CA ASP K 92 35.83 -76.53 -21.89
C ASP K 92 35.02 -75.25 -22.06
N THR K 93 35.44 -74.15 -21.44
CA THR K 93 34.68 -72.91 -21.53
C THR K 93 34.80 -72.30 -22.93
N ILE K 94 33.73 -71.64 -23.36
CA ILE K 94 33.64 -71.05 -24.69
C ILE K 94 33.27 -69.58 -24.54
N PHE K 95 33.96 -68.73 -25.30
CA PHE K 95 33.77 -67.28 -25.24
C PHE K 95 33.33 -66.76 -26.60
N PHE K 96 32.09 -66.31 -26.70
CA PHE K 96 31.59 -65.61 -27.87
C PHE K 96 31.84 -64.12 -27.68
N VAL K 97 32.52 -63.50 -28.63
CA VAL K 97 32.97 -62.11 -28.50
C VAL K 97 32.34 -61.29 -29.61
N CYS K 98 31.51 -60.32 -29.23
CA CYS K 98 30.92 -59.35 -30.15
C CYS K 98 31.49 -57.99 -29.77
N ASP K 99 32.63 -57.64 -30.34
CA ASP K 99 33.39 -56.46 -29.96
C ASP K 99 33.71 -55.63 -31.19
N THR K 100 33.62 -54.32 -31.04
CA THR K 100 33.91 -53.38 -32.11
C THR K 100 35.37 -52.95 -32.16
N HIS K 101 36.14 -53.20 -31.10
CA HIS K 101 37.52 -52.75 -31.03
C HIS K 101 38.40 -53.48 -32.03
N ARG K 102 39.29 -52.76 -32.68
CA ARG K 102 40.27 -53.31 -33.60
C ARG K 102 41.65 -52.76 -33.25
N PRO K 103 42.73 -53.45 -33.63
CA PRO K 103 42.78 -54.72 -34.35
C PRO K 103 42.49 -55.90 -33.43
N VAL K 104 42.09 -57.03 -33.97
CA VAL K 104 41.81 -58.22 -33.17
C VAL K 104 43.12 -58.91 -32.83
N ASN K 105 43.27 -59.30 -31.58
CA ASN K 105 44.49 -59.98 -31.13
C ASN K 105 44.71 -61.26 -31.90
N VAL K 106 45.95 -61.52 -32.30
CA VAL K 106 46.24 -62.67 -33.15
C VAL K 106 45.93 -63.97 -32.44
N VAL K 107 46.15 -64.03 -31.13
CA VAL K 107 45.87 -65.26 -30.40
C VAL K 107 44.37 -65.56 -30.42
N ASN K 108 43.54 -64.51 -30.37
CA ASN K 108 42.10 -64.72 -30.49
C ASN K 108 41.72 -65.19 -31.89
N VAL K 109 42.39 -64.68 -32.91
CA VAL K 109 42.04 -65.03 -34.28
C VAL K 109 42.32 -66.49 -34.56
N TYR K 110 43.38 -67.04 -33.97
CA TYR K 110 43.84 -68.38 -34.29
C TYR K 110 43.61 -69.37 -33.15
N ASN K 111 42.48 -69.25 -32.45
CA ASN K 111 42.05 -70.23 -31.48
C ASN K 111 40.89 -71.02 -32.07
N ASP K 112 40.98 -72.34 -32.00
CA ASP K 112 40.01 -73.21 -32.65
C ASP K 112 38.85 -73.58 -31.76
N THR K 113 39.03 -73.59 -30.45
CA THR K 113 38.09 -74.22 -29.53
C THR K 113 37.37 -73.24 -28.61
N GLN K 114 38.05 -72.24 -28.07
CA GLN K 114 37.51 -71.46 -26.96
C GLN K 114 37.09 -70.05 -27.34
N ILE K 115 37.73 -69.42 -28.32
CA ILE K 115 37.44 -68.05 -28.70
C ILE K 115 36.68 -68.07 -30.02
N LYS K 116 35.47 -67.52 -30.03
CA LYS K 116 34.64 -67.44 -31.22
C LYS K 116 34.20 -65.99 -31.40
N LEU K 117 34.66 -65.36 -32.48
CA LEU K 117 34.49 -63.93 -32.69
C LEU K 117 33.27 -63.67 -33.55
N LEU K 118 32.31 -62.93 -33.00
CA LEU K 118 31.11 -62.53 -33.74
C LEU K 118 31.40 -61.24 -34.51
N ILE K 119 32.32 -61.35 -35.45
CA ILE K 119 32.81 -60.22 -36.22
C ILE K 119 32.65 -60.54 -37.70
N LYS K 120 32.02 -59.62 -38.43
CA LYS K 120 31.90 -59.80 -39.87
C LYS K 120 33.28 -59.83 -40.53
N GLN K 121 33.48 -60.79 -41.42
CA GLN K 121 34.77 -60.91 -42.10
C GLN K 121 34.95 -59.87 -43.20
N ASP K 122 33.88 -59.17 -43.58
CA ASP K 122 33.97 -58.13 -44.58
C ASP K 122 34.53 -56.82 -44.02
N ASP K 123 34.76 -56.75 -42.72
CA ASP K 123 35.26 -55.54 -42.11
C ASP K 123 36.69 -55.24 -42.60
N ASP K 124 37.20 -54.09 -42.16
CA ASP K 124 38.58 -53.69 -42.41
C ASP K 124 39.44 -54.50 -41.45
N LEU K 125 39.95 -55.63 -41.92
CA LEU K 125 40.80 -56.51 -41.12
C LEU K 125 41.90 -57.05 -42.01
N GLU K 126 43.16 -56.76 -41.65
CA GLU K 126 44.35 -57.27 -42.39
C GLU K 126 45.19 -58.05 -41.37
N VAL K 127 44.81 -59.29 -41.07
CA VAL K 127 45.45 -60.10 -40.04
C VAL K 127 46.70 -60.76 -40.63
N PRO K 128 47.83 -60.75 -39.93
CA PRO K 128 49.02 -61.45 -40.45
C PRO K 128 48.74 -62.94 -40.59
N ALA K 129 49.44 -63.55 -41.55
CA ALA K 129 49.28 -64.98 -41.79
C ALA K 129 49.82 -65.80 -40.63
N TYR K 130 49.28 -67.00 -40.48
CA TYR K 130 49.61 -67.83 -39.32
C TYR K 130 51.10 -68.14 -39.26
N GLU K 131 51.70 -68.49 -40.39
CA GLU K 131 53.09 -68.93 -40.38
C GLU K 131 54.03 -67.84 -39.86
N ASP K 132 53.82 -66.60 -40.30
CA ASP K 132 54.79 -65.54 -40.01
C ASP K 132 54.83 -65.17 -38.54
N ILE K 133 53.77 -65.46 -37.79
CA ILE K 133 53.67 -65.04 -36.39
C ILE K 133 53.66 -66.20 -35.40
N PHE K 134 53.47 -67.42 -35.87
CA PHE K 134 53.53 -68.59 -35.00
C PHE K 134 54.38 -69.67 -35.67
N ARG K 135 54.99 -70.51 -34.85
CA ARG K 135 55.89 -71.54 -35.36
C ARG K 135 56.10 -72.61 -34.30
N MET K 169 72.48 -72.09 -39.08
CA MET K 169 71.14 -72.19 -39.64
C MET K 169 70.14 -71.47 -38.76
N ARG K 170 70.27 -71.64 -37.43
CA ARG K 170 69.36 -70.99 -36.51
C ARG K 170 69.43 -69.47 -36.67
N ARG K 171 70.64 -68.92 -36.73
CA ARG K 171 70.80 -67.50 -36.98
C ARG K 171 70.30 -67.13 -38.38
N ARG K 172 70.59 -67.98 -39.37
CA ARG K 172 70.23 -67.66 -40.74
C ARG K 172 68.71 -67.57 -40.91
N GLN K 173 67.97 -68.50 -40.30
CA GLN K 173 66.53 -68.59 -40.49
C GLN K 173 65.72 -68.29 -39.24
N ARG K 174 66.00 -68.97 -38.13
CA ARG K 174 65.15 -68.81 -36.94
C ARG K 174 65.20 -67.39 -36.42
N ARG K 175 66.39 -66.81 -36.30
CA ARG K 175 66.50 -65.42 -35.85
C ARG K 175 65.88 -64.46 -36.85
N GLU K 176 66.06 -64.72 -38.14
CA GLU K 176 65.43 -63.89 -39.16
C GLU K 176 63.91 -63.95 -39.03
N TRP K 177 63.37 -65.15 -38.83
CA TRP K 177 61.92 -65.29 -38.68
C TRP K 177 61.44 -64.56 -37.43
N GLU K 178 62.21 -64.65 -36.34
CA GLU K 178 61.80 -63.97 -35.11
C GLU K 178 61.78 -62.46 -35.29
N ALA K 179 62.82 -61.90 -35.92
CA ALA K 179 62.85 -60.47 -36.17
C ALA K 179 61.71 -60.05 -37.09
N ARG K 180 61.45 -60.85 -38.13
CA ARG K 180 60.33 -60.54 -39.02
C ARG K 180 59.01 -60.55 -38.24
N ARG K 181 58.81 -61.54 -37.37
CA ARG K 181 57.59 -61.57 -36.58
C ARG K 181 57.47 -60.34 -35.72
N ARG K 182 58.56 -59.92 -35.08
CA ARG K 182 58.51 -58.70 -34.29
C ARG K 182 58.05 -57.53 -35.15
N ASP K 183 58.62 -57.40 -36.34
CA ASP K 183 58.27 -56.28 -37.22
C ASP K 183 56.80 -56.33 -37.62
N ILE K 184 56.33 -57.50 -38.07
CA ILE K 184 54.96 -57.59 -38.55
C ILE K 184 53.98 -57.35 -37.41
N LEU K 185 54.25 -57.92 -36.24
CA LEU K 185 53.34 -57.71 -35.10
C LEU K 185 53.32 -56.24 -34.70
N PHE K 186 54.48 -55.58 -34.67
CA PHE K 186 54.50 -54.17 -34.33
C PHE K 186 53.69 -53.36 -35.33
N ASP K 187 53.86 -53.62 -36.62
CA ASP K 187 53.11 -52.89 -37.63
C ASP K 187 51.62 -53.14 -37.50
N TYR K 188 51.23 -54.39 -37.23
CA TYR K 188 49.82 -54.77 -37.21
C TYR K 188 49.09 -54.14 -36.03
N GLU K 189 49.77 -54.01 -34.89
CA GLU K 189 49.15 -53.55 -33.65
C GLU K 189 49.59 -52.13 -33.30
N GLN K 190 49.74 -51.27 -34.31
CA GLN K 190 50.14 -49.90 -34.05
C GLN K 190 48.93 -48.99 -33.82
N TYR K 191 47.94 -49.06 -34.71
CA TYR K 191 46.80 -48.16 -34.67
C TYR K 191 45.56 -48.88 -34.15
N GLU K 192 44.77 -48.16 -33.37
CA GLU K 192 43.50 -48.65 -32.84
C GLU K 192 42.36 -47.95 -33.57
N TYR K 193 41.34 -48.72 -33.95
CA TYR K 193 40.15 -48.14 -34.57
C TYR K 193 38.96 -49.02 -34.20
N HIS K 194 37.83 -48.79 -34.87
CA HIS K 194 36.59 -49.48 -34.57
C HIS K 194 35.97 -50.03 -35.85
N GLY K 195 35.34 -51.19 -35.73
CA GLY K 195 34.65 -51.82 -36.83
C GLY K 195 33.15 -51.61 -36.78
N THR K 196 32.43 -52.51 -37.41
CA THR K 196 30.98 -52.39 -37.50
C THR K 196 30.35 -52.44 -36.11
N SER K 197 29.28 -51.69 -35.94
CA SER K 197 28.60 -51.61 -34.66
C SER K 197 28.07 -52.98 -34.25
N SER K 198 28.14 -53.26 -32.95
CA SER K 198 27.65 -54.53 -32.43
C SER K 198 26.13 -54.61 -32.49
N ALA K 199 25.45 -53.48 -32.33
CA ALA K 199 24.00 -53.48 -32.47
C ALA K 199 23.57 -53.88 -33.87
N MET K 200 24.35 -53.46 -34.88
CA MET K 200 24.03 -53.84 -36.26
C MET K 200 24.27 -55.33 -36.48
N VAL K 201 25.31 -55.89 -35.88
CA VAL K 201 25.55 -57.33 -35.98
C VAL K 201 24.41 -58.10 -35.33
N MET K 202 23.95 -57.64 -34.17
CA MET K 202 22.84 -58.31 -33.50
C MET K 202 21.57 -58.19 -34.33
N PHE K 203 21.34 -57.04 -34.97
CA PHE K 203 20.16 -56.91 -35.81
C PHE K 203 20.24 -57.83 -37.03
N GLU K 204 21.44 -57.99 -37.58
CA GLU K 204 21.60 -58.95 -38.68
C GLU K 204 21.27 -60.36 -38.24
N LEU K 205 21.72 -60.74 -37.03
CA LEU K 205 21.36 -62.04 -36.48
C LEU K 205 19.84 -62.16 -36.33
N ALA K 206 19.20 -61.13 -35.80
CA ALA K 206 17.74 -61.17 -35.62
C ALA K 206 17.03 -61.33 -36.95
N TRP K 207 17.49 -60.62 -37.97
CA TRP K 207 16.90 -60.73 -39.30
C TRP K 207 17.09 -62.13 -39.88
N MET K 208 18.26 -62.74 -39.63
CA MET K 208 18.46 -64.11 -40.09
C MET K 208 17.49 -65.07 -39.42
N LEU K 209 17.18 -64.85 -38.15
CA LEU K 209 16.22 -65.69 -37.44
C LEU K 209 14.77 -65.34 -37.76
N SER K 210 14.53 -64.27 -38.52
CA SER K 210 13.18 -63.81 -38.83
C SER K 210 12.44 -63.37 -37.56
N LYS K 211 13.17 -62.85 -36.59
CA LYS K 211 12.59 -62.33 -35.36
C LYS K 211 12.79 -60.83 -35.22
N ASP K 212 13.06 -60.13 -36.31
CA ASP K 212 13.40 -58.70 -36.24
C ASP K 212 12.15 -57.85 -36.16
N LEU K 213 12.04 -57.08 -35.09
CA LEU K 213 10.94 -56.15 -34.88
C LEU K 213 11.42 -54.72 -35.17
N ASN K 214 10.52 -53.76 -34.99
CA ASN K 214 10.88 -52.37 -35.21
C ASN K 214 11.76 -51.84 -34.09
N ASP K 215 11.51 -52.27 -32.85
CA ASP K 215 12.34 -51.84 -31.73
C ASP K 215 13.79 -52.26 -31.93
N MET K 216 14.00 -53.46 -32.45
CA MET K 216 15.36 -53.93 -32.72
C MET K 216 16.05 -53.06 -33.75
N LEU K 217 15.32 -52.68 -34.80
CA LEU K 217 15.89 -51.81 -35.82
C LEU K 217 16.23 -50.44 -35.24
N TRP K 218 15.38 -49.92 -34.37
CA TRP K 218 15.68 -48.65 -33.71
C TRP K 218 16.95 -48.77 -32.86
N TRP K 219 17.10 -49.87 -32.14
CA TRP K 219 18.30 -50.06 -31.33
C TRP K 219 19.55 -50.14 -32.20
N ALA K 220 19.47 -50.82 -33.34
CA ALA K 220 20.61 -50.85 -34.25
C ALA K 220 20.96 -49.46 -34.76
N ILE K 221 19.95 -48.67 -35.12
CA ILE K 221 20.19 -47.30 -35.58
C ILE K 221 20.86 -46.49 -34.49
N VAL K 222 20.39 -46.63 -33.25
CA VAL K 222 20.97 -45.87 -32.15
C VAL K 222 22.42 -46.28 -31.93
N GLY K 223 22.73 -47.56 -32.08
CA GLY K 223 24.11 -47.99 -31.94
C GLY K 223 25.02 -47.38 -33.00
N LEU K 224 24.58 -47.41 -34.25
CA LEU K 224 25.38 -46.78 -35.30
C LEU K 224 25.55 -45.29 -35.04
N THR K 225 24.49 -44.62 -34.59
CA THR K 225 24.59 -43.20 -34.31
C THR K 225 25.51 -42.91 -33.14
N ASP K 226 25.55 -43.81 -32.15
CA ASP K 226 26.52 -43.66 -31.07
C ASP K 226 27.94 -43.75 -31.61
N GLN K 227 28.19 -44.68 -32.52
CA GLN K 227 29.51 -44.72 -33.14
C GLN K 227 29.82 -43.41 -33.85
N TRP K 228 28.84 -42.84 -34.55
CA TRP K 228 29.08 -41.60 -35.29
C TRP K 228 29.34 -40.42 -34.36
N VAL K 229 28.55 -40.30 -33.28
CA VAL K 229 28.63 -39.12 -32.42
C VAL K 229 29.99 -39.01 -31.75
N GLN K 230 30.67 -40.14 -31.55
CA GLN K 230 31.94 -40.16 -30.84
C GLN K 230 33.13 -40.27 -31.77
N ASP K 231 32.93 -40.08 -33.07
CA ASP K 231 34.02 -40.08 -34.04
C ASP K 231 34.80 -41.39 -34.00
N LYS K 232 34.08 -42.50 -33.79
CA LYS K 232 34.71 -43.81 -33.76
C LYS K 232 34.88 -44.38 -35.15
N ILE K 233 34.10 -43.93 -36.12
CA ILE K 233 34.17 -44.41 -37.50
C ILE K 233 34.26 -43.19 -38.41
N THR K 234 34.61 -43.45 -39.67
CA THR K 234 34.74 -42.41 -40.66
C THR K 234 33.36 -41.99 -41.17
N GLN K 235 33.34 -40.96 -42.00
CA GLN K 235 32.09 -40.50 -42.61
C GLN K 235 31.61 -41.47 -43.68
N MET K 236 32.53 -42.02 -44.46
CA MET K 236 32.17 -42.96 -45.51
C MET K 236 31.49 -44.20 -44.94
N LYS K 237 32.07 -44.75 -43.86
CA LYS K 237 31.48 -45.93 -43.24
C LYS K 237 30.10 -45.60 -42.68
N TYR K 238 29.95 -44.44 -42.07
CA TYR K 238 28.66 -44.06 -41.52
C TYR K 238 27.60 -43.98 -42.62
N VAL K 239 27.96 -43.39 -43.76
CA VAL K 239 26.98 -43.27 -44.84
C VAL K 239 26.64 -44.65 -45.41
N THR K 240 27.64 -45.52 -45.56
CA THR K 240 27.37 -46.87 -46.03
C THR K 240 26.40 -47.60 -45.11
N ASP K 241 26.65 -47.54 -43.80
CA ASP K 241 25.78 -48.23 -42.86
C ASP K 241 24.41 -47.57 -42.79
N VAL K 242 24.34 -46.26 -43.04
CA VAL K 242 23.05 -45.59 -43.11
C VAL K 242 22.24 -46.13 -44.27
N GLY K 243 22.87 -46.36 -45.42
CA GLY K 243 22.16 -46.97 -46.52
C GLY K 243 21.69 -48.38 -46.21
N VAL K 244 22.57 -49.18 -45.59
CA VAL K 244 22.19 -50.53 -45.19
C VAL K 244 20.94 -50.50 -44.32
N LEU K 245 20.93 -49.58 -43.33
CA LEU K 245 19.78 -49.50 -42.44
C LEU K 245 18.56 -48.87 -43.14
N GLN K 246 18.79 -48.04 -44.15
CA GLN K 246 17.69 -47.46 -44.90
C GLN K 246 16.87 -48.56 -45.58
N ARG K 247 17.55 -49.56 -46.11
CA ARG K 247 16.82 -50.67 -46.73
C ARG K 247 15.90 -51.35 -45.71
N HIS K 248 16.42 -51.63 -44.52
CA HIS K 248 15.59 -52.28 -43.50
C HIS K 248 14.44 -51.38 -43.06
N VAL K 249 14.69 -50.08 -42.95
CA VAL K 249 13.63 -49.15 -42.56
C VAL K 249 12.52 -49.14 -43.62
N SER K 250 12.90 -49.13 -44.90
CA SER K 250 11.89 -49.20 -45.95
C SER K 250 11.11 -50.50 -45.87
N ARG K 251 11.80 -51.62 -45.63
CA ARG K 251 11.10 -52.90 -45.55
C ARG K 251 10.13 -52.94 -44.38
N HIS K 252 10.48 -52.27 -43.27
CA HIS K 252 9.67 -52.36 -42.05
C HIS K 252 8.57 -51.31 -41.97
N ASN K 253 8.71 -50.16 -42.65
CA ASN K 253 7.84 -49.02 -42.41
C ASN K 253 7.14 -48.50 -43.65
N HIS K 254 7.32 -49.14 -44.80
CA HIS K 254 6.71 -48.65 -46.04
C HIS K 254 5.37 -49.32 -46.24
N ARG K 255 4.31 -48.51 -46.29
CA ARG K 255 2.96 -49.00 -46.51
C ARG K 255 2.21 -47.97 -47.34
N ASN K 256 1.13 -48.42 -47.99
CA ASN K 256 0.37 -47.55 -48.86
C ASN K 256 -0.52 -46.62 -48.04
N GLU K 257 -1.23 -45.73 -48.74
CA GLU K 257 -1.87 -44.60 -48.08
C GLU K 257 -2.97 -45.06 -47.13
N ASP K 258 -3.86 -45.95 -47.58
CA ASP K 258 -4.90 -46.44 -46.69
C ASP K 258 -4.33 -47.25 -45.53
N GLU K 259 -3.27 -48.03 -45.79
CA GLU K 259 -2.63 -48.76 -44.70
C GLU K 259 -2.10 -47.81 -43.65
N GLU K 260 -1.49 -46.70 -44.06
CA GLU K 260 -1.07 -45.69 -43.11
C GLU K 260 -2.26 -45.10 -42.37
N ASN K 261 -3.37 -44.89 -43.09
CA ASN K 261 -4.55 -44.30 -42.46
C ASN K 261 -5.10 -45.18 -41.35
N THR K 262 -5.17 -46.50 -41.59
CA THR K 262 -5.76 -47.40 -40.61
C THR K 262 -4.79 -47.80 -39.49
N LEU K 263 -3.50 -47.56 -39.67
CA LEU K 263 -2.54 -47.98 -38.66
C LEU K 263 -2.57 -47.05 -37.45
N SER K 264 -2.60 -47.65 -36.27
CA SER K 264 -2.71 -46.89 -35.03
C SER K 264 -1.51 -45.98 -34.83
N VAL K 265 -1.77 -44.81 -34.25
CA VAL K 265 -0.69 -43.87 -33.98
C VAL K 265 0.26 -44.38 -32.92
N ASP K 266 -0.15 -45.40 -32.16
CA ASP K 266 0.68 -45.93 -31.09
C ASP K 266 1.73 -46.91 -31.58
N CYS K 267 1.66 -47.36 -32.83
CA CYS K 267 2.72 -48.18 -33.41
C CYS K 267 3.89 -47.29 -33.81
N THR K 268 5.09 -47.69 -33.43
CA THR K 268 6.27 -46.89 -33.73
C THR K 268 6.46 -46.75 -35.23
N ARG K 269 6.93 -45.59 -35.66
CA ARG K 269 7.28 -45.34 -37.05
C ARG K 269 8.68 -44.77 -37.12
N ILE K 270 9.54 -45.40 -37.92
CA ILE K 270 10.90 -44.94 -38.14
C ILE K 270 10.97 -44.33 -39.53
N SER K 271 11.57 -43.15 -39.63
CA SER K 271 11.71 -42.44 -40.89
C SER K 271 13.16 -42.02 -41.10
N PHE K 272 13.64 -42.20 -42.32
CA PHE K 272 14.89 -41.58 -42.73
C PHE K 272 14.71 -40.08 -42.83
N GLU K 273 15.72 -39.33 -42.39
CA GLU K 273 15.67 -37.88 -42.39
C GLU K 273 17.00 -37.33 -42.90
N TYR K 274 16.92 -36.21 -43.59
CA TYR K 274 18.09 -35.39 -43.93
C TYR K 274 18.00 -34.16 -43.02
N ASP K 275 18.54 -34.27 -41.82
CA ASP K 275 18.28 -33.33 -40.75
C ASP K 275 19.52 -32.49 -40.46
N LEU K 276 19.45 -31.68 -39.40
CA LEU K 276 20.49 -30.73 -39.08
C LEU K 276 21.48 -31.30 -38.08
N ARG K 277 22.70 -30.78 -38.10
CA ARG K 277 23.76 -31.19 -37.15
C ARG K 277 23.45 -30.64 -35.75
N LEU K 278 22.52 -29.70 -35.60
CA LEU K 278 22.28 -29.10 -34.30
C LEU K 278 21.83 -30.14 -33.30
N VAL K 279 22.32 -30.01 -32.07
CA VAL K 279 22.17 -31.03 -31.04
C VAL K 279 20.93 -30.71 -30.22
N LEU K 280 20.01 -31.67 -30.12
CA LEU K 280 18.83 -31.58 -29.26
C LEU K 280 17.97 -30.36 -29.59
N TYR K 281 18.02 -29.88 -30.83
CA TYR K 281 17.36 -28.62 -31.13
C TYR K 281 15.84 -28.71 -31.04
N GLN K 282 15.28 -29.90 -31.16
CA GLN K 282 13.83 -30.07 -31.03
C GLN K 282 13.37 -30.13 -29.58
N HIS K 283 14.28 -30.31 -28.63
CA HIS K 283 13.97 -30.33 -27.20
C HIS K 283 14.58 -29.14 -26.48
N TRP K 284 15.06 -28.17 -27.23
CA TRP K 284 15.73 -26.98 -26.67
C TRP K 284 15.31 -25.81 -27.52
N SER K 285 15.87 -24.62 -27.30
CA SER K 285 15.66 -23.48 -28.17
C SER K 285 16.71 -23.48 -29.26
N LEU K 286 16.35 -22.91 -30.41
CA LEU K 286 17.29 -22.88 -31.53
C LEU K 286 18.54 -22.11 -31.15
N HIS K 287 18.40 -21.04 -30.37
CA HIS K 287 19.56 -20.28 -29.92
C HIS K 287 20.47 -21.12 -29.03
N ASP K 288 19.88 -21.82 -28.05
CA ASP K 288 20.67 -22.66 -27.17
C ASP K 288 21.34 -23.79 -27.94
N SER K 289 20.63 -24.38 -28.89
CA SER K 289 21.21 -25.43 -29.70
C SER K 289 22.39 -24.92 -30.53
N LEU K 290 22.25 -23.73 -31.12
CA LEU K 290 23.34 -23.17 -31.90
C LEU K 290 24.53 -22.85 -31.01
N CYS K 291 24.28 -22.40 -29.78
CA CYS K 291 25.38 -22.02 -28.89
C CYS K 291 26.11 -23.23 -28.32
N ASN K 292 25.43 -24.36 -28.19
CA ASN K 292 25.97 -25.51 -27.48
C ASN K 292 26.26 -26.70 -28.39
N THR K 293 26.29 -26.49 -29.70
CA THR K 293 26.68 -27.52 -30.65
C THR K 293 28.12 -27.25 -31.07
N SER K 294 28.99 -28.25 -30.86
CA SER K 294 30.41 -28.03 -31.08
C SER K 294 30.70 -27.60 -32.51
N TYR K 295 29.91 -28.06 -33.47
CA TYR K 295 30.11 -27.68 -34.87
C TYR K 295 29.96 -26.17 -35.04
N THR K 296 28.74 -25.67 -34.81
CA THR K 296 28.48 -24.24 -34.97
C THR K 296 29.23 -23.42 -33.93
N ALA K 297 29.33 -23.91 -32.70
CA ALA K 297 30.04 -23.16 -31.66
C ALA K 297 31.50 -22.98 -32.02
N ALA K 298 32.11 -24.00 -32.61
CA ALA K 298 33.50 -23.90 -33.03
C ALA K 298 33.66 -22.99 -34.23
N ARG K 299 32.76 -23.08 -35.21
CA ARG K 299 32.94 -22.28 -36.41
C ARG K 299 32.60 -20.81 -36.18
N PHE K 300 31.70 -20.50 -35.25
CA PHE K 300 31.39 -19.12 -34.92
C PHE K 300 32.34 -18.55 -33.87
N LYS K 301 33.18 -19.37 -33.25
CA LYS K 301 34.09 -18.92 -32.20
C LYS K 301 33.31 -18.22 -31.09
N LEU K 302 32.21 -18.85 -30.66
CA LEU K 302 31.32 -18.23 -29.69
C LEU K 302 31.99 -17.99 -28.35
N TRP K 303 33.12 -18.63 -28.08
CA TRP K 303 33.90 -18.30 -26.89
C TRP K 303 34.53 -16.92 -26.99
N SER K 304 34.57 -16.34 -28.18
CA SER K 304 35.13 -15.01 -28.38
C SER K 304 34.03 -13.95 -28.26
N VAL K 305 34.45 -12.69 -28.37
CA VAL K 305 33.49 -11.59 -28.28
C VAL K 305 32.88 -11.29 -29.64
N HIS K 306 33.63 -11.53 -30.71
CA HIS K 306 33.10 -11.29 -32.05
C HIS K 306 32.25 -12.46 -32.54
N GLY K 307 32.38 -13.62 -31.89
CA GLY K 307 31.56 -14.75 -32.29
C GLY K 307 30.08 -14.51 -32.07
N GLN K 308 29.73 -13.81 -30.99
CA GLN K 308 28.33 -13.49 -30.74
C GLN K 308 27.78 -12.60 -31.84
N LYS K 309 28.56 -11.62 -32.27
CA LYS K 309 28.14 -10.76 -33.37
C LYS K 309 27.99 -11.55 -34.66
N ARG K 310 28.89 -12.50 -34.90
CA ARG K 310 28.77 -13.34 -36.09
C ARG K 310 27.49 -14.18 -36.04
N LEU K 311 27.16 -14.69 -34.85
CA LEU K 311 25.93 -15.46 -34.68
C LEU K 311 24.71 -14.59 -34.94
N GLN K 312 24.75 -13.34 -34.46
CA GLN K 312 23.65 -12.41 -34.72
C GLN K 312 23.51 -12.15 -36.22
N GLU K 313 24.64 -12.00 -36.91
CA GLU K 313 24.59 -11.81 -38.36
C GLU K 313 23.99 -13.02 -39.06
N PHE K 314 24.35 -14.22 -38.60
CA PHE K 314 23.78 -15.44 -39.15
C PHE K 314 22.26 -15.46 -38.99
N LEU K 315 21.79 -15.16 -37.78
CA LEU K 315 20.35 -15.16 -37.54
C LEU K 315 19.64 -14.08 -38.35
N ALA K 316 20.26 -12.91 -38.50
CA ALA K 316 19.69 -11.87 -39.35
C ALA K 316 19.59 -12.33 -40.80
N ASP K 317 20.63 -13.00 -41.31
CA ASP K 317 20.57 -13.57 -42.64
C ASP K 317 19.44 -14.57 -42.78
N MET K 318 19.15 -15.32 -41.72
CA MET K 318 18.00 -16.23 -41.75
C MET K 318 16.66 -15.51 -41.79
N GLY K 319 16.57 -14.33 -41.19
CA GLY K 319 15.29 -13.66 -41.05
C GLY K 319 14.47 -14.14 -39.88
N LEU K 320 15.06 -14.90 -38.97
CA LEU K 320 14.34 -15.39 -37.79
C LEU K 320 14.37 -14.34 -36.70
N PRO K 321 13.21 -13.89 -36.20
CA PRO K 321 13.23 -12.95 -35.07
C PRO K 321 13.97 -13.53 -33.88
N LEU K 322 14.71 -12.66 -33.18
CA LEU K 322 15.49 -13.13 -32.03
C LEU K 322 14.59 -13.75 -30.97
N LYS K 323 13.44 -13.14 -30.71
CA LYS K 323 12.54 -13.65 -29.68
C LYS K 323 12.00 -15.03 -30.05
N GLN K 324 11.87 -15.32 -31.34
CA GLN K 324 11.41 -16.63 -31.75
C GLN K 324 12.50 -17.69 -31.60
N VAL K 325 13.74 -17.37 -31.99
CA VAL K 325 14.80 -18.35 -31.88
C VAL K 325 15.18 -18.57 -30.42
N LYS K 326 14.90 -17.60 -29.55
CA LYS K 326 15.18 -17.79 -28.13
C LYS K 326 14.06 -18.52 -27.41
N GLN K 327 12.91 -18.69 -28.05
CA GLN K 327 11.83 -19.48 -27.50
C GLN K 327 12.07 -20.97 -27.75
N LYS K 328 11.49 -21.80 -26.89
CA LYS K 328 11.59 -23.25 -27.08
C LYS K 328 11.05 -23.64 -28.44
N PHE K 329 11.72 -24.59 -29.08
CA PHE K 329 11.40 -24.95 -30.46
C PHE K 329 9.95 -25.38 -30.60
N GLN K 330 9.44 -26.14 -29.63
CA GLN K 330 8.06 -26.59 -29.71
C GLN K 330 7.09 -25.42 -29.69
N ALA K 331 7.37 -24.41 -28.87
CA ALA K 331 6.48 -23.26 -28.75
C ALA K 331 6.68 -22.25 -29.87
N MET K 332 7.70 -22.41 -30.70
CA MET K 332 7.96 -21.45 -31.76
C MET K 332 6.86 -21.50 -32.82
N ASP K 333 6.61 -20.36 -33.47
CA ASP K 333 5.54 -20.26 -34.44
C ASP K 333 5.76 -21.20 -35.60
N ILE K 334 4.70 -21.89 -36.01
CA ILE K 334 4.83 -22.98 -36.99
C ILE K 334 5.26 -22.44 -38.35
N SER K 335 4.92 -21.20 -38.68
CA SER K 335 5.25 -20.65 -39.98
C SER K 335 6.76 -20.65 -40.21
N LEU K 336 7.54 -20.47 -39.15
CA LEU K 336 9.00 -20.46 -39.28
C LEU K 336 9.56 -21.86 -39.48
N LYS K 337 8.80 -22.90 -39.14
CA LYS K 337 9.32 -24.27 -39.20
C LYS K 337 9.14 -24.91 -40.57
N GLU K 338 8.41 -24.27 -41.48
CA GLU K 338 8.03 -24.93 -42.72
C GLU K 338 9.25 -25.33 -43.55
N ASN K 339 10.20 -24.41 -43.71
CA ASN K 339 11.37 -24.64 -44.54
C ASN K 339 12.67 -24.48 -43.75
N LEU K 340 12.62 -24.75 -42.43
CA LEU K 340 13.72 -24.39 -41.56
C LEU K 340 15.02 -25.05 -41.99
N ARG K 341 14.98 -26.34 -42.33
CA ARG K 341 16.20 -27.06 -42.65
C ARG K 341 16.87 -26.48 -43.89
N GLU K 342 16.09 -26.21 -44.94
CA GLU K 342 16.65 -25.68 -46.17
C GLU K 342 17.24 -24.28 -45.95
N MET K 343 16.52 -23.41 -45.25
CA MET K 343 17.01 -22.06 -45.04
C MET K 343 18.26 -22.06 -44.17
N ILE K 344 18.29 -22.89 -43.14
CA ILE K 344 19.49 -23.01 -42.32
C ILE K 344 20.66 -23.50 -43.16
N GLU K 345 20.42 -24.48 -44.03
CA GLU K 345 21.50 -24.97 -44.89
C GLU K 345 22.02 -23.86 -45.79
N GLU K 346 21.13 -23.07 -46.38
CA GLU K 346 21.57 -22.02 -47.29
C GLU K 346 22.37 -20.95 -46.55
N SER K 347 21.85 -20.50 -45.41
CA SER K 347 22.57 -19.49 -44.63
C SER K 347 23.92 -20.00 -44.17
N ALA K 348 23.98 -21.26 -43.71
CA ALA K 348 25.24 -21.83 -43.28
C ALA K 348 26.22 -21.92 -44.44
N ASN K 349 25.72 -22.26 -45.63
CA ASN K 349 26.58 -22.29 -46.81
C ASN K 349 27.18 -20.91 -47.06
N LYS K 350 26.36 -19.86 -46.92
CA LYS K 350 26.90 -18.51 -47.08
C LYS K 350 27.98 -18.20 -46.03
N PHE K 351 27.91 -18.83 -44.86
CA PHE K 351 28.80 -18.52 -43.75
C PHE K 351 29.96 -19.50 -43.62
N GLY K 352 30.16 -20.38 -44.59
CA GLY K 352 31.32 -21.24 -44.58
C GLY K 352 31.14 -22.59 -43.89
N MET K 353 29.92 -23.02 -43.63
CA MET K 353 29.64 -24.35 -43.11
C MET K 353 28.89 -25.13 -44.18
N LYS K 354 29.53 -26.16 -44.73
CA LYS K 354 28.94 -26.94 -45.81
C LYS K 354 28.33 -28.25 -45.33
N ASP K 355 28.55 -28.64 -44.08
CA ASP K 355 28.10 -29.92 -43.55
C ASP K 355 27.03 -29.76 -42.48
N MET K 356 26.13 -28.80 -42.68
CA MET K 356 25.07 -28.57 -41.71
C MET K 356 24.04 -29.70 -41.71
N ARG K 357 23.96 -30.47 -42.79
CA ARG K 357 22.94 -31.49 -42.95
C ARG K 357 23.55 -32.87 -42.90
N VAL K 358 22.92 -33.77 -42.16
CA VAL K 358 23.39 -35.14 -41.97
C VAL K 358 22.23 -36.09 -42.19
N GLN K 359 22.55 -37.26 -42.73
CA GLN K 359 21.56 -38.33 -42.90
C GLN K 359 21.41 -39.09 -41.60
N THR K 360 20.18 -39.17 -41.11
CA THR K 360 19.91 -39.79 -39.82
C THR K 360 18.50 -40.38 -39.84
N PHE K 361 18.00 -40.74 -38.67
CA PHE K 361 16.69 -41.37 -38.55
C PHE K 361 15.94 -40.73 -37.39
N SER K 362 14.61 -40.82 -37.46
CA SER K 362 13.75 -40.38 -36.37
C SER K 362 12.71 -41.44 -36.10
N ILE K 363 12.22 -41.46 -34.86
CA ILE K 363 11.19 -42.39 -34.42
C ILE K 363 10.04 -41.59 -33.81
N HIS K 364 8.82 -41.93 -34.22
CA HIS K 364 7.61 -41.30 -33.70
C HIS K 364 6.69 -42.36 -33.13
N PHE K 365 6.10 -42.08 -31.97
CA PHE K 365 4.97 -42.83 -31.45
C PHE K 365 4.08 -41.94 -30.62
N GLY K 366 2.81 -42.33 -30.55
CA GLY K 366 1.80 -41.56 -29.85
C GLY K 366 1.45 -40.29 -30.60
N PHE K 367 0.86 -39.36 -29.85
CA PHE K 367 0.65 -38.01 -30.38
C PHE K 367 1.89 -37.15 -30.13
N LYS K 368 2.61 -37.42 -29.05
CA LYS K 368 3.62 -36.49 -28.57
C LYS K 368 5.03 -36.93 -28.97
N HIS K 369 5.33 -38.22 -28.92
CA HIS K 369 6.71 -38.63 -28.77
C HIS K 369 7.42 -38.73 -30.11
N LYS K 370 8.44 -37.89 -30.30
CA LYS K 370 9.24 -37.84 -31.51
C LYS K 370 10.68 -37.62 -31.11
N PHE K 371 11.59 -38.45 -31.61
CA PHE K 371 13.00 -38.35 -31.25
C PHE K 371 13.87 -38.58 -32.48
N LEU K 372 14.94 -37.81 -32.57
CA LEU K 372 16.01 -38.10 -33.51
C LEU K 372 17.02 -39.04 -32.83
N ALA K 373 17.76 -39.78 -33.66
CA ALA K 373 18.67 -40.79 -33.11
C ALA K 373 19.73 -40.17 -32.22
N SER K 374 20.31 -39.05 -32.65
CA SER K 374 21.36 -38.42 -31.87
C SER K 374 20.85 -37.93 -30.52
N ASP K 375 19.59 -37.52 -30.45
CA ASP K 375 19.01 -37.14 -29.17
C ASP K 375 19.01 -38.31 -28.20
N VAL K 376 18.61 -39.49 -28.67
CA VAL K 376 18.62 -40.68 -27.82
C VAL K 376 20.04 -41.02 -27.41
N VAL K 377 20.99 -40.91 -28.33
CA VAL K 377 22.38 -41.20 -27.99
C VAL K 377 22.86 -40.28 -26.88
N PHE K 378 22.59 -38.97 -27.02
CA PHE K 378 23.05 -38.02 -26.02
C PHE K 378 22.38 -38.26 -24.66
N ALA K 379 21.08 -38.56 -24.67
CA ALA K 379 20.37 -38.83 -23.42
C ALA K 379 20.93 -40.07 -22.73
N THR K 380 21.18 -41.14 -23.48
CA THR K 380 21.72 -42.35 -22.89
C THR K 380 23.12 -42.11 -22.33
N MET K 381 23.97 -41.41 -23.09
CA MET K 381 25.31 -41.10 -22.60
C MET K 381 25.25 -40.30 -21.31
N SER K 382 24.36 -39.31 -21.24
CA SER K 382 24.27 -38.48 -20.05
C SER K 382 23.76 -39.27 -18.86
N LEU K 383 22.81 -40.19 -19.08
CA LEU K 383 22.38 -41.05 -17.98
C LEU K 383 23.52 -41.93 -17.48
N MET K 384 24.35 -42.44 -18.40
CA MET K 384 25.41 -43.35 -18.00
C MET K 384 26.54 -42.63 -17.28
N GLU K 385 26.94 -41.45 -17.75
CA GLU K 385 28.11 -40.70 -17.22
C GLU K 385 27.62 -39.57 -16.31
N SER K 386 26.53 -39.77 -15.60
CA SER K 386 25.92 -38.74 -14.72
C SER K 386 26.89 -38.40 -13.60
N PRO K 387 26.96 -37.13 -13.17
CA PRO K 387 27.86 -36.73 -12.09
C PRO K 387 27.18 -36.89 -10.72
N GLU K 388 25.87 -37.18 -10.69
CA GLU K 388 25.12 -37.40 -9.44
C GLU K 388 25.70 -38.65 -8.80
N LYS K 389 26.55 -38.53 -7.80
CA LYS K 389 27.34 -39.65 -7.23
C LYS K 389 26.54 -40.33 -6.11
N ASP K 390 25.31 -39.89 -5.90
CA ASP K 390 24.46 -40.57 -4.91
C ASP K 390 24.35 -42.00 -5.42
N GLY K 391 24.24 -42.19 -6.74
CA GLY K 391 24.19 -43.51 -7.38
C GLY K 391 25.53 -43.92 -7.94
N SER K 392 25.97 -45.15 -7.70
CA SER K 392 27.21 -45.75 -8.26
C SER K 392 27.21 -45.73 -9.80
N GLY K 393 28.29 -46.13 -10.48
CA GLY K 393 28.31 -46.31 -11.93
C GLY K 393 27.54 -47.55 -12.37
N THR K 394 27.56 -48.71 -11.67
CA THR K 394 26.67 -49.84 -12.02
C THR K 394 25.24 -49.34 -11.83
N ASP K 395 24.96 -48.45 -10.93
CA ASP K 395 23.60 -47.91 -10.79
C ASP K 395 23.28 -47.01 -11.99
N HIS K 396 24.24 -46.23 -12.46
CA HIS K 396 24.07 -45.30 -13.63
C HIS K 396 23.91 -46.14 -14.90
N PHE K 397 24.58 -47.27 -15.06
CA PHE K 397 24.43 -48.21 -16.16
C PHE K 397 23.00 -48.75 -16.20
N ILE K 398 22.46 -49.11 -15.04
CA ILE K 398 21.10 -49.64 -14.99
C ILE K 398 20.10 -48.61 -15.47
N GLN K 399 20.26 -47.36 -15.02
CA GLN K 399 19.37 -46.29 -15.49
C GLN K 399 19.45 -46.13 -17.01
N ALA K 400 20.67 -46.14 -17.55
CA ALA K 400 20.83 -45.96 -18.98
C ALA K 400 20.19 -47.11 -19.76
N LEU K 401 20.38 -48.34 -19.29
CA LEU K 401 19.78 -49.50 -19.96
C LEU K 401 18.26 -49.44 -19.89
N ASP K 402 17.72 -49.03 -18.75
CA ASP K 402 16.27 -48.92 -18.61
C ASP K 402 15.70 -47.86 -19.54
N SER K 403 16.42 -46.75 -19.72
CA SER K 403 15.90 -45.66 -20.54
C SER K 403 15.66 -46.07 -21.98
N LEU K 404 16.34 -47.10 -22.48
CA LEU K 404 16.19 -47.51 -23.87
C LEU K 404 14.89 -48.25 -24.15
N SER K 405 14.12 -48.58 -23.12
CA SER K 405 12.84 -49.23 -23.27
C SER K 405 11.72 -48.18 -23.21
N ARG K 406 10.72 -48.34 -24.09
CA ARG K 406 9.65 -47.34 -24.16
C ARG K 406 8.79 -47.31 -22.90
N SER K 407 8.90 -48.30 -22.03
CA SER K 407 8.15 -48.24 -20.78
C SER K 407 8.76 -47.22 -19.82
N ASN K 408 10.07 -47.01 -19.90
CA ASN K 408 10.75 -46.01 -19.08
C ASN K 408 11.05 -44.74 -19.88
N LEU K 409 9.97 -44.06 -20.29
CA LEU K 409 10.13 -42.83 -21.08
C LEU K 409 10.58 -41.66 -20.21
N ASP K 410 10.13 -41.63 -18.95
CA ASP K 410 10.53 -40.57 -18.05
C ASP K 410 12.05 -40.52 -17.89
N LYS K 411 12.69 -41.69 -17.86
CA LYS K 411 14.14 -41.73 -17.79
C LYS K 411 14.77 -41.10 -19.01
N LEU K 412 14.19 -41.31 -20.19
CA LEU K 412 14.74 -40.70 -21.40
C LEU K 412 14.64 -39.18 -21.35
N TYR K 413 13.50 -38.65 -20.88
CA TYR K 413 13.39 -37.19 -20.77
C TYR K 413 14.35 -36.63 -19.72
N HIS K 414 14.51 -37.33 -18.61
CA HIS K 414 15.49 -36.92 -17.61
C HIS K 414 16.89 -36.89 -18.20
N GLY K 415 17.22 -37.89 -19.01
CA GLY K 415 18.51 -37.91 -19.67
C GLY K 415 18.69 -36.76 -20.64
N LEU K 416 17.61 -36.35 -21.29
CA LEU K 416 17.69 -35.18 -22.17
C LEU K 416 18.06 -33.93 -21.38
N GLU K 417 17.44 -33.74 -20.21
CA GLU K 417 17.81 -32.60 -19.38
C GLU K 417 19.27 -32.67 -18.95
N LEU K 418 19.71 -33.85 -18.51
CA LEU K 418 21.11 -34.01 -18.12
C LEU K 418 22.05 -33.71 -19.29
N ALA K 419 21.66 -34.11 -20.49
CA ALA K 419 22.48 -33.85 -21.67
C ALA K 419 22.62 -32.35 -21.91
N LYS K 420 21.53 -31.60 -21.73
CA LYS K 420 21.63 -30.14 -21.87
C LYS K 420 22.64 -29.58 -20.89
N LYS K 421 22.58 -30.02 -19.63
CA LYS K 421 23.54 -29.52 -18.64
C LYS K 421 24.98 -29.88 -19.04
N GLN K 422 25.18 -31.11 -19.50
CA GLN K 422 26.53 -31.54 -19.87
C GLN K 422 27.08 -30.74 -21.05
N LEU K 423 26.22 -30.45 -22.03
CA LEU K 423 26.67 -29.66 -23.17
C LEU K 423 27.07 -28.25 -22.76
N ARG K 424 26.28 -27.62 -21.89
CA ARG K 424 26.67 -26.31 -21.39
C ARG K 424 28.01 -26.36 -20.67
N ALA K 425 28.20 -27.38 -19.82
CA ALA K 425 29.47 -27.50 -19.12
C ALA K 425 30.62 -27.69 -20.09
N THR K 426 30.42 -28.49 -21.13
CA THR K 426 31.49 -28.71 -22.11
C THR K 426 31.89 -27.40 -22.77
N GLN K 427 30.91 -26.60 -23.18
CA GLN K 427 31.25 -25.34 -23.83
C GLN K 427 31.96 -24.40 -22.87
N GLN K 428 31.55 -24.35 -21.60
CA GLN K 428 32.24 -23.50 -20.65
C GLN K 428 33.69 -23.92 -20.47
N THR K 429 33.93 -25.23 -20.36
CA THR K 429 35.30 -25.72 -20.20
C THR K 429 36.14 -25.42 -21.43
N ILE K 430 35.56 -25.58 -22.63
CA ILE K 430 36.29 -25.28 -23.86
C ILE K 430 36.67 -23.80 -23.89
N ALA K 431 35.73 -22.92 -23.51
CA ALA K 431 36.03 -21.50 -23.49
C ALA K 431 37.16 -21.19 -22.52
N SER K 432 37.11 -21.79 -21.32
CA SER K 432 38.17 -21.54 -20.35
C SER K 432 39.52 -22.02 -20.86
N CYS K 433 39.54 -23.15 -21.57
CA CYS K 433 40.81 -23.67 -22.07
C CYS K 433 41.36 -22.83 -23.22
N LEU K 434 40.49 -22.40 -24.13
CA LEU K 434 40.97 -21.67 -25.30
C LEU K 434 41.32 -20.22 -24.97
N CYS K 435 40.60 -19.58 -24.05
CA CYS K 435 40.87 -18.19 -23.74
C CYS K 435 42.17 -18.01 -22.96
N THR K 436 42.53 -18.97 -22.13
CA THR K 436 43.72 -18.88 -21.29
C THR K 436 44.96 -19.48 -21.96
N ASN K 437 44.84 -19.97 -23.20
CA ASN K 437 45.95 -20.61 -23.90
C ASN K 437 46.49 -21.80 -23.09
N LEU K 438 45.58 -22.70 -22.72
CA LEU K 438 45.98 -23.91 -22.01
C LEU K 438 46.36 -25.05 -22.93
N VAL K 439 46.13 -24.92 -24.24
CA VAL K 439 46.52 -25.94 -25.21
C VAL K 439 47.88 -25.55 -25.76
N ILE K 440 48.93 -26.17 -25.24
CA ILE K 440 50.30 -25.83 -25.59
C ILE K 440 50.88 -26.95 -26.43
N SER K 441 51.54 -26.59 -27.53
CA SER K 441 52.10 -27.56 -28.46
C SER K 441 53.52 -27.92 -28.01
N GLN K 442 53.69 -29.14 -27.52
CA GLN K 442 54.99 -29.76 -27.60
C GLN K 442 55.32 -30.02 -29.06
N GLY K 443 56.52 -30.52 -29.30
CA GLY K 443 56.94 -30.80 -30.66
C GLY K 443 55.92 -31.62 -31.43
N PRO K 444 55.73 -32.88 -31.02
CA PRO K 444 54.90 -33.79 -31.83
C PRO K 444 53.41 -33.78 -31.51
N PHE K 445 52.98 -33.19 -30.41
CA PHE K 445 51.56 -33.24 -30.06
C PHE K 445 51.20 -32.04 -29.20
N LEU K 446 49.91 -31.75 -29.14
CA LEU K 446 49.37 -30.72 -28.27
C LEU K 446 49.04 -31.30 -26.91
N TYR K 447 49.24 -30.50 -25.87
CA TYR K 447 49.01 -30.94 -24.49
C TYR K 447 48.12 -29.93 -23.79
N CYS K 448 47.03 -30.42 -23.20
CA CYS K 448 46.16 -29.61 -22.36
C CYS K 448 45.89 -30.37 -21.07
N SER K 449 46.02 -29.67 -19.94
CA SER K 449 45.83 -30.29 -18.63
C SER K 449 44.78 -29.52 -17.85
N LEU K 450 43.81 -30.24 -17.28
CA LEU K 450 42.82 -29.63 -16.42
C LEU K 450 43.32 -29.60 -14.98
N MET K 451 43.04 -28.51 -14.28
CA MET K 451 43.47 -28.31 -12.90
C MET K 451 42.28 -28.40 -11.97
N GLU K 452 42.58 -28.62 -10.68
CA GLU K 452 41.52 -28.76 -9.69
C GLU K 452 40.79 -27.45 -9.44
N GLY K 453 41.41 -26.32 -9.77
CA GLY K 453 40.72 -25.05 -9.67
C GLY K 453 39.65 -24.84 -10.71
N THR K 454 39.62 -25.67 -11.76
CA THR K 454 38.60 -25.54 -12.78
C THR K 454 37.22 -25.81 -12.16
N PRO K 455 36.21 -25.00 -12.50
CA PRO K 455 34.90 -25.21 -11.86
C PRO K 455 34.28 -26.56 -12.14
N ASP K 456 34.11 -26.94 -13.40
CA ASP K 456 33.37 -28.14 -13.76
C ASP K 456 34.23 -29.38 -13.85
N VAL K 457 35.48 -29.32 -13.39
CA VAL K 457 36.40 -30.45 -13.55
C VAL K 457 35.77 -31.77 -13.12
N MET K 458 34.91 -31.73 -12.09
CA MET K 458 34.30 -32.95 -11.60
C MET K 458 33.50 -33.66 -12.68
N LEU K 459 32.86 -32.90 -13.56
CA LEU K 459 32.05 -33.50 -14.62
C LEU K 459 32.90 -34.24 -15.65
N PHE K 460 34.22 -34.02 -15.66
CA PHE K 460 35.10 -34.60 -16.66
C PHE K 460 36.17 -35.50 -16.05
N SER K 461 35.96 -35.97 -14.83
CA SER K 461 36.89 -36.91 -14.24
C SER K 461 36.72 -38.32 -14.80
N ARG K 462 35.49 -38.68 -15.17
CA ARG K 462 35.25 -40.01 -15.71
C ARG K 462 35.85 -40.11 -17.12
N PRO K 463 36.47 -41.24 -17.47
CA PRO K 463 37.26 -41.28 -18.72
C PRO K 463 36.45 -41.01 -19.98
N ALA K 464 35.21 -41.49 -20.07
CA ALA K 464 34.44 -41.29 -21.29
C ALA K 464 34.13 -39.81 -21.51
N SER K 465 33.72 -39.12 -20.44
CA SER K 465 33.46 -37.69 -20.54
C SER K 465 34.73 -36.95 -20.94
N LEU K 466 35.87 -37.34 -20.37
CA LEU K 466 37.12 -36.67 -20.71
C LEU K 466 37.47 -36.88 -22.18
N SER K 467 37.27 -38.10 -22.69
CA SER K 467 37.56 -38.37 -24.10
C SER K 467 36.69 -37.51 -25.02
N LEU K 468 35.38 -37.46 -24.74
CA LEU K 468 34.49 -36.67 -25.58
C LEU K 468 34.84 -35.19 -25.50
N LEU K 469 35.15 -34.71 -24.30
CA LEU K 469 35.55 -33.31 -24.15
C LEU K 469 36.82 -33.02 -24.92
N SER K 470 37.79 -33.94 -24.90
CA SER K 470 39.03 -33.72 -25.61
C SER K 470 38.80 -33.63 -27.11
N LYS K 471 37.92 -34.48 -27.64
CA LYS K 471 37.62 -34.40 -29.07
C LYS K 471 36.96 -33.07 -29.43
N HIS K 472 35.98 -32.64 -28.63
CA HIS K 472 35.33 -31.37 -28.91
C HIS K 472 36.32 -30.21 -28.80
N LEU K 473 37.20 -30.25 -27.81
CA LEU K 473 38.19 -29.21 -27.64
C LEU K 473 39.14 -29.16 -28.82
N LEU K 474 39.57 -30.31 -29.33
CA LEU K 474 40.46 -30.30 -30.48
C LEU K 474 39.76 -29.70 -31.69
N LYS K 475 38.48 -30.01 -31.90
CA LYS K 475 37.77 -29.43 -33.03
C LYS K 475 37.70 -27.90 -32.90
N SER K 476 37.35 -27.41 -31.71
CA SER K 476 37.30 -25.96 -31.51
C SER K 476 38.67 -25.32 -31.72
N PHE K 477 39.71 -25.93 -31.18
CA PHE K 477 41.05 -25.38 -31.31
C PHE K 477 41.50 -25.32 -32.75
N VAL K 478 41.22 -26.38 -33.52
CA VAL K 478 41.63 -26.40 -34.92
C VAL K 478 40.87 -25.33 -35.70
N CYS K 479 39.61 -25.10 -35.34
CA CYS K 479 38.86 -24.05 -36.02
C CYS K 479 39.39 -22.66 -35.66
N SER K 480 39.89 -22.48 -34.44
CA SER K 480 40.16 -21.14 -33.93
C SER K 480 41.64 -20.79 -33.80
N THR K 481 42.55 -21.57 -34.38
CA THR K 481 43.97 -21.29 -34.26
C THR K 481 44.52 -20.68 -35.55
N LYS K 482 45.67 -20.03 -35.41
CA LYS K 482 46.35 -19.39 -36.53
C LYS K 482 47.50 -20.23 -37.07
N ASN K 483 48.32 -20.81 -36.19
CA ASN K 483 49.45 -21.60 -36.63
C ASN K 483 48.96 -22.76 -37.49
N ARG K 484 49.58 -22.92 -38.66
CA ARG K 484 49.19 -24.03 -39.54
C ARG K 484 49.68 -25.37 -39.02
N ARG K 485 50.87 -25.40 -38.40
CA ARG K 485 51.39 -26.66 -37.88
C ARG K 485 50.50 -27.22 -36.79
N CYS K 486 50.06 -26.37 -35.87
CA CYS K 486 49.24 -26.84 -34.75
C CYS K 486 47.91 -27.40 -35.21
N LYS K 487 47.48 -27.13 -36.43
CA LYS K 487 46.25 -27.71 -36.94
C LYS K 487 46.39 -29.18 -37.31
N LEU K 488 47.61 -29.66 -37.55
CA LEU K 488 47.81 -31.05 -38.03
C LEU K 488 48.33 -31.93 -36.89
N LEU K 489 48.14 -31.55 -35.62
CA LEU K 489 48.70 -32.31 -34.52
C LEU K 489 47.63 -33.09 -33.77
N PRO K 490 47.99 -34.21 -33.16
CA PRO K 490 47.07 -34.89 -32.24
C PRO K 490 47.09 -34.22 -30.87
N LEU K 491 46.21 -34.68 -29.98
CA LEU K 491 46.05 -34.06 -28.68
C LEU K 491 46.24 -35.09 -27.57
N VAL K 492 46.90 -34.67 -26.50
CA VAL K 492 46.99 -35.44 -25.26
C VAL K 492 46.41 -34.57 -24.15
N MET K 493 45.46 -35.12 -23.41
CA MET K 493 44.74 -34.36 -22.39
C MET K 493 44.76 -35.11 -21.06
N ALA K 494 44.97 -34.37 -19.97
CA ALA K 494 45.04 -34.97 -18.64
C ALA K 494 44.07 -34.25 -17.71
N ALA K 495 43.45 -35.01 -16.82
CA ALA K 495 42.58 -34.44 -15.80
C ALA K 495 42.72 -35.23 -14.50
N PRO K 496 42.56 -34.59 -13.35
CA PRO K 496 42.73 -35.30 -12.08
C PRO K 496 41.68 -36.40 -11.92
N LEU K 497 42.10 -37.51 -11.32
CA LEU K 497 41.22 -38.66 -11.12
C LEU K 497 40.91 -38.88 -9.64
N SER K 498 41.94 -39.00 -8.82
CA SER K 498 41.79 -39.21 -7.38
C SER K 498 42.77 -38.31 -6.65
N MET K 499 42.27 -37.49 -5.74
CA MET K 499 43.13 -36.66 -4.91
C MET K 499 43.74 -37.43 -3.76
N GLU K 500 43.27 -38.64 -3.48
CA GLU K 500 43.88 -39.46 -2.44
C GLU K 500 45.18 -40.09 -2.92
N HIS K 501 45.14 -40.75 -4.07
CA HIS K 501 46.31 -41.43 -4.60
C HIS K 501 47.15 -40.57 -5.53
N GLY K 502 46.71 -39.34 -5.81
CA GLY K 502 47.44 -38.49 -6.73
C GLY K 502 47.49 -39.05 -8.13
N THR K 503 46.37 -39.57 -8.62
CA THR K 503 46.30 -40.16 -9.94
C THR K 503 45.63 -39.19 -10.92
N VAL K 504 46.03 -39.30 -12.18
CA VAL K 504 45.53 -38.45 -13.24
C VAL K 504 45.13 -39.34 -14.42
N THR K 505 43.98 -39.07 -15.01
CA THR K 505 43.55 -39.74 -16.22
C THR K 505 44.16 -39.03 -17.42
N VAL K 506 44.73 -39.81 -18.33
CA VAL K 506 45.38 -39.30 -19.53
C VAL K 506 44.71 -39.94 -20.74
N VAL K 507 44.36 -39.11 -21.72
CA VAL K 507 43.70 -39.53 -22.94
C VAL K 507 44.52 -39.00 -24.11
N GLY K 508 44.51 -39.75 -25.21
CA GLY K 508 45.15 -39.30 -26.43
C GLY K 508 44.24 -39.49 -27.63
N ILE K 509 44.14 -38.47 -28.49
CA ILE K 509 43.27 -38.54 -29.65
C ILE K 509 44.04 -38.08 -30.89
N PRO K 510 43.68 -38.57 -32.07
CA PRO K 510 44.46 -38.28 -33.27
C PRO K 510 44.09 -36.95 -33.88
N PRO K 511 44.80 -36.52 -34.92
CA PRO K 511 44.53 -35.20 -35.52
C PRO K 511 43.11 -35.12 -36.08
N GLU K 512 42.54 -33.91 -36.01
CA GLU K 512 41.19 -33.66 -36.44
C GLU K 512 41.20 -33.16 -37.88
N THR K 513 40.73 -33.99 -38.81
CA THR K 513 40.67 -33.64 -40.22
C THR K 513 39.36 -34.17 -40.80
N ASP K 514 38.92 -33.54 -41.88
CA ASP K 514 37.61 -33.86 -42.44
C ASP K 514 37.55 -35.28 -42.99
N SER K 515 38.69 -35.83 -43.43
CA SER K 515 38.73 -37.17 -44.00
C SER K 515 39.55 -38.12 -43.14
N SER K 516 39.61 -37.88 -41.84
CA SER K 516 40.44 -38.69 -40.96
C SER K 516 40.02 -40.15 -41.00
N ASP K 517 41.00 -41.04 -41.03
CA ASP K 517 40.73 -42.46 -40.91
C ASP K 517 40.32 -42.85 -39.50
N ARG K 518 40.41 -41.93 -38.54
CA ARG K 518 39.95 -42.15 -37.18
C ARG K 518 40.79 -43.22 -36.47
N LYS K 519 42.07 -43.33 -36.84
CA LYS K 519 42.97 -44.33 -36.29
C LYS K 519 43.91 -43.69 -35.28
N ASN K 520 44.12 -44.39 -34.16
CA ASN K 520 44.76 -43.84 -32.98
C ASN K 520 45.98 -44.67 -32.61
N PHE K 521 47.14 -44.01 -32.45
CA PHE K 521 48.37 -44.70 -32.14
C PHE K 521 48.84 -44.48 -30.70
N PHE K 522 48.02 -43.88 -29.85
CA PHE K 522 48.49 -43.46 -28.55
C PHE K 522 48.55 -44.58 -27.52
N GLY K 523 47.83 -45.68 -27.71
CA GLY K 523 47.89 -46.75 -26.73
C GLY K 523 49.27 -47.39 -26.67
N ARG K 524 49.80 -47.78 -27.83
CA ARG K 524 51.13 -48.37 -27.87
C ARG K 524 52.20 -47.35 -27.49
N ALA K 525 52.02 -46.10 -27.91
CA ALA K 525 52.97 -45.06 -27.53
C ALA K 525 53.01 -44.89 -26.02
N PHE K 526 51.84 -44.86 -25.37
CA PHE K 526 51.79 -44.75 -23.92
C PHE K 526 52.49 -45.95 -23.27
N GLU K 527 52.19 -47.16 -23.71
CA GLU K 527 52.77 -48.37 -23.09
C GLU K 527 54.30 -48.34 -23.27
N LYS K 528 54.80 -47.80 -24.37
CA LYS K 528 56.26 -47.79 -24.68
C LYS K 528 56.94 -46.70 -23.88
N ALA K 529 56.29 -45.56 -23.69
CA ALA K 529 56.82 -44.50 -22.84
C ALA K 529 56.89 -44.94 -21.38
N ALA K 530 55.82 -45.54 -20.89
CA ALA K 530 55.81 -45.98 -19.49
C ALA K 530 56.87 -47.04 -19.25
N GLU K 531 57.03 -47.98 -20.18
CA GLU K 531 58.05 -49.00 -20.01
C GLU K 531 59.45 -48.38 -20.00
N SER K 532 59.71 -47.46 -20.91
CA SER K 532 61.05 -46.89 -21.02
C SER K 532 61.38 -46.01 -19.82
N THR K 533 60.37 -45.40 -19.21
CA THR K 533 60.58 -44.48 -18.11
C THR K 533 60.28 -45.08 -16.74
N SER K 534 59.60 -46.23 -16.69
CA SER K 534 59.28 -46.89 -15.43
C SER K 534 58.29 -46.06 -14.60
N SER K 535 57.24 -45.56 -15.24
CA SER K 535 56.16 -44.91 -14.51
C SER K 535 55.11 -45.93 -14.09
N ARG K 536 54.21 -45.49 -13.23
CA ARG K 536 53.15 -46.34 -12.67
C ARG K 536 51.86 -46.05 -13.42
N MET K 537 51.60 -46.83 -14.46
CA MET K 537 50.44 -46.66 -15.32
C MET K 537 49.51 -47.85 -15.17
N LEU K 538 48.20 -47.59 -15.29
CA LEU K 538 47.19 -48.62 -15.22
C LEU K 538 46.34 -48.58 -16.48
N HIS K 539 46.20 -49.72 -17.15
CA HIS K 539 45.28 -49.90 -18.26
C HIS K 539 44.04 -50.61 -17.73
N ASN K 540 42.97 -49.85 -17.52
CA ASN K 540 41.69 -50.42 -17.13
C ASN K 540 40.58 -50.20 -18.14
N HIS K 541 40.63 -49.12 -18.92
CA HIS K 541 39.63 -48.90 -19.95
C HIS K 541 39.78 -49.92 -21.06
N PHE K 542 38.65 -50.27 -21.69
CA PHE K 542 38.69 -51.19 -22.81
C PHE K 542 39.36 -50.58 -24.03
N ASP K 543 39.47 -49.25 -24.08
CA ASP K 543 40.28 -48.58 -25.07
C ASP K 543 41.69 -48.36 -24.52
N LEU K 544 42.69 -48.66 -25.35
CA LEU K 544 44.07 -48.58 -24.91
C LEU K 544 44.62 -47.17 -24.87
N SER K 545 43.88 -46.19 -25.35
CA SER K 545 44.33 -44.79 -25.37
C SER K 545 43.91 -44.02 -24.13
N VAL K 546 43.29 -44.67 -23.15
CA VAL K 546 42.90 -44.05 -21.89
C VAL K 546 43.67 -44.76 -20.78
N ILE K 547 44.43 -43.98 -20.00
CA ILE K 547 45.31 -44.56 -18.98
C ILE K 547 45.19 -43.78 -17.68
N GLU K 548 45.62 -44.42 -16.61
CA GLU K 548 45.70 -43.82 -15.28
C GLU K 548 47.18 -43.74 -14.89
N LEU K 549 47.61 -42.57 -14.44
CA LEU K 549 49.02 -42.31 -14.22
C LEU K 549 49.22 -41.69 -12.85
N LYS K 550 50.35 -41.99 -12.23
CA LYS K 550 50.69 -41.33 -10.97
C LYS K 550 51.15 -39.91 -11.27
N ALA K 551 50.54 -38.94 -10.59
CA ALA K 551 50.73 -37.54 -10.96
C ALA K 551 52.20 -37.16 -10.97
N GLU K 552 52.97 -37.61 -9.98
CA GLU K 552 54.37 -37.25 -9.91
C GLU K 552 55.12 -37.73 -11.14
N ASP K 553 54.84 -38.95 -11.59
CA ASP K 553 55.49 -39.46 -12.80
C ASP K 553 55.12 -38.65 -14.04
N ARG K 554 53.99 -37.94 -14.01
CA ARG K 554 53.45 -37.30 -15.21
C ARG K 554 54.54 -36.61 -16.02
N SER K 555 55.16 -35.58 -15.44
CA SER K 555 56.20 -34.86 -16.14
C SER K 555 57.14 -35.82 -16.85
N LYS K 556 57.79 -36.68 -16.08
CA LYS K 556 58.71 -37.67 -16.63
C LYS K 556 58.10 -38.36 -17.84
N PHE K 557 56.94 -39.01 -17.61
CA PHE K 557 56.22 -39.70 -18.68
C PHE K 557 56.23 -38.87 -19.96
N LEU K 558 55.74 -37.63 -19.87
CA LEU K 558 55.55 -36.82 -21.07
C LEU K 558 56.84 -36.71 -21.87
N ASP K 559 57.96 -36.44 -21.20
CA ASP K 559 59.21 -36.28 -21.94
C ASP K 559 59.48 -37.52 -22.79
N ALA K 560 59.38 -38.70 -22.17
CA ALA K 560 59.56 -39.92 -22.94
C ALA K 560 58.65 -39.91 -24.15
N LEU K 561 57.36 -39.66 -23.92
CA LEU K 561 56.41 -39.62 -25.02
C LEU K 561 56.89 -38.69 -26.12
N ILE K 562 57.34 -37.48 -25.74
CA ILE K 562 57.85 -36.55 -26.74
C ILE K 562 58.97 -37.21 -27.52
N SER K 563 60.00 -37.69 -26.81
CA SER K 563 61.13 -38.29 -27.49
C SER K 563 60.70 -39.47 -28.34
N LEU K 564 59.61 -40.13 -27.96
CA LEU K 564 59.15 -41.29 -28.70
C LEU K 564 58.45 -40.91 -30.00
N LEU K 565 57.75 -39.78 -30.02
CA LEU K 565 56.96 -39.40 -31.17
C LEU K 565 57.64 -38.39 -32.07
N SER K 566 58.77 -37.84 -31.65
CA SER K 566 59.52 -36.88 -32.46
C SER K 566 60.80 -37.50 -32.99
PB ADP N . 39.67 19.66 -0.40
O1B ADP N . 38.20 19.52 -0.71
O2B ADP N . 39.99 20.77 0.55
O3B ADP N . 40.36 18.37 -0.08
PA ADP N . 39.76 21.25 -2.72
O1A ADP N . 39.05 20.61 -3.86
O2A ADP N . 39.06 22.26 -1.85
O3A ADP N . 40.37 20.10 -1.77
O5' ADP N . 41.11 21.93 -3.28
C5' ADP N . 41.22 23.35 -3.38
C4' ADP N . 41.99 23.72 -4.64
O4' ADP N . 43.37 23.33 -4.54
C3' ADP N . 41.41 23.06 -5.87
O3' ADP N . 40.92 24.05 -6.77
C2' ADP N . 42.55 22.27 -6.49
O2' ADP N . 42.62 22.50 -7.89
C1' ADP N . 43.79 22.74 -5.77
N9 ADP N . 44.70 21.60 -5.48
C8 ADP N . 44.86 21.03 -4.27
N7 ADP N . 45.76 20.02 -4.33
C5 ADP N . 46.20 19.94 -5.59
C6 ADP N . 47.15 19.08 -6.34
N6 ADP N . 47.83 18.10 -5.71
N1 ADP N . 47.30 19.32 -7.65
C2 ADP N . 46.63 20.29 -8.28
N3 ADP N . 45.75 21.09 -7.67
C4 ADP N . 45.50 20.98 -6.35
H5'1 ADP N . 40.35 23.74 -3.40
H5'2 ADP N . 41.68 23.70 -2.60
H4' ADP N . 41.92 24.69 -4.71
H3' ADP N . 40.66 22.47 -5.65
HO3' ADP N . 40.61 23.67 -7.46
H2' ADP N . 42.41 21.31 -6.39
HO2' ADP N . 43.26 22.06 -8.22
H1' ADP N . 44.29 23.36 -6.32
H8 ADP N . 44.42 21.29 -3.50
HN61 ADP N . 48.38 17.61 -6.16
HN62 ADP N . 47.72 17.97 -4.87
H2 ADP N . 46.77 20.41 -9.20
MG MG O . 36.30 19.68 -0.18
PG ATP P . 4.60 -5.92 29.35
O1G ATP P . 4.59 -4.79 30.31
O2G ATP P . 3.63 -5.74 28.19
O3G ATP P . 5.99 -6.24 28.80
PB ATP P . 2.84 -7.88 30.75
O1B ATP P . 2.87 -7.77 32.22
O2B ATP P . 1.63 -7.23 30.09
O3B ATP P . 4.12 -7.27 30.06
PA ATP P . 2.05 -10.32 29.31
O1A ATP P . 1.73 -9.63 28.03
O2A ATP P . 0.85 -10.80 30.08
O3A ATP P . 2.88 -9.39 30.27
O5' ATP P . 3.01 -11.53 29.03
C5' ATP P . 3.36 -12.46 30.08
C4' ATP P . 3.35 -13.85 29.51
O4' ATP P . 3.58 -14.75 30.62
C3' ATP P . 1.96 -14.25 29.04
O3' ATP P . 2.09 -15.50 28.39
C2' ATP P . 1.26 -14.55 30.35
O2' ATP P . 0.31 -15.55 30.07
C1' ATP P . 2.37 -15.27 31.12
N9 ATP P . 2.33 -14.95 32.54
C8 ATP P . 3.02 -13.96 33.18
N7 ATP P . 2.79 -13.88 34.46
C5 ATP P . 1.86 -14.88 34.69
C6 ATP P . 1.19 -15.33 35.85
N6 ATP P . 1.36 -14.79 37.05
N1 ATP P . 0.33 -16.36 35.72
C2 ATP P . 0.15 -16.91 34.52
N3 ATP P . 0.71 -16.57 33.35
C4 ATP P . 1.56 -15.55 33.51
H5'1 ATP P . 4.24 -12.25 30.43
H5'2 ATP P . 2.73 -12.40 30.81
H4' ATP P . 4.00 -13.91 28.79
H3' ATP P . 1.53 -13.60 28.46
HO3' ATP P . 1.35 -15.75 28.10
H2' ATP P . 0.86 -13.77 30.80
HO2' ATP P . -0.11 -15.75 30.77
H1' ATP P . 2.27 -16.23 31.01
H8 ATP P . 3.62 -13.39 32.74
HN61 ATP P . 0.93 -15.11 37.73
HN62 ATP P . 1.91 -14.14 37.16
H2 ATP P . -0.46 -17.61 34.47
MG MG Q . 1.77 -6.24 28.01
PG ATP R . 2.23 45.02 31.19
O1G ATP R . 1.95 44.76 29.76
O2G ATP R . 1.06 44.74 32.12
O3G ATP R . 3.48 44.30 31.71
PB ATP R . 2.24 47.96 30.76
O1B ATP R . 1.99 47.84 29.32
O2B ATP R . 3.36 48.89 31.19
O3B ATP R . 2.55 46.56 31.42
PA ATP R . -0.48 49.00 31.20
O1A ATP R . -1.31 48.04 30.44
O2A ATP R . -0.24 50.33 30.52
O3A ATP R . 0.93 48.39 31.56
O5' ATP R . -1.09 49.28 32.63
C5' ATP R . -1.27 50.62 33.10
C4' ATP R . -2.12 50.60 34.34
O4' ATP R . -1.28 51.09 35.42
C3' ATP R . -3.20 51.67 34.26
O3' ATP R . -4.03 51.48 35.40
C2' ATP R . -2.40 52.94 34.52
O2' ATP R . -3.30 53.87 35.10
C1' ATP R . -1.54 52.45 35.69
N9 ATP R . -0.25 53.12 35.74
C8 ATP R . 0.95 52.57 36.10
N7 ATP R . 1.96 53.40 36.07
C5 ATP R . 1.39 54.59 35.65
C6 ATP R . 1.93 55.88 35.41
N6 ATP R . 3.21 56.18 35.55
N1 ATP R . 1.07 56.84 35.01
C2 ATP R . -0.22 56.54 34.85
N3 ATP R . -0.84 55.37 35.05
C4 ATP R . 0.03 54.44 35.45
H5'1 ATP R . -0.41 51.03 33.29
H5'2 ATP R . -1.69 51.17 32.42
H4' ATP R . -2.49 49.72 34.47
H3' ATP R . -3.72 51.67 33.44
HO3' ATP R . -4.64 52.04 35.40
H2' ATP R . -1.93 53.31 33.76
HO2' ATP R . -2.90 54.58 35.27
H1' ATP R . -2.00 52.62 36.53
H8 ATP R . 1.04 51.68 36.35
HN61 ATP R . 3.48 56.97 35.40
HN62 ATP R . 3.77 55.58 35.82
H2 ATP R . -0.76 57.24 34.57
MG MG S . 1.36 46.20 28.23
ZN ZN T . -24.93 43.35 -43.61
PG ATP U . 26.60 -5.36 9.51
O1G ATP U . 25.37 -4.99 8.76
O2G ATP U . 27.78 -4.46 9.25
O3G ATP U . 26.38 -5.48 10.99
PB ATP U . 26.52 -8.25 8.81
O1B ATP U . 25.07 -8.23 8.69
O2B ATP U . 27.08 -9.15 9.89
O3B ATP U . 27.09 -6.80 9.07
PA ATP U . 26.78 -8.85 5.94
O1A ATP U . 25.88 -7.78 5.49
O2A ATP U . 26.21 -10.25 5.83
O3A ATP U . 27.23 -8.65 7.44
O5' ATP U . 28.14 -8.78 5.14
C5' ATP U . 29.20 -9.74 5.34
C4' ATP U . 29.76 -10.11 3.99
O4' ATP U . 30.71 -11.17 4.22
C3' ATP U . 28.70 -10.77 3.12
O3' ATP U . 29.29 -10.90 1.83
C2' ATP U . 28.66 -12.18 3.71
O2' ATP U . 28.32 -13.05 2.64
C1' ATP U . 30.13 -12.44 3.96
N9 ATP U . 30.34 -13.23 5.16
C8 ATP U . 30.45 -12.79 6.45
N7 ATP U . 30.62 -13.73 7.33
C5 ATP U . 30.62 -14.90 6.57
C6 ATP U . 30.74 -16.26 6.91
N6 ATP U . 30.92 -16.70 8.16
N1 ATP U . 30.70 -17.15 5.90
C2 ATP U . 30.52 -16.73 4.66
N3 ATP U . 30.38 -15.48 4.22
C4 ATP U . 30.44 -14.61 5.22
H5'1 ATP U . 29.89 -9.38 5.91
H5'2 ATP U . 28.84 -10.53 5.78
H4' ATP U . 30.11 -9.30 3.58
H3' ATP U . 27.85 -10.32 3.08
HO3' ATP U . 28.74 -11.27 1.31
H2' ATP U . 28.06 -12.28 4.48
HO2' ATP U . 28.28 -13.83 2.93
H1' ATP U . 30.53 -12.89 3.19
H8 ATP U . 30.41 -11.89 6.67
HN61 ATP U . 30.99 -17.55 8.31
HN62 ATP U . 30.95 -16.14 8.81
H2 ATP U . 30.50 -17.39 4.00
MG MG V . 23.88 -6.27 8.02
ZN ZN W . -42.38 -1.37 -26.47
PG ATP X . 28.47 47.16 14.52
O1G ATP X . 28.94 46.64 15.82
O2G ATP X . 27.38 48.21 14.64
O3G ATP X . 28.02 46.08 13.55
PB ATP X . 30.09 48.29 12.31
O1B ATP X . 31.53 48.12 12.09
O2B ATP X . 29.17 47.53 11.35
O3B ATP X . 29.65 47.91 13.77
PA ATP X . 28.74 50.73 11.36
O1A ATP X . 27.33 50.34 11.50
O2A ATP X . 29.32 50.70 9.95
O3A ATP X . 29.68 49.82 12.24
O5' ATP X . 29.01 52.17 11.93
C5' ATP X . 29.52 53.21 11.09
C4' ATP X . 29.38 54.54 11.78
O4' ATP X . 30.66 54.83 12.36
C3' ATP X . 29.18 55.64 10.75
O3' ATP X . 28.83 56.79 11.49
C2' ATP X . 30.60 55.86 10.27
O2' ATP X . 30.66 57.22 9.85
C1' ATP X . 31.31 55.84 11.62
N9 ATP X . 32.70 55.44 11.48
C8 ATP X . 33.35 54.44 12.18
N7 ATP X . 34.61 54.30 11.86
C5 ATP X . 34.81 55.26 10.89
C6 ATP X . 35.94 55.63 10.13
N6 ATP X . 37.14 55.04 10.25
N1 ATP X . 35.81 56.64 9.24
C2 ATP X . 34.63 57.23 9.12
N3 ATP X . 33.49 56.97 9.77
C4 ATP X . 33.65 55.97 10.65
H5'1 ATP X . 30.46 53.06 10.88
H5'2 ATP X . 29.04 53.22 10.24
H4' ATP X . 28.63 54.49 12.40
H3' ATP X . 28.53 55.44 10.05
HO3' ATP X . 28.70 57.45 10.97
H2' ATP X . 30.92 55.26 9.59
HO2' ATP X . 31.44 57.39 9.57
H1' ATP X . 31.30 56.72 12.02
H8 ATP X . 32.92 53.91 12.81
HN61 ATP X . 37.79 55.31 9.76
HN62 ATP X . 37.25 54.40 10.81
H2 ATP X . 34.58 57.92 8.50
MG MG Y . 27.18 46.74 11.15
ZN ZN Z . -18.89 26.87 -49.40
PG ATP AA . -8.47 18.56 39.02
O1G ATP AA . -9.08 18.76 37.69
O2G ATP AA . -7.82 17.19 39.19
O3G ATP AA . -7.46 19.63 39.40
PB ATP AA . -10.68 19.59 40.71
O1B ATP AA . -10.12 20.53 41.69
O2B ATP AA . -11.35 20.21 39.49
O3B ATP AA . -9.58 18.61 40.16
PA ATP AA . -13.19 18.06 41.05
O1A ATP AA . -13.21 17.24 39.83
O2A ATP AA . -14.08 19.29 40.99
O3A ATP AA . -11.72 18.58 41.37
O5' ATP AA . -13.57 17.23 42.34
C5' ATP AA . -13.29 15.82 42.43
C4' ATP AA . -14.35 15.15 43.24
O4' ATP AA . -14.14 15.55 44.62
C3' ATP AA . -15.75 15.66 42.88
O3' ATP AA . -16.64 14.58 43.11
C2' ATP AA . -16.04 16.69 43.97
O2' ATP AA . -17.42 16.51 44.28
C1' ATP AA . -15.34 16.05 45.16
N9 ATP AA . -14.95 17.07 46.13
C8 ATP AA . -13.70 17.61 46.30
N7 ATP AA . -13.63 18.52 47.24
C5 ATP AA . -14.93 18.58 47.74
C6 ATP AA . -15.52 19.35 48.76
N6 ATP AA . -14.86 20.25 49.49
N1 ATP AA . -16.84 19.17 48.99
C2 ATP AA . -17.50 18.27 48.24
N3 ATP AA . -17.06 17.50 47.27
C4 ATP AA . -15.75 17.69 47.06
H5'1 ATP AA . -13.26 15.43 41.54
H5'2 ATP AA . -12.41 15.68 42.83
H4' ATP AA . -14.31 14.19 43.10
H3' ATP AA . -15.81 16.01 41.97
HO3' ATP AA . -17.42 14.82 42.91
H2' ATP AA . -15.81 17.61 43.76
HO2' ATP AA . -17.64 17.06 44.88
H1' ATP AA . -15.90 15.40 45.60
H8 ATP AA . -12.96 17.36 45.79
HN61 ATP AA . -15.27 20.69 50.10
HN62 ATP AA . -14.02 20.38 49.36
H2 ATP AA . -18.41 18.19 48.44
MG MG BA . -10.75 19.78 37.37
ZN ZN CA . -50.37 40.66 -23.39
K K DA . -12.17 12.77 -10.19
K K EA . -14.09 13.43 -13.83
#